data_1NZZ
#
_entry.id   1NZZ
#
_cell.length_a   141.307
_cell.length_b   150.897
_cell.length_c   177.031
_cell.angle_alpha   90.00
_cell.angle_beta   90.00
_cell.angle_gamma   90.00
#
_symmetry.space_group_name_H-M   'P 21 21 21'
#
loop_
_entity.id
_entity.type
_entity.pdbx_description
1 polymer 'Aldehyde dehydrogenase'
2 non-polymer 'SODIUM ION'
3 non-polymer 'MAGNESIUM ION'
4 non-polymer '1,4-DIHYDRONICOTINAMIDE ADENINE DINUCLEOTIDE'
5 water water
#
_entity_poly.entity_id   1
_entity_poly.type   'polypeptide(L)'
_entity_poly.pdbx_seq_one_letter_code
;SAAATQAVPAPNQQPEVFCNQIFINNEWHDAVSRKTFPTVNPSTGEVICQVAEGDKEDVDKAVKAARAAFQLGSPWRRMD
ASHRGRLLNRLADLIERDRTYLAALETLDNGKPYVISYLVDLDMVLKCLRYYAGWADKYHGKTIPIDGDFFSYTRHEPVG
VCGQIIPWNFPLLMQAWKLGPALATGNVVVMKVAEQTPLTALYVANLIKEAGFPPGVVNIVPGFGPTAGAAIASHEDVDK
VAFTGSTEIGRVIQVAAGSSNLKRVTLELGGKSPNIIMSDADMDWAVEQAHFALFFNQGQCCCAGSRTFVQEDIYDEFVE
RSVARAKSRVVGNPFDSKTEQGPQVDETQFKKILGYINTGKQEGAKLLCGGGIAADRGYFIQPTVFGDVQDGMTIAKEEI
FGPVMQILKFKTIEEVVGRANNSTYGLAAAVFTKDLDKANYLSQALQAGTVWVNCYDVFGAQSPFGGYKMSGSGRELGEY
GLQAYTEVKTVTVKVPQKNS
;
_entity_poly.pdbx_strand_id   A,B,C,D,E,F,G,H
#
loop_
_chem_comp.id
_chem_comp.type
_chem_comp.name
_chem_comp.formula
MG non-polymer 'MAGNESIUM ION' 'Mg 2'
NA non-polymer 'SODIUM ION' 'Na 1'
NAI non-polymer '1,4-DIHYDRONICOTINAMIDE ADENINE DINUCLEOTIDE' 'C21 H29 N7 O14 P2'
#
# COMPACT_ATOMS: atom_id res chain seq x y z
N ALA A 7 18.52 -10.94 -0.08
CA ALA A 7 19.62 -10.83 -1.09
C ALA A 7 19.36 -11.77 -2.27
N VAL A 8 18.35 -11.43 -3.06
CA VAL A 8 17.96 -12.24 -4.21
C VAL A 8 18.55 -11.71 -5.50
N PRO A 9 19.14 -12.59 -6.33
CA PRO A 9 19.74 -12.19 -7.61
C PRO A 9 18.71 -11.62 -8.58
N ALA A 10 19.12 -10.61 -9.35
CA ALA A 10 18.24 -9.98 -10.32
C ALA A 10 17.76 -11.02 -11.33
N PRO A 11 16.43 -11.14 -11.49
CA PRO A 11 15.79 -12.10 -12.41
C PRO A 11 15.78 -11.66 -13.87
N ASN A 12 15.52 -12.64 -14.74
CA ASN A 12 15.39 -12.41 -16.16
C ASN A 12 13.86 -12.40 -16.31
N GLN A 13 13.27 -11.22 -16.47
CA GLN A 13 11.81 -11.09 -16.59
C GLN A 13 11.22 -11.74 -17.83
N GLN A 14 12.09 -12.29 -18.66
CA GLN A 14 11.66 -12.98 -19.86
C GLN A 14 12.61 -14.15 -20.14
N PRO A 15 12.54 -15.20 -19.29
CA PRO A 15 13.39 -16.38 -19.46
C PRO A 15 13.04 -17.21 -20.68
N GLU A 16 14.08 -17.74 -21.32
CA GLU A 16 13.90 -18.57 -22.50
C GLU A 16 13.43 -19.98 -22.11
N VAL A 17 12.51 -20.53 -22.91
CA VAL A 17 11.97 -21.85 -22.68
C VAL A 17 12.76 -22.84 -23.53
N PHE A 18 13.32 -23.86 -22.87
CA PHE A 18 14.11 -24.87 -23.56
C PHE A 18 13.39 -26.21 -23.66
N CYS A 19 12.39 -26.40 -22.80
CA CYS A 19 11.65 -27.65 -22.79
C CYS A 19 10.16 -27.41 -22.85
N ASN A 20 9.51 -28.05 -23.81
CA ASN A 20 8.06 -27.92 -24.00
C ASN A 20 7.43 -29.17 -24.63
N GLN A 21 8.16 -30.28 -24.59
CA GLN A 21 7.67 -31.55 -25.15
C GLN A 21 7.40 -32.59 -24.06
N ILE A 22 7.14 -33.83 -24.48
CA ILE A 22 6.89 -34.91 -23.53
C ILE A 22 8.20 -35.66 -23.26
N PHE A 23 8.50 -35.86 -21.98
CA PHE A 23 9.72 -36.53 -21.55
C PHE A 23 9.52 -38.02 -21.32
N ILE A 24 10.16 -38.83 -22.17
CA ILE A 24 10.07 -40.28 -22.09
C ILE A 24 11.44 -40.88 -22.41
N ASN A 25 11.91 -41.78 -21.54
CA ASN A 25 13.21 -42.43 -21.69
C ASN A 25 14.35 -41.43 -21.88
N ASN A 26 14.33 -40.37 -21.10
CA ASN A 26 15.36 -39.34 -21.15
C ASN A 26 15.41 -38.63 -22.48
N GLU A 27 14.35 -38.78 -23.28
CA GLU A 27 14.28 -38.15 -24.60
C GLU A 27 13.00 -37.32 -24.75
N TRP A 28 13.08 -36.28 -25.58
CA TRP A 28 11.93 -35.40 -25.81
C TRP A 28 11.12 -35.85 -27.01
N HIS A 29 9.82 -36.02 -26.82
CA HIS A 29 8.92 -36.46 -27.88
C HIS A 29 7.74 -35.53 -28.06
N ASP A 30 7.25 -35.45 -29.30
CA ASP A 30 6.07 -34.65 -29.60
C ASP A 30 4.89 -35.59 -29.36
N ALA A 31 3.71 -35.03 -29.09
CA ALA A 31 2.54 -35.86 -28.87
C ALA A 31 2.33 -36.69 -30.14
N VAL A 32 1.89 -37.93 -29.98
CA VAL A 32 1.67 -38.80 -31.13
C VAL A 32 0.74 -38.14 -32.14
N SER A 33 -0.17 -37.33 -31.61
CA SER A 33 -1.15 -36.60 -32.41
C SER A 33 -0.56 -35.30 -32.98
N ARG A 34 0.68 -34.99 -32.59
CA ARG A 34 1.38 -33.78 -33.02
C ARG A 34 0.73 -32.49 -32.52
N LYS A 35 -0.35 -32.64 -31.75
CA LYS A 35 -1.08 -31.51 -31.17
C LYS A 35 -0.31 -30.82 -30.04
N THR A 36 -0.56 -29.53 -29.86
CA THR A 36 0.08 -28.75 -28.81
C THR A 36 -0.95 -27.81 -28.18
N PHE A 37 -0.69 -27.40 -26.94
CA PHE A 37 -1.59 -26.48 -26.24
C PHE A 37 -0.78 -25.31 -25.70
N PRO A 38 -1.38 -24.11 -25.69
CA PRO A 38 -0.71 -22.90 -25.20
C PRO A 38 -0.72 -22.72 -23.69
N THR A 39 0.39 -22.23 -23.16
CA THR A 39 0.53 -21.95 -21.72
C THR A 39 0.62 -20.43 -21.60
N VAL A 40 -0.24 -19.87 -20.76
CA VAL A 40 -0.30 -18.42 -20.60
C VAL A 40 0.34 -17.82 -19.36
N ASN A 41 0.90 -16.62 -19.51
CA ASN A 41 1.50 -15.87 -18.42
C ASN A 41 0.31 -15.11 -17.81
N PRO A 42 -0.10 -15.49 -16.58
CA PRO A 42 -1.23 -14.86 -15.89
C PRO A 42 -1.09 -13.37 -15.60
N SER A 43 0.12 -12.85 -15.65
CA SER A 43 0.34 -11.43 -15.37
C SER A 43 0.06 -10.53 -16.59
N THR A 44 0.14 -11.11 -17.77
CA THR A 44 -0.09 -10.37 -19.01
C THR A 44 -1.28 -10.90 -19.80
N GLY A 45 -1.54 -12.20 -19.67
CA GLY A 45 -2.64 -12.83 -20.39
C GLY A 45 -2.17 -13.31 -21.75
N GLU A 46 -0.89 -13.06 -22.05
CA GLU A 46 -0.30 -13.47 -23.33
C GLU A 46 0.29 -14.88 -23.28
N VAL A 47 0.27 -15.55 -24.42
CA VAL A 47 0.79 -16.91 -24.52
C VAL A 47 2.32 -16.95 -24.43
N ILE A 48 2.84 -17.78 -23.54
CA ILE A 48 4.29 -17.92 -23.36
C ILE A 48 4.84 -18.77 -24.51
N CYS A 49 4.25 -19.95 -24.71
CA CYS A 49 4.67 -20.84 -25.77
C CYS A 49 3.73 -22.03 -25.85
N GLN A 50 3.94 -22.85 -26.88
CA GLN A 50 3.13 -24.05 -27.10
C GLN A 50 3.79 -25.22 -26.37
N VAL A 51 2.98 -26.18 -25.95
CA VAL A 51 3.46 -27.37 -25.25
C VAL A 51 2.76 -28.60 -25.81
N ALA A 52 3.51 -29.68 -26.03
CA ALA A 52 2.92 -30.91 -26.57
C ALA A 52 1.75 -31.40 -25.71
N GLU A 53 0.58 -31.56 -26.33
CA GLU A 53 -0.61 -32.03 -25.61
C GLU A 53 -0.65 -33.57 -25.55
N GLY A 54 -0.05 -34.13 -24.52
CA GLY A 54 -0.04 -35.58 -24.37
C GLY A 54 -1.42 -36.13 -24.07
N ASP A 55 -1.71 -37.31 -24.60
CA ASP A 55 -2.99 -37.97 -24.39
C ASP A 55 -2.73 -39.43 -24.03
N LYS A 56 -3.77 -40.24 -24.07
CA LYS A 56 -3.70 -41.66 -23.74
C LYS A 56 -2.56 -42.41 -24.45
N GLU A 57 -2.41 -42.22 -25.75
CA GLU A 57 -1.36 -42.89 -26.50
C GLU A 57 0.01 -42.54 -26.01
N ASP A 58 0.17 -41.30 -25.58
CA ASP A 58 1.44 -40.82 -25.05
C ASP A 58 1.73 -41.42 -23.67
N VAL A 59 0.69 -41.49 -22.84
CA VAL A 59 0.80 -42.05 -21.50
C VAL A 59 1.18 -43.52 -21.61
N ASP A 60 0.64 -44.22 -22.62
CA ASP A 60 0.93 -45.63 -22.83
C ASP A 60 2.42 -45.83 -23.15
N LYS A 61 3.00 -44.91 -23.90
CA LYS A 61 4.42 -44.98 -24.24
C LYS A 61 5.27 -44.76 -22.98
N ALA A 62 4.80 -43.86 -22.11
CA ALA A 62 5.48 -43.56 -20.86
C ALA A 62 5.42 -44.73 -19.89
N VAL A 63 4.23 -45.32 -19.72
CA VAL A 63 4.06 -46.45 -18.82
C VAL A 63 4.92 -47.62 -19.23
N LYS A 64 5.04 -47.87 -20.53
CA LYS A 64 5.87 -48.98 -21.03
C LYS A 64 7.34 -48.73 -20.72
N ALA A 65 7.75 -47.46 -20.87
CA ALA A 65 9.13 -47.08 -20.60
C ALA A 65 9.46 -47.27 -19.13
N ALA A 66 8.53 -46.86 -18.28
CA ALA A 66 8.66 -46.95 -16.82
C ALA A 66 8.76 -48.41 -16.37
N ARG A 67 7.85 -49.24 -16.89
CA ARG A 67 7.82 -50.65 -16.58
C ARG A 67 9.12 -51.30 -17.00
N ALA A 68 9.62 -50.94 -18.19
CA ALA A 68 10.86 -51.51 -18.68
C ALA A 68 12.02 -51.15 -17.76
N ALA A 69 12.04 -49.91 -17.28
CA ALA A 69 13.08 -49.44 -16.38
C ALA A 69 13.00 -50.12 -15.01
N PHE A 70 11.82 -50.67 -14.71
CA PHE A 70 11.56 -51.33 -13.44
C PHE A 70 11.79 -52.83 -13.48
N GLN A 71 12.13 -53.36 -14.64
CA GLN A 71 12.35 -54.81 -14.74
C GLN A 71 13.49 -55.28 -13.86
N LEU A 72 13.31 -56.46 -13.29
CA LEU A 72 14.32 -57.06 -12.43
C LEU A 72 15.63 -57.17 -13.23
N GLY A 73 16.73 -56.79 -12.59
CA GLY A 73 18.03 -56.83 -13.25
C GLY A 73 18.40 -55.55 -13.99
N SER A 74 17.46 -54.60 -14.04
CA SER A 74 17.72 -53.34 -14.72
C SER A 74 18.64 -52.44 -13.91
N PRO A 75 19.23 -51.41 -14.54
CA PRO A 75 20.14 -50.51 -13.84
C PRO A 75 19.49 -49.85 -12.62
N TRP A 76 18.23 -49.46 -12.74
CA TRP A 76 17.52 -48.80 -11.64
C TRP A 76 17.20 -49.76 -10.50
N ARG A 77 16.95 -51.02 -10.83
CA ARG A 77 16.64 -52.04 -9.85
C ARG A 77 17.86 -52.56 -9.12
N ARG A 78 18.98 -52.68 -9.83
CA ARG A 78 20.24 -53.17 -9.25
C ARG A 78 21.03 -52.10 -8.53
N MET A 79 20.75 -50.85 -8.84
CA MET A 79 21.48 -49.74 -8.23
C MET A 79 21.41 -49.74 -6.69
N ASP A 80 22.54 -49.46 -6.06
CA ASP A 80 22.60 -49.41 -4.60
C ASP A 80 21.66 -48.33 -4.06
N ALA A 81 20.98 -48.64 -2.96
CA ALA A 81 20.06 -47.68 -2.35
C ALA A 81 20.76 -46.34 -2.10
N SER A 82 22.02 -46.41 -1.64
CA SER A 82 22.85 -45.24 -1.35
C SER A 82 23.12 -44.41 -2.59
N HIS A 83 23.30 -45.10 -3.72
CA HIS A 83 23.55 -44.44 -4.99
C HIS A 83 22.30 -43.67 -5.45
N ARG A 84 21.13 -44.20 -5.12
CA ARG A 84 19.86 -43.56 -5.44
C ARG A 84 19.82 -42.23 -4.68
N GLY A 85 20.43 -42.23 -3.48
CA GLY A 85 20.49 -41.03 -2.67
C GLY A 85 21.43 -40.02 -3.30
N ARG A 86 22.52 -40.55 -3.88
CA ARG A 86 23.54 -39.74 -4.55
C ARG A 86 22.92 -38.99 -5.72
N LEU A 87 22.08 -39.67 -6.49
CA LEU A 87 21.45 -39.05 -7.64
C LEU A 87 20.48 -37.96 -7.21
N LEU A 88 19.68 -38.23 -6.18
CA LEU A 88 18.75 -37.23 -5.68
C LEU A 88 19.49 -35.98 -5.24
N ASN A 89 20.67 -36.15 -4.65
CA ASN A 89 21.48 -35.02 -4.20
C ASN A 89 22.06 -34.28 -5.39
N ARG A 90 22.41 -35.04 -6.43
CA ARG A 90 22.96 -34.47 -7.65
C ARG A 90 21.89 -33.60 -8.32
N LEU A 91 20.68 -34.14 -8.41
CA LEU A 91 19.55 -33.42 -8.99
C LEU A 91 19.35 -32.09 -8.24
N ALA A 92 19.41 -32.15 -6.90
CA ALA A 92 19.24 -30.97 -6.06
C ALA A 92 20.32 -29.93 -6.38
N ASP A 93 21.56 -30.42 -6.57
CA ASP A 93 22.69 -29.56 -6.91
C ASP A 93 22.47 -28.85 -8.24
N LEU A 94 21.96 -29.58 -9.22
CA LEU A 94 21.69 -29.02 -10.55
C LEU A 94 20.55 -28.00 -10.49
N ILE A 95 19.56 -28.28 -9.64
CA ILE A 95 18.44 -27.36 -9.48
C ILE A 95 18.93 -26.06 -8.85
N GLU A 96 19.86 -26.18 -7.90
CA GLU A 96 20.41 -25.01 -7.22
C GLU A 96 21.27 -24.20 -8.18
N ARG A 97 22.00 -24.88 -9.05
CA ARG A 97 22.83 -24.21 -10.05
C ARG A 97 21.94 -23.32 -10.91
N ASP A 98 20.79 -23.85 -11.34
CA ASP A 98 19.87 -23.11 -12.16
C ASP A 98 18.71 -22.57 -11.34
N ARG A 99 18.98 -22.23 -10.08
CA ARG A 99 17.98 -21.70 -9.17
C ARG A 99 17.35 -20.39 -9.66
N THR A 100 18.20 -19.44 -10.04
CA THR A 100 17.76 -18.13 -10.49
C THR A 100 16.82 -18.25 -11.71
N TYR A 101 17.24 -19.04 -12.69
CA TYR A 101 16.47 -19.26 -13.91
C TYR A 101 15.10 -19.92 -13.62
N LEU A 102 15.12 -21.01 -12.85
CA LEU A 102 13.90 -21.73 -12.52
C LEU A 102 12.88 -20.89 -11.75
N ALA A 103 13.37 -20.05 -10.84
CA ALA A 103 12.49 -19.19 -10.05
C ALA A 103 11.74 -18.22 -10.97
N ALA A 104 12.47 -17.65 -11.94
CA ALA A 104 11.90 -16.71 -12.91
C ALA A 104 10.85 -17.39 -13.79
N LEU A 105 11.20 -18.57 -14.30
CA LEU A 105 10.33 -19.37 -15.16
C LEU A 105 9.09 -19.80 -14.40
N GLU A 106 9.25 -20.01 -13.09
CA GLU A 106 8.14 -20.41 -12.21
C GLU A 106 7.17 -19.21 -12.12
N THR A 107 7.72 -18.03 -11.85
CA THR A 107 6.95 -16.79 -11.74
C THR A 107 6.27 -16.44 -13.05
N LEU A 108 6.97 -16.69 -14.17
CA LEU A 108 6.45 -16.41 -15.50
C LEU A 108 5.23 -17.25 -15.85
N ASP A 109 5.25 -18.53 -15.48
CA ASP A 109 4.14 -19.42 -15.77
C ASP A 109 3.06 -19.48 -14.68
N ASN A 110 3.46 -19.35 -13.42
CA ASN A 110 2.50 -19.41 -12.32
C ASN A 110 1.90 -18.06 -11.93
N GLY A 111 2.76 -17.05 -11.85
CA GLY A 111 2.29 -15.72 -11.48
C GLY A 111 2.77 -15.28 -10.12
N LYS A 112 3.24 -16.22 -9.30
CA LYS A 112 3.73 -15.88 -7.96
C LYS A 112 4.97 -14.96 -8.01
N PRO A 113 5.14 -14.07 -7.01
CA PRO A 113 6.27 -13.16 -6.96
C PRO A 113 7.61 -13.88 -7.07
N TYR A 114 8.50 -13.35 -7.91
CA TYR A 114 9.82 -13.93 -8.12
C TYR A 114 10.57 -14.13 -6.81
N VAL A 115 10.49 -13.15 -5.91
CA VAL A 115 11.15 -13.23 -4.62
C VAL A 115 10.72 -14.47 -3.86
N ILE A 116 9.42 -14.72 -3.84
CA ILE A 116 8.87 -15.89 -3.15
C ILE A 116 9.30 -17.18 -3.86
N SER A 117 9.32 -17.15 -5.19
CA SER A 117 9.73 -18.31 -5.96
C SER A 117 11.14 -18.72 -5.62
N TYR A 118 12.02 -17.72 -5.52
CA TYR A 118 13.43 -17.97 -5.21
C TYR A 118 13.66 -18.35 -3.76
N LEU A 119 13.24 -17.48 -2.84
CA LEU A 119 13.43 -17.72 -1.40
C LEU A 119 12.60 -18.82 -0.76
N VAL A 120 11.39 -19.04 -1.27
CA VAL A 120 10.51 -20.04 -0.69
C VAL A 120 10.41 -21.32 -1.50
N ASP A 121 9.73 -21.27 -2.64
CA ASP A 121 9.53 -22.44 -3.51
C ASP A 121 10.79 -23.24 -3.82
N LEU A 122 11.79 -22.58 -4.40
CA LEU A 122 13.04 -23.25 -4.77
C LEU A 122 13.83 -23.77 -3.59
N ASP A 123 13.75 -23.08 -2.47
CA ASP A 123 14.44 -23.48 -1.26
C ASP A 123 13.81 -24.77 -0.73
N MET A 124 12.48 -24.80 -0.69
CA MET A 124 11.77 -25.96 -0.20
C MET A 124 11.96 -27.16 -1.14
N VAL A 125 12.14 -26.88 -2.43
CA VAL A 125 12.36 -27.93 -3.41
C VAL A 125 13.69 -28.63 -3.12
N LEU A 126 14.72 -27.81 -2.92
CA LEU A 126 16.05 -28.28 -2.64
C LEU A 126 16.06 -29.08 -1.32
N LYS A 127 15.40 -28.55 -0.31
CA LYS A 127 15.34 -29.19 1.00
C LYS A 127 14.57 -30.50 0.97
N CYS A 128 13.56 -30.58 0.11
CA CYS A 128 12.75 -31.79 -0.03
C CYS A 128 13.54 -32.90 -0.70
N LEU A 129 14.17 -32.59 -1.84
CA LEU A 129 14.97 -33.57 -2.56
C LEU A 129 16.14 -34.08 -1.72
N ARG A 130 16.80 -33.19 -1.00
CA ARG A 130 17.93 -33.54 -0.16
C ARG A 130 17.52 -34.32 1.10
N TYR A 131 16.30 -34.08 1.57
CA TYR A 131 15.80 -34.77 2.73
C TYR A 131 15.62 -36.21 2.34
N TYR A 132 14.84 -36.44 1.28
CA TYR A 132 14.57 -37.80 0.82
C TYR A 132 15.81 -38.52 0.32
N ALA A 133 16.81 -37.78 -0.11
CA ALA A 133 18.04 -38.40 -0.58
C ALA A 133 18.61 -39.24 0.57
N GLY A 134 18.54 -38.70 1.78
CA GLY A 134 19.04 -39.40 2.95
C GLY A 134 18.23 -40.62 3.35
N TRP A 135 16.97 -40.66 2.93
CA TRP A 135 16.06 -41.77 3.22
C TRP A 135 16.29 -42.99 2.33
N ALA A 136 16.90 -42.75 1.18
CA ALA A 136 17.15 -43.79 0.18
C ALA A 136 17.66 -45.14 0.69
N ASP A 137 18.55 -45.14 1.67
CA ASP A 137 19.08 -46.41 2.20
C ASP A 137 18.85 -46.59 3.70
N LYS A 138 17.70 -46.11 4.19
CA LYS A 138 17.40 -46.21 5.61
C LYS A 138 15.98 -46.69 5.96
N TYR A 139 15.13 -46.88 4.96
CA TYR A 139 13.76 -47.35 5.19
C TYR A 139 13.82 -48.86 5.33
N HIS A 140 14.36 -49.30 6.46
CA HIS A 140 14.56 -50.72 6.75
C HIS A 140 13.31 -51.57 6.83
N GLY A 141 13.48 -52.87 6.57
CA GLY A 141 12.41 -53.83 6.71
C GLY A 141 12.57 -54.43 8.10
N LYS A 142 11.86 -55.49 8.42
CA LYS A 142 11.97 -56.05 9.76
C LYS A 142 12.26 -57.55 9.81
N THR A 143 12.96 -57.99 10.86
CA THR A 143 13.19 -59.42 11.07
C THR A 143 12.18 -59.68 12.20
N ILE A 144 11.24 -60.59 11.95
CA ILE A 144 10.14 -60.86 12.88
C ILE A 144 10.23 -62.16 13.67
N PRO A 145 10.15 -62.07 15.01
CA PRO A 145 10.21 -63.21 15.93
C PRO A 145 8.90 -64.01 15.93
N ILE A 146 8.54 -64.55 14.77
CA ILE A 146 7.32 -65.33 14.58
C ILE A 146 7.38 -66.66 15.36
N ASP A 147 6.21 -67.27 15.60
CA ASP A 147 6.11 -68.54 16.33
C ASP A 147 6.61 -69.72 15.50
N GLY A 148 7.12 -70.75 16.18
CA GLY A 148 7.60 -71.93 15.50
C GLY A 148 9.02 -71.82 14.96
N ASP A 149 9.48 -72.91 14.36
CA ASP A 149 10.83 -72.97 13.82
C ASP A 149 10.91 -72.30 12.46
N PHE A 150 10.88 -70.97 12.46
CA PHE A 150 10.94 -70.21 11.22
C PHE A 150 11.75 -68.92 11.38
N PHE A 151 12.21 -68.41 10.25
CA PHE A 151 12.94 -67.15 10.20
C PHE A 151 12.07 -66.30 9.29
N SER A 152 11.43 -65.28 9.87
CA SER A 152 10.56 -64.42 9.09
C SER A 152 11.07 -62.99 9.06
N TYR A 153 11.00 -62.40 7.86
CA TYR A 153 11.45 -61.03 7.68
C TYR A 153 10.67 -60.37 6.56
N THR A 154 10.71 -59.03 6.52
CA THR A 154 10.02 -58.28 5.48
C THR A 154 10.97 -57.50 4.61
N ARG A 155 10.68 -57.48 3.31
CA ARG A 155 11.48 -56.72 2.36
C ARG A 155 10.67 -55.50 1.95
N HIS A 156 11.24 -54.32 2.10
CA HIS A 156 10.55 -53.10 1.69
C HIS A 156 10.92 -52.85 0.22
N GLU A 157 10.08 -53.35 -0.68
CA GLU A 157 10.30 -53.22 -2.12
C GLU A 157 9.53 -52.03 -2.69
N PRO A 158 9.90 -51.62 -3.91
CA PRO A 158 9.24 -50.48 -4.55
C PRO A 158 7.85 -50.90 -5.00
N VAL A 159 6.88 -49.99 -4.87
CA VAL A 159 5.50 -50.26 -5.26
C VAL A 159 5.40 -50.53 -6.78
N GLY A 160 6.31 -49.94 -7.55
CA GLY A 160 6.33 -50.15 -8.99
C GLY A 160 6.17 -48.88 -9.82
N VAL A 161 5.37 -48.97 -10.87
CA VAL A 161 5.11 -47.84 -11.75
C VAL A 161 4.12 -46.92 -11.05
N CYS A 162 4.61 -45.74 -10.68
CA CYS A 162 3.81 -44.74 -9.98
C CYS A 162 3.39 -43.60 -10.88
N GLY A 163 2.07 -43.38 -10.94
CA GLY A 163 1.53 -42.29 -11.71
C GLY A 163 1.31 -41.13 -10.76
N GLN A 164 1.82 -39.95 -11.09
CA GLN A 164 1.67 -38.78 -10.22
C GLN A 164 1.06 -37.59 -10.94
N ILE A 165 -0.10 -37.17 -10.47
CA ILE A 165 -0.82 -36.04 -11.06
C ILE A 165 -0.78 -34.87 -10.09
N ILE A 166 -0.11 -33.79 -10.49
CA ILE A 166 0.04 -32.61 -9.65
C ILE A 166 -0.65 -31.34 -10.15
N PRO A 167 -1.01 -30.44 -9.21
CA PRO A 167 -1.68 -29.16 -9.51
C PRO A 167 -0.75 -28.07 -10.03
N TRP A 168 -1.26 -26.84 -10.08
CA TRP A 168 -0.53 -25.67 -10.59
C TRP A 168 -0.08 -24.65 -9.56
N ASN A 169 -0.60 -24.72 -8.34
CA ASN A 169 -0.26 -23.75 -7.29
C ASN A 169 1.21 -23.70 -6.85
N PHE A 170 1.89 -24.85 -6.92
CA PHE A 170 3.31 -24.94 -6.57
C PHE A 170 3.94 -25.94 -7.54
N PRO A 171 4.10 -25.54 -8.80
CA PRO A 171 4.68 -26.37 -9.87
C PRO A 171 5.92 -27.17 -9.50
N LEU A 172 6.98 -26.47 -9.14
CA LEU A 172 8.24 -27.13 -8.77
C LEU A 172 8.17 -27.89 -7.47
N LEU A 173 7.60 -27.26 -6.44
CA LEU A 173 7.50 -27.89 -5.15
C LEU A 173 6.68 -29.19 -5.20
N MET A 174 5.52 -29.15 -5.86
CA MET A 174 4.67 -30.34 -5.99
C MET A 174 5.43 -31.48 -6.66
N GLN A 175 6.24 -31.17 -7.65
CA GLN A 175 7.01 -32.18 -8.35
C GLN A 175 8.03 -32.80 -7.38
N ALA A 176 8.69 -31.97 -6.60
CA ALA A 176 9.67 -32.44 -5.64
C ALA A 176 9.02 -33.31 -4.58
N TRP A 177 7.86 -32.87 -4.08
CA TRP A 177 7.11 -33.62 -3.06
C TRP A 177 6.75 -35.02 -3.54
N LYS A 178 6.60 -35.16 -4.86
CA LYS A 178 6.26 -36.44 -5.46
C LYS A 178 7.46 -37.28 -5.83
N LEU A 179 8.42 -36.69 -6.55
CA LEU A 179 9.62 -37.41 -6.99
C LEU A 179 10.53 -37.86 -5.84
N GLY A 180 10.70 -36.99 -4.85
CA GLY A 180 11.54 -37.29 -3.72
C GLY A 180 11.34 -38.66 -3.11
N PRO A 181 10.15 -38.95 -2.57
CA PRO A 181 9.84 -40.23 -1.96
C PRO A 181 9.81 -41.41 -2.94
N ALA A 182 9.29 -41.17 -4.14
CA ALA A 182 9.20 -42.21 -5.16
C ALA A 182 10.57 -42.72 -5.60
N LEU A 183 11.48 -41.79 -5.90
CA LEU A 183 12.83 -42.14 -6.35
C LEU A 183 13.66 -42.74 -5.21
N ALA A 184 13.53 -42.15 -4.02
CA ALA A 184 14.27 -42.62 -2.86
C ALA A 184 13.96 -44.08 -2.51
N THR A 185 12.75 -44.53 -2.84
CA THR A 185 12.34 -45.91 -2.60
C THR A 185 12.51 -46.84 -3.80
N GLY A 186 13.13 -46.32 -4.88
CA GLY A 186 13.37 -47.14 -6.05
C GLY A 186 12.25 -47.33 -7.05
N ASN A 187 11.22 -46.49 -6.97
CA ASN A 187 10.11 -46.59 -7.92
C ASN A 187 10.39 -45.85 -9.22
N VAL A 188 9.49 -46.03 -10.20
CA VAL A 188 9.59 -45.34 -11.48
C VAL A 188 8.35 -44.44 -11.58
N VAL A 189 8.50 -43.29 -12.24
CA VAL A 189 7.40 -42.34 -12.32
C VAL A 189 6.90 -41.93 -13.70
N VAL A 190 5.59 -41.75 -13.79
CA VAL A 190 4.92 -41.24 -15.00
C VAL A 190 4.13 -40.06 -14.40
N MET A 191 4.68 -38.87 -14.58
CA MET A 191 4.07 -37.67 -14.03
C MET A 191 3.25 -36.89 -15.06
N LYS A 192 2.13 -36.38 -14.56
CA LYS A 192 1.19 -35.60 -15.35
C LYS A 192 1.10 -34.24 -14.66
N VAL A 193 1.84 -33.27 -15.19
CA VAL A 193 1.86 -31.92 -14.65
C VAL A 193 0.64 -31.13 -15.12
N ALA A 194 0.31 -30.07 -14.40
CA ALA A 194 -0.84 -29.21 -14.75
C ALA A 194 -0.64 -28.49 -16.08
N GLU A 195 -1.71 -28.40 -16.86
CA GLU A 195 -1.66 -27.71 -18.16
C GLU A 195 -1.35 -26.22 -18.00
N GLN A 196 -1.73 -25.65 -16.85
CA GLN A 196 -1.47 -24.24 -16.57
C GLN A 196 0.00 -23.94 -16.29
N THR A 197 0.72 -24.89 -15.67
CA THR A 197 2.14 -24.70 -15.34
C THR A 197 3.02 -25.91 -15.68
N PRO A 198 3.27 -26.17 -16.98
CA PRO A 198 4.08 -27.32 -17.35
C PRO A 198 5.57 -27.06 -17.56
N LEU A 199 5.92 -25.80 -17.77
CA LEU A 199 7.30 -25.42 -18.08
C LEU A 199 8.42 -25.82 -17.11
N THR A 200 8.35 -25.36 -15.87
CA THR A 200 9.36 -25.67 -14.85
C THR A 200 9.60 -27.18 -14.64
N ALA A 201 8.53 -27.96 -14.61
CA ALA A 201 8.63 -29.40 -14.41
C ALA A 201 9.42 -30.02 -15.54
N LEU A 202 9.12 -29.58 -16.76
CA LEU A 202 9.79 -30.09 -17.96
C LEU A 202 11.27 -29.83 -17.95
N TYR A 203 11.68 -28.65 -17.47
CA TYR A 203 13.09 -28.34 -17.42
C TYR A 203 13.79 -29.23 -16.40
N VAL A 204 13.16 -29.45 -15.25
CA VAL A 204 13.72 -30.30 -14.21
C VAL A 204 13.97 -31.69 -14.80
N ALA A 205 13.13 -32.08 -15.76
CA ALA A 205 13.25 -33.37 -16.41
C ALA A 205 14.57 -33.44 -17.15
N ASN A 206 15.01 -32.28 -17.63
CA ASN A 206 16.27 -32.19 -18.34
C ASN A 206 17.41 -32.39 -17.36
N LEU A 207 17.23 -31.86 -16.14
CA LEU A 207 18.22 -31.98 -15.09
C LEU A 207 18.23 -33.41 -14.53
N ILE A 208 17.09 -34.09 -14.60
CA ILE A 208 16.99 -35.47 -14.13
C ILE A 208 17.86 -36.37 -15.02
N LYS A 209 17.88 -36.05 -16.31
CA LYS A 209 18.68 -36.79 -17.27
C LYS A 209 20.15 -36.48 -17.00
N GLU A 210 20.46 -35.19 -16.82
CA GLU A 210 21.83 -34.73 -16.57
C GLU A 210 22.40 -35.31 -15.28
N ALA A 211 21.55 -35.48 -14.28
CA ALA A 211 21.98 -36.02 -12.99
C ALA A 211 22.46 -37.46 -13.13
N GLY A 212 21.95 -38.19 -14.12
CA GLY A 212 22.38 -39.56 -14.31
C GLY A 212 21.31 -40.62 -14.11
N PHE A 213 20.08 -40.20 -13.85
CA PHE A 213 19.00 -41.15 -13.66
C PHE A 213 18.78 -41.96 -14.92
N PRO A 214 18.64 -43.28 -14.79
CA PRO A 214 18.42 -44.15 -15.94
C PRO A 214 17.16 -43.79 -16.74
N PRO A 215 17.16 -44.11 -18.04
CA PRO A 215 16.02 -43.83 -18.92
C PRO A 215 14.78 -44.57 -18.45
N GLY A 216 13.64 -43.87 -18.44
CA GLY A 216 12.39 -44.49 -18.04
C GLY A 216 12.06 -44.39 -16.56
N VAL A 217 13.03 -43.97 -15.75
CA VAL A 217 12.81 -43.85 -14.32
C VAL A 217 11.83 -42.72 -14.04
N VAL A 218 12.00 -41.61 -14.76
CA VAL A 218 11.09 -40.48 -14.62
C VAL A 218 10.62 -40.07 -15.99
N ASN A 219 9.31 -40.14 -16.22
CA ASN A 219 8.69 -39.76 -17.49
C ASN A 219 7.61 -38.72 -17.20
N ILE A 220 7.70 -37.57 -17.87
CA ILE A 220 6.72 -36.52 -17.67
C ILE A 220 5.85 -36.32 -18.93
N VAL A 221 4.54 -36.39 -18.74
CA VAL A 221 3.58 -36.21 -19.83
C VAL A 221 2.66 -35.02 -19.57
N PRO A 222 2.97 -33.86 -20.19
CA PRO A 222 2.16 -32.64 -20.04
C PRO A 222 0.85 -32.78 -20.84
N GLY A 223 -0.20 -32.11 -20.38
CA GLY A 223 -1.48 -32.20 -21.06
C GLY A 223 -2.67 -31.96 -20.13
N PHE A 224 -3.87 -32.20 -20.64
CA PHE A 224 -5.07 -31.99 -19.85
C PHE A 224 -5.41 -33.17 -18.94
N GLY A 225 -6.30 -32.90 -17.98
CA GLY A 225 -6.70 -33.92 -17.02
C GLY A 225 -7.56 -35.05 -17.53
N PRO A 226 -8.74 -34.76 -18.12
CA PRO A 226 -9.66 -35.77 -18.65
C PRO A 226 -9.01 -36.68 -19.70
N THR A 227 -7.90 -36.23 -20.28
CA THR A 227 -7.19 -36.99 -21.28
C THR A 227 -6.00 -37.77 -20.68
N ALA A 228 -4.86 -37.11 -20.58
CA ALA A 228 -3.65 -37.73 -20.03
C ALA A 228 -3.77 -38.18 -18.57
N GLY A 229 -4.35 -37.31 -17.73
CA GLY A 229 -4.53 -37.64 -16.33
C GLY A 229 -5.38 -38.87 -16.10
N ALA A 230 -6.51 -38.94 -16.81
CA ALA A 230 -7.43 -40.08 -16.69
C ALA A 230 -6.80 -41.36 -17.23
N ALA A 231 -5.95 -41.24 -18.24
CA ALA A 231 -5.29 -42.40 -18.83
C ALA A 231 -4.40 -43.09 -17.79
N ILE A 232 -3.71 -42.28 -16.99
CA ILE A 232 -2.83 -42.77 -15.94
C ILE A 232 -3.63 -43.44 -14.83
N ALA A 233 -4.69 -42.77 -14.37
CA ALA A 233 -5.52 -43.29 -13.30
C ALA A 233 -6.21 -44.60 -13.64
N SER A 234 -6.55 -44.77 -14.91
CA SER A 234 -7.25 -45.96 -15.38
C SER A 234 -6.33 -46.98 -16.02
N HIS A 235 -5.06 -46.64 -16.21
CA HIS A 235 -4.11 -47.56 -16.85
C HIS A 235 -4.03 -48.89 -16.14
N GLU A 236 -3.94 -49.97 -16.92
CA GLU A 236 -3.86 -51.32 -16.38
C GLU A 236 -2.49 -51.71 -15.82
N ASP A 237 -1.45 -51.00 -16.22
CA ASP A 237 -0.10 -51.33 -15.74
C ASP A 237 0.50 -50.33 -14.75
N VAL A 238 -0.32 -49.41 -14.25
CA VAL A 238 0.14 -48.45 -13.26
C VAL A 238 -0.17 -49.07 -11.90
N ASP A 239 0.86 -49.27 -11.10
CA ASP A 239 0.71 -49.90 -9.81
C ASP A 239 0.18 -48.99 -8.70
N LYS A 240 0.52 -47.70 -8.78
CA LYS A 240 0.12 -46.73 -7.78
C LYS A 240 -0.08 -45.33 -8.37
N VAL A 241 -1.01 -44.57 -7.80
CA VAL A 241 -1.29 -43.22 -8.27
C VAL A 241 -1.39 -42.25 -7.09
N ALA A 242 -0.71 -41.12 -7.23
CA ALA A 242 -0.72 -40.07 -6.20
C ALA A 242 -1.29 -38.83 -6.88
N PHE A 243 -2.30 -38.24 -6.26
CA PHE A 243 -2.96 -37.08 -6.82
C PHE A 243 -3.10 -35.95 -5.82
N THR A 244 -2.96 -34.73 -6.33
CA THR A 244 -3.12 -33.52 -5.54
C THR A 244 -3.94 -32.56 -6.39
N GLY A 245 -5.10 -32.15 -5.85
CA GLY A 245 -5.96 -31.23 -6.57
C GLY A 245 -7.31 -31.06 -5.92
N SER A 246 -8.35 -30.97 -6.75
CA SER A 246 -9.72 -30.78 -6.28
C SER A 246 -10.29 -32.06 -5.69
N THR A 247 -11.28 -31.89 -4.84
CA THR A 247 -11.97 -33.00 -4.19
C THR A 247 -12.82 -33.75 -5.24
N GLU A 248 -13.30 -33.00 -6.23
CA GLU A 248 -14.11 -33.56 -7.31
C GLU A 248 -13.32 -34.57 -8.13
N ILE A 249 -12.12 -34.18 -8.54
CA ILE A 249 -11.26 -35.06 -9.35
C ILE A 249 -10.69 -36.21 -8.51
N GLY A 250 -10.53 -35.97 -7.22
CA GLY A 250 -10.04 -37.00 -6.32
C GLY A 250 -10.99 -38.18 -6.35
N ARG A 251 -12.30 -37.89 -6.44
CA ARG A 251 -13.34 -38.91 -6.49
C ARG A 251 -13.18 -39.69 -7.79
N VAL A 252 -12.92 -38.98 -8.88
CA VAL A 252 -12.74 -39.60 -10.19
C VAL A 252 -11.53 -40.53 -10.19
N ILE A 253 -10.45 -40.08 -9.57
CA ILE A 253 -9.22 -40.87 -9.47
C ILE A 253 -9.43 -42.21 -8.75
N GLN A 254 -9.98 -42.14 -7.53
CA GLN A 254 -10.21 -43.36 -6.75
C GLN A 254 -11.19 -44.31 -7.43
N VAL A 255 -12.17 -43.77 -8.15
CA VAL A 255 -13.14 -44.59 -8.87
C VAL A 255 -12.46 -45.25 -10.06
N ALA A 256 -11.60 -44.50 -10.75
CA ALA A 256 -10.88 -45.01 -11.91
C ALA A 256 -9.94 -46.14 -11.48
N ALA A 257 -9.34 -45.99 -10.31
CA ALA A 257 -8.42 -46.99 -9.77
C ALA A 257 -9.18 -48.27 -9.41
N GLY A 258 -10.36 -48.12 -8.81
CA GLY A 258 -11.16 -49.27 -8.44
C GLY A 258 -11.75 -49.97 -9.65
N SER A 259 -11.99 -49.22 -10.72
CA SER A 259 -12.57 -49.75 -11.94
C SER A 259 -11.52 -50.38 -12.87
N SER A 260 -10.27 -50.03 -12.65
CA SER A 260 -9.17 -50.53 -13.47
C SER A 260 -8.46 -51.75 -12.87
N ASN A 261 -7.24 -51.56 -12.38
CA ASN A 261 -6.44 -52.65 -11.82
C ASN A 261 -6.28 -52.62 -10.30
N LEU A 262 -7.16 -51.89 -9.62
CA LEU A 262 -7.09 -51.77 -8.16
C LEU A 262 -5.74 -51.22 -7.69
N LYS A 263 -5.23 -50.23 -8.41
CA LYS A 263 -3.95 -49.61 -8.06
C LYS A 263 -4.05 -48.84 -6.74
N ARG A 264 -2.96 -48.82 -5.97
CA ARG A 264 -2.95 -48.12 -4.69
C ARG A 264 -3.14 -46.62 -4.94
N VAL A 265 -3.84 -45.93 -4.03
CA VAL A 265 -4.11 -44.51 -4.20
C VAL A 265 -3.92 -43.66 -2.94
N THR A 266 -3.39 -42.46 -3.15
CA THR A 266 -3.19 -41.49 -2.07
C THR A 266 -3.66 -40.15 -2.65
N LEU A 267 -4.43 -39.41 -1.86
CA LEU A 267 -4.99 -38.14 -2.30
C LEU A 267 -4.68 -36.97 -1.39
N GLU A 268 -4.46 -35.81 -1.99
CA GLU A 268 -4.20 -34.57 -1.27
C GLU A 268 -5.17 -33.60 -1.93
N LEU A 269 -6.33 -33.44 -1.30
CA LEU A 269 -7.39 -32.59 -1.81
C LEU A 269 -7.40 -31.19 -1.20
N GLY A 270 -8.47 -30.44 -1.44
CA GLY A 270 -8.56 -29.09 -0.91
C GLY A 270 -8.83 -29.01 0.58
N GLY A 271 -9.34 -27.86 1.01
CA GLY A 271 -9.65 -27.67 2.41
C GLY A 271 -10.30 -26.33 2.71
N LYS A 272 -10.69 -26.17 3.97
CA LYS A 272 -11.29 -24.94 4.46
C LYS A 272 -10.80 -24.84 5.89
N SER A 273 -9.46 -24.84 6.01
CA SER A 273 -8.78 -24.80 7.29
C SER A 273 -9.07 -23.62 8.19
N PRO A 274 -9.50 -23.90 9.44
CA PRO A 274 -9.83 -22.88 10.43
C PRO A 274 -8.62 -22.39 11.22
N ASN A 275 -8.50 -21.07 11.35
CA ASN A 275 -7.43 -20.43 12.07
C ASN A 275 -8.06 -19.75 13.29
N ILE A 276 -7.98 -20.42 14.43
CA ILE A 276 -8.56 -19.97 15.69
C ILE A 276 -7.65 -19.02 16.48
N ILE A 277 -8.15 -17.82 16.77
CA ILE A 277 -7.42 -16.79 17.50
C ILE A 277 -8.08 -16.55 18.84
N MET A 278 -7.47 -17.06 19.92
CA MET A 278 -8.01 -16.89 21.28
C MET A 278 -7.73 -15.48 21.79
N SER A 279 -8.48 -15.06 22.82
CA SER A 279 -8.35 -13.72 23.39
C SER A 279 -6.97 -13.38 23.94
N ASP A 280 -6.27 -14.39 24.45
CA ASP A 280 -4.95 -14.19 25.03
C ASP A 280 -3.81 -14.26 24.01
N ALA A 281 -4.15 -14.31 22.73
CA ALA A 281 -3.15 -14.38 21.67
C ALA A 281 -2.38 -13.09 21.53
N ASP A 282 -1.18 -13.19 20.98
CA ASP A 282 -0.34 -12.02 20.74
C ASP A 282 -0.94 -11.35 19.50
N MET A 283 -1.70 -10.27 19.75
CA MET A 283 -2.39 -9.52 18.71
C MET A 283 -1.62 -9.25 17.42
N ASP A 284 -0.55 -8.47 17.52
CA ASP A 284 0.28 -8.14 16.36
C ASP A 284 0.73 -9.37 15.57
N TRP A 285 1.20 -10.39 16.30
CA TRP A 285 1.65 -11.63 15.67
C TRP A 285 0.49 -12.36 14.97
N ALA A 286 -0.60 -12.56 15.71
CA ALA A 286 -1.78 -13.26 15.19
C ALA A 286 -2.35 -12.62 13.92
N VAL A 287 -2.36 -11.30 13.88
CA VAL A 287 -2.87 -10.55 12.74
C VAL A 287 -2.02 -10.80 11.51
N GLU A 288 -0.70 -10.63 11.66
CA GLU A 288 0.23 -10.83 10.56
C GLU A 288 0.21 -12.26 10.05
N GLN A 289 0.19 -13.22 10.98
CA GLN A 289 0.14 -14.63 10.62
C GLN A 289 -1.18 -15.04 9.98
N ALA A 290 -2.28 -14.44 10.46
CA ALA A 290 -3.62 -14.70 9.92
C ALA A 290 -3.69 -14.22 8.48
N HIS A 291 -3.05 -13.08 8.24
CA HIS A 291 -3.02 -12.49 6.91
C HIS A 291 -2.25 -13.43 5.98
N PHE A 292 -1.07 -13.84 6.41
CA PHE A 292 -0.22 -14.75 5.66
C PHE A 292 -0.94 -16.07 5.42
N ALA A 293 -1.59 -16.55 6.48
CA ALA A 293 -2.35 -17.82 6.46
C ALA A 293 -3.30 -17.94 5.30
N LEU A 294 -3.93 -16.82 4.94
CA LEU A 294 -4.88 -16.84 3.84
C LEU A 294 -4.38 -16.31 2.51
N PHE A 295 -3.72 -15.16 2.52
CA PHE A 295 -3.25 -14.53 1.30
C PHE A 295 -2.02 -15.14 0.63
N PHE A 296 -1.28 -15.98 1.35
CA PHE A 296 -0.08 -16.60 0.79
C PHE A 296 -0.33 -17.25 -0.57
N ASN A 297 0.62 -17.05 -1.48
CA ASN A 297 0.55 -17.58 -2.84
C ASN A 297 -0.80 -17.27 -3.49
N GLN A 298 -1.19 -15.99 -3.44
CA GLN A 298 -2.45 -15.52 -4.04
C GLN A 298 -3.67 -16.23 -3.46
N GLY A 299 -3.52 -16.74 -2.23
CA GLY A 299 -4.60 -17.46 -1.58
C GLY A 299 -4.78 -18.87 -2.13
N GLN A 300 -3.91 -19.23 -3.08
CA GLN A 300 -3.95 -20.53 -3.74
C GLN A 300 -3.14 -21.60 -3.02
N CYS A 301 -3.51 -21.86 -1.77
CA CYS A 301 -2.84 -22.85 -0.95
C CYS A 301 -3.89 -23.82 -0.41
N CYS A 302 -3.59 -25.10 -0.55
CA CYS A 302 -4.48 -26.17 -0.09
C CYS A 302 -4.90 -26.03 1.36
N CYS A 303 -3.94 -25.66 2.21
CA CYS A 303 -4.19 -25.52 3.64
C CYS A 303 -4.40 -24.07 4.09
N ALA A 304 -4.85 -23.22 3.16
CA ALA A 304 -5.10 -21.80 3.45
C ALA A 304 -6.11 -21.62 4.59
N GLY A 305 -5.79 -20.72 5.52
CA GLY A 305 -6.66 -20.43 6.64
C GLY A 305 -7.85 -19.59 6.19
N SER A 306 -8.77 -20.22 5.48
CA SER A 306 -9.96 -19.57 4.93
C SER A 306 -11.11 -19.36 5.93
N ARG A 307 -10.90 -19.76 7.18
CA ARG A 307 -11.89 -19.58 8.24
C ARG A 307 -11.21 -19.03 9.48
N THR A 308 -11.12 -17.70 9.56
CA THR A 308 -10.48 -17.05 10.70
C THR A 308 -11.45 -16.82 11.85
N PHE A 309 -11.40 -17.68 12.86
CA PHE A 309 -12.24 -17.57 14.04
C PHE A 309 -11.54 -16.68 15.05
N VAL A 310 -12.18 -15.57 15.41
CA VAL A 310 -11.64 -14.61 16.37
C VAL A 310 -12.54 -14.47 17.59
N GLN A 311 -11.93 -14.53 18.78
CA GLN A 311 -12.65 -14.42 20.04
C GLN A 311 -13.29 -13.02 20.14
N GLU A 312 -14.54 -13.00 20.60
CA GLU A 312 -15.35 -11.80 20.76
C GLU A 312 -14.67 -10.57 21.37
N ASP A 313 -14.01 -10.77 22.51
CA ASP A 313 -13.34 -9.69 23.22
C ASP A 313 -12.25 -8.98 22.41
N ILE A 314 -11.71 -9.66 21.40
CA ILE A 314 -10.65 -9.07 20.58
C ILE A 314 -11.02 -9.01 19.10
N TYR A 315 -12.27 -9.36 18.80
CA TYR A 315 -12.77 -9.36 17.44
C TYR A 315 -12.60 -8.03 16.72
N ASP A 316 -13.16 -6.96 17.29
CA ASP A 316 -13.10 -5.64 16.69
C ASP A 316 -11.70 -5.17 16.32
N GLU A 317 -10.80 -5.19 17.29
CA GLU A 317 -9.42 -4.74 17.07
C GLU A 317 -8.72 -5.61 16.03
N PHE A 318 -8.97 -6.91 16.08
CA PHE A 318 -8.36 -7.84 15.13
C PHE A 318 -8.78 -7.53 13.70
N VAL A 319 -10.08 -7.34 13.51
CA VAL A 319 -10.65 -7.03 12.20
C VAL A 319 -10.07 -5.73 11.66
N GLU A 320 -9.99 -4.72 12.53
CA GLU A 320 -9.44 -3.41 12.14
C GLU A 320 -8.02 -3.56 11.62
N ARG A 321 -7.17 -4.23 12.39
CA ARG A 321 -5.77 -4.45 12.01
C ARG A 321 -5.62 -5.27 10.73
N SER A 322 -6.51 -6.26 10.58
CA SER A 322 -6.52 -7.13 9.41
C SER A 322 -6.88 -6.37 8.13
N VAL A 323 -7.88 -5.50 8.24
CA VAL A 323 -8.33 -4.69 7.11
C VAL A 323 -7.18 -3.81 6.62
N ALA A 324 -6.50 -3.18 7.58
CA ALA A 324 -5.36 -2.30 7.29
C ALA A 324 -4.25 -3.05 6.56
N ARG A 325 -3.91 -4.24 7.06
CA ARG A 325 -2.88 -5.06 6.47
C ARG A 325 -3.28 -5.51 5.07
N ALA A 326 -4.54 -5.86 4.90
CA ALA A 326 -5.06 -6.30 3.61
C ALA A 326 -5.03 -5.14 2.58
N LYS A 327 -5.30 -3.93 3.05
CA LYS A 327 -5.32 -2.74 2.19
C LYS A 327 -3.93 -2.35 1.72
N SER A 328 -2.94 -2.57 2.59
CA SER A 328 -1.57 -2.21 2.27
C SER A 328 -0.81 -3.29 1.50
N ARG A 329 -1.47 -4.44 1.31
CA ARG A 329 -0.87 -5.55 0.57
C ARG A 329 -0.66 -5.18 -0.90
N VAL A 330 0.60 -4.96 -1.28
CA VAL A 330 0.98 -4.56 -2.64
C VAL A 330 0.68 -5.63 -3.69
N VAL A 331 -0.11 -5.25 -4.69
CA VAL A 331 -0.47 -6.13 -5.79
C VAL A 331 0.09 -5.56 -7.10
N GLY A 332 0.70 -6.41 -7.93
CA GLY A 332 1.26 -5.93 -9.17
C GLY A 332 2.19 -6.91 -9.85
N ASN A 333 3.08 -6.39 -10.71
CA ASN A 333 4.04 -7.20 -11.43
C ASN A 333 4.84 -8.07 -10.45
N PRO A 334 4.71 -9.41 -10.55
CA PRO A 334 5.41 -10.35 -9.68
C PRO A 334 6.93 -10.27 -9.75
N PHE A 335 7.45 -9.68 -10.82
CA PHE A 335 8.90 -9.53 -10.98
C PHE A 335 9.47 -8.31 -10.25
N ASP A 336 8.59 -7.47 -9.71
CA ASP A 336 9.03 -6.30 -8.95
C ASP A 336 9.16 -6.68 -7.49
N SER A 337 10.33 -6.44 -6.94
CA SER A 337 10.62 -6.78 -5.55
C SER A 337 9.63 -6.29 -4.49
N LYS A 338 8.84 -5.28 -4.81
CA LYS A 338 7.88 -4.75 -3.86
C LYS A 338 6.53 -5.47 -3.87
N THR A 339 6.27 -6.23 -4.92
CA THR A 339 5.02 -6.97 -5.07
C THR A 339 4.86 -8.12 -4.08
N GLU A 340 3.78 -8.07 -3.31
CA GLU A 340 3.48 -9.11 -2.33
C GLU A 340 2.52 -10.15 -2.93
N GLN A 341 1.66 -9.70 -3.83
CA GLN A 341 0.69 -10.59 -4.47
C GLN A 341 0.64 -10.44 -5.99
N GLY A 342 0.82 -11.55 -6.68
CA GLY A 342 0.78 -11.53 -8.13
C GLY A 342 -0.63 -11.84 -8.60
N PRO A 343 -0.80 -12.22 -9.88
CA PRO A 343 -2.12 -12.56 -10.42
C PRO A 343 -2.52 -13.99 -10.13
N GLN A 344 -3.77 -14.32 -10.40
CA GLN A 344 -4.26 -15.67 -10.18
C GLN A 344 -3.71 -16.48 -11.35
N VAL A 345 -3.68 -17.81 -11.21
CA VAL A 345 -3.12 -18.69 -12.23
C VAL A 345 -3.72 -18.57 -13.65
N ASP A 346 -5.04 -18.47 -13.75
CA ASP A 346 -5.70 -18.35 -15.04
C ASP A 346 -7.05 -17.62 -15.01
N GLU A 347 -7.65 -17.46 -16.18
CA GLU A 347 -8.94 -16.78 -16.31
C GLU A 347 -10.05 -17.54 -15.60
N THR A 348 -10.00 -18.87 -15.66
CA THR A 348 -11.01 -19.71 -15.03
C THR A 348 -11.06 -19.45 -13.52
N GLN A 349 -9.91 -19.47 -12.87
CA GLN A 349 -9.82 -19.22 -11.43
C GLN A 349 -10.18 -17.78 -11.11
N PHE A 350 -9.78 -16.88 -12.01
CA PHE A 350 -10.06 -15.47 -11.86
C PHE A 350 -11.57 -15.23 -11.74
N LYS A 351 -12.34 -15.79 -12.68
CA LYS A 351 -13.78 -15.63 -12.67
C LYS A 351 -14.45 -16.37 -11.52
N LYS A 352 -13.91 -17.52 -11.15
CA LYS A 352 -14.47 -18.31 -10.06
C LYS A 352 -14.34 -17.59 -8.71
N ILE A 353 -13.21 -16.90 -8.53
CA ILE A 353 -12.95 -16.14 -7.31
C ILE A 353 -13.92 -14.94 -7.23
N LEU A 354 -14.06 -14.22 -8.33
CA LEU A 354 -14.96 -13.07 -8.38
C LEU A 354 -16.38 -13.53 -8.11
N GLY A 355 -16.71 -14.72 -8.60
CA GLY A 355 -18.04 -15.29 -8.40
C GLY A 355 -18.30 -15.51 -6.92
N TYR A 356 -17.30 -16.05 -6.22
CA TYR A 356 -17.40 -16.30 -4.79
C TYR A 356 -17.58 -15.00 -4.03
N ILE A 357 -16.86 -13.96 -4.43
CA ILE A 357 -16.95 -12.66 -3.78
C ILE A 357 -18.38 -12.12 -3.93
N ASN A 358 -18.92 -12.25 -5.13
CA ASN A 358 -20.27 -11.81 -5.42
C ASN A 358 -21.25 -12.59 -4.54
N THR A 359 -21.00 -13.88 -4.38
CA THR A 359 -21.84 -14.73 -3.55
C THR A 359 -21.75 -14.31 -2.09
N GLY A 360 -20.55 -13.87 -1.67
CA GLY A 360 -20.34 -13.44 -0.30
C GLY A 360 -21.17 -12.21 0.02
N LYS A 361 -21.30 -11.33 -0.96
CA LYS A 361 -22.07 -10.10 -0.82
C LYS A 361 -23.55 -10.45 -0.70
N GLN A 362 -24.02 -11.30 -1.61
CA GLN A 362 -25.41 -11.74 -1.65
C GLN A 362 -25.89 -12.46 -0.40
N GLU A 363 -25.00 -13.19 0.26
CA GLU A 363 -25.38 -13.93 1.46
C GLU A 363 -25.30 -13.17 2.79
N GLY A 364 -25.03 -11.87 2.72
CA GLY A 364 -24.98 -11.06 3.92
C GLY A 364 -23.63 -10.85 4.60
N ALA A 365 -22.55 -11.27 3.95
CA ALA A 365 -21.22 -11.09 4.52
C ALA A 365 -20.87 -9.62 4.37
N LYS A 366 -20.29 -9.03 5.42
CA LYS A 366 -19.91 -7.63 5.38
C LYS A 366 -18.55 -7.42 4.70
N LEU A 367 -18.57 -6.82 3.51
CA LEU A 367 -17.35 -6.54 2.76
C LEU A 367 -16.62 -5.39 3.44
N LEU A 368 -15.39 -5.65 3.89
CA LEU A 368 -14.59 -4.66 4.60
C LEU A 368 -13.57 -3.92 3.71
N CYS A 369 -13.12 -4.57 2.64
CA CYS A 369 -12.16 -3.97 1.72
C CYS A 369 -12.03 -4.81 0.46
N GLY A 370 -11.52 -4.19 -0.60
CA GLY A 370 -11.36 -4.88 -1.87
C GLY A 370 -12.67 -5.38 -2.45
N GLY A 371 -12.64 -6.53 -3.13
CA GLY A 371 -13.85 -7.08 -3.70
C GLY A 371 -13.95 -7.02 -5.21
N GLY A 372 -12.96 -6.43 -5.87
CA GLY A 372 -12.98 -6.33 -7.32
C GLY A 372 -11.64 -6.55 -7.99
N ILE A 373 -11.61 -6.39 -9.31
CA ILE A 373 -10.41 -6.56 -10.09
C ILE A 373 -9.38 -5.51 -9.70
N ALA A 374 -8.12 -5.94 -9.60
CA ALA A 374 -7.04 -5.04 -9.21
C ALA A 374 -6.30 -4.37 -10.37
N ALA A 375 -6.40 -4.94 -11.57
CA ALA A 375 -5.73 -4.36 -12.73
C ALA A 375 -6.48 -4.68 -14.03
N ASP A 376 -6.27 -3.82 -15.03
CA ASP A 376 -6.91 -4.00 -16.33
C ASP A 376 -6.35 -5.16 -17.15
N ARG A 377 -5.04 -5.36 -17.07
CA ARG A 377 -4.37 -6.44 -17.78
C ARG A 377 -3.92 -7.52 -16.79
N GLY A 378 -4.18 -8.78 -17.14
CA GLY A 378 -3.81 -9.89 -16.26
C GLY A 378 -4.97 -10.33 -15.38
N TYR A 379 -4.73 -11.30 -14.51
CA TYR A 379 -5.77 -11.81 -13.62
C TYR A 379 -5.55 -11.42 -12.16
N PHE A 380 -5.41 -10.12 -11.92
CA PHE A 380 -5.18 -9.57 -10.58
C PHE A 380 -6.48 -9.25 -9.83
N ILE A 381 -6.55 -9.68 -8.57
CA ILE A 381 -7.73 -9.44 -7.73
C ILE A 381 -7.31 -8.72 -6.45
N GLN A 382 -8.13 -7.79 -6.00
CA GLN A 382 -7.83 -7.05 -4.78
C GLN A 382 -7.99 -7.90 -3.54
N PRO A 383 -7.12 -7.69 -2.54
CA PRO A 383 -7.17 -8.44 -1.28
C PRO A 383 -8.52 -8.15 -0.62
N THR A 384 -9.41 -9.14 -0.66
CA THR A 384 -10.75 -9.02 -0.11
C THR A 384 -10.92 -9.63 1.28
N VAL A 385 -11.58 -8.89 2.16
CA VAL A 385 -11.84 -9.33 3.52
C VAL A 385 -13.33 -9.24 3.83
N PHE A 386 -13.89 -10.34 4.31
CA PHE A 386 -15.29 -10.40 4.67
C PHE A 386 -15.44 -10.56 6.18
N GLY A 387 -16.26 -9.70 6.77
CA GLY A 387 -16.50 -9.74 8.21
C GLY A 387 -17.87 -10.27 8.55
N ASP A 388 -18.09 -10.63 9.81
CA ASP A 388 -19.36 -11.16 10.30
C ASP A 388 -19.84 -12.37 9.50
N VAL A 389 -18.90 -13.23 9.14
CA VAL A 389 -19.23 -14.43 8.36
C VAL A 389 -19.85 -15.50 9.24
N GLN A 390 -20.87 -16.18 8.71
CA GLN A 390 -21.55 -17.25 9.44
C GLN A 390 -21.20 -18.60 8.82
N ASP A 391 -21.18 -19.63 9.66
CA ASP A 391 -20.86 -20.99 9.23
C ASP A 391 -21.66 -21.44 8.00
N GLY A 392 -22.95 -21.13 7.99
CA GLY A 392 -23.82 -21.51 6.89
C GLY A 392 -23.55 -20.87 5.54
N MET A 393 -22.79 -19.78 5.54
CA MET A 393 -22.47 -19.07 4.31
C MET A 393 -21.55 -19.88 3.39
N THR A 394 -21.77 -19.72 2.08
CA THR A 394 -21.00 -20.41 1.05
C THR A 394 -19.50 -20.14 1.16
N ILE A 395 -19.14 -18.86 1.31
CA ILE A 395 -17.73 -18.49 1.42
C ILE A 395 -17.11 -19.05 2.69
N ALA A 396 -17.93 -19.59 3.59
CA ALA A 396 -17.46 -20.18 4.83
C ALA A 396 -17.38 -21.70 4.74
N LYS A 397 -17.91 -22.25 3.65
CA LYS A 397 -17.93 -23.69 3.43
C LYS A 397 -17.09 -24.17 2.25
N GLU A 398 -17.19 -23.46 1.12
CA GLU A 398 -16.50 -23.80 -0.12
C GLU A 398 -15.11 -23.18 -0.23
N GLU A 399 -14.19 -23.94 -0.83
CA GLU A 399 -12.82 -23.49 -1.03
C GLU A 399 -12.78 -22.48 -2.17
N ILE A 400 -12.41 -21.25 -1.84
CA ILE A 400 -12.33 -20.18 -2.83
C ILE A 400 -11.04 -20.23 -3.65
N PHE A 401 -9.93 -20.48 -2.95
CA PHE A 401 -8.59 -20.54 -3.56
C PHE A 401 -8.14 -19.20 -4.14
N GLY A 402 -8.47 -18.12 -3.42
CA GLY A 402 -8.10 -16.79 -3.86
C GLY A 402 -7.87 -15.86 -2.69
N PRO A 403 -7.56 -14.58 -2.95
CA PRO A 403 -7.31 -13.57 -1.92
C PRO A 403 -8.58 -13.05 -1.25
N VAL A 404 -9.35 -13.98 -0.69
CA VAL A 404 -10.60 -13.64 -0.03
C VAL A 404 -10.60 -14.18 1.39
N MET A 405 -10.49 -13.28 2.37
CA MET A 405 -10.46 -13.66 3.78
C MET A 405 -11.83 -13.68 4.46
N GLN A 406 -12.06 -14.68 5.29
CA GLN A 406 -13.32 -14.80 6.03
C GLN A 406 -13.03 -14.71 7.53
N ILE A 407 -13.67 -13.78 8.21
CA ILE A 407 -13.48 -13.60 9.64
C ILE A 407 -14.79 -13.90 10.37
N LEU A 408 -14.76 -14.85 11.30
CA LEU A 408 -15.94 -15.26 12.07
C LEU A 408 -15.70 -15.00 13.55
N LYS A 409 -16.76 -14.72 14.27
CA LYS A 409 -16.68 -14.45 15.70
C LYS A 409 -17.19 -15.62 16.55
N PHE A 410 -16.51 -15.89 17.65
CA PHE A 410 -16.95 -16.97 18.55
C PHE A 410 -16.78 -16.53 20.00
N LYS A 411 -17.36 -17.29 20.93
CA LYS A 411 -17.29 -16.96 22.34
C LYS A 411 -16.44 -17.93 23.18
N THR A 412 -16.88 -19.19 23.28
CA THR A 412 -16.17 -20.20 24.06
C THR A 412 -15.27 -21.14 23.26
N ILE A 413 -14.31 -21.74 23.96
CA ILE A 413 -13.36 -22.68 23.35
C ILE A 413 -14.07 -23.96 22.91
N GLU A 414 -15.09 -24.37 23.65
CA GLU A 414 -15.87 -25.56 23.31
C GLU A 414 -16.63 -25.30 22.01
N GLU A 415 -17.13 -24.07 21.87
CA GLU A 415 -17.90 -23.66 20.70
C GLU A 415 -17.05 -23.69 19.44
N VAL A 416 -15.90 -23.02 19.49
CA VAL A 416 -15.00 -22.94 18.34
C VAL A 416 -14.55 -24.31 17.85
N VAL A 417 -14.37 -25.25 18.77
CA VAL A 417 -13.97 -26.61 18.39
C VAL A 417 -15.03 -27.25 17.50
N GLY A 418 -16.27 -27.25 17.98
CA GLY A 418 -17.37 -27.82 17.23
C GLY A 418 -17.60 -27.17 15.86
N ARG A 419 -17.46 -25.85 15.80
CA ARG A 419 -17.65 -25.13 14.55
C ARG A 419 -16.49 -25.37 13.60
N ALA A 420 -15.28 -25.44 14.15
CA ALA A 420 -14.08 -25.69 13.36
C ALA A 420 -14.15 -27.08 12.75
N ASN A 421 -14.59 -28.05 13.55
CA ASN A 421 -14.70 -29.43 13.08
C ASN A 421 -15.91 -29.72 12.22
N ASN A 422 -16.84 -28.77 12.15
CA ASN A 422 -18.04 -28.92 11.35
C ASN A 422 -17.73 -28.58 9.90
N SER A 423 -17.09 -29.55 9.23
CA SER A 423 -16.70 -29.40 7.83
C SER A 423 -16.36 -30.76 7.24
N THR A 424 -16.49 -30.88 5.92
CA THR A 424 -16.17 -32.12 5.21
C THR A 424 -14.66 -32.17 5.00
N TYR A 425 -14.01 -31.04 5.20
CA TYR A 425 -12.56 -30.93 5.06
C TYR A 425 -11.85 -31.11 6.40
N GLY A 426 -10.52 -31.23 6.34
CA GLY A 426 -9.74 -31.41 7.55
C GLY A 426 -8.26 -31.51 7.25
N LEU A 427 -7.82 -30.67 6.31
CA LEU A 427 -6.42 -30.64 5.89
C LEU A 427 -5.49 -30.01 6.93
N ALA A 428 -5.86 -28.84 7.43
CA ALA A 428 -5.06 -28.10 8.40
C ALA A 428 -5.92 -27.29 9.37
N ALA A 429 -5.24 -26.67 10.33
CA ALA A 429 -5.88 -25.85 11.36
C ALA A 429 -4.81 -25.13 12.15
N ALA A 430 -5.18 -24.02 12.78
CA ALA A 430 -4.24 -23.25 13.58
C ALA A 430 -4.85 -22.78 14.89
N VAL A 431 -3.99 -22.54 15.87
CA VAL A 431 -4.41 -22.08 17.17
C VAL A 431 -3.42 -21.04 17.71
N PHE A 432 -3.92 -19.84 17.97
CA PHE A 432 -3.08 -18.76 18.53
C PHE A 432 -3.48 -18.44 19.97
N THR A 433 -2.59 -18.75 20.90
CA THR A 433 -2.82 -18.54 22.33
C THR A 433 -1.52 -18.64 23.11
N LYS A 434 -1.51 -18.04 24.30
CA LYS A 434 -0.33 -18.09 25.16
C LYS A 434 -0.50 -19.17 26.21
N ASP A 435 -1.74 -19.63 26.39
CA ASP A 435 -2.04 -20.66 27.38
C ASP A 435 -1.68 -22.08 26.93
N LEU A 436 -0.96 -22.79 27.80
CA LEU A 436 -0.54 -24.16 27.55
C LEU A 436 -1.71 -25.12 27.39
N ASP A 437 -2.56 -25.19 28.41
CA ASP A 437 -3.71 -26.07 28.37
C ASP A 437 -4.63 -25.83 27.19
N LYS A 438 -4.80 -24.57 26.79
CA LYS A 438 -5.65 -24.25 25.65
C LYS A 438 -5.08 -24.79 24.34
N ALA A 439 -3.78 -24.60 24.16
CA ALA A 439 -3.10 -25.07 22.95
C ALA A 439 -3.17 -26.60 22.86
N ASN A 440 -2.98 -27.29 23.99
CA ASN A 440 -3.02 -28.74 24.03
C ASN A 440 -4.43 -29.29 23.86
N TYR A 441 -5.42 -28.57 24.40
CA TYR A 441 -6.81 -28.98 24.30
C TYR A 441 -7.27 -28.87 22.85
N LEU A 442 -6.93 -27.76 22.20
CA LEU A 442 -7.33 -27.55 20.82
C LEU A 442 -6.61 -28.43 19.81
N SER A 443 -5.29 -28.54 19.93
CA SER A 443 -4.52 -29.36 18.99
C SER A 443 -5.00 -30.81 18.96
N GLN A 444 -5.42 -31.33 20.12
CA GLN A 444 -5.93 -32.70 20.23
C GLN A 444 -7.36 -32.81 19.71
N ALA A 445 -8.18 -31.80 20.01
CA ALA A 445 -9.58 -31.79 19.61
C ALA A 445 -9.84 -31.54 18.14
N LEU A 446 -9.03 -30.67 17.52
CA LEU A 446 -9.17 -30.32 16.11
C LEU A 446 -8.97 -31.50 15.19
N GLN A 447 -9.93 -31.73 14.29
CA GLN A 447 -9.85 -32.82 13.34
C GLN A 447 -9.18 -32.35 12.05
N ALA A 448 -7.86 -32.27 12.08
CA ALA A 448 -7.09 -31.83 10.92
C ALA A 448 -5.74 -32.51 10.83
N GLY A 449 -5.27 -32.73 9.61
CA GLY A 449 -3.98 -33.37 9.37
C GLY A 449 -2.80 -32.66 10.00
N THR A 450 -2.86 -31.33 10.00
CA THR A 450 -1.82 -30.49 10.56
C THR A 450 -2.42 -29.37 11.39
N VAL A 451 -1.97 -29.27 12.64
CA VAL A 451 -2.43 -28.23 13.55
C VAL A 451 -1.22 -27.40 13.97
N TRP A 452 -1.22 -26.15 13.54
CA TRP A 452 -0.17 -25.18 13.85
C TRP A 452 -0.52 -24.40 15.11
N VAL A 453 0.46 -24.21 15.99
CA VAL A 453 0.22 -23.45 17.21
C VAL A 453 1.08 -22.19 17.17
N ASN A 454 0.41 -21.04 17.17
CA ASN A 454 1.06 -19.72 17.13
C ASN A 454 1.92 -19.54 15.88
N CYS A 455 1.49 -20.15 14.79
CA CYS A 455 2.18 -20.04 13.52
C CYS A 455 1.25 -20.63 12.46
N TYR A 456 1.65 -20.54 11.20
CA TYR A 456 0.84 -21.07 10.10
C TYR A 456 1.71 -21.31 8.85
N ASP A 457 1.31 -22.30 8.05
CA ASP A 457 2.03 -22.67 6.84
C ASP A 457 3.48 -23.02 7.09
N VAL A 458 3.73 -23.67 8.21
CA VAL A 458 5.09 -24.09 8.57
C VAL A 458 5.29 -25.51 8.05
N PHE A 459 5.92 -25.62 6.88
CA PHE A 459 6.18 -26.92 6.28
C PHE A 459 7.62 -27.32 6.46
N GLY A 460 7.84 -28.61 6.61
CA GLY A 460 9.18 -29.14 6.77
C GLY A 460 9.21 -30.52 6.15
N ALA A 461 10.24 -30.79 5.35
CA ALA A 461 10.36 -32.09 4.70
C ALA A 461 10.40 -33.22 5.74
N GLN A 462 10.69 -32.87 6.98
CA GLN A 462 10.74 -33.85 8.05
C GLN A 462 9.36 -34.19 8.62
N SER A 463 8.42 -33.23 8.54
CA SER A 463 7.07 -33.43 9.08
C SER A 463 6.02 -33.79 8.01
N PRO A 464 5.23 -34.85 8.28
CA PRO A 464 4.19 -35.30 7.35
C PRO A 464 3.05 -34.31 7.17
N PHE A 465 2.50 -34.30 5.95
CA PHE A 465 1.41 -33.41 5.60
C PHE A 465 0.34 -34.17 4.82
N GLY A 466 -0.90 -34.08 5.32
CA GLY A 466 -2.01 -34.76 4.67
C GLY A 466 -3.30 -34.36 5.32
N GLY A 467 -4.42 -34.79 4.75
CA GLY A 467 -5.70 -34.39 5.31
C GLY A 467 -6.59 -35.46 5.90
N TYR A 468 -7.50 -34.98 6.76
CA TYR A 468 -8.50 -35.82 7.41
C TYR A 468 -9.74 -35.75 6.53
N LYS A 469 -10.72 -36.58 6.85
CA LYS A 469 -11.98 -36.60 6.13
C LYS A 469 -11.83 -36.56 4.60
N MET A 470 -12.52 -35.62 3.96
CA MET A 470 -12.48 -35.50 2.51
C MET A 470 -11.36 -34.61 1.98
N SER A 471 -10.41 -34.28 2.85
CA SER A 471 -9.26 -33.46 2.45
C SER A 471 -8.19 -34.35 1.83
N GLY A 472 -8.42 -35.66 1.86
CA GLY A 472 -7.49 -36.62 1.30
C GLY A 472 -7.21 -37.81 2.21
N SER A 473 -6.29 -38.67 1.77
CA SER A 473 -5.88 -39.85 2.54
C SER A 473 -4.39 -40.08 2.31
N GLY A 474 -3.74 -40.59 3.34
CA GLY A 474 -2.30 -40.82 3.25
C GLY A 474 -1.53 -39.56 3.63
N ARG A 475 -0.22 -39.69 3.77
CA ARG A 475 0.60 -38.56 4.14
C ARG A 475 1.81 -38.40 3.22
N GLU A 476 2.21 -37.15 3.02
CA GLU A 476 3.38 -36.82 2.22
C GLU A 476 4.40 -36.18 3.17
N LEU A 477 5.66 -36.17 2.77
CA LEU A 477 6.76 -35.60 3.57
C LEU A 477 7.07 -36.49 4.78
N GLY A 478 8.25 -36.30 5.36
CA GLY A 478 8.65 -37.10 6.50
C GLY A 478 8.83 -38.57 6.17
N GLU A 479 8.98 -39.40 7.20
CA GLU A 479 9.14 -40.83 7.01
C GLU A 479 7.85 -41.41 6.43
N TYR A 480 6.72 -40.88 6.90
CA TYR A 480 5.41 -41.33 6.47
C TYR A 480 5.23 -41.26 4.97
N GLY A 481 5.94 -40.32 4.33
CA GLY A 481 5.86 -40.15 2.90
C GLY A 481 6.40 -41.33 2.11
N LEU A 482 7.09 -42.24 2.79
CA LEU A 482 7.64 -43.41 2.13
C LEU A 482 6.68 -44.60 2.10
N GLN A 483 5.77 -44.66 3.08
CA GLN A 483 4.81 -45.76 3.19
C GLN A 483 4.05 -46.09 1.92
N ALA A 484 3.45 -45.07 1.30
CA ALA A 484 2.66 -45.24 0.06
C ALA A 484 3.50 -45.65 -1.16
N TYR A 485 4.81 -45.53 -1.05
CA TYR A 485 5.70 -45.87 -2.15
C TYR A 485 6.47 -47.15 -1.88
N THR A 486 5.98 -47.94 -0.92
CA THR A 486 6.63 -49.18 -0.56
C THR A 486 5.66 -50.35 -0.58
N GLU A 487 6.11 -51.48 -1.11
CA GLU A 487 5.29 -52.70 -1.16
C GLU A 487 5.98 -53.71 -0.23
N VAL A 488 5.28 -54.12 0.82
CA VAL A 488 5.84 -55.03 1.80
C VAL A 488 5.70 -56.49 1.46
N LYS A 489 6.84 -57.19 1.45
CA LYS A 489 6.86 -58.62 1.17
C LYS A 489 7.38 -59.32 2.41
N THR A 490 6.63 -60.35 2.81
CA THR A 490 6.99 -61.15 3.97
C THR A 490 7.67 -62.43 3.47
N VAL A 491 8.83 -62.75 4.01
CA VAL A 491 9.52 -63.98 3.61
C VAL A 491 9.68 -64.81 4.87
N THR A 492 9.07 -65.99 4.89
CA THR A 492 9.14 -66.87 6.04
C THR A 492 9.83 -68.17 5.67
N VAL A 493 11.01 -68.37 6.25
CA VAL A 493 11.83 -69.53 5.96
C VAL A 493 11.84 -70.55 7.08
N LYS A 494 11.78 -71.81 6.71
CA LYS A 494 11.81 -72.91 7.68
C LYS A 494 13.25 -73.10 8.12
N VAL A 495 13.46 -73.14 9.44
CA VAL A 495 14.81 -73.35 9.98
C VAL A 495 14.83 -74.60 10.84
N PRO A 496 16.00 -75.25 10.95
CA PRO A 496 16.18 -76.48 11.74
C PRO A 496 15.66 -76.34 13.18
N GLN A 497 16.07 -75.28 13.86
CA GLN A 497 15.61 -75.04 15.23
C GLN A 497 15.75 -73.57 15.58
N LYS A 498 14.61 -72.94 15.85
CA LYS A 498 14.58 -71.53 16.18
C LYS A 498 15.00 -71.25 17.62
N ASN A 499 15.83 -70.23 17.78
CA ASN A 499 16.28 -69.82 19.10
C ASN A 499 16.17 -68.30 19.21
N SER A 500 15.98 -67.80 20.42
CA SER A 500 15.83 -66.37 20.65
C SER A 500 17.03 -65.49 20.27
N ALA B 7 -4.08 -83.37 21.92
CA ALA B 7 -5.33 -83.69 22.68
C ALA B 7 -6.41 -82.67 22.37
N VAL B 8 -7.61 -83.17 22.10
CA VAL B 8 -8.76 -82.32 21.78
C VAL B 8 -9.99 -82.77 22.56
N PRO B 9 -10.65 -81.82 23.24
CA PRO B 9 -11.85 -82.10 24.02
C PRO B 9 -12.99 -82.55 23.12
N ALA B 10 -13.78 -83.51 23.62
CA ALA B 10 -14.92 -84.05 22.89
C ALA B 10 -15.90 -82.94 22.54
N PRO B 11 -16.23 -82.79 21.24
CA PRO B 11 -17.16 -81.76 20.76
C PRO B 11 -18.63 -82.08 20.92
N ASN B 12 -19.44 -81.03 20.95
CA ASN B 12 -20.89 -81.17 21.01
C ASN B 12 -21.24 -81.02 19.52
N GLN B 13 -21.54 -82.14 18.86
CA GLN B 13 -21.87 -82.12 17.44
C GLN B 13 -23.09 -81.28 17.06
N GLN B 14 -23.87 -80.91 18.07
CA GLN B 14 -25.06 -80.08 17.86
C GLN B 14 -25.10 -78.98 18.91
N PRO B 15 -24.24 -77.96 18.77
CA PRO B 15 -24.17 -76.84 19.70
C PRO B 15 -25.38 -75.93 19.62
N GLU B 16 -25.75 -75.38 20.78
CA GLU B 16 -26.90 -74.50 20.89
C GLU B 16 -26.54 -73.08 20.43
N VAL B 17 -27.44 -72.47 19.67
CA VAL B 17 -27.25 -71.11 19.16
C VAL B 17 -27.88 -70.13 20.13
N PHE B 18 -27.07 -69.21 20.65
CA PHE B 18 -27.56 -68.21 21.60
C PHE B 18 -27.72 -66.83 20.98
N CYS B 19 -26.97 -66.55 19.91
CA CYS B 19 -27.02 -65.25 19.28
C CYS B 19 -27.33 -65.38 17.80
N ASN B 20 -28.30 -64.59 17.33
CA ASN B 20 -28.69 -64.64 15.92
C ASN B 20 -29.33 -63.33 15.47
N GLN B 21 -29.04 -62.27 16.19
CA GLN B 21 -29.59 -60.95 15.88
C GLN B 21 -28.47 -59.95 15.57
N ILE B 22 -28.86 -58.69 15.38
CA ILE B 22 -27.91 -57.62 15.10
C ILE B 22 -27.37 -57.05 16.40
N PHE B 23 -26.05 -56.90 16.47
CA PHE B 23 -25.41 -56.38 17.67
C PHE B 23 -25.09 -54.91 17.55
N ILE B 24 -25.79 -54.10 18.33
CA ILE B 24 -25.58 -52.65 18.34
C ILE B 24 -25.64 -52.15 19.78
N ASN B 25 -24.70 -51.28 20.14
CA ASN B 25 -24.64 -50.73 21.48
C ASN B 25 -24.72 -51.79 22.56
N ASN B 26 -24.01 -52.90 22.34
CA ASN B 26 -23.98 -54.02 23.27
C ASN B 26 -25.35 -54.66 23.50
N GLU B 27 -26.30 -54.39 22.61
CA GLU B 27 -27.64 -54.96 22.71
C GLU B 27 -28.04 -55.67 21.43
N TRP B 28 -28.90 -56.68 21.57
CA TRP B 28 -29.36 -57.46 20.42
C TRP B 28 -30.63 -56.89 19.83
N HIS B 29 -30.59 -56.60 18.53
CA HIS B 29 -31.73 -56.03 17.83
C HIS B 29 -32.16 -56.88 16.64
N ASP B 30 -33.46 -56.84 16.32
CA ASP B 30 -33.98 -57.56 15.17
C ASP B 30 -33.83 -56.57 14.01
N ALA B 31 -33.85 -57.08 12.79
CA ALA B 31 -33.74 -56.22 11.62
C ALA B 31 -34.90 -55.25 11.66
N VAL B 32 -34.69 -54.02 11.23
CA VAL B 32 -35.74 -53.01 11.22
C VAL B 32 -36.96 -53.52 10.43
N SER B 33 -36.68 -54.33 9.40
CA SER B 33 -37.71 -54.91 8.55
C SER B 33 -38.28 -56.19 9.17
N ARG B 34 -37.66 -56.64 10.25
CA ARG B 34 -38.06 -57.86 10.96
C ARG B 34 -37.75 -59.13 10.16
N LYS B 35 -37.14 -58.96 8.99
CA LYS B 35 -36.77 -60.08 8.11
C LYS B 35 -35.60 -60.90 8.65
N THR B 36 -35.61 -62.20 8.35
CA THR B 36 -34.55 -63.11 8.78
C THR B 36 -34.12 -64.01 7.62
N PHE B 37 -32.87 -64.46 7.67
CA PHE B 37 -32.33 -65.35 6.65
C PHE B 37 -31.80 -66.62 7.31
N PRO B 38 -31.94 -67.74 6.62
CA PRO B 38 -31.46 -69.03 7.14
C PRO B 38 -29.97 -69.29 6.91
N THR B 39 -29.32 -69.89 7.90
CA THR B 39 -27.92 -70.25 7.76
C THR B 39 -27.92 -71.78 7.75
N VAL B 40 -27.25 -72.34 6.75
CA VAL B 40 -27.22 -73.78 6.54
C VAL B 40 -25.96 -74.52 6.99
N ASN B 41 -26.16 -75.75 7.44
CA ASN B 41 -25.06 -76.63 7.84
C ASN B 41 -24.64 -77.33 6.55
N PRO B 42 -23.46 -76.99 6.00
CA PRO B 42 -22.96 -77.58 4.77
C PRO B 42 -22.76 -79.10 4.78
N SER B 43 -22.63 -79.69 5.96
CA SER B 43 -22.46 -81.14 6.09
C SER B 43 -23.75 -81.94 5.82
N THR B 44 -24.89 -81.32 6.09
CA THR B 44 -26.19 -81.98 5.90
C THR B 44 -27.10 -81.24 4.94
N GLY B 45 -26.87 -79.95 4.76
CA GLY B 45 -27.72 -79.17 3.88
C GLY B 45 -28.95 -78.64 4.60
N GLU B 46 -29.11 -79.01 5.86
CA GLU B 46 -30.25 -78.56 6.65
C GLU B 46 -30.00 -77.20 7.33
N VAL B 47 -31.07 -76.44 7.53
CA VAL B 47 -30.99 -75.13 8.16
C VAL B 47 -30.69 -75.21 9.65
N ILE B 48 -29.71 -74.45 10.10
CA ILE B 48 -29.32 -74.42 11.51
C ILE B 48 -30.31 -73.52 12.27
N CYS B 49 -30.52 -72.32 11.76
CA CYS B 49 -31.43 -71.36 12.38
C CYS B 49 -31.53 -70.11 11.53
N GLN B 50 -32.47 -69.25 11.90
CA GLN B 50 -32.70 -67.98 11.21
C GLN B 50 -31.85 -66.93 11.87
N VAL B 51 -31.41 -65.95 11.07
CA VAL B 51 -30.57 -64.85 11.56
C VAL B 51 -31.12 -63.53 11.00
N ALA B 52 -31.12 -62.50 11.86
CA ALA B 52 -31.61 -61.17 11.50
C ALA B 52 -30.94 -60.64 10.22
N GLU B 53 -31.75 -60.39 9.20
CA GLU B 53 -31.21 -59.90 7.93
C GLU B 53 -31.05 -58.39 7.95
N GLY B 54 -29.86 -57.94 8.31
CA GLY B 54 -29.57 -56.51 8.37
C GLY B 54 -29.50 -55.85 7.00
N ASP B 55 -29.93 -54.59 6.94
CA ASP B 55 -29.92 -53.83 5.69
C ASP B 55 -29.41 -52.43 5.97
N LYS B 56 -29.57 -51.55 5.00
CA LYS B 56 -29.12 -50.18 5.11
C LYS B 56 -29.58 -49.49 6.39
N GLU B 57 -30.87 -49.62 6.72
CA GLU B 57 -31.41 -49.00 7.92
C GLU B 57 -30.72 -49.49 9.19
N ASP B 58 -30.41 -50.78 9.22
CA ASP B 58 -29.74 -51.37 10.37
C ASP B 58 -28.28 -50.92 10.43
N VAL B 59 -27.68 -50.71 9.27
CA VAL B 59 -26.31 -50.24 9.17
C VAL B 59 -26.23 -48.83 9.72
N ASP B 60 -27.22 -48.00 9.35
CA ASP B 60 -27.25 -46.60 9.81
C ASP B 60 -27.29 -46.54 11.34
N LYS B 61 -28.09 -47.42 11.94
CA LYS B 61 -28.21 -47.47 13.40
C LYS B 61 -26.85 -47.82 14.01
N ALA B 62 -26.15 -48.75 13.37
CA ALA B 62 -24.82 -49.18 13.81
C ALA B 62 -23.77 -48.09 13.67
N VAL B 63 -23.74 -47.43 12.51
CA VAL B 63 -22.78 -46.35 12.27
C VAL B 63 -22.96 -45.22 13.29
N LYS B 64 -24.21 -44.86 13.56
CA LYS B 64 -24.49 -43.79 14.52
C LYS B 64 -24.05 -44.19 15.91
N ALA B 65 -24.24 -45.46 16.27
CA ALA B 65 -23.84 -45.96 17.57
C ALA B 65 -22.32 -45.89 17.71
N ALA B 66 -21.62 -46.31 16.67
CA ALA B 66 -20.16 -46.30 16.67
C ALA B 66 -19.66 -44.86 16.76
N ARG B 67 -20.23 -43.98 15.94
CA ARG B 67 -19.85 -42.57 15.94
C ARG B 67 -20.00 -41.96 17.33
N ALA B 68 -21.11 -42.27 17.98
CA ALA B 68 -21.40 -41.77 19.31
C ALA B 68 -20.35 -42.22 20.32
N ALA B 69 -19.97 -43.49 20.21
CA ALA B 69 -18.97 -44.07 21.09
C ALA B 69 -17.58 -43.53 20.79
N PHE B 70 -17.42 -42.92 19.61
CA PHE B 70 -16.15 -42.37 19.17
C PHE B 70 -15.98 -40.88 19.49
N GLN B 71 -17.04 -40.26 20.00
CA GLN B 71 -17.00 -38.83 20.33
C GLN B 71 -15.98 -38.50 21.39
N LEU B 72 -15.30 -37.38 21.20
CA LEU B 72 -14.29 -36.91 22.14
C LEU B 72 -14.88 -36.82 23.54
N GLY B 73 -14.14 -37.35 24.52
CA GLY B 73 -14.62 -37.32 25.88
C GLY B 73 -15.42 -38.55 26.30
N SER B 74 -15.64 -39.46 25.35
CA SER B 74 -16.39 -40.68 25.62
C SER B 74 -15.49 -41.69 26.35
N PRO B 75 -16.09 -42.72 26.97
CA PRO B 75 -15.34 -43.75 27.69
C PRO B 75 -14.24 -44.43 26.85
N TRP B 76 -14.58 -44.70 25.58
CA TRP B 76 -13.66 -45.35 24.65
C TRP B 76 -12.50 -44.43 24.26
N ARG B 77 -12.79 -43.15 24.08
CA ARG B 77 -11.76 -42.18 23.71
C ARG B 77 -10.85 -41.76 24.87
N ARG B 78 -11.41 -41.70 26.07
CA ARG B 78 -10.66 -41.30 27.26
C ARG B 78 -9.90 -42.45 27.89
N MET B 79 -10.32 -43.68 27.59
CA MET B 79 -9.68 -44.87 28.13
C MET B 79 -8.17 -44.93 27.83
N ASP B 80 -7.41 -45.34 28.84
CA ASP B 80 -5.96 -45.45 28.67
C ASP B 80 -5.65 -46.54 27.64
N ALA B 81 -4.68 -46.29 26.78
CA ALA B 81 -4.31 -47.25 25.77
C ALA B 81 -3.99 -48.62 26.38
N SER B 82 -3.34 -48.62 27.53
CA SER B 82 -2.99 -49.86 28.23
C SER B 82 -4.23 -50.65 28.63
N HIS B 83 -5.29 -49.94 29.00
CA HIS B 83 -6.54 -50.56 29.39
C HIS B 83 -7.23 -51.18 28.16
N ARG B 84 -7.00 -50.59 27.01
CA ARG B 84 -7.56 -51.09 25.75
C ARG B 84 -6.96 -52.48 25.53
N GLY B 85 -5.68 -52.62 25.88
CA GLY B 85 -5.00 -53.89 25.72
C GLY B 85 -5.55 -54.87 26.74
N ARG B 86 -5.88 -54.36 27.94
CA ARG B 86 -6.45 -55.18 29.00
C ARG B 86 -7.77 -55.81 28.53
N LEU B 87 -8.58 -55.00 27.85
CA LEU B 87 -9.86 -55.48 27.33
C LEU B 87 -9.67 -56.57 26.29
N LEU B 88 -8.74 -56.37 25.36
CA LEU B 88 -8.47 -57.35 24.30
C LEU B 88 -7.96 -58.66 24.91
N ASN B 89 -7.15 -58.55 25.96
CA ASN B 89 -6.64 -59.73 26.67
C ASN B 89 -7.79 -60.46 27.36
N ARG B 90 -8.73 -59.68 27.91
CA ARG B 90 -9.90 -60.20 28.59
C ARG B 90 -10.78 -60.95 27.58
N LEU B 91 -11.04 -60.31 26.45
CA LEU B 91 -11.86 -60.92 25.40
C LEU B 91 -11.26 -62.25 24.98
N ALA B 92 -9.93 -62.28 24.88
CA ALA B 92 -9.18 -63.47 24.50
C ALA B 92 -9.38 -64.57 25.54
N ASP B 93 -9.34 -64.19 26.81
CA ASP B 93 -9.52 -65.13 27.92
C ASP B 93 -10.92 -65.73 27.90
N LEU B 94 -11.90 -64.94 27.46
CA LEU B 94 -13.28 -65.40 27.38
C LEU B 94 -13.46 -66.36 26.21
N ILE B 95 -12.79 -66.07 25.11
CA ILE B 95 -12.87 -66.92 23.94
C ILE B 95 -12.23 -68.27 24.24
N GLU B 96 -11.17 -68.27 25.04
CA GLU B 96 -10.50 -69.50 25.43
C GLU B 96 -11.40 -70.34 26.33
N ARG B 97 -12.10 -69.68 27.24
CA ARG B 97 -13.02 -70.36 28.15
C ARG B 97 -14.10 -71.09 27.33
N ASP B 98 -14.63 -70.40 26.31
CA ASP B 98 -15.65 -70.96 25.43
C ASP B 98 -15.05 -71.52 24.12
N ARG B 99 -13.82 -72.02 24.21
CA ARG B 99 -13.10 -72.55 23.07
C ARG B 99 -13.77 -73.78 22.46
N THR B 100 -14.06 -74.78 23.30
CA THR B 100 -14.70 -76.01 22.83
C THR B 100 -16.01 -75.71 22.13
N TYR B 101 -16.84 -74.86 22.73
CA TYR B 101 -18.12 -74.50 22.13
C TYR B 101 -17.95 -73.77 20.78
N LEU B 102 -17.12 -72.72 20.76
CA LEU B 102 -16.90 -71.93 19.54
C LEU B 102 -16.40 -72.76 18.37
N ALA B 103 -15.46 -73.65 18.65
CA ALA B 103 -14.91 -74.52 17.63
C ALA B 103 -16.02 -75.38 17.01
N ALA B 104 -16.87 -75.94 17.86
CA ALA B 104 -17.99 -76.77 17.40
C ALA B 104 -18.97 -75.97 16.55
N LEU B 105 -19.32 -74.77 17.02
CA LEU B 105 -20.25 -73.90 16.31
C LEU B 105 -19.64 -73.44 14.97
N GLU B 106 -18.32 -73.28 14.96
CA GLU B 106 -17.61 -72.87 13.76
C GLU B 106 -17.72 -73.99 12.72
N THR B 107 -17.45 -75.21 13.16
CA THR B 107 -17.52 -76.38 12.29
C THR B 107 -18.94 -76.60 11.79
N LEU B 108 -19.91 -76.38 12.67
CA LEU B 108 -21.33 -76.56 12.33
C LEU B 108 -21.80 -75.63 11.23
N ASP B 109 -21.34 -74.38 11.28
CA ASP B 109 -21.74 -73.39 10.30
C ASP B 109 -20.85 -73.32 9.07
N ASN B 110 -19.55 -73.55 9.26
CA ASN B 110 -18.59 -73.51 8.14
C ASN B 110 -18.42 -74.85 7.45
N GLY B 111 -18.21 -75.91 8.23
CA GLY B 111 -18.01 -77.22 7.63
C GLY B 111 -16.63 -77.80 7.86
N LYS B 112 -15.68 -76.96 8.24
CA LYS B 112 -14.32 -77.41 8.49
C LYS B 112 -14.26 -78.39 9.66
N PRO B 113 -13.29 -79.32 9.65
CA PRO B 113 -13.18 -80.30 10.74
C PRO B 113 -13.07 -79.66 12.11
N TYR B 114 -13.76 -80.25 13.08
CA TYR B 114 -13.76 -79.75 14.44
C TYR B 114 -12.35 -79.70 15.02
N VAL B 115 -11.55 -80.71 14.71
CA VAL B 115 -10.18 -80.77 15.20
C VAL B 115 -9.39 -79.56 14.73
N ILE B 116 -9.62 -79.15 13.48
CA ILE B 116 -8.93 -78.01 12.89
C ILE B 116 -9.40 -76.70 13.52
N SER B 117 -10.71 -76.54 13.66
CA SER B 117 -11.29 -75.34 14.24
C SER B 117 -10.75 -75.10 15.64
N TYR B 118 -10.59 -76.20 16.40
CA TYR B 118 -10.11 -76.11 17.77
C TYR B 118 -8.61 -75.86 17.86
N LEU B 119 -7.83 -76.68 17.16
CA LEU B 119 -6.38 -76.59 17.19
C LEU B 119 -5.76 -75.47 16.36
N VAL B 120 -6.39 -75.12 15.24
CA VAL B 120 -5.85 -74.09 14.34
C VAL B 120 -6.58 -72.74 14.43
N ASP B 121 -7.81 -72.69 13.94
CA ASP B 121 -8.61 -71.47 13.93
C ASP B 121 -8.69 -70.74 15.26
N LEU B 122 -9.15 -71.41 16.32
CA LEU B 122 -9.27 -70.78 17.62
C LEU B 122 -7.93 -70.41 18.28
N ASP B 123 -6.91 -71.22 18.05
CA ASP B 123 -5.59 -70.93 18.62
C ASP B 123 -5.07 -69.66 17.94
N MET B 124 -5.22 -69.57 16.62
CA MET B 124 -4.77 -68.38 15.89
C MET B 124 -5.57 -67.15 16.30
N VAL B 125 -6.85 -67.36 16.59
CA VAL B 125 -7.72 -66.26 17.03
C VAL B 125 -7.22 -65.72 18.36
N LEU B 126 -6.89 -66.62 19.29
CA LEU B 126 -6.38 -66.24 20.60
C LEU B 126 -5.04 -65.53 20.48
N LYS B 127 -4.20 -66.05 19.59
CA LYS B 127 -2.88 -65.48 19.37
C LYS B 127 -2.94 -64.12 18.72
N CYS B 128 -3.89 -63.94 17.81
CA CYS B 128 -4.07 -62.66 17.11
C CYS B 128 -4.53 -61.54 18.05
N LEU B 129 -5.56 -61.83 18.86
CA LEU B 129 -6.08 -60.86 19.79
C LEU B 129 -5.09 -60.53 20.90
N ARG B 130 -4.32 -61.51 21.36
CA ARG B 130 -3.35 -61.25 22.42
C ARG B 130 -2.13 -60.51 21.89
N TYR B 131 -1.81 -60.74 20.62
CA TYR B 131 -0.68 -60.07 20.00
C TYR B 131 -0.97 -58.58 19.94
N TYR B 132 -2.10 -58.23 19.34
CA TYR B 132 -2.48 -56.84 19.20
C TYR B 132 -2.76 -56.17 20.53
N ALA B 133 -3.18 -56.97 21.50
CA ALA B 133 -3.43 -56.46 22.84
C ALA B 133 -2.16 -55.72 23.33
N GLY B 134 -1.00 -56.31 23.04
CA GLY B 134 0.27 -55.72 23.43
C GLY B 134 0.64 -54.47 22.65
N TRP B 135 0.04 -54.29 21.48
CA TRP B 135 0.31 -53.13 20.64
C TRP B 135 -0.43 -51.88 21.08
N ALA B 136 -1.55 -52.07 21.78
CA ALA B 136 -2.41 -50.96 22.22
C ALA B 136 -1.71 -49.69 22.69
N ASP B 137 -0.66 -49.82 23.48
CA ASP B 137 0.04 -48.67 23.98
C ASP B 137 1.48 -48.59 23.52
N LYS B 138 1.75 -49.07 22.31
CA LYS B 138 3.12 -49.06 21.81
C LYS B 138 3.32 -48.49 20.42
N TYR B 139 2.25 -48.09 19.74
CA TYR B 139 2.36 -47.52 18.41
C TYR B 139 2.63 -46.02 18.49
N HIS B 140 3.85 -45.69 18.90
CA HIS B 140 4.29 -44.31 19.09
C HIS B 140 4.24 -43.37 17.89
N GLY B 141 4.07 -42.09 18.17
CA GLY B 141 4.08 -41.07 17.14
C GLY B 141 5.52 -40.59 17.10
N LYS B 142 5.80 -39.47 16.43
CA LYS B 142 7.18 -38.99 16.35
C LYS B 142 7.38 -37.54 16.76
N THR B 143 8.58 -37.23 17.26
CA THR B 143 8.94 -35.85 17.59
C THR B 143 9.95 -35.58 16.48
N ILE B 144 9.62 -34.65 15.60
CA ILE B 144 10.43 -34.34 14.45
C ILE B 144 11.30 -33.08 14.54
N PRO B 145 12.59 -33.21 14.20
CA PRO B 145 13.56 -32.10 14.25
C PRO B 145 13.43 -31.23 12.99
N ILE B 146 12.27 -30.60 12.84
CA ILE B 146 11.97 -29.72 11.70
C ILE B 146 12.82 -28.45 11.72
N ASP B 147 12.97 -27.81 10.56
CA ASP B 147 13.74 -26.56 10.43
C ASP B 147 13.09 -25.38 11.13
N GLY B 148 13.92 -24.44 11.59
CA GLY B 148 13.41 -23.26 12.25
C GLY B 148 13.08 -23.43 13.71
N ASP B 149 12.60 -22.36 14.35
CA ASP B 149 12.24 -22.38 15.77
C ASP B 149 10.84 -22.95 16.00
N PHE B 150 10.72 -24.27 15.86
CA PHE B 150 9.45 -24.96 16.04
C PHE B 150 9.63 -26.32 16.71
N PHE B 151 8.55 -26.78 17.34
CA PHE B 151 8.49 -28.08 17.99
C PHE B 151 7.46 -28.82 17.18
N SER B 152 7.89 -29.80 16.40
CA SER B 152 6.95 -30.54 15.58
C SER B 152 6.88 -32.01 16.02
N TYR B 153 5.66 -32.52 16.15
CA TYR B 153 5.46 -33.89 16.57
C TYR B 153 4.19 -34.42 15.92
N THR B 154 4.06 -35.74 15.84
CA THR B 154 2.88 -36.36 15.24
C THR B 154 2.07 -37.15 16.26
N ARG B 155 0.76 -37.09 16.13
CA ARG B 155 -0.15 -37.82 16.99
C ARG B 155 -0.71 -38.97 16.16
N HIS B 156 -0.66 -40.18 16.70
CA HIS B 156 -1.21 -41.33 16.01
C HIS B 156 -2.61 -41.60 16.56
N GLU B 157 -3.60 -40.97 15.95
CA GLU B 157 -4.98 -41.09 16.37
C GLU B 157 -5.75 -42.20 15.65
N PRO B 158 -6.91 -42.58 16.19
CA PRO B 158 -7.71 -43.63 15.54
C PRO B 158 -8.28 -43.06 14.24
N VAL B 159 -8.38 -43.87 13.20
CA VAL B 159 -8.94 -43.42 11.93
C VAL B 159 -10.44 -43.07 12.05
N GLY B 160 -11.12 -43.66 13.03
CA GLY B 160 -12.53 -43.40 13.25
C GLY B 160 -13.46 -44.62 13.19
N VAL B 161 -14.63 -44.43 12.59
CA VAL B 161 -15.59 -45.52 12.44
C VAL B 161 -15.14 -46.39 11.27
N CYS B 162 -14.73 -47.60 11.61
CA CYS B 162 -14.24 -48.56 10.64
C CYS B 162 -15.25 -49.63 10.24
N GLY B 163 -15.55 -49.69 8.96
CA GLY B 163 -16.48 -50.67 8.44
C GLY B 163 -15.70 -51.88 8.00
N GLN B 164 -16.00 -53.04 8.55
CA GLN B 164 -15.26 -54.24 8.20
C GLN B 164 -16.15 -55.34 7.62
N ILE B 165 -15.82 -55.75 6.40
CA ILE B 165 -16.56 -56.80 5.69
C ILE B 165 -15.70 -58.06 5.54
N ILE B 166 -16.10 -59.13 6.22
CA ILE B 166 -15.33 -60.37 6.18
C ILE B 166 -16.02 -61.55 5.49
N PRO B 167 -15.22 -62.48 4.93
CA PRO B 167 -15.68 -63.68 4.23
C PRO B 167 -16.09 -64.82 5.14
N TRP B 168 -16.31 -65.99 4.55
CA TRP B 168 -16.77 -67.18 5.25
C TRP B 168 -15.76 -68.30 5.48
N ASN B 169 -14.65 -68.27 4.77
CA ASN B 169 -13.64 -69.32 4.90
C ASN B 169 -13.02 -69.48 6.30
N PHE B 170 -12.87 -68.37 7.02
CA PHE B 170 -12.31 -68.39 8.39
C PHE B 170 -13.09 -67.35 9.18
N PRO B 171 -14.36 -67.66 9.50
CA PRO B 171 -15.24 -66.76 10.24
C PRO B 171 -14.66 -66.12 11.50
N LEU B 172 -14.21 -66.94 12.46
CA LEU B 172 -13.65 -66.43 13.69
C LEU B 172 -12.31 -65.73 13.50
N LEU B 173 -11.42 -66.35 12.73
CA LEU B 173 -10.10 -65.79 12.47
C LEU B 173 -10.18 -64.46 11.74
N MET B 174 -11.04 -64.37 10.72
CA MET B 174 -11.16 -63.13 9.96
C MET B 174 -11.65 -62.01 10.86
N GLN B 175 -12.56 -62.34 11.78
CA GLN B 175 -13.09 -61.36 12.72
C GLN B 175 -11.98 -60.85 13.63
N ALA B 176 -11.13 -61.78 14.06
CA ALA B 176 -10.00 -61.45 14.94
C ALA B 176 -8.99 -60.57 14.23
N TRP B 177 -8.68 -60.92 12.98
CA TRP B 177 -7.73 -60.15 12.18
C TRP B 177 -8.19 -58.71 12.00
N LYS B 178 -9.49 -58.51 12.08
CA LYS B 178 -10.05 -57.17 11.90
C LYS B 178 -10.20 -56.41 13.21
N LEU B 179 -10.74 -57.07 14.23
CA LEU B 179 -10.94 -56.43 15.54
C LEU B 179 -9.64 -56.10 16.28
N GLY B 180 -8.72 -57.06 16.31
CA GLY B 180 -7.46 -56.89 17.01
C GLY B 180 -6.76 -55.57 16.76
N PRO B 181 -6.44 -55.22 15.49
CA PRO B 181 -5.77 -53.96 15.15
C PRO B 181 -6.64 -52.72 15.33
N ALA B 182 -7.90 -52.83 14.93
CA ALA B 182 -8.85 -51.73 15.04
C ALA B 182 -9.04 -51.28 16.49
N LEU B 183 -9.32 -52.23 17.38
CA LEU B 183 -9.54 -51.86 18.78
C LEU B 183 -8.25 -51.48 19.50
N ALA B 184 -7.14 -52.10 19.09
CA ALA B 184 -5.86 -51.82 19.73
C ALA B 184 -5.46 -50.36 19.50
N THR B 185 -5.90 -49.81 18.38
CA THR B 185 -5.63 -48.43 18.03
C THR B 185 -6.71 -47.45 18.46
N GLY B 186 -7.76 -47.94 19.10
CA GLY B 186 -8.82 -47.07 19.60
C GLY B 186 -9.96 -46.69 18.66
N ASN B 187 -10.14 -47.48 17.61
CA ASN B 187 -11.22 -47.22 16.65
C ASN B 187 -12.53 -47.86 17.09
N VAL B 188 -13.57 -47.64 16.29
CA VAL B 188 -14.90 -48.22 16.53
C VAL B 188 -15.23 -49.02 15.27
N VAL B 189 -15.90 -50.15 15.46
CA VAL B 189 -16.21 -51.07 14.36
C VAL B 189 -17.67 -51.37 14.03
N VAL B 190 -17.94 -51.44 12.73
CA VAL B 190 -19.25 -51.79 12.21
C VAL B 190 -18.94 -52.98 11.30
N MET B 191 -19.02 -54.18 11.84
CA MET B 191 -18.69 -55.39 11.10
C MET B 191 -19.86 -56.07 10.41
N LYS B 192 -19.60 -56.51 9.18
CA LYS B 192 -20.59 -57.20 8.37
C LYS B 192 -20.04 -58.59 8.02
N VAL B 193 -20.44 -59.59 8.81
CA VAL B 193 -19.99 -60.96 8.58
C VAL B 193 -20.68 -61.61 7.39
N ALA B 194 -20.13 -62.72 6.92
CA ALA B 194 -20.67 -63.45 5.78
C ALA B 194 -22.03 -64.10 6.11
N GLU B 195 -22.97 -64.01 5.16
CA GLU B 195 -24.28 -64.60 5.34
C GLU B 195 -24.22 -66.12 5.55
N GLN B 196 -23.16 -66.74 5.04
CA GLN B 196 -22.96 -68.18 5.16
C GLN B 196 -22.48 -68.59 6.54
N THR B 197 -21.73 -67.70 7.21
CA THR B 197 -21.19 -68.00 8.54
C THR B 197 -21.29 -66.83 9.54
N PRO B 198 -22.52 -66.51 10.00
CA PRO B 198 -22.72 -65.41 10.94
C PRO B 198 -22.74 -65.79 12.43
N LEU B 199 -23.04 -67.04 12.72
CA LEU B 199 -23.17 -67.51 14.09
C LEU B 199 -22.02 -67.28 15.07
N THR B 200 -20.83 -67.79 14.76
CA THR B 200 -19.69 -67.62 15.66
C THR B 200 -19.32 -66.17 15.97
N ALA B 201 -19.38 -65.32 14.95
CA ALA B 201 -19.05 -63.91 15.09
C ALA B 201 -19.97 -63.22 16.10
N LEU B 202 -21.26 -63.54 16.01
CA LEU B 202 -22.27 -62.98 16.89
C LEU B 202 -22.04 -63.40 18.33
N TYR B 203 -21.70 -64.67 18.55
CA TYR B 203 -21.44 -65.11 19.90
C TYR B 203 -20.27 -64.33 20.50
N VAL B 204 -19.26 -64.05 19.68
CA VAL B 204 -18.08 -63.30 20.12
C VAL B 204 -18.50 -61.90 20.59
N ALA B 205 -19.48 -61.32 19.90
CA ALA B 205 -20.00 -60.01 20.26
C ALA B 205 -20.50 -60.06 21.70
N ASN B 206 -21.10 -61.18 22.09
CA ASN B 206 -21.60 -61.38 23.43
C ASN B 206 -20.43 -61.35 24.41
N LEU B 207 -19.33 -61.95 24.00
CA LEU B 207 -18.11 -61.99 24.80
C LEU B 207 -17.45 -60.61 24.86
N ILE B 208 -17.61 -59.82 23.79
CA ILE B 208 -17.07 -58.48 23.73
C ILE B 208 -17.76 -57.61 24.78
N LYS B 209 -19.06 -57.81 24.92
CA LYS B 209 -19.85 -57.08 25.92
C LYS B 209 -19.40 -57.54 27.31
N GLU B 210 -19.29 -58.85 27.48
CA GLU B 210 -18.88 -59.42 28.76
C GLU B 210 -17.47 -58.98 29.15
N ALA B 211 -16.61 -58.75 28.16
CA ALA B 211 -15.23 -58.32 28.39
C ALA B 211 -15.16 -56.93 29.01
N GLY B 212 -16.20 -56.12 28.77
CA GLY B 212 -16.21 -54.78 29.31
C GLY B 212 -16.09 -53.67 28.28
N PHE B 213 -16.17 -54.02 27.01
CA PHE B 213 -16.07 -53.03 25.94
C PHE B 213 -17.27 -52.10 25.95
N PRO B 214 -17.01 -50.79 25.89
CA PRO B 214 -18.08 -49.79 25.91
C PRO B 214 -19.05 -49.99 24.75
N PRO B 215 -20.33 -49.63 24.96
CA PRO B 215 -21.39 -49.75 23.96
C PRO B 215 -21.05 -48.96 22.70
N GLY B 216 -21.29 -49.55 21.53
CA GLY B 216 -21.01 -48.87 20.27
C GLY B 216 -19.63 -49.09 19.72
N VAL B 217 -18.71 -49.56 20.57
CA VAL B 217 -17.33 -49.80 20.16
C VAL B 217 -17.27 -50.85 19.03
N VAL B 218 -18.01 -51.94 19.22
CA VAL B 218 -18.08 -53.01 18.24
C VAL B 218 -19.53 -53.27 17.91
N ASN B 219 -19.87 -53.16 16.63
CA ASN B 219 -21.24 -53.40 16.17
C ASN B 219 -21.20 -54.41 15.03
N ILE B 220 -21.96 -55.49 15.16
CA ILE B 220 -22.00 -56.52 14.13
C ILE B 220 -23.37 -56.57 13.45
N VAL B 221 -23.37 -56.41 12.13
CA VAL B 221 -24.60 -56.43 11.35
C VAL B 221 -24.61 -57.57 10.31
N PRO B 222 -25.22 -58.72 10.67
CA PRO B 222 -25.31 -59.88 9.77
C PRO B 222 -26.27 -59.57 8.62
N GLY B 223 -25.99 -60.11 7.45
CA GLY B 223 -26.85 -59.86 6.30
C GLY B 223 -26.15 -60.15 4.98
N PHE B 224 -26.78 -59.74 3.88
CA PHE B 224 -26.22 -59.96 2.55
C PHE B 224 -25.23 -58.87 2.15
N GLY B 225 -24.47 -59.14 1.10
CA GLY B 225 -23.48 -58.18 0.62
C GLY B 225 -24.00 -56.94 -0.06
N PRO B 226 -24.76 -57.08 -1.16
CA PRO B 226 -25.32 -55.95 -1.91
C PRO B 226 -26.18 -55.01 -1.07
N THR B 227 -26.67 -55.50 0.07
CA THR B 227 -27.50 -54.69 0.95
C THR B 227 -26.70 -54.10 2.11
N ALA B 228 -26.39 -54.93 3.11
CA ALA B 228 -25.65 -54.49 4.29
C ALA B 228 -24.20 -54.09 3.98
N GLY B 229 -23.51 -54.93 3.22
CA GLY B 229 -22.13 -54.65 2.87
C GLY B 229 -21.97 -53.37 2.06
N ALA B 230 -22.82 -53.20 1.05
CA ALA B 230 -22.75 -52.01 0.20
C ALA B 230 -23.13 -50.76 0.97
N ALA B 231 -23.99 -50.93 1.98
CA ALA B 231 -24.44 -49.81 2.81
C ALA B 231 -23.27 -49.25 3.61
N ILE B 232 -22.40 -50.14 4.07
CA ILE B 232 -21.21 -49.75 4.83
C ILE B 232 -20.17 -49.07 3.92
N ALA B 233 -19.90 -49.68 2.76
CA ALA B 233 -18.94 -49.15 1.81
C ALA B 233 -19.30 -47.76 1.27
N SER B 234 -20.59 -47.50 1.07
CA SER B 234 -21.03 -46.21 0.55
C SER B 234 -21.47 -45.20 1.60
N HIS B 235 -21.48 -45.62 2.86
CA HIS B 235 -21.93 -44.74 3.93
C HIS B 235 -21.13 -43.45 4.03
N GLU B 236 -21.82 -42.35 4.30
CA GLU B 236 -21.18 -41.04 4.38
C GLU B 236 -20.45 -40.75 5.68
N ASP B 237 -20.70 -41.56 6.71
CA ASP B 237 -20.05 -41.35 7.99
C ASP B 237 -19.04 -42.44 8.38
N VAL B 238 -18.75 -43.36 7.46
CA VAL B 238 -17.75 -44.40 7.72
C VAL B 238 -16.41 -43.85 7.25
N ASP B 239 -15.45 -43.79 8.16
CA ASP B 239 -14.13 -43.26 7.82
C ASP B 239 -13.19 -44.20 7.08
N LYS B 240 -13.30 -45.49 7.38
CA LYS B 240 -12.41 -46.47 6.76
C LYS B 240 -13.12 -47.79 6.56
N VAL B 241 -12.77 -48.48 5.48
CA VAL B 241 -13.36 -49.77 5.19
C VAL B 241 -12.30 -50.82 4.85
N ALA B 242 -12.38 -51.95 5.55
CA ALA B 242 -11.48 -53.06 5.32
C ALA B 242 -12.33 -54.20 4.77
N PHE B 243 -11.90 -54.77 3.65
CA PHE B 243 -12.62 -55.84 3.00
C PHE B 243 -11.75 -57.05 2.68
N THR B 244 -12.34 -58.24 2.75
CA THR B 244 -11.66 -59.48 2.43
C THR B 244 -12.65 -60.36 1.70
N GLY B 245 -12.32 -60.71 0.46
CA GLY B 245 -13.21 -61.55 -0.34
C GLY B 245 -12.79 -61.65 -1.79
N SER B 246 -13.77 -61.64 -2.69
CA SER B 246 -13.49 -61.73 -4.13
C SER B 246 -12.92 -60.45 -4.70
N THR B 247 -12.22 -60.58 -5.82
CA THR B 247 -11.63 -59.45 -6.53
C THR B 247 -12.74 -58.58 -7.12
N GLU B 248 -13.82 -59.24 -7.53
CA GLU B 248 -14.97 -58.58 -8.12
C GLU B 248 -15.59 -57.57 -7.14
N ILE B 249 -15.90 -58.02 -5.93
CA ILE B 249 -16.49 -57.14 -4.93
C ILE B 249 -15.48 -56.10 -4.43
N GLY B 250 -14.20 -56.45 -4.48
CA GLY B 250 -13.16 -55.54 -4.07
C GLY B 250 -13.24 -54.28 -4.92
N ARG B 251 -13.48 -54.46 -6.23
CA ARG B 251 -13.60 -53.34 -7.15
C ARG B 251 -14.81 -52.49 -6.76
N VAL B 252 -15.92 -53.17 -6.46
CA VAL B 252 -17.15 -52.51 -6.05
C VAL B 252 -16.93 -51.67 -4.80
N ILE B 253 -16.22 -52.24 -3.81
CA ILE B 253 -15.95 -51.54 -2.55
C ILE B 253 -15.11 -50.27 -2.76
N GLN B 254 -14.06 -50.38 -3.59
CA GLN B 254 -13.16 -49.28 -3.89
C GLN B 254 -13.90 -48.15 -4.63
N VAL B 255 -14.76 -48.52 -5.57
CA VAL B 255 -15.53 -47.54 -6.32
C VAL B 255 -16.56 -46.89 -5.41
N ALA B 256 -17.19 -47.69 -4.54
CA ALA B 256 -18.18 -47.18 -3.60
C ALA B 256 -17.57 -46.17 -2.64
N ALA B 257 -16.32 -46.42 -2.26
CA ALA B 257 -15.59 -45.53 -1.36
C ALA B 257 -15.24 -44.21 -2.04
N GLY B 258 -14.88 -44.28 -3.32
CA GLY B 258 -14.53 -43.09 -4.07
C GLY B 258 -15.76 -42.28 -4.43
N SER B 259 -16.90 -42.96 -4.57
CA SER B 259 -18.14 -42.31 -4.93
C SER B 259 -18.84 -41.66 -3.73
N SER B 260 -18.52 -42.14 -2.53
CA SER B 260 -19.15 -41.62 -1.33
C SER B 260 -18.36 -40.51 -0.64
N ASN B 261 -17.71 -40.83 0.49
CA ASN B 261 -16.94 -39.85 1.24
C ASN B 261 -15.43 -40.00 1.15
N LEU B 262 -14.96 -40.75 0.14
CA LEU B 262 -13.52 -40.97 -0.05
C LEU B 262 -12.86 -41.61 1.19
N LYS B 263 -13.56 -42.55 1.80
CA LYS B 263 -13.05 -43.25 2.97
C LYS B 263 -11.81 -44.09 2.61
N ARG B 264 -10.89 -44.25 3.56
CA ARG B 264 -9.67 -45.03 3.34
C ARG B 264 -10.04 -46.50 3.10
N VAL B 265 -9.38 -47.13 2.14
CA VAL B 265 -9.68 -48.53 1.81
C VAL B 265 -8.47 -49.47 1.75
N THR B 266 -8.65 -50.67 2.29
CA THR B 266 -7.62 -51.71 2.26
C THR B 266 -8.34 -53.01 1.86
N LEU B 267 -7.74 -53.75 0.93
CA LEU B 267 -8.35 -54.98 0.44
C LEU B 267 -7.48 -56.23 0.56
N GLU B 268 -8.15 -57.36 0.73
CA GLU B 268 -7.47 -58.65 0.83
C GLU B 268 -8.35 -59.53 -0.06
N LEU B 269 -7.93 -59.69 -1.31
CA LEU B 269 -8.65 -60.46 -2.31
C LEU B 269 -8.14 -61.88 -2.48
N GLY B 270 -8.50 -62.50 -3.60
CA GLY B 270 -8.07 -63.87 -3.85
C GLY B 270 -6.63 -64.01 -4.33
N GLY B 271 -6.38 -65.14 -5.00
CA GLY B 271 -5.05 -65.41 -5.53
C GLY B 271 -4.93 -66.71 -6.29
N LYS B 272 -3.80 -66.88 -6.96
CA LYS B 272 -3.49 -68.08 -7.71
C LYS B 272 -2.02 -68.37 -7.40
N SER B 273 -1.74 -68.43 -6.11
CA SER B 273 -0.41 -68.63 -5.54
C SER B 273 0.36 -69.81 -6.09
N PRO B 274 1.58 -69.56 -6.58
CA PRO B 274 2.48 -70.57 -7.14
C PRO B 274 3.36 -71.22 -6.05
N ASN B 275 3.46 -72.55 -6.12
CA ASN B 275 4.26 -73.31 -5.18
C ASN B 275 5.32 -74.03 -6.01
N ILE B 276 6.52 -73.45 -6.03
CA ILE B 276 7.64 -73.98 -6.83
C ILE B 276 8.50 -75.02 -6.11
N ILE B 277 8.54 -76.23 -6.66
CA ILE B 277 9.32 -77.33 -6.09
C ILE B 277 10.53 -77.58 -6.96
N MET B 278 11.72 -77.24 -6.48
CA MET B 278 12.96 -77.44 -7.22
C MET B 278 13.39 -78.90 -7.15
N SER B 279 14.24 -79.33 -8.07
CA SER B 279 14.70 -80.72 -8.08
C SER B 279 15.49 -81.14 -6.85
N ASP B 280 16.08 -80.19 -6.12
CA ASP B 280 16.85 -80.53 -4.94
C ASP B 280 16.06 -80.52 -3.63
N ALA B 281 14.75 -80.32 -3.73
CA ALA B 281 13.87 -80.28 -2.57
C ALA B 281 13.76 -81.64 -1.89
N ASP B 282 13.32 -81.63 -0.63
CA ASP B 282 13.09 -82.88 0.10
C ASP B 282 11.73 -83.38 -0.40
N MET B 283 11.80 -84.48 -1.17
CA MET B 283 10.63 -85.10 -1.76
C MET B 283 9.45 -85.27 -0.79
N ASP B 284 9.67 -86.07 0.26
CA ASP B 284 8.62 -86.32 1.26
C ASP B 284 7.98 -85.03 1.80
N TRP B 285 8.81 -84.11 2.23
CA TRP B 285 8.34 -82.83 2.79
C TRP B 285 7.59 -82.01 1.74
N ALA B 286 8.20 -81.81 0.58
CA ALA B 286 7.59 -81.03 -0.48
C ALA B 286 6.21 -81.56 -0.85
N VAL B 287 6.08 -82.88 -1.00
CA VAL B 287 4.81 -83.51 -1.33
C VAL B 287 3.72 -83.27 -0.26
N GLU B 288 4.07 -83.47 1.00
CA GLU B 288 3.12 -83.28 2.09
C GLU B 288 2.74 -81.82 2.20
N GLN B 289 3.73 -80.94 2.07
CA GLN B 289 3.47 -79.51 2.17
C GLN B 289 2.67 -78.97 0.99
N ALA B 290 2.91 -79.52 -0.21
CA ALA B 290 2.18 -79.09 -1.40
C ALA B 290 0.72 -79.52 -1.25
N HIS B 291 0.51 -80.72 -0.71
CA HIS B 291 -0.84 -81.22 -0.49
C HIS B 291 -1.59 -80.27 0.45
N PHE B 292 -0.94 -79.95 1.57
CA PHE B 292 -1.49 -79.05 2.58
C PHE B 292 -1.73 -77.67 1.97
N ALA B 293 -0.76 -77.21 1.19
CA ALA B 293 -0.80 -75.91 0.54
C ALA B 293 -2.07 -75.64 -0.24
N LEU B 294 -2.62 -76.69 -0.82
CA LEU B 294 -3.84 -76.58 -1.62
C LEU B 294 -5.10 -77.07 -0.93
N PHE B 295 -5.05 -78.26 -0.34
CA PHE B 295 -6.21 -78.86 0.30
C PHE B 295 -6.66 -78.28 1.65
N PHE B 296 -5.84 -77.44 2.27
CA PHE B 296 -6.18 -76.85 3.56
C PHE B 296 -7.53 -76.13 3.53
N ASN B 297 -8.32 -76.32 4.60
CA ASN B 297 -9.64 -75.70 4.76
C ASN B 297 -10.53 -75.93 3.52
N GLN B 298 -10.59 -77.18 3.05
CA GLN B 298 -11.39 -77.53 1.87
C GLN B 298 -10.94 -76.72 0.64
N GLY B 299 -9.65 -76.37 0.60
CA GLY B 299 -9.11 -75.61 -0.51
C GLY B 299 -9.63 -74.17 -0.54
N GLN B 300 -10.39 -73.80 0.48
CA GLN B 300 -10.98 -72.47 0.61
C GLN B 300 -10.07 -71.50 1.34
N CYS B 301 -8.87 -71.31 0.81
CA CYS B 301 -7.88 -70.42 1.40
C CYS B 301 -7.41 -69.43 0.33
N CYS B 302 -7.37 -68.16 0.70
CA CYS B 302 -6.96 -67.09 -0.21
C CYS B 302 -5.56 -67.31 -0.79
N CYS B 303 -4.65 -67.80 0.03
CA CYS B 303 -3.26 -68.02 -0.38
C CYS B 303 -2.98 -69.46 -0.77
N ALA B 304 -4.03 -70.22 -1.06
CA ALA B 304 -3.89 -71.62 -1.47
C ALA B 304 -2.91 -71.76 -2.64
N GLY B 305 -2.04 -72.77 -2.54
CA GLY B 305 -1.06 -73.01 -3.60
C GLY B 305 -1.72 -73.70 -4.77
N SER B 306 -2.52 -72.96 -5.52
CA SER B 306 -3.26 -73.50 -6.66
C SER B 306 -2.48 -73.74 -7.97
N ARG B 307 -1.18 -73.52 -7.92
CA ARG B 307 -0.29 -73.72 -9.08
C ARG B 307 1.01 -74.36 -8.60
N THR B 308 0.99 -75.68 -8.56
CA THR B 308 2.14 -76.47 -8.12
C THR B 308 3.15 -76.68 -9.24
N PHE B 309 4.21 -75.87 -9.24
CA PHE B 309 5.25 -75.97 -10.24
C PHE B 309 6.28 -76.98 -9.76
N VAL B 310 6.55 -78.01 -10.58
CA VAL B 310 7.50 -79.07 -10.23
C VAL B 310 8.50 -79.26 -11.35
N GLN B 311 9.79 -79.26 -10.99
CA GLN B 311 10.88 -79.43 -11.96
C GLN B 311 10.78 -80.81 -12.62
N GLU B 312 11.00 -80.85 -13.93
CA GLU B 312 10.88 -82.08 -14.71
C GLU B 312 11.59 -83.33 -14.21
N ASP B 313 12.81 -83.18 -13.70
CA ASP B 313 13.55 -84.34 -13.19
C ASP B 313 12.87 -85.09 -12.08
N ILE B 314 12.03 -84.41 -11.30
CA ILE B 314 11.31 -85.05 -10.19
C ILE B 314 9.80 -85.01 -10.35
N TYR B 315 9.34 -84.46 -11.46
CA TYR B 315 7.91 -84.33 -11.75
C TYR B 315 7.12 -85.64 -11.62
N ASP B 316 7.53 -86.67 -12.35
CA ASP B 316 6.85 -87.97 -12.31
C ASP B 316 6.66 -88.55 -10.91
N GLU B 317 7.74 -88.59 -10.12
CA GLU B 317 7.67 -89.14 -8.77
C GLU B 317 6.80 -88.28 -7.85
N PHE B 318 6.93 -86.96 -8.00
CA PHE B 318 6.16 -86.01 -7.21
C PHE B 318 4.65 -86.19 -7.44
N VAL B 319 4.27 -86.28 -8.72
CA VAL B 319 2.87 -86.45 -9.09
C VAL B 319 2.32 -87.76 -8.54
N GLU B 320 3.10 -88.82 -8.66
CA GLU B 320 2.70 -90.13 -8.18
C GLU B 320 2.43 -90.11 -6.67
N ARG B 321 3.32 -89.48 -5.92
CA ARG B 321 3.15 -89.39 -4.47
C ARG B 321 1.98 -88.50 -4.09
N SER B 322 1.80 -87.42 -4.84
CA SER B 322 0.71 -86.48 -4.60
C SER B 322 -0.65 -87.15 -4.81
N VAL B 323 -0.75 -87.94 -5.88
CA VAL B 323 -1.98 -88.62 -6.19
C VAL B 323 -2.35 -89.57 -5.06
N ALA B 324 -1.37 -90.35 -4.60
CA ALA B 324 -1.61 -91.29 -3.51
C ALA B 324 -2.09 -90.58 -2.25
N ARG B 325 -1.48 -89.43 -1.96
CA ARG B 325 -1.83 -88.62 -0.79
C ARG B 325 -3.25 -88.07 -0.90
N ALA B 326 -3.60 -87.59 -2.09
CA ALA B 326 -4.93 -87.05 -2.32
C ALA B 326 -5.97 -88.15 -2.17
N LYS B 327 -5.69 -89.33 -2.71
CA LYS B 327 -6.62 -90.46 -2.61
C LYS B 327 -6.85 -90.95 -1.17
N SER B 328 -5.83 -90.80 -0.32
CA SER B 328 -5.93 -91.21 1.07
C SER B 328 -6.55 -90.15 1.96
N ARG B 329 -6.76 -88.95 1.42
CA ARG B 329 -7.36 -87.86 2.19
C ARG B 329 -8.79 -88.21 2.57
N VAL B 330 -9.01 -88.43 3.87
CA VAL B 330 -10.31 -88.79 4.40
C VAL B 330 -11.34 -87.66 4.34
N VAL B 331 -12.45 -87.92 3.65
CA VAL B 331 -13.54 -86.95 3.49
C VAL B 331 -14.77 -87.48 4.23
N GLY B 332 -15.47 -86.58 4.94
CA GLY B 332 -16.65 -87.00 5.66
C GLY B 332 -17.10 -86.05 6.76
N ASN B 333 -17.85 -86.56 7.73
CA ASN B 333 -18.36 -85.79 8.85
C ASN B 333 -17.22 -85.03 9.55
N PRO B 334 -17.27 -83.69 9.51
CA PRO B 334 -16.26 -82.82 10.12
C PRO B 334 -16.10 -83.03 11.62
N PHE B 335 -17.10 -83.60 12.26
CA PHE B 335 -17.04 -83.87 13.69
C PHE B 335 -16.32 -85.17 14.03
N ASP B 336 -16.02 -85.98 13.02
CA ASP B 336 -15.30 -87.24 13.24
C ASP B 336 -13.80 -86.94 13.24
N SER B 337 -13.12 -87.39 14.28
CA SER B 337 -11.68 -87.15 14.44
C SER B 337 -10.79 -87.60 13.28
N LYS B 338 -11.29 -88.55 12.48
CA LYS B 338 -10.52 -89.06 11.35
C LYS B 338 -10.69 -88.25 10.08
N THR B 339 -11.68 -87.37 10.05
CA THR B 339 -11.94 -86.55 8.87
C THR B 339 -10.89 -85.46 8.64
N GLU B 340 -10.33 -85.44 7.44
CA GLU B 340 -9.33 -84.47 7.07
C GLU B 340 -9.98 -83.33 6.30
N GLN B 341 -10.97 -83.68 5.50
CA GLN B 341 -11.67 -82.71 4.66
C GLN B 341 -13.18 -82.72 4.84
N GLY B 342 -13.74 -81.57 5.24
CA GLY B 342 -15.18 -81.45 5.42
C GLY B 342 -15.83 -81.04 4.12
N PRO B 343 -17.09 -80.52 4.17
CA PRO B 343 -17.79 -80.09 2.96
C PRO B 343 -17.43 -78.67 2.58
N GLN B 344 -17.86 -78.24 1.40
CA GLN B 344 -17.61 -76.86 0.95
C GLN B 344 -18.63 -76.01 1.69
N VAL B 345 -18.39 -74.71 1.79
CA VAL B 345 -19.25 -73.81 2.54
C VAL B 345 -20.74 -73.79 2.17
N ASP B 346 -21.04 -73.84 0.87
CA ASP B 346 -22.43 -73.82 0.44
C ASP B 346 -22.64 -74.41 -0.96
N GLU B 347 -23.89 -74.41 -1.41
CA GLU B 347 -24.25 -74.96 -2.71
C GLU B 347 -23.64 -74.18 -3.87
N THR B 348 -23.61 -72.86 -3.74
CA THR B 348 -23.05 -71.99 -4.77
C THR B 348 -21.60 -72.38 -5.07
N GLN B 349 -20.79 -72.47 -4.03
CA GLN B 349 -19.38 -72.85 -4.17
C GLN B 349 -19.26 -74.27 -4.69
N PHE B 350 -20.12 -75.15 -4.15
CA PHE B 350 -20.15 -76.55 -4.53
C PHE B 350 -20.27 -76.69 -6.04
N LYS B 351 -21.25 -75.98 -6.61
CA LYS B 351 -21.48 -76.01 -8.04
C LYS B 351 -20.37 -75.32 -8.83
N LYS B 352 -19.81 -74.26 -8.26
CA LYS B 352 -18.75 -73.50 -8.91
C LYS B 352 -17.50 -74.34 -9.10
N ILE B 353 -17.14 -75.08 -8.06
CA ILE B 353 -15.98 -75.96 -8.09
C ILE B 353 -16.20 -77.08 -9.09
N LEU B 354 -17.38 -77.69 -9.06
CA LEU B 354 -17.72 -78.77 -9.98
C LEU B 354 -17.63 -78.29 -11.40
N GLY B 355 -17.94 -77.00 -11.60
CA GLY B 355 -17.87 -76.40 -12.92
C GLY B 355 -16.44 -76.28 -13.37
N TYR B 356 -15.56 -75.82 -12.48
CA TYR B 356 -14.13 -75.68 -12.80
C TYR B 356 -13.52 -77.04 -13.14
N ILE B 357 -13.89 -78.07 -12.38
CA ILE B 357 -13.39 -79.42 -12.63
C ILE B 357 -13.76 -79.83 -14.05
N ASN B 358 -14.99 -79.52 -14.45
CA ASN B 358 -15.48 -79.84 -15.79
C ASN B 358 -14.65 -79.09 -16.83
N THR B 359 -14.35 -77.83 -16.54
CA THR B 359 -13.55 -76.99 -17.42
C THR B 359 -12.15 -77.57 -17.55
N GLY B 360 -11.62 -78.11 -16.46
CA GLY B 360 -10.30 -78.70 -16.47
C GLY B 360 -10.23 -79.90 -17.40
N LYS B 361 -11.28 -80.71 -17.39
CA LYS B 361 -11.35 -81.88 -18.25
C LYS B 361 -11.49 -81.45 -19.71
N GLN B 362 -12.36 -80.48 -19.96
CA GLN B 362 -12.61 -79.96 -21.30
C GLN B 362 -11.37 -79.37 -21.97
N GLU B 363 -10.55 -78.67 -21.19
CA GLU B 363 -9.36 -78.02 -21.72
C GLU B 363 -8.09 -78.85 -21.89
N GLY B 364 -8.19 -80.15 -21.63
CA GLY B 364 -7.04 -81.02 -21.79
C GLY B 364 -6.19 -81.34 -20.58
N ALA B 365 -6.59 -80.89 -19.40
CA ALA B 365 -5.82 -81.21 -18.20
C ALA B 365 -6.04 -82.68 -17.86
N LYS B 366 -4.98 -83.35 -17.46
CA LYS B 366 -5.04 -84.77 -17.12
C LYS B 366 -5.59 -85.03 -15.72
N LEU B 367 -6.79 -85.59 -15.65
CA LEU B 367 -7.42 -85.89 -14.37
C LEU B 367 -6.73 -87.13 -13.83
N LEU B 368 -6.07 -86.99 -12.68
CA LEU B 368 -5.36 -88.10 -12.06
C LEU B 368 -6.15 -88.80 -10.96
N CYS B 369 -7.05 -88.08 -10.31
CA CYS B 369 -7.89 -88.67 -9.26
C CYS B 369 -9.07 -87.77 -8.90
N GLY B 370 -10.10 -88.37 -8.30
CA GLY B 370 -11.28 -87.64 -7.91
C GLY B 370 -12.01 -87.04 -9.10
N GLY B 371 -12.56 -85.84 -8.90
CA GLY B 371 -13.27 -85.16 -9.97
C GLY B 371 -14.78 -85.12 -9.86
N GLY B 372 -15.32 -85.65 -8.76
CA GLY B 372 -16.75 -85.65 -8.59
C GLY B 372 -17.21 -85.50 -7.15
N ILE B 373 -18.51 -85.63 -6.95
CA ILE B 373 -19.12 -85.51 -5.63
C ILE B 373 -18.65 -86.67 -4.74
N ALA B 374 -18.33 -86.36 -3.49
CA ALA B 374 -17.83 -87.35 -2.56
C ALA B 374 -18.90 -87.97 -1.68
N ALA B 375 -20.10 -87.39 -1.69
CA ALA B 375 -21.19 -87.91 -0.87
C ALA B 375 -22.55 -87.54 -1.43
N ASP B 376 -23.57 -88.32 -1.05
CA ASP B 376 -24.92 -88.07 -1.53
C ASP B 376 -25.59 -86.92 -0.77
N ARG B 377 -25.23 -86.74 0.49
CA ARG B 377 -25.80 -85.67 1.31
C ARG B 377 -24.69 -84.69 1.68
N GLY B 378 -24.98 -83.40 1.60
CA GLY B 378 -23.99 -82.39 1.92
C GLY B 378 -23.28 -81.86 0.69
N TYR B 379 -22.32 -80.97 0.90
CA TYR B 379 -21.58 -80.38 -0.20
C TYR B 379 -20.13 -80.87 -0.20
N PHE B 380 -19.97 -82.18 -0.26
CA PHE B 380 -18.65 -82.81 -0.28
C PHE B 380 -18.13 -83.07 -1.69
N ILE B 381 -16.85 -82.77 -1.91
CA ILE B 381 -16.20 -82.98 -3.20
C ILE B 381 -14.94 -83.79 -3.01
N GLN B 382 -14.69 -84.73 -3.93
CA GLN B 382 -13.50 -85.59 -3.87
C GLN B 382 -12.23 -84.80 -4.14
N PRO B 383 -11.13 -85.13 -3.43
CA PRO B 383 -9.83 -84.47 -3.59
C PRO B 383 -9.40 -84.72 -5.01
N THR B 384 -9.40 -83.68 -5.82
CA THR B 384 -9.05 -83.78 -7.22
C THR B 384 -7.67 -83.24 -7.54
N VAL B 385 -6.98 -83.94 -8.44
CA VAL B 385 -5.65 -83.53 -8.87
C VAL B 385 -5.54 -83.57 -10.39
N PHE B 386 -5.14 -82.43 -10.97
CA PHE B 386 -4.97 -82.31 -12.41
C PHE B 386 -3.48 -82.23 -12.72
N GLY B 387 -3.03 -83.08 -13.64
CA GLY B 387 -1.64 -83.11 -14.04
C GLY B 387 -1.43 -82.53 -15.42
N ASP B 388 -0.18 -82.20 -15.75
CA ASP B 388 0.18 -81.62 -17.05
C ASP B 388 -0.65 -80.41 -17.40
N VAL B 389 -0.81 -79.54 -16.40
CA VAL B 389 -1.58 -78.32 -16.55
C VAL B 389 -0.72 -77.27 -17.24
N GLN B 390 -1.33 -76.51 -18.15
CA GLN B 390 -0.62 -75.47 -18.89
C GLN B 390 -1.06 -74.09 -18.40
N ASP B 391 -0.14 -73.13 -18.48
CA ASP B 391 -0.39 -71.77 -18.01
C ASP B 391 -1.67 -71.13 -18.57
N GLY B 392 -2.00 -71.46 -19.81
CA GLY B 392 -3.18 -70.90 -20.46
C GLY B 392 -4.51 -71.53 -20.08
N MET B 393 -4.49 -72.65 -19.36
CA MET B 393 -5.72 -73.29 -18.93
C MET B 393 -6.43 -72.48 -17.85
N THR B 394 -7.76 -72.51 -17.90
CA THR B 394 -8.60 -71.79 -16.95
C THR B 394 -8.30 -72.18 -15.50
N ILE B 395 -8.14 -73.48 -15.23
CA ILE B 395 -7.85 -73.94 -13.87
C ILE B 395 -6.46 -73.47 -13.38
N ALA B 396 -5.65 -72.99 -14.32
CA ALA B 396 -4.34 -72.48 -14.01
C ALA B 396 -4.34 -70.96 -13.85
N LYS B 397 -5.47 -70.32 -14.14
CA LYS B 397 -5.57 -68.87 -14.03
C LYS B 397 -6.56 -68.36 -13.01
N GLU B 398 -7.73 -69.01 -12.94
CA GLU B 398 -8.76 -68.58 -12.01
C GLU B 398 -8.77 -69.33 -10.70
N GLU B 399 -9.08 -68.60 -9.62
CA GLU B 399 -9.15 -69.15 -8.26
C GLU B 399 -10.37 -70.08 -8.14
N ILE B 400 -10.09 -71.36 -7.91
CA ILE B 400 -11.12 -72.38 -7.80
C ILE B 400 -11.74 -72.41 -6.42
N PHE B 401 -10.92 -72.20 -5.40
CA PHE B 401 -11.37 -72.17 -4.01
C PHE B 401 -12.00 -73.49 -3.58
N GLY B 402 -11.39 -74.58 -4.03
CA GLY B 402 -11.88 -75.91 -3.69
C GLY B 402 -10.76 -76.92 -3.69
N PRO B 403 -11.07 -78.19 -3.40
CA PRO B 403 -10.10 -79.29 -3.36
C PRO B 403 -9.64 -79.78 -4.75
N VAL B 404 -9.17 -78.83 -5.57
CA VAL B 404 -8.69 -79.13 -6.92
C VAL B 404 -7.24 -78.67 -7.07
N MET B 405 -6.33 -79.63 -7.23
CA MET B 405 -4.90 -79.37 -7.35
C MET B 405 -4.41 -79.33 -8.80
N GLN B 406 -3.58 -78.35 -9.12
CA GLN B 406 -3.01 -78.21 -10.46
C GLN B 406 -1.49 -78.42 -10.41
N ILE B 407 -1.00 -79.42 -11.13
CA ILE B 407 0.44 -79.67 -11.17
C ILE B 407 1.02 -79.35 -12.56
N LEU B 408 1.96 -78.42 -12.58
CA LEU B 408 2.60 -77.96 -13.81
C LEU B 408 4.09 -78.28 -13.77
N LYS B 409 4.65 -78.62 -14.92
CA LYS B 409 6.05 -78.99 -15.05
C LYS B 409 6.87 -77.84 -15.61
N PHE B 410 8.10 -77.69 -15.12
CA PHE B 410 8.99 -76.62 -15.57
C PHE B 410 10.41 -77.14 -15.68
N LYS B 411 11.27 -76.38 -16.36
CA LYS B 411 12.65 -76.80 -16.53
C LYS B 411 13.67 -75.96 -15.75
N THR B 412 13.77 -74.68 -16.09
CA THR B 412 14.75 -73.81 -15.44
C THR B 412 14.15 -72.84 -14.43
N ILE B 413 15.00 -72.36 -13.52
CA ILE B 413 14.57 -71.44 -12.47
C ILE B 413 14.17 -70.08 -13.04
N GLU B 414 14.82 -69.67 -14.12
CA GLU B 414 14.50 -68.40 -14.78
C GLU B 414 13.10 -68.51 -15.35
N GLU B 415 12.79 -69.68 -15.90
CA GLU B 415 11.50 -69.96 -16.51
C GLU B 415 10.36 -69.90 -15.50
N VAL B 416 10.53 -70.63 -14.39
CA VAL B 416 9.50 -70.71 -13.36
C VAL B 416 9.20 -69.37 -12.72
N VAL B 417 10.21 -68.50 -12.64
CA VAL B 417 10.03 -67.15 -12.08
C VAL B 417 9.06 -66.36 -12.97
N GLY B 418 9.33 -66.37 -14.28
CA GLY B 418 8.48 -65.67 -15.22
C GLY B 418 7.05 -66.21 -15.26
N ARG B 419 6.92 -67.53 -15.26
CA ARG B 419 5.61 -68.17 -15.30
C ARG B 419 4.82 -67.92 -14.02
N ALA B 420 5.52 -67.97 -12.90
CA ALA B 420 4.91 -67.75 -11.59
C ALA B 420 4.40 -66.33 -11.45
N ASN B 421 5.17 -65.37 -11.94
CA ASN B 421 4.81 -63.96 -11.89
C ASN B 421 3.84 -63.53 -12.97
N ASN B 422 3.58 -64.40 -13.92
CA ASN B 422 2.66 -64.11 -15.02
C ASN B 422 1.23 -64.33 -14.53
N SER B 423 0.72 -63.39 -13.74
CA SER B 423 -0.61 -63.46 -13.17
C SER B 423 -1.04 -62.11 -12.63
N THR B 424 -2.35 -61.87 -12.61
CA THR B 424 -2.88 -60.61 -12.07
C THR B 424 -2.92 -60.69 -10.55
N TYR B 425 -2.72 -61.91 -10.02
CA TYR B 425 -2.69 -62.15 -8.59
C TYR B 425 -1.25 -62.11 -8.08
N GLY B 426 -1.11 -61.95 -6.75
CA GLY B 426 0.21 -61.89 -6.13
C GLY B 426 0.07 -61.90 -4.62
N LEU B 427 -0.78 -62.81 -4.12
CA LEU B 427 -1.01 -62.94 -2.69
C LEU B 427 0.17 -63.58 -1.97
N ALA B 428 0.56 -64.76 -2.45
CA ALA B 428 1.65 -65.51 -1.85
C ALA B 428 2.34 -66.42 -2.86
N ALA B 429 3.40 -67.06 -2.41
CA ALA B 429 4.17 -67.99 -3.24
C ALA B 429 5.05 -68.81 -2.32
N ALA B 430 5.58 -69.90 -2.86
CA ALA B 430 6.45 -70.77 -2.08
C ALA B 430 7.54 -71.36 -2.92
N VAL B 431 8.65 -71.67 -2.23
CA VAL B 431 9.81 -72.25 -2.85
C VAL B 431 10.32 -73.38 -1.97
N PHE B 432 10.52 -74.54 -2.57
CA PHE B 432 11.05 -75.72 -1.89
C PHE B 432 12.41 -76.07 -2.50
N THR B 433 13.48 -75.84 -1.74
CA THR B 433 14.83 -76.10 -2.22
C THR B 433 15.79 -76.12 -1.06
N LYS B 434 16.89 -76.84 -1.21
CA LYS B 434 17.89 -76.92 -0.14
C LYS B 434 19.01 -75.92 -0.40
N ASP B 435 19.03 -75.38 -1.61
CA ASP B 435 20.06 -74.44 -2.02
C ASP B 435 19.79 -73.02 -1.54
N LEU B 436 20.79 -72.44 -0.88
CA LEU B 436 20.72 -71.09 -0.33
C LEU B 436 20.51 -70.04 -1.41
N ASP B 437 21.34 -70.07 -2.44
CA ASP B 437 21.24 -69.11 -3.53
C ASP B 437 19.88 -69.10 -4.24
N LYS B 438 19.38 -70.29 -4.58
CA LYS B 438 18.10 -70.39 -5.25
C LYS B 438 16.98 -69.83 -4.38
N ALA B 439 17.03 -70.14 -3.09
CA ALA B 439 16.02 -69.67 -2.14
C ALA B 439 15.97 -68.13 -2.12
N ASN B 440 17.14 -67.52 -2.02
CA ASN B 440 17.23 -66.06 -2.00
C ASN B 440 16.89 -65.44 -3.36
N TYR B 441 17.28 -66.10 -4.44
CA TYR B 441 17.01 -65.61 -5.77
C TYR B 441 15.51 -65.55 -6.03
N LEU B 442 14.82 -66.64 -5.70
CA LEU B 442 13.39 -66.74 -5.91
C LEU B 442 12.56 -65.86 -4.98
N SER B 443 12.86 -65.88 -3.68
CA SER B 443 12.11 -65.07 -2.72
C SER B 443 12.16 -63.59 -3.10
N GLN B 444 13.26 -63.18 -3.70
CA GLN B 444 13.41 -61.80 -4.11
C GLN B 444 12.66 -61.54 -5.43
N ALA B 445 12.76 -62.49 -6.36
CA ALA B 445 12.14 -62.39 -7.69
C ALA B 445 10.62 -62.56 -7.75
N LEU B 446 10.07 -63.38 -6.86
CA LEU B 446 8.63 -63.65 -6.79
C LEU B 446 7.78 -62.44 -6.41
N GLN B 447 6.83 -62.10 -7.25
CA GLN B 447 5.96 -60.95 -6.99
C GLN B 447 4.77 -61.37 -6.13
N ALA B 448 5.02 -61.53 -4.83
CA ALA B 448 3.98 -61.95 -3.90
C ALA B 448 4.12 -61.34 -2.53
N GLY B 449 3.00 -61.11 -1.88
CA GLY B 449 3.00 -60.52 -0.56
C GLY B 449 3.71 -61.37 0.47
N THR B 450 3.60 -62.68 0.32
CA THR B 450 4.25 -63.58 1.25
C THR B 450 4.93 -64.69 0.48
N VAL B 451 6.21 -64.89 0.74
CA VAL B 451 6.97 -65.96 0.08
C VAL B 451 7.48 -66.92 1.15
N TRP B 452 6.99 -68.15 1.11
CA TRP B 452 7.36 -69.19 2.04
C TRP B 452 8.47 -70.05 1.46
N VAL B 453 9.48 -70.37 2.27
CA VAL B 453 10.59 -71.21 1.82
C VAL B 453 10.62 -72.50 2.64
N ASN B 454 10.41 -73.62 1.94
CA ASN B 454 10.39 -74.96 2.53
C ASN B 454 9.25 -75.11 3.55
N CYS B 455 8.16 -74.40 3.30
CA CYS B 455 6.97 -74.43 4.14
C CYS B 455 5.85 -73.71 3.41
N TYR B 456 4.65 -73.77 3.97
CA TYR B 456 3.50 -73.11 3.38
C TYR B 456 2.44 -72.84 4.45
N ASP B 457 1.62 -71.81 4.20
CA ASP B 457 0.56 -71.41 5.12
C ASP B 457 1.05 -71.18 6.54
N VAL B 458 2.25 -70.60 6.64
CA VAL B 458 2.81 -70.31 7.96
C VAL B 458 2.45 -68.87 8.32
N PHE B 459 1.34 -68.73 9.05
CA PHE B 459 0.88 -67.42 9.46
C PHE B 459 1.30 -67.13 10.90
N GLY B 460 1.65 -65.88 11.14
CA GLY B 460 2.03 -65.47 12.47
C GLY B 460 1.48 -64.09 12.69
N ALA B 461 0.86 -63.88 13.84
CA ALA B 461 0.29 -62.58 14.16
C ALA B 461 1.35 -61.47 14.08
N GLN B 462 2.62 -61.87 14.19
CA GLN B 462 3.74 -60.94 14.13
C GLN B 462 4.13 -60.58 12.69
N SER B 463 3.81 -61.45 11.74
CA SER B 463 4.19 -61.21 10.34
C SER B 463 3.04 -60.70 9.46
N PRO B 464 3.28 -59.61 8.72
CA PRO B 464 2.26 -59.01 7.85
C PRO B 464 1.83 -59.90 6.69
N PHE B 465 0.55 -59.82 6.36
CA PHE B 465 -0.04 -60.60 5.28
C PHE B 465 -0.87 -59.69 4.39
N GLY B 466 -0.59 -59.76 3.09
CA GLY B 466 -1.29 -58.93 2.12
C GLY B 466 -0.83 -59.27 0.72
N GLY B 467 -1.56 -58.80 -0.28
CA GLY B 467 -1.18 -59.14 -1.63
C GLY B 467 -0.63 -58.04 -2.53
N TYR B 468 0.07 -58.47 -3.56
CA TYR B 468 0.62 -57.60 -4.59
C TYR B 468 -0.43 -57.56 -5.70
N LYS B 469 -0.25 -56.65 -6.65
CA LYS B 469 -1.13 -56.51 -7.79
C LYS B 469 -2.62 -56.52 -7.41
N MET B 470 -3.41 -57.33 -8.12
CA MET B 470 -4.85 -57.42 -7.89
C MET B 470 -5.29 -58.35 -6.77
N SER B 471 -4.34 -58.76 -5.93
CA SER B 471 -4.65 -59.62 -4.79
C SER B 471 -5.00 -58.78 -3.57
N GLY B 472 -4.94 -57.45 -3.72
CA GLY B 472 -5.28 -56.56 -2.62
C GLY B 472 -4.31 -55.40 -2.45
N SER B 473 -4.52 -54.61 -1.40
CA SER B 473 -3.68 -53.47 -1.09
C SER B 473 -3.59 -53.35 0.43
N GLY B 474 -2.45 -52.88 0.92
CA GLY B 474 -2.25 -52.75 2.36
C GLY B 474 -1.87 -54.09 2.96
N ARG B 475 -1.62 -54.11 4.26
CA ARG B 475 -1.25 -55.36 4.92
C ARG B 475 -1.94 -55.53 6.26
N GLU B 476 -2.19 -56.77 6.64
CA GLU B 476 -2.80 -57.12 7.90
C GLU B 476 -1.77 -57.88 8.73
N LEU B 477 -1.97 -57.96 10.03
CA LEU B 477 -1.07 -58.64 10.96
C LEU B 477 0.22 -57.86 11.16
N GLY B 478 0.95 -58.20 12.24
CA GLY B 478 2.19 -57.52 12.55
C GLY B 478 1.99 -56.04 12.85
N GLU B 479 3.09 -55.28 12.89
CA GLU B 479 3.02 -53.86 13.14
C GLU B 479 2.35 -53.11 11.97
N TYR B 480 2.58 -53.60 10.75
CA TYR B 480 2.02 -53.01 9.55
C TYR B 480 0.50 -52.94 9.61
N GLY B 481 -0.10 -53.92 10.29
CA GLY B 481 -1.55 -53.98 10.42
C GLY B 481 -2.20 -52.84 11.16
N LEU B 482 -1.37 -52.03 11.81
CA LEU B 482 -1.83 -50.88 12.57
C LEU B 482 -1.89 -49.62 11.72
N GLN B 483 -1.14 -49.59 10.62
CA GLN B 483 -1.10 -48.42 9.75
C GLN B 483 -2.45 -47.97 9.20
N ALA B 484 -3.21 -48.90 8.63
CA ALA B 484 -4.51 -48.58 8.05
C ALA B 484 -5.54 -48.11 9.06
N TYR B 485 -5.29 -48.39 10.32
CA TYR B 485 -6.21 -47.99 11.39
C TYR B 485 -5.68 -46.79 12.18
N THR B 486 -4.79 -46.03 11.56
CA THR B 486 -4.24 -44.86 12.23
C THR B 486 -4.32 -43.62 11.35
N GLU B 487 -4.70 -42.49 11.95
CA GLU B 487 -4.76 -41.23 11.22
C GLU B 487 -3.67 -40.36 11.82
N VAL B 488 -2.74 -39.95 10.97
CA VAL B 488 -1.60 -39.16 11.43
C VAL B 488 -1.84 -37.66 11.44
N LYS B 489 -1.64 -37.05 12.60
CA LYS B 489 -1.80 -35.62 12.75
C LYS B 489 -0.46 -35.01 13.19
N THR B 490 -0.05 -33.96 12.48
CA THR B 490 1.18 -33.24 12.76
C THR B 490 0.85 -31.96 13.55
N VAL B 491 1.56 -31.74 14.64
CA VAL B 491 1.35 -30.55 15.45
C VAL B 491 2.67 -29.79 15.47
N THR B 492 2.68 -28.60 14.88
CA THR B 492 3.88 -27.78 14.81
C THR B 492 3.71 -26.52 15.67
N VAL B 493 4.44 -26.48 16.79
CA VAL B 493 4.37 -25.38 17.73
C VAL B 493 5.55 -24.44 17.65
N LYS B 494 5.29 -23.14 17.62
CA LYS B 494 6.35 -22.15 17.57
C LYS B 494 6.98 -22.07 18.96
N VAL B 495 8.32 -22.03 19.00
CA VAL B 495 9.04 -21.94 20.27
C VAL B 495 9.98 -20.76 20.26
N PRO B 496 10.33 -20.25 21.45
CA PRO B 496 11.23 -19.10 21.59
C PRO B 496 12.53 -19.27 20.80
N GLN B 497 13.24 -20.38 21.06
CA GLN B 497 14.49 -20.66 20.38
C GLN B 497 14.76 -22.16 20.36
N LYS B 498 14.69 -22.76 19.18
CA LYS B 498 14.92 -24.19 19.02
C LYS B 498 16.40 -24.56 19.18
N ASN B 499 16.64 -25.66 19.90
CA ASN B 499 17.99 -26.17 20.13
C ASN B 499 18.00 -27.68 19.96
N SER B 500 19.12 -28.22 19.50
CA SER B 500 19.22 -29.67 19.33
C SER B 500 19.24 -30.30 20.73
N ALA C 7 40.87 -48.28 -12.08
CA ALA C 7 41.00 -46.82 -12.34
C ALA C 7 41.53 -46.10 -11.11
N VAL C 8 42.86 -45.96 -11.04
CA VAL C 8 43.50 -45.30 -9.90
C VAL C 8 44.55 -44.27 -10.35
N PRO C 9 44.38 -43.01 -9.93
CA PRO C 9 45.30 -41.92 -10.27
C PRO C 9 46.69 -42.18 -9.71
N ALA C 10 47.73 -41.80 -10.47
CA ALA C 10 49.10 -41.99 -10.02
C ALA C 10 49.31 -41.23 -8.72
N PRO C 11 49.89 -41.90 -7.72
CA PRO C 11 50.16 -41.32 -6.40
C PRO C 11 51.42 -40.46 -6.31
N ASN C 12 51.43 -39.59 -5.30
CA ASN C 12 52.58 -38.76 -5.00
C ASN C 12 53.24 -39.57 -3.90
N GLN C 13 54.28 -40.32 -4.26
CA GLN C 13 54.98 -41.17 -3.29
C GLN C 13 55.57 -40.45 -2.09
N GLN C 14 55.70 -39.13 -2.18
CA GLN C 14 56.26 -38.33 -1.09
C GLN C 14 55.36 -37.11 -0.88
N PRO C 15 54.13 -37.34 -0.40
CA PRO C 15 53.16 -36.26 -0.16
C PRO C 15 53.63 -35.25 0.87
N GLU C 16 53.26 -33.99 0.67
CA GLU C 16 53.64 -32.92 1.59
C GLU C 16 52.70 -32.90 2.78
N VAL C 17 53.25 -32.64 3.97
CA VAL C 17 52.47 -32.57 5.19
C VAL C 17 52.17 -31.11 5.51
N PHE C 18 50.89 -30.76 5.59
CA PHE C 18 50.47 -29.39 5.88
C PHE C 18 49.94 -29.20 7.29
N CYS C 19 49.56 -30.30 7.93
CA CYS C 19 49.02 -30.23 9.29
C CYS C 19 49.73 -31.20 10.22
N ASN C 20 50.26 -30.67 11.32
CA ASN C 20 50.97 -31.49 12.29
C ASN C 20 50.84 -30.96 13.72
N GLN C 21 49.84 -30.14 13.97
CA GLN C 21 49.62 -29.56 15.29
C GLN C 21 48.31 -30.04 15.89
N ILE C 22 47.90 -29.41 16.98
CA ILE C 22 46.67 -29.72 17.68
C ILE C 22 45.58 -28.82 17.12
N PHE C 23 44.44 -29.41 16.79
CA PHE C 23 43.31 -28.68 16.23
C PHE C 23 42.29 -28.34 17.31
N ILE C 24 42.16 -27.05 17.61
CA ILE C 24 41.20 -26.59 18.61
C ILE C 24 40.53 -25.31 18.11
N ASN C 25 39.21 -25.26 18.20
CA ASN C 25 38.44 -24.10 17.75
C ASN C 25 38.78 -23.68 16.33
N ASN C 26 38.91 -24.67 15.45
CA ASN C 26 39.23 -24.46 14.04
C ASN C 26 40.59 -23.84 13.82
N GLU C 27 41.46 -23.89 14.84
CA GLU C 27 42.78 -23.32 14.70
C GLU C 27 43.86 -24.30 15.11
N TRP C 28 45.06 -24.10 14.59
CA TRP C 28 46.20 -24.97 14.88
C TRP C 28 47.04 -24.44 16.05
N HIS C 29 47.24 -25.30 17.04
CA HIS C 29 48.02 -24.94 18.22
C HIS C 29 49.13 -25.93 18.49
N ASP C 30 50.21 -25.44 19.12
CA ASP C 30 51.33 -26.29 19.51
C ASP C 30 50.96 -26.82 20.87
N ALA C 31 51.60 -27.89 21.31
CA ALA C 31 51.33 -28.43 22.64
C ALA C 31 51.77 -27.35 23.63
N VAL C 32 51.04 -27.22 24.73
CA VAL C 32 51.40 -26.22 25.73
C VAL C 32 52.84 -26.43 26.17
N SER C 33 53.29 -27.68 26.14
CA SER C 33 54.65 -28.05 26.51
C SER C 33 55.63 -27.80 25.37
N ARG C 34 55.07 -27.53 24.18
CA ARG C 34 55.84 -27.28 22.97
C ARG C 34 56.57 -28.53 22.48
N LYS C 35 56.28 -29.66 23.12
CA LYS C 35 56.89 -30.94 22.76
C LYS C 35 56.32 -31.50 21.46
N THR C 36 57.13 -32.27 20.75
CA THR C 36 56.68 -32.90 19.52
C THR C 36 57.20 -34.32 19.46
N PHE C 37 56.52 -35.18 18.70
CA PHE C 37 56.93 -36.57 18.54
C PHE C 37 56.99 -36.91 17.06
N PRO C 38 57.94 -37.76 16.66
CA PRO C 38 58.08 -38.16 15.27
C PRO C 38 57.12 -39.27 14.88
N THR C 39 56.65 -39.19 13.64
CA THR C 39 55.76 -40.20 13.08
C THR C 39 56.60 -40.85 11.99
N VAL C 40 56.67 -42.18 12.02
CA VAL C 40 57.49 -42.95 11.10
C VAL C 40 56.77 -43.61 9.93
N ASN C 41 57.48 -43.68 8.81
CA ASN C 41 56.99 -44.31 7.59
C ASN C 41 57.44 -45.78 7.72
N PRO C 42 56.48 -46.68 7.97
CA PRO C 42 56.75 -48.11 8.13
C PRO C 42 57.43 -48.81 6.96
N SER C 43 57.34 -48.24 5.77
CA SER C 43 57.95 -48.83 4.57
C SER C 43 59.45 -48.62 4.51
N THR C 44 59.92 -47.53 5.13
CA THR C 44 61.34 -47.19 5.12
C THR C 44 61.96 -47.12 6.51
N GLY C 45 61.12 -46.91 7.51
CA GLY C 45 61.63 -46.81 8.87
C GLY C 45 62.16 -45.41 9.16
N GLU C 46 61.97 -44.50 8.22
CA GLU C 46 62.44 -43.12 8.36
C GLU C 46 61.34 -42.20 8.91
N VAL C 47 61.76 -41.14 9.58
CA VAL C 47 60.82 -40.19 10.16
C VAL C 47 60.21 -39.30 9.07
N ILE C 48 58.88 -39.26 9.04
CA ILE C 48 58.16 -38.43 8.08
C ILE C 48 58.22 -36.99 8.53
N CYS C 49 57.85 -36.75 9.79
CA CYS C 49 57.89 -35.40 10.36
C CYS C 49 57.51 -35.44 11.82
N GLN C 50 57.60 -34.29 12.49
CA GLN C 50 57.27 -34.20 13.90
C GLN C 50 55.82 -33.73 14.05
N VAL C 51 55.19 -34.13 15.15
CA VAL C 51 53.81 -33.76 15.40
C VAL C 51 53.66 -33.31 16.84
N ALA C 52 52.83 -32.30 17.07
CA ALA C 52 52.59 -31.79 18.40
C ALA C 52 52.15 -32.92 19.36
N GLU C 53 52.87 -33.05 20.47
CA GLU C 53 52.57 -34.09 21.45
C GLU C 53 51.57 -33.56 22.48
N GLY C 54 50.29 -33.74 22.20
CA GLY C 54 49.25 -33.29 23.11
C GLY C 54 49.24 -34.07 24.41
N ASP C 55 48.86 -33.39 25.49
CA ASP C 55 48.81 -34.01 26.82
C ASP C 55 47.56 -33.50 27.54
N LYS C 56 47.46 -33.80 28.84
CA LYS C 56 46.32 -33.41 29.64
C LYS C 56 45.93 -31.93 29.52
N GLU C 57 46.89 -31.02 29.63
CA GLU C 57 46.59 -29.61 29.51
C GLU C 57 45.99 -29.24 28.16
N ASP C 58 46.45 -29.92 27.12
CA ASP C 58 45.94 -29.66 25.77
C ASP C 58 44.54 -30.24 25.63
N VAL C 59 44.30 -31.35 26.30
CA VAL C 59 42.97 -31.97 26.26
C VAL C 59 41.98 -31.05 26.98
N ASP C 60 42.40 -30.45 28.09
CA ASP C 60 41.53 -29.55 28.84
C ASP C 60 41.09 -28.38 27.95
N LYS C 61 42.02 -27.86 27.15
CA LYS C 61 41.72 -26.77 26.24
C LYS C 61 40.67 -27.20 25.22
N ALA C 62 40.83 -28.39 24.65
CA ALA C 62 39.90 -28.92 23.66
C ALA C 62 38.52 -29.14 24.23
N VAL C 63 38.45 -29.75 25.41
CA VAL C 63 37.18 -30.01 26.07
C VAL C 63 36.43 -28.73 26.34
N LYS C 64 37.15 -27.70 26.78
CA LYS C 64 36.53 -26.41 27.07
C LYS C 64 35.97 -25.78 25.80
N ALA C 65 36.70 -25.93 24.69
CA ALA C 65 36.26 -25.40 23.41
C ALA C 65 35.00 -26.13 22.95
N ALA C 66 35.00 -27.45 23.08
CA ALA C 66 33.86 -28.27 22.69
C ALA C 66 32.64 -27.93 23.54
N ARG C 67 32.86 -27.80 24.85
CA ARG C 67 31.78 -27.46 25.79
C ARG C 67 31.17 -26.12 25.44
N ALA C 68 32.03 -25.16 25.08
CA ALA C 68 31.55 -23.83 24.71
C ALA C 68 30.71 -23.88 23.42
N ALA C 69 31.15 -24.65 22.45
CA ALA C 69 30.42 -24.79 21.19
C ALA C 69 29.09 -25.53 21.39
N PHE C 70 28.97 -26.27 22.50
CA PHE C 70 27.76 -27.03 22.78
C PHE C 70 26.75 -26.28 23.66
N GLN C 71 27.12 -25.07 24.09
CA GLN C 71 26.26 -24.28 24.94
C GLN C 71 24.94 -23.94 24.25
N LEU C 72 23.87 -23.95 25.05
CA LEU C 72 22.53 -23.64 24.54
C LEU C 72 22.55 -22.27 23.86
N GLY C 73 21.99 -22.22 22.65
CA GLY C 73 21.96 -20.97 21.91
C GLY C 73 23.14 -20.76 20.99
N SER C 74 24.10 -21.69 21.03
CA SER C 74 25.28 -21.60 20.17
C SER C 74 24.93 -21.90 18.70
N PRO C 75 25.82 -21.54 17.77
CA PRO C 75 25.55 -21.81 16.36
C PRO C 75 25.30 -23.30 16.09
N TRP C 76 26.08 -24.17 16.72
CA TRP C 76 25.96 -25.62 16.55
C TRP C 76 24.67 -26.17 17.14
N ARG C 77 24.22 -25.62 18.27
CA ARG C 77 22.98 -26.09 18.90
C ARG C 77 21.71 -25.61 18.20
N ARG C 78 21.75 -24.37 17.71
CA ARG C 78 20.61 -23.78 17.02
C ARG C 78 20.47 -24.21 15.57
N MET C 79 21.59 -24.59 14.96
CA MET C 79 21.59 -25.03 13.57
C MET C 79 20.55 -26.09 13.28
N ASP C 80 19.86 -25.95 12.15
CA ASP C 80 18.85 -26.91 11.76
C ASP C 80 19.48 -28.28 11.53
N ALA C 81 18.77 -29.33 11.92
CA ALA C 81 19.28 -30.68 11.75
C ALA C 81 19.65 -30.96 10.28
N SER C 82 18.85 -30.44 9.37
CA SER C 82 19.08 -30.61 7.94
C SER C 82 20.40 -29.98 7.51
N HIS C 83 20.74 -28.85 8.11
CA HIS C 83 21.98 -28.15 7.79
C HIS C 83 23.18 -28.96 8.25
N ARG C 84 23.00 -29.66 9.37
CA ARG C 84 24.05 -30.52 9.92
C ARG C 84 24.39 -31.55 8.85
N GLY C 85 23.35 -32.04 8.17
CA GLY C 85 23.54 -33.02 7.11
C GLY C 85 24.24 -32.36 5.93
N ARG C 86 23.90 -31.11 5.67
CA ARG C 86 24.50 -30.34 4.59
C ARG C 86 26.02 -30.22 4.81
N LEU C 87 26.40 -29.91 6.05
CA LEU C 87 27.81 -29.78 6.39
C LEU C 87 28.57 -31.10 6.24
N LEU C 88 27.94 -32.21 6.64
CA LEU C 88 28.56 -33.52 6.52
C LEU C 88 28.78 -33.86 5.05
N ASN C 89 27.80 -33.51 4.24
CA ASN C 89 27.86 -33.75 2.80
C ASN C 89 28.97 -32.90 2.19
N ARG C 90 29.13 -31.68 2.70
CA ARG C 90 30.18 -30.80 2.23
C ARG C 90 31.58 -31.39 2.56
N LEU C 91 31.75 -31.82 3.81
CA LEU C 91 33.00 -32.42 4.24
C LEU C 91 33.37 -33.58 3.33
N ALA C 92 32.38 -34.42 3.02
CA ALA C 92 32.59 -35.57 2.16
C ALA C 92 33.08 -35.13 0.77
N ASP C 93 32.48 -34.07 0.23
CA ASP C 93 32.86 -33.52 -1.09
C ASP C 93 34.29 -33.00 -1.07
N LEU C 94 34.68 -32.40 0.05
CA LEU C 94 36.02 -31.85 0.21
C LEU C 94 37.02 -33.01 0.28
N ILE C 95 36.64 -34.09 0.98
CA ILE C 95 37.49 -35.26 1.10
C ILE C 95 37.70 -35.93 -0.25
N GLU C 96 36.64 -35.99 -1.05
CA GLU C 96 36.71 -36.59 -2.38
C GLU C 96 37.58 -35.73 -3.30
N ARG C 97 37.48 -34.40 -3.14
CA ARG C 97 38.30 -33.49 -3.93
C ARG C 97 39.77 -33.81 -3.66
N ASP C 98 40.13 -33.95 -2.39
CA ASP C 98 41.50 -34.25 -1.97
C ASP C 98 41.73 -35.74 -1.77
N ARG C 99 40.96 -36.56 -2.50
CA ARG C 99 41.04 -38.01 -2.41
C ARG C 99 42.41 -38.61 -2.75
N THR C 100 42.96 -38.24 -3.89
CA THR C 100 44.26 -38.78 -4.29
C THR C 100 45.33 -38.43 -3.26
N TYR C 101 45.31 -37.19 -2.80
CA TYR C 101 46.28 -36.74 -1.80
C TYR C 101 46.19 -37.55 -0.51
N LEU C 102 44.99 -37.60 0.08
CA LEU C 102 44.74 -38.33 1.32
C LEU C 102 45.11 -39.80 1.25
N ALA C 103 44.84 -40.42 0.11
CA ALA C 103 45.17 -41.83 -0.07
C ALA C 103 46.67 -42.04 0.07
N ALA C 104 47.45 -41.18 -0.57
CA ALA C 104 48.91 -41.27 -0.53
C ALA C 104 49.42 -41.04 0.89
N LEU C 105 48.92 -39.98 1.53
CA LEU C 105 49.31 -39.64 2.89
C LEU C 105 48.96 -40.79 3.83
N GLU C 106 47.82 -41.45 3.59
CA GLU C 106 47.38 -42.59 4.40
C GLU C 106 48.39 -43.73 4.27
N THR C 107 48.76 -44.04 3.03
CA THR C 107 49.74 -45.08 2.74
C THR C 107 51.12 -44.73 3.30
N LEU C 108 51.48 -43.47 3.23
CA LEU C 108 52.78 -43.01 3.73
C LEU C 108 52.93 -43.25 5.24
N ASP C 109 51.90 -42.89 5.99
CA ASP C 109 51.93 -42.99 7.44
C ASP C 109 51.54 -44.35 7.95
N ASN C 110 50.60 -45.02 7.29
CA ASN C 110 50.14 -46.34 7.71
C ASN C 110 50.90 -47.50 7.10
N GLY C 111 51.15 -47.43 5.81
CA GLY C 111 51.87 -48.52 5.16
C GLY C 111 51.02 -49.37 4.22
N LYS C 112 49.70 -49.26 4.31
CA LYS C 112 48.83 -50.05 3.44
C LYS C 112 48.98 -49.62 2.00
N PRO C 113 48.75 -50.54 1.04
CA PRO C 113 48.87 -50.25 -0.39
C PRO C 113 48.06 -49.04 -0.82
N TYR C 114 48.68 -48.18 -1.62
CA TYR C 114 48.04 -46.98 -2.12
C TYR C 114 46.74 -47.28 -2.85
N VAL C 115 46.71 -48.36 -3.62
CA VAL C 115 45.53 -48.77 -4.37
C VAL C 115 44.37 -49.00 -3.39
N ILE C 116 44.66 -49.73 -2.31
CA ILE C 116 43.67 -50.03 -1.30
C ILE C 116 43.22 -48.75 -0.59
N SER C 117 44.16 -47.86 -0.29
CA SER C 117 43.84 -46.62 0.38
C SER C 117 42.84 -45.79 -0.43
N TYR C 118 43.07 -45.77 -1.74
CA TYR C 118 42.23 -45.02 -2.65
C TYR C 118 40.89 -45.70 -2.91
N LEU C 119 40.92 -46.94 -3.37
CA LEU C 119 39.69 -47.68 -3.69
C LEU C 119 38.83 -48.15 -2.54
N VAL C 120 39.45 -48.53 -1.42
CA VAL C 120 38.70 -49.02 -0.29
C VAL C 120 38.53 -48.00 0.83
N ASP C 121 39.62 -47.69 1.52
CA ASP C 121 39.59 -46.75 2.64
C ASP C 121 38.83 -45.46 2.39
N LEU C 122 39.29 -44.68 1.40
CA LEU C 122 38.66 -43.42 1.07
C LEU C 122 37.24 -43.53 0.57
N ASP C 123 36.96 -44.59 -0.18
CA ASP C 123 35.62 -44.82 -0.71
C ASP C 123 34.66 -45.06 0.48
N MET C 124 35.10 -45.88 1.43
CA MET C 124 34.32 -46.18 2.60
C MET C 124 34.13 -44.96 3.50
N VAL C 125 35.13 -44.08 3.51
CA VAL C 125 35.05 -42.84 4.29
C VAL C 125 33.94 -41.96 3.72
N LEU C 126 33.96 -41.79 2.38
CA LEU C 126 32.97 -40.97 1.69
C LEU C 126 31.56 -41.51 1.92
N LYS C 127 31.39 -42.82 1.78
CA LYS C 127 30.09 -43.46 1.99
C LYS C 127 29.59 -43.36 3.43
N CYS C 128 30.52 -43.39 4.39
CA CYS C 128 30.17 -43.30 5.80
C CYS C 128 29.64 -41.91 6.14
N LEU C 129 30.38 -40.88 5.73
CA LEU C 129 29.97 -39.50 6.00
C LEU C 129 28.67 -39.16 5.27
N ARG C 130 28.53 -39.63 4.04
CA ARG C 130 27.31 -39.37 3.27
C ARG C 130 26.08 -40.10 3.82
N TYR C 131 26.29 -41.31 4.33
CA TYR C 131 25.20 -42.08 4.89
C TYR C 131 24.67 -41.36 6.12
N TYR C 132 25.58 -41.05 7.04
CA TYR C 132 25.20 -40.37 8.27
C TYR C 132 24.71 -38.94 8.05
N ALA C 133 25.03 -38.34 6.91
CA ALA C 133 24.56 -36.99 6.61
C ALA C 133 23.04 -37.08 6.48
N GLY C 134 22.58 -38.19 5.90
CA GLY C 134 21.16 -38.41 5.69
C GLY C 134 20.40 -38.68 6.98
N TRP C 135 21.10 -39.07 8.03
CA TRP C 135 20.48 -39.35 9.32
C TRP C 135 20.24 -38.10 10.17
N ALA C 136 21.01 -37.06 9.92
CA ALA C 136 20.94 -35.80 10.69
C ALA C 136 19.57 -35.32 11.12
N ASP C 137 18.58 -35.42 10.24
CA ASP C 137 17.24 -34.95 10.57
C ASP C 137 16.17 -36.03 10.51
N LYS C 138 16.56 -37.29 10.75
CA LYS C 138 15.62 -38.40 10.71
C LYS C 138 15.59 -39.30 11.95
N TYR C 139 16.45 -39.05 12.93
CA TYR C 139 16.45 -39.87 14.14
C TYR C 139 15.38 -39.33 15.08
N HIS C 140 14.12 -39.60 14.75
CA HIS C 140 12.95 -39.09 15.50
C HIS C 140 12.80 -39.53 16.93
N GLY C 141 12.11 -38.71 17.72
CA GLY C 141 11.82 -39.03 19.10
C GLY C 141 10.44 -39.66 19.06
N LYS C 142 9.79 -39.83 20.20
CA LYS C 142 8.46 -40.45 20.22
C LYS C 142 7.38 -39.67 20.98
N THR C 143 6.12 -39.92 20.63
CA THR C 143 4.99 -39.34 21.35
C THR C 143 4.36 -40.60 21.93
N ILE C 144 4.32 -40.67 23.24
CA ILE C 144 3.83 -41.84 23.95
C ILE C 144 2.42 -41.75 24.53
N PRO C 145 1.57 -42.79 24.28
CA PRO C 145 0.20 -42.86 24.77
C PRO C 145 0.18 -43.27 26.23
N ILE C 146 0.83 -42.47 27.08
CA ILE C 146 0.93 -42.70 28.51
C ILE C 146 -0.46 -42.68 29.19
N ASP C 147 -0.57 -43.39 30.31
CA ASP C 147 -1.81 -43.46 31.09
C ASP C 147 -2.16 -42.12 31.73
N GLY C 148 -3.45 -41.87 31.92
CA GLY C 148 -3.89 -40.64 32.54
C GLY C 148 -4.02 -39.47 31.58
N ASP C 149 -4.35 -38.31 32.14
CA ASP C 149 -4.53 -37.10 31.36
C ASP C 149 -3.19 -36.39 31.18
N PHE C 150 -2.35 -36.94 30.30
CA PHE C 150 -1.03 -36.37 30.05
C PHE C 150 -0.62 -36.48 28.58
N PHE C 151 0.38 -35.69 28.21
CA PHE C 151 0.93 -35.70 26.86
C PHE C 151 2.39 -35.97 27.10
N SER C 152 2.81 -37.19 26.79
CA SER C 152 4.19 -37.59 27.00
C SER C 152 4.90 -37.81 25.67
N TYR C 153 6.13 -37.32 25.59
CA TYR C 153 6.93 -37.47 24.40
C TYR C 153 8.43 -37.48 24.74
N THR C 154 9.25 -37.88 23.79
CA THR C 154 10.67 -37.91 24.04
C THR C 154 11.44 -37.04 23.05
N ARG C 155 12.51 -36.45 23.55
CA ARG C 155 13.38 -35.61 22.76
C ARG C 155 14.69 -36.36 22.63
N HIS C 156 15.18 -36.43 21.40
CA HIS C 156 16.47 -37.08 21.16
C HIS C 156 17.49 -35.96 21.06
N GLU C 157 18.13 -35.68 22.20
CA GLU C 157 19.14 -34.63 22.31
C GLU C 157 20.53 -35.22 22.16
N PRO C 158 21.53 -34.37 21.90
CA PRO C 158 22.91 -34.85 21.75
C PRO C 158 23.41 -35.26 23.12
N VAL C 159 24.32 -36.24 23.16
CA VAL C 159 24.85 -36.71 24.43
C VAL C 159 25.78 -35.64 25.02
N GLY C 160 26.38 -34.83 24.16
CA GLY C 160 27.25 -33.76 24.62
C GLY C 160 28.67 -33.80 24.07
N VAL C 161 29.63 -33.57 24.97
CA VAL C 161 31.05 -33.57 24.64
C VAL C 161 31.50 -35.02 24.53
N CYS C 162 31.77 -35.43 23.30
CA CYS C 162 32.17 -36.79 23.01
C CYS C 162 33.65 -36.97 22.83
N GLY C 163 34.25 -37.83 23.63
CA GLY C 163 35.68 -38.10 23.52
C GLY C 163 35.85 -39.36 22.68
N GLN C 164 36.57 -39.26 21.57
CA GLN C 164 36.76 -40.40 20.69
C GLN C 164 38.23 -40.73 20.53
N ILE C 165 38.58 -41.96 20.85
CA ILE C 165 39.95 -42.45 20.78
C ILE C 165 40.01 -43.54 19.70
N ILE C 166 40.72 -43.26 18.62
CA ILE C 166 40.82 -44.19 17.51
C ILE C 166 42.21 -44.82 17.34
N PRO C 167 42.25 -46.02 16.71
CA PRO C 167 43.49 -46.76 16.46
C PRO C 167 44.19 -46.34 15.18
N TRP C 168 45.19 -47.12 14.79
CA TRP C 168 46.01 -46.86 13.63
C TRP C 168 45.82 -47.76 12.41
N ASN C 169 45.02 -48.80 12.54
CA ASN C 169 44.81 -49.71 11.42
C ASN C 169 43.99 -49.16 10.23
N PHE C 170 43.15 -48.15 10.51
CA PHE C 170 42.32 -47.50 9.49
C PHE C 170 42.09 -46.06 9.95
N PRO C 171 43.13 -45.22 9.84
CA PRO C 171 43.11 -43.82 10.26
C PRO C 171 41.96 -42.99 9.77
N LEU C 172 41.83 -42.85 8.46
CA LEU C 172 40.74 -42.05 7.92
C LEU C 172 39.39 -42.68 8.17
N LEU C 173 39.29 -43.98 7.93
CA LEU C 173 38.03 -44.67 8.11
C LEU C 173 37.53 -44.64 9.56
N MET C 174 38.43 -44.85 10.52
CA MET C 174 38.05 -44.84 11.93
C MET C 174 37.57 -43.46 12.35
N GLN C 175 38.14 -42.44 11.73
CA GLN C 175 37.75 -41.08 12.03
C GLN C 175 36.33 -40.82 11.52
N ALA C 176 36.03 -41.33 10.33
CA ALA C 176 34.71 -41.15 9.73
C ALA C 176 33.65 -41.93 10.51
N TRP C 177 33.98 -43.15 10.91
CA TRP C 177 33.05 -43.98 11.68
C TRP C 177 32.67 -43.30 12.99
N LYS C 178 33.55 -42.43 13.47
CA LYS C 178 33.33 -41.70 14.72
C LYS C 178 32.61 -40.38 14.54
N LEU C 179 33.09 -39.56 13.60
CA LEU C 179 32.51 -38.25 13.35
C LEU C 179 31.13 -38.30 12.73
N GLY C 180 30.94 -39.18 11.76
CA GLY C 180 29.66 -39.29 11.09
C GLY C 180 28.45 -39.29 12.01
N PRO C 181 28.30 -40.30 12.88
CA PRO C 181 27.17 -40.39 13.80
C PRO C 181 27.13 -39.31 14.87
N ALA C 182 28.32 -38.92 15.35
CA ALA C 182 28.42 -37.90 16.38
C ALA C 182 27.94 -36.55 15.88
N LEU C 183 28.42 -36.14 14.71
CA LEU C 183 28.06 -34.86 14.14
C LEU C 183 26.61 -34.83 13.67
N ALA C 184 26.18 -35.94 13.09
CA ALA C 184 24.80 -36.05 12.59
C ALA C 184 23.80 -35.81 13.71
N THR C 185 24.17 -36.19 14.93
CA THR C 185 23.28 -36.03 16.09
C THR C 185 23.51 -34.74 16.90
N GLY C 186 24.35 -33.85 16.37
CA GLY C 186 24.59 -32.59 17.03
C GLY C 186 25.55 -32.55 18.20
N ASN C 187 26.40 -33.57 18.33
CA ASN C 187 27.37 -33.59 19.42
C ASN C 187 28.61 -32.82 19.05
N VAL C 188 29.50 -32.65 20.02
CA VAL C 188 30.78 -31.98 19.84
C VAL C 188 31.84 -33.06 20.12
N VAL C 189 32.99 -32.94 19.45
CA VAL C 189 34.04 -33.96 19.55
C VAL C 189 35.46 -33.52 19.91
N VAL C 190 36.10 -34.36 20.72
CA VAL C 190 37.50 -34.18 21.12
C VAL C 190 38.09 -35.54 20.74
N MET C 191 38.74 -35.59 19.59
CA MET C 191 39.31 -36.82 19.07
C MET C 191 40.79 -36.96 19.37
N LYS C 192 41.19 -38.17 19.78
CA LYS C 192 42.58 -38.48 20.08
C LYS C 192 43.00 -39.55 19.08
N VAL C 193 43.70 -39.15 18.01
CA VAL C 193 44.15 -40.09 16.98
C VAL C 193 45.37 -40.87 17.42
N ALA C 194 45.64 -41.98 16.76
CA ALA C 194 46.79 -42.83 17.08
C ALA C 194 48.11 -42.13 16.85
N GLU C 195 49.04 -42.33 17.78
CA GLU C 195 50.37 -41.71 17.68
C GLU C 195 51.13 -42.20 16.43
N GLN C 196 50.77 -43.39 15.94
CA GLN C 196 51.42 -43.97 14.77
C GLN C 196 50.93 -43.41 13.45
N THR C 197 49.69 -42.94 13.42
CA THR C 197 49.07 -42.40 12.20
C THR C 197 48.20 -41.18 12.48
N PRO C 198 48.82 -40.04 12.81
CA PRO C 198 48.09 -38.80 13.08
C PRO C 198 47.87 -37.86 11.87
N LEU C 199 48.73 -37.96 10.87
CA LEU C 199 48.69 -37.07 9.71
C LEU C 199 47.37 -36.88 8.97
N THR C 200 46.80 -37.96 8.45
CA THR C 200 45.56 -37.86 7.69
C THR C 200 44.40 -37.22 8.44
N ALA C 201 44.24 -37.59 9.71
CA ALA C 201 43.16 -37.05 10.54
C ALA C 201 43.29 -35.55 10.71
N LEU C 202 44.52 -35.09 10.90
CA LEU C 202 44.81 -33.67 11.07
C LEU C 202 44.45 -32.89 9.81
N TYR C 203 44.79 -33.44 8.64
CA TYR C 203 44.46 -32.75 7.40
C TYR C 203 42.94 -32.65 7.25
N VAL C 204 42.24 -33.72 7.63
CA VAL C 204 40.80 -33.74 7.54
C VAL C 204 40.19 -32.64 8.39
N ALA C 205 40.88 -32.29 9.48
CA ALA C 205 40.43 -31.24 10.37
C ALA C 205 40.41 -29.92 9.60
N ASN C 206 41.36 -29.77 8.69
CA ASN C 206 41.46 -28.57 7.86
C ASN C 206 40.22 -28.49 6.99
N LEU C 207 39.82 -29.64 6.47
CA LEU C 207 38.65 -29.76 5.64
C LEU C 207 37.38 -29.52 6.45
N ILE C 208 37.43 -29.84 7.73
CA ILE C 208 36.27 -29.64 8.62
C ILE C 208 36.01 -28.14 8.74
N LYS C 209 37.09 -27.38 8.91
CA LYS C 209 36.99 -25.93 9.00
C LYS C 209 36.50 -25.38 7.65
N GLU C 210 37.07 -25.88 6.57
CA GLU C 210 36.70 -25.44 5.25
C GLU C 210 35.24 -25.70 4.95
N ALA C 211 34.72 -26.80 5.48
CA ALA C 211 33.33 -27.20 5.26
C ALA C 211 32.35 -26.26 5.91
N GLY C 212 32.81 -25.48 6.88
CA GLY C 212 31.95 -24.53 7.55
C GLY C 212 31.53 -24.90 8.96
N PHE C 213 32.13 -25.95 9.51
CA PHE C 213 31.79 -26.38 10.85
C PHE C 213 32.23 -25.34 11.87
N PRO C 214 31.33 -24.97 12.78
CA PRO C 214 31.64 -23.98 13.81
C PRO C 214 32.83 -24.39 14.67
N PRO C 215 33.60 -23.41 15.17
CA PRO C 215 34.76 -23.73 16.00
C PRO C 215 34.36 -24.45 17.28
N GLY C 216 35.16 -25.45 17.67
CA GLY C 216 34.89 -26.21 18.86
C GLY C 216 34.07 -27.48 18.65
N VAL C 217 33.41 -27.58 17.49
CA VAL C 217 32.57 -28.73 17.18
C VAL C 217 33.42 -29.97 17.05
N VAL C 218 34.58 -29.82 16.43
CA VAL C 218 35.49 -30.93 16.29
C VAL C 218 36.89 -30.46 16.63
N ASN C 219 37.48 -31.11 17.63
CA ASN C 219 38.83 -30.78 18.07
C ASN C 219 39.66 -32.05 18.07
N ILE C 220 40.83 -31.99 17.44
CA ILE C 220 41.70 -33.14 17.37
C ILE C 220 43.01 -32.94 18.17
N VAL C 221 43.30 -33.89 19.04
CA VAL C 221 44.52 -33.81 19.84
C VAL C 221 45.44 -35.01 19.63
N PRO C 222 46.47 -34.84 18.79
CA PRO C 222 47.42 -35.93 18.53
C PRO C 222 48.32 -36.11 19.75
N GLY C 223 48.71 -37.35 20.02
CA GLY C 223 49.58 -37.64 21.15
C GLY C 223 49.53 -39.09 21.54
N PHE C 224 50.10 -39.41 22.70
CA PHE C 224 50.12 -40.79 23.18
C PHE C 224 48.91 -41.16 24.01
N GLY C 225 48.75 -42.46 24.24
CA GLY C 225 47.61 -42.97 24.99
C GLY C 225 47.56 -42.67 26.48
N PRO C 226 48.56 -43.12 27.26
CA PRO C 226 48.63 -42.92 28.71
C PRO C 226 48.52 -41.46 29.14
N THR C 227 48.77 -40.56 28.19
CA THR C 227 48.71 -39.13 28.45
C THR C 227 47.42 -38.49 27.93
N ALA C 228 47.36 -38.24 26.63
CA ALA C 228 46.19 -37.62 26.01
C ALA C 228 44.92 -38.47 26.09
N GLY C 229 45.05 -39.75 25.78
CA GLY C 229 43.91 -40.65 25.83
C GLY C 229 43.29 -40.75 27.21
N ALA C 230 44.13 -41.00 28.21
CA ALA C 230 43.68 -41.12 29.59
C ALA C 230 43.05 -39.83 30.08
N ALA C 231 43.58 -38.70 29.63
CA ALA C 231 43.04 -37.42 30.07
C ALA C 231 41.60 -37.27 29.61
N ILE C 232 41.30 -37.78 28.42
CA ILE C 232 39.94 -37.73 27.87
C ILE C 232 39.01 -38.69 28.63
N ALA C 233 39.46 -39.91 28.83
CA ALA C 233 38.67 -40.91 29.54
C ALA C 233 38.36 -40.56 30.99
N SER C 234 39.29 -39.85 31.64
CA SER C 234 39.12 -39.44 33.03
C SER C 234 38.54 -38.03 33.18
N HIS C 235 38.43 -37.29 32.08
CA HIS C 235 37.95 -35.92 32.14
C HIS C 235 36.59 -35.76 32.77
N GLU C 236 36.46 -34.81 33.70
CA GLU C 236 35.20 -34.57 34.39
C GLU C 236 34.14 -33.89 33.55
N ASP C 237 34.52 -33.33 32.41
CA ASP C 237 33.56 -32.64 31.57
C ASP C 237 33.30 -33.31 30.23
N VAL C 238 33.75 -34.55 30.09
CA VAL C 238 33.48 -35.34 28.88
C VAL C 238 32.27 -36.22 29.21
N ASP C 239 31.20 -36.07 28.44
CA ASP C 239 29.96 -36.80 28.66
C ASP C 239 29.92 -38.24 28.16
N LYS C 240 30.67 -38.52 27.11
CA LYS C 240 30.67 -39.85 26.51
C LYS C 240 32.02 -40.12 25.86
N VAL C 241 32.44 -41.37 25.87
CA VAL C 241 33.71 -41.76 25.26
C VAL C 241 33.56 -43.02 24.40
N ALA C 242 34.09 -42.96 23.18
CA ALA C 242 34.05 -44.09 22.28
C ALA C 242 35.49 -44.46 22.02
N PHE C 243 35.81 -45.74 22.17
CA PHE C 243 37.17 -46.21 21.97
C PHE C 243 37.23 -47.43 21.08
N THR C 244 38.33 -47.54 20.33
CA THR C 244 38.57 -48.66 19.43
C THR C 244 40.05 -49.00 19.59
N GLY C 245 40.34 -50.25 19.93
CA GLY C 245 41.72 -50.67 20.09
C GLY C 245 41.86 -52.02 20.77
N SER C 246 42.80 -52.11 21.70
CA SER C 246 43.06 -53.34 22.44
C SER C 246 42.09 -53.57 23.60
N THR C 247 41.89 -54.84 23.94
CA THR C 247 41.01 -55.23 25.05
C THR C 247 41.54 -54.67 26.36
N GLU C 248 42.87 -54.67 26.50
CA GLU C 248 43.51 -54.15 27.70
C GLU C 248 43.21 -52.67 27.92
N ILE C 249 43.37 -51.85 26.89
CA ILE C 249 43.09 -50.42 27.01
C ILE C 249 41.60 -50.17 27.21
N GLY C 250 40.77 -51.05 26.63
CA GLY C 250 39.33 -50.94 26.78
C GLY C 250 38.93 -51.04 28.23
N ARG C 251 39.62 -51.89 28.99
CA ARG C 251 39.35 -52.06 30.40
C ARG C 251 39.71 -50.77 31.13
N VAL C 252 40.87 -50.22 30.80
CA VAL C 252 41.36 -48.99 31.41
C VAL C 252 40.39 -47.82 31.16
N ILE C 253 39.84 -47.77 29.96
CA ILE C 253 38.88 -46.73 29.57
C ILE C 253 37.60 -46.81 30.40
N GLN C 254 37.00 -47.98 30.47
CA GLN C 254 35.76 -48.16 31.21
C GLN C 254 35.97 -47.92 32.71
N VAL C 255 37.15 -48.28 33.20
CA VAL C 255 37.48 -48.07 34.61
C VAL C 255 37.64 -46.58 34.87
N ALA C 256 38.30 -45.88 33.93
CA ALA C 256 38.52 -44.44 34.08
C ALA C 256 37.21 -43.69 34.06
N ALA C 257 36.27 -44.17 33.25
CA ALA C 257 34.95 -43.59 33.12
C ALA C 257 34.18 -43.74 34.43
N GLY C 258 34.23 -44.95 35.00
CA GLY C 258 33.56 -45.22 36.25
C GLY C 258 34.14 -44.50 37.45
N SER C 259 35.46 -44.26 37.41
CA SER C 259 36.16 -43.57 38.48
C SER C 259 36.07 -42.06 38.38
N SER C 260 35.65 -41.55 37.22
CA SER C 260 35.54 -40.11 37.02
C SER C 260 34.11 -39.58 37.15
N ASN C 261 33.47 -39.27 36.02
CA ASN C 261 32.11 -38.71 36.05
C ASN C 261 31.00 -39.64 35.54
N LEU C 262 31.31 -40.93 35.44
CA LEU C 262 30.33 -41.92 34.98
C LEU C 262 29.86 -41.63 33.56
N LYS C 263 30.79 -41.22 32.70
CA LYS C 263 30.48 -40.92 31.32
C LYS C 263 30.07 -42.20 30.59
N ARG C 264 29.22 -42.08 29.58
CA ARG C 264 28.76 -43.24 28.81
C ARG C 264 29.95 -43.79 28.01
N VAL C 265 30.08 -45.11 27.95
CA VAL C 265 31.19 -45.73 27.21
C VAL C 265 30.79 -46.82 26.23
N THR C 266 31.34 -46.75 25.02
CA THR C 266 31.12 -47.76 23.97
C THR C 266 32.52 -48.20 23.52
N LEU C 267 32.72 -49.51 23.36
CA LEU C 267 34.03 -50.05 22.97
C LEU C 267 34.01 -50.96 21.76
N GLU C 268 35.09 -50.91 20.99
CA GLU C 268 35.28 -51.73 19.81
C GLU C 268 36.68 -52.28 20.00
N LEU C 269 36.75 -53.52 20.48
CA LEU C 269 38.04 -54.16 20.75
C LEU C 269 38.46 -55.16 19.68
N GLY C 270 39.43 -56.00 20.02
CA GLY C 270 39.91 -56.97 19.04
C GLY C 270 39.03 -58.17 18.83
N GLY C 271 39.63 -59.26 18.37
CA GLY C 271 38.89 -60.49 18.15
C GLY C 271 39.75 -61.65 17.65
N LYS C 272 39.12 -62.82 17.60
CA LYS C 272 39.76 -64.02 17.09
C LYS C 272 38.64 -64.69 16.28
N SER C 273 38.12 -63.94 15.30
CA SER C 273 37.02 -64.39 14.46
C SER C 273 37.21 -65.67 13.69
N PRO C 274 36.28 -66.62 13.84
CA PRO C 274 36.30 -67.92 13.17
C PRO C 274 35.62 -67.90 11.78
N ASN C 275 36.30 -68.48 10.80
CA ASN C 275 35.81 -68.56 9.43
C ASN C 275 35.60 -70.04 9.14
N ILE C 276 34.36 -70.48 9.21
CA ILE C 276 34.00 -71.88 9.01
C ILE C 276 33.73 -72.24 7.54
N ILE C 277 34.51 -73.19 7.03
CA ILE C 277 34.37 -73.64 5.65
C ILE C 277 33.80 -75.06 5.63
N MET C 278 32.50 -75.18 5.31
CA MET C 278 31.85 -76.48 5.25
C MET C 278 32.27 -77.23 4.00
N SER C 279 32.16 -78.55 4.04
CA SER C 279 32.56 -79.39 2.91
C SER C 279 31.86 -79.10 1.58
N ASP C 280 30.66 -78.53 1.65
CA ASP C 280 29.92 -78.25 0.42
C ASP C 280 30.15 -76.84 -0.11
N ALA C 281 31.13 -76.15 0.46
CA ALA C 281 31.41 -74.78 0.03
C ALA C 281 32.07 -74.72 -1.35
N ASP C 282 32.00 -73.55 -1.97
CA ASP C 282 32.62 -73.31 -3.26
C ASP C 282 34.11 -73.17 -2.95
N MET C 283 34.88 -74.23 -3.21
CA MET C 283 36.31 -74.26 -2.94
C MET C 283 37.10 -73.03 -3.37
N ASP C 284 37.11 -72.75 -4.67
CA ASP C 284 37.84 -71.60 -5.18
C ASP C 284 37.47 -70.29 -4.50
N TRP C 285 36.18 -70.12 -4.23
CA TRP C 285 35.69 -68.92 -3.58
C TRP C 285 36.10 -68.86 -2.10
N ALA C 286 35.93 -69.97 -1.39
CA ALA C 286 36.27 -70.01 0.02
C ALA C 286 37.76 -69.76 0.26
N VAL C 287 38.61 -70.33 -0.59
CA VAL C 287 40.05 -70.16 -0.46
C VAL C 287 40.45 -68.71 -0.64
N GLU C 288 39.95 -68.07 -1.69
CA GLU C 288 40.29 -66.68 -1.97
C GLU C 288 39.74 -65.76 -0.88
N GLN C 289 38.52 -66.04 -0.42
CA GLN C 289 37.90 -65.24 0.61
C GLN C 289 38.53 -65.48 1.98
N ALA C 290 38.94 -66.72 2.25
CA ALA C 290 39.57 -67.04 3.53
C ALA C 290 40.92 -66.33 3.59
N HIS C 291 41.57 -66.20 2.44
CA HIS C 291 42.85 -65.52 2.36
C HIS C 291 42.65 -64.03 2.66
N PHE C 292 41.70 -63.43 1.96
CA PHE C 292 41.36 -62.01 2.14
C PHE C 292 40.96 -61.74 3.60
N ALA C 293 40.17 -62.64 4.16
CA ALA C 293 39.67 -62.53 5.52
C ALA C 293 40.76 -62.35 6.55
N LEU C 294 41.90 -62.98 6.30
CA LEU C 294 43.01 -62.92 7.23
C LEU C 294 44.09 -61.93 6.88
N PHE C 295 44.54 -61.96 5.62
CA PHE C 295 45.62 -61.09 5.22
C PHE C 295 45.30 -59.63 4.90
N PHE C 296 44.02 -59.29 4.81
CA PHE C 296 43.64 -57.92 4.49
C PHE C 296 44.26 -56.88 5.45
N ASN C 297 44.71 -55.76 4.87
CA ASN C 297 45.32 -54.67 5.63
C ASN C 297 46.46 -55.20 6.52
N GLN C 298 47.35 -55.99 5.92
CA GLN C 298 48.48 -56.59 6.61
C GLN C 298 48.04 -57.40 7.83
N GLY C 299 46.82 -57.95 7.76
CA GLY C 299 46.29 -58.74 8.87
C GLY C 299 45.90 -57.87 10.06
N GLN C 300 45.96 -56.57 9.87
CA GLN C 300 45.66 -55.63 10.93
C GLN C 300 44.19 -55.20 10.88
N CYS C 301 43.32 -56.17 11.08
CA CYS C 301 41.90 -55.91 11.06
C CYS C 301 41.27 -56.54 12.29
N CYS C 302 40.44 -55.77 12.98
CA CYS C 302 39.77 -56.20 14.21
C CYS C 302 38.99 -57.49 14.02
N CYS C 303 38.32 -57.61 12.88
CA CYS C 303 37.49 -58.78 12.60
C CYS C 303 38.17 -59.82 11.72
N ALA C 304 39.50 -59.75 11.63
CA ALA C 304 40.27 -60.69 10.82
C ALA C 304 39.92 -62.15 11.13
N GLY C 305 39.72 -62.95 10.09
CA GLY C 305 39.37 -64.35 10.29
C GLY C 305 40.61 -65.14 10.69
N SER C 306 41.01 -64.98 11.95
CA SER C 306 42.20 -65.62 12.49
C SER C 306 42.07 -67.10 12.83
N ARG C 307 40.87 -67.64 12.69
CA ARG C 307 40.63 -69.05 12.96
C ARG C 307 39.86 -69.62 11.77
N THR C 308 40.58 -70.22 10.84
CA THR C 308 39.97 -70.80 9.66
C THR C 308 39.67 -72.28 9.93
N PHE C 309 38.40 -72.56 10.20
CA PHE C 309 37.94 -73.92 10.43
C PHE C 309 37.57 -74.53 9.09
N VAL C 310 38.17 -75.68 8.77
CA VAL C 310 37.89 -76.36 7.51
C VAL C 310 37.49 -77.80 7.78
N GLN C 311 36.40 -78.25 7.16
CA GLN C 311 35.89 -79.61 7.34
C GLN C 311 36.92 -80.62 6.80
N GLU C 312 37.14 -81.70 7.54
CA GLU C 312 38.14 -82.71 7.17
C GLU C 312 38.17 -83.24 5.76
N ASP C 313 36.99 -83.52 5.20
CA ASP C 313 36.88 -84.04 3.84
C ASP C 313 37.48 -83.13 2.77
N ILE C 314 37.61 -81.83 3.05
CA ILE C 314 38.20 -80.89 2.09
C ILE C 314 39.44 -80.19 2.63
N TYR C 315 39.84 -80.53 3.85
CA TYR C 315 41.00 -79.93 4.53
C TYR C 315 42.27 -79.86 3.71
N ASP C 316 42.76 -81.03 3.28
CA ASP C 316 43.99 -81.12 2.50
C ASP C 316 44.02 -80.22 1.28
N GLU C 317 42.95 -80.27 0.49
CA GLU C 317 42.88 -79.46 -0.71
C GLU C 317 42.86 -77.96 -0.36
N PHE C 318 42.07 -77.60 0.66
CA PHE C 318 41.95 -76.21 1.09
C PHE C 318 43.30 -75.64 1.52
N VAL C 319 44.02 -76.42 2.31
CA VAL C 319 45.33 -76.00 2.81
C VAL C 319 46.32 -75.83 1.66
N GLU C 320 46.33 -76.79 0.74
CA GLU C 320 47.24 -76.75 -0.40
C GLU C 320 47.04 -75.47 -1.21
N ARG C 321 45.78 -75.14 -1.49
CA ARG C 321 45.44 -73.93 -2.23
C ARG C 321 45.74 -72.66 -1.43
N SER C 322 45.48 -72.70 -0.13
CA SER C 322 45.75 -71.54 0.73
C SER C 322 47.25 -71.23 0.78
N VAL C 323 48.07 -72.27 0.87
CA VAL C 323 49.51 -72.10 0.91
C VAL C 323 49.98 -71.44 -0.38
N ALA C 324 49.49 -71.92 -1.51
CA ALA C 324 49.88 -71.37 -2.81
C ALA C 324 49.55 -69.89 -2.94
N ARG C 325 48.32 -69.54 -2.53
CA ARG C 325 47.84 -68.16 -2.57
C ARG C 325 48.69 -67.28 -1.66
N ALA C 326 49.02 -67.80 -0.49
CA ALA C 326 49.84 -67.08 0.47
C ALA C 326 51.24 -66.85 -0.08
N LYS C 327 51.77 -67.83 -0.80
CA LYS C 327 53.10 -67.70 -1.38
C LYS C 327 53.14 -66.72 -2.55
N SER C 328 52.02 -66.58 -3.24
CA SER C 328 51.96 -65.68 -4.39
C SER C 328 51.63 -64.26 -4.00
N ARG C 329 51.33 -64.04 -2.71
CA ARG C 329 50.99 -62.71 -2.21
C ARG C 329 52.20 -61.76 -2.32
N VAL C 330 52.10 -60.77 -3.19
CA VAL C 330 53.18 -59.82 -3.40
C VAL C 330 53.36 -58.85 -2.23
N VAL C 331 54.56 -58.86 -1.66
CA VAL C 331 54.91 -57.98 -0.55
C VAL C 331 55.95 -56.97 -1.04
N GLY C 332 55.77 -55.70 -0.72
CA GLY C 332 56.72 -54.70 -1.15
C GLY C 332 56.25 -53.27 -0.99
N ASN C 333 56.88 -52.36 -1.73
CA ASN C 333 56.54 -50.94 -1.68
C ASN C 333 55.05 -50.75 -1.91
N PRO C 334 54.33 -50.24 -0.90
CA PRO C 334 52.89 -50.02 -0.99
C PRO C 334 52.45 -49.06 -2.10
N PHE C 335 53.38 -48.25 -2.60
CA PHE C 335 53.08 -47.31 -3.68
C PHE C 335 53.15 -47.97 -5.07
N ASP C 336 53.64 -49.21 -5.11
CA ASP C 336 53.71 -49.95 -6.36
C ASP C 336 52.38 -50.69 -6.56
N SER C 337 51.79 -50.52 -7.73
CA SER C 337 50.50 -51.14 -8.06
C SER C 337 50.45 -52.66 -7.89
N LYS C 338 51.58 -53.33 -8.06
CA LYS C 338 51.63 -54.78 -7.94
C LYS C 338 51.60 -55.29 -6.50
N THR C 339 51.90 -54.40 -5.55
CA THR C 339 51.94 -54.77 -4.13
C THR C 339 50.57 -55.09 -3.52
N GLU C 340 50.50 -56.24 -2.87
CA GLU C 340 49.29 -56.69 -2.21
C GLU C 340 49.38 -56.42 -0.72
N GLN C 341 50.57 -56.64 -0.16
CA GLN C 341 50.82 -56.45 1.27
C GLN C 341 51.97 -55.49 1.53
N GLY C 342 51.68 -54.44 2.29
CA GLY C 342 52.70 -53.47 2.66
C GLY C 342 53.33 -53.89 3.98
N PRO C 343 54.03 -52.97 4.66
CA PRO C 343 54.65 -53.32 5.94
C PRO C 343 53.67 -53.19 7.13
N GLN C 344 54.08 -53.72 8.28
CA GLN C 344 53.28 -53.59 9.50
C GLN C 344 53.35 -52.11 9.93
N VAL C 345 52.44 -51.68 10.79
CA VAL C 345 52.39 -50.28 11.20
C VAL C 345 53.67 -49.72 11.86
N ASP C 346 54.31 -50.52 12.71
CA ASP C 346 55.50 -50.06 13.38
C ASP C 346 56.39 -51.17 13.89
N GLU C 347 57.48 -50.77 14.53
CA GLU C 347 58.45 -51.71 15.09
C GLU C 347 57.83 -52.59 16.15
N THR C 348 57.04 -51.98 17.04
CA THR C 348 56.38 -52.71 18.12
C THR C 348 55.55 -53.88 17.58
N GLN C 349 54.64 -53.58 16.65
CA GLN C 349 53.80 -54.64 16.05
C GLN C 349 54.64 -55.66 15.34
N PHE C 350 55.66 -55.18 14.64
CA PHE C 350 56.60 -56.03 13.90
C PHE C 350 57.16 -57.10 14.82
N LYS C 351 57.70 -56.67 15.96
CA LYS C 351 58.28 -57.61 16.93
C LYS C 351 57.23 -58.51 17.54
N LYS C 352 56.06 -57.95 17.81
CA LYS C 352 54.97 -58.70 18.42
C LYS C 352 54.55 -59.88 17.56
N ILE C 353 54.42 -59.64 16.26
CA ILE C 353 54.02 -60.67 15.32
C ILE C 353 55.11 -61.74 15.22
N LEU C 354 56.36 -61.31 15.09
CA LEU C 354 57.49 -62.24 15.01
C LEU C 354 57.47 -63.14 16.25
N GLY C 355 57.12 -62.54 17.39
CA GLY C 355 57.04 -63.29 18.62
C GLY C 355 55.97 -64.35 18.55
N TYR C 356 54.78 -63.99 18.05
CA TYR C 356 53.68 -64.95 17.91
C TYR C 356 54.03 -66.08 16.95
N ILE C 357 54.72 -65.76 15.86
CA ILE C 357 55.13 -66.75 14.89
C ILE C 357 56.03 -67.78 15.59
N ASN C 358 57.00 -67.31 16.35
CA ASN C 358 57.89 -68.21 17.07
C ASN C 358 57.10 -69.05 18.04
N THR C 359 56.09 -68.43 18.66
CA THR C 359 55.19 -69.08 19.62
C THR C 359 54.48 -70.25 18.96
N GLY C 360 53.95 -69.99 17.76
CA GLY C 360 53.27 -71.02 17.01
C GLY C 360 54.17 -72.21 16.68
N LYS C 361 55.43 -71.94 16.37
CA LYS C 361 56.40 -72.98 16.05
C LYS C 361 56.70 -73.80 17.31
N GLN C 362 56.87 -73.09 18.43
CA GLN C 362 57.16 -73.73 19.70
C GLN C 362 56.04 -74.62 20.22
N GLU C 363 54.79 -74.27 19.92
CA GLU C 363 53.67 -75.05 20.41
C GLU C 363 53.16 -76.18 19.54
N GLY C 364 53.92 -76.50 18.49
CA GLY C 364 53.55 -77.61 17.62
C GLY C 364 52.76 -77.32 16.37
N ALA C 365 52.52 -76.05 16.08
CA ALA C 365 51.77 -75.68 14.88
C ALA C 365 52.69 -75.94 13.69
N LYS C 366 52.11 -76.44 12.60
CA LYS C 366 52.87 -76.74 11.41
C LYS C 366 53.04 -75.54 10.48
N LEU C 367 54.28 -75.05 10.40
CA LEU C 367 54.62 -73.92 9.55
C LEU C 367 54.58 -74.40 8.10
N LEU C 368 53.63 -73.88 7.32
CA LEU C 368 53.48 -74.29 5.94
C LEU C 368 54.17 -73.38 4.94
N CYS C 369 54.33 -72.11 5.30
CA CYS C 369 54.99 -71.15 4.42
C CYS C 369 55.35 -69.88 5.19
N GLY C 370 56.29 -69.11 4.65
CA GLY C 370 56.71 -67.89 5.31
C GLY C 370 57.28 -68.10 6.70
N GLY C 371 56.92 -67.20 7.61
CA GLY C 371 57.38 -67.31 8.98
C GLY C 371 58.53 -66.39 9.36
N GLY C 372 58.97 -65.54 8.42
CA GLY C 372 60.08 -64.63 8.71
C GLY C 372 59.96 -63.24 8.12
N ILE C 373 61.01 -62.44 8.29
CA ILE C 373 61.03 -61.08 7.79
C ILE C 373 61.04 -61.09 6.25
N ALA C 374 60.24 -60.23 5.64
CA ALA C 374 60.14 -60.18 4.19
C ALA C 374 61.13 -59.26 3.48
N ALA C 375 61.71 -58.32 4.21
CA ALA C 375 62.65 -57.38 3.64
C ALA C 375 63.64 -56.84 4.66
N ASP C 376 64.69 -56.20 4.18
CA ASP C 376 65.71 -55.64 5.05
C ASP C 376 65.25 -54.32 5.66
N ARG C 377 64.75 -53.42 4.82
CA ARG C 377 64.28 -52.12 5.29
C ARG C 377 62.78 -52.15 5.56
N GLY C 378 62.35 -51.44 6.59
CA GLY C 378 60.93 -51.39 6.93
C GLY C 378 60.47 -52.54 7.82
N TYR C 379 59.17 -52.65 8.03
CA TYR C 379 58.63 -53.71 8.89
C TYR C 379 57.75 -54.69 8.09
N PHE C 380 58.37 -55.38 7.13
CA PHE C 380 57.68 -56.33 6.27
C PHE C 380 57.82 -57.77 6.76
N ILE C 381 56.70 -58.46 6.84
CA ILE C 381 56.68 -59.84 7.29
C ILE C 381 56.07 -60.73 6.20
N GLN C 382 56.64 -61.91 6.03
CA GLN C 382 56.17 -62.87 5.03
C GLN C 382 54.81 -63.43 5.38
N PRO C 383 53.95 -63.63 4.38
CA PRO C 383 52.61 -64.19 4.62
C PRO C 383 52.83 -65.58 5.21
N THR C 384 52.49 -65.73 6.47
CA THR C 384 52.68 -66.97 7.20
C THR C 384 51.39 -67.77 7.38
N VAL C 385 51.48 -69.09 7.19
CA VAL C 385 50.34 -69.97 7.34
C VAL C 385 50.65 -71.15 8.29
N PHE C 386 49.83 -71.33 9.30
CA PHE C 386 49.98 -72.42 10.25
C PHE C 386 48.92 -73.49 10.01
N GLY C 387 49.34 -74.75 9.90
CA GLY C 387 48.39 -75.83 9.70
C GLY C 387 48.27 -76.69 10.95
N ASP C 388 47.22 -77.51 10.99
CA ASP C 388 46.96 -78.40 12.12
C ASP C 388 46.99 -77.70 13.46
N VAL C 389 46.41 -76.53 13.49
CA VAL C 389 46.33 -75.72 14.69
C VAL C 389 45.27 -76.29 15.59
N GLN C 390 45.53 -76.27 16.90
CA GLN C 390 44.56 -76.76 17.88
C GLN C 390 44.04 -75.59 18.68
N ASP C 391 42.83 -75.75 19.22
CA ASP C 391 42.13 -74.73 20.02
C ASP C 391 42.94 -74.22 21.20
N GLY C 392 43.72 -75.10 21.83
CA GLY C 392 44.50 -74.70 22.98
C GLY C 392 45.75 -73.92 22.71
N MET C 393 46.19 -73.89 21.47
CA MET C 393 47.41 -73.16 21.12
C MET C 393 47.21 -71.66 21.25
N THR C 394 48.26 -70.96 21.65
CA THR C 394 48.18 -69.51 21.83
C THR C 394 47.87 -68.78 20.53
N ILE C 395 48.44 -69.24 19.42
CA ILE C 395 48.18 -68.61 18.13
C ILE C 395 46.71 -68.79 17.71
N ALA C 396 46.01 -69.65 18.44
CA ALA C 396 44.59 -69.92 18.18
C ALA C 396 43.68 -69.15 19.14
N LYS C 397 44.26 -68.56 20.19
CA LYS C 397 43.44 -67.82 21.15
C LYS C 397 43.65 -66.32 21.15
N GLU C 398 44.90 -65.90 21.00
CA GLU C 398 45.23 -64.47 21.02
C GLU C 398 45.31 -63.79 19.66
N GLU C 399 44.90 -62.53 19.62
CA GLU C 399 44.93 -61.77 18.38
C GLU C 399 46.36 -61.40 18.02
N ILE C 400 46.78 -61.90 16.86
CA ILE C 400 48.12 -61.67 16.34
C ILE C 400 48.22 -60.32 15.64
N PHE C 401 47.18 -59.97 14.88
CA PHE C 401 47.13 -58.70 14.16
C PHE C 401 48.22 -58.60 13.10
N GLY C 402 48.54 -59.73 12.50
CA GLY C 402 49.56 -59.76 11.47
C GLY C 402 49.19 -60.77 10.41
N PRO C 403 50.02 -60.93 9.37
CA PRO C 403 49.80 -61.86 8.27
C PRO C 403 50.11 -63.28 8.67
N VAL C 404 49.43 -63.77 9.70
CA VAL C 404 49.65 -65.13 10.18
C VAL C 404 48.32 -65.86 10.20
N MET C 405 48.15 -66.80 9.28
CA MET C 405 46.92 -67.57 9.16
C MET C 405 46.94 -68.87 9.94
N GLN C 406 45.84 -69.15 10.64
CA GLN C 406 45.68 -70.39 11.40
C GLN C 406 44.57 -71.26 10.76
N ILE C 407 44.92 -72.48 10.38
CA ILE C 407 43.95 -73.37 9.77
C ILE C 407 43.71 -74.56 10.68
N LEU C 408 42.47 -74.75 11.11
CA LEU C 408 42.11 -75.84 12.00
C LEU C 408 41.16 -76.81 11.29
N LYS C 409 41.14 -78.06 11.76
CA LYS C 409 40.29 -79.07 11.14
C LYS C 409 39.13 -79.46 12.04
N PHE C 410 37.96 -79.72 11.45
CA PHE C 410 36.80 -80.14 12.24
C PHE C 410 36.00 -81.20 11.50
N LYS C 411 35.13 -81.90 12.22
CA LYS C 411 34.32 -82.94 11.60
C LYS C 411 32.85 -82.57 11.40
N THR C 412 32.12 -82.36 12.49
CA THR C 412 30.70 -82.04 12.40
C THR C 412 30.38 -80.57 12.61
N ILE C 413 29.17 -80.19 12.22
CA ILE C 413 28.71 -78.82 12.33
C ILE C 413 28.44 -78.43 13.80
N GLU C 414 28.01 -79.40 14.60
CA GLU C 414 27.73 -79.17 16.02
C GLU C 414 29.06 -78.91 16.74
N GLU C 415 30.09 -79.61 16.29
CA GLU C 415 31.43 -79.49 16.85
C GLU C 415 32.00 -78.10 16.61
N VAL C 416 32.02 -77.67 15.34
CA VAL C 416 32.58 -76.37 14.99
C VAL C 416 31.91 -75.19 15.68
N VAL C 417 30.60 -75.29 15.90
CA VAL C 417 29.84 -74.24 16.57
C VAL C 417 30.42 -74.04 17.97
N GLY C 418 30.56 -75.13 18.70
CA GLY C 418 31.10 -75.10 20.05
C GLY C 418 32.53 -74.58 20.12
N ARG C 419 33.37 -74.98 19.16
CA ARG C 419 34.76 -74.54 19.11
C ARG C 419 34.87 -73.07 18.69
N ALA C 420 34.04 -72.67 17.73
CA ALA C 420 34.05 -71.27 17.27
C ALA C 420 33.57 -70.33 18.38
N ASN C 421 32.62 -70.79 19.19
CA ASN C 421 32.11 -69.97 20.28
C ASN C 421 32.96 -70.01 21.55
N ASN C 422 33.85 -70.99 21.65
CA ASN C 422 34.71 -71.10 22.81
C ASN C 422 35.83 -70.08 22.69
N SER C 423 35.50 -68.84 23.06
CA SER C 423 36.44 -67.71 22.99
C SER C 423 35.86 -66.54 23.76
N THR C 424 36.73 -65.66 24.24
CA THR C 424 36.28 -64.49 24.99
C THR C 424 35.96 -63.38 24.01
N TYR C 425 36.33 -63.61 22.75
CA TYR C 425 36.09 -62.67 21.66
C TYR C 425 34.82 -63.07 20.94
N GLY C 426 34.19 -62.11 20.26
CA GLY C 426 32.97 -62.38 19.51
C GLY C 426 32.62 -61.20 18.61
N LEU C 427 33.62 -60.71 17.89
CA LEU C 427 33.48 -59.57 17.00
C LEU C 427 32.79 -59.95 15.71
N ALA C 428 33.28 -61.00 15.06
CA ALA C 428 32.68 -61.46 13.82
C ALA C 428 32.91 -62.95 13.61
N ALA C 429 32.31 -63.47 12.55
CA ALA C 429 32.42 -64.88 12.18
C ALA C 429 31.92 -65.04 10.75
N ALA C 430 32.21 -66.16 10.13
CA ALA C 430 31.75 -66.41 8.77
C ALA C 430 31.43 -67.87 8.56
N VAL C 431 30.59 -68.11 7.56
CA VAL C 431 30.15 -69.46 7.19
C VAL C 431 30.13 -69.56 5.68
N PHE C 432 30.84 -70.55 5.14
CA PHE C 432 30.89 -70.79 3.71
C PHE C 432 30.22 -72.13 3.42
N THR C 433 29.07 -72.06 2.75
CA THR C 433 28.29 -73.24 2.45
C THR C 433 27.22 -72.91 1.42
N LYS C 434 26.72 -73.95 0.75
CA LYS C 434 25.67 -73.77 -0.24
C LYS C 434 24.34 -74.15 0.36
N ASP C 435 24.39 -74.87 1.48
CA ASP C 435 23.18 -75.32 2.13
C ASP C 435 22.44 -74.25 2.92
N LEU C 436 21.15 -74.08 2.61
CA LEU C 436 20.30 -73.11 3.28
C LEU C 436 20.24 -73.34 4.78
N ASP C 437 19.87 -74.56 5.18
CA ASP C 437 19.78 -74.91 6.60
C ASP C 437 21.07 -74.72 7.39
N LYS C 438 22.19 -75.13 6.79
CA LYS C 438 23.48 -74.98 7.46
C LYS C 438 23.78 -73.51 7.73
N ALA C 439 23.56 -72.67 6.72
CA ALA C 439 23.80 -71.25 6.86
C ALA C 439 22.96 -70.64 7.97
N ASN C 440 21.68 -70.97 8.01
CA ASN C 440 20.78 -70.45 9.03
C ASN C 440 21.06 -70.99 10.42
N TYR C 441 21.45 -72.26 10.49
CA TYR C 441 21.77 -72.89 11.75
C TYR C 441 23.02 -72.22 12.35
N LEU C 442 24.05 -72.05 11.52
CA LEU C 442 25.30 -71.44 11.97
C LEU C 442 25.20 -69.95 12.26
N SER C 443 24.51 -69.19 11.39
CA SER C 443 24.36 -67.76 11.59
C SER C 443 23.65 -67.47 12.91
N GLN C 444 22.71 -68.34 13.28
CA GLN C 444 22.00 -68.19 14.53
C GLN C 444 22.84 -68.62 15.75
N ALA C 445 23.56 -69.74 15.61
CA ALA C 445 24.38 -70.30 16.69
C ALA C 445 25.64 -69.54 17.06
N LEU C 446 26.33 -69.00 16.05
CA LEU C 446 27.56 -68.25 16.29
C LEU C 446 27.34 -67.01 17.14
N GLN C 447 28.14 -66.86 18.18
CA GLN C 447 28.05 -65.71 19.08
C GLN C 447 29.04 -64.66 18.62
N ALA C 448 28.62 -63.89 17.62
CA ALA C 448 29.46 -62.85 17.06
C ALA C 448 28.60 -61.67 16.64
N GLY C 449 29.19 -60.47 16.66
CA GLY C 449 28.46 -59.27 16.27
C GLY C 449 28.04 -59.27 14.80
N THR C 450 28.89 -59.80 13.94
CA THR C 450 28.59 -59.89 12.52
C THR C 450 28.92 -61.28 12.02
N VAL C 451 27.96 -61.88 11.33
CA VAL C 451 28.15 -63.20 10.76
C VAL C 451 28.00 -63.08 9.24
N TRP C 452 29.11 -63.26 8.52
CA TRP C 452 29.10 -63.20 7.06
C TRP C 452 28.85 -64.60 6.50
N VAL C 453 27.99 -64.70 5.49
CA VAL C 453 27.69 -65.98 4.87
C VAL C 453 28.19 -65.92 3.43
N ASN C 454 29.11 -66.84 3.09
CA ASN C 454 29.72 -66.93 1.77
C ASN C 454 30.41 -65.64 1.34
N CYS C 455 31.03 -64.97 2.30
CA CYS C 455 31.75 -63.72 2.04
C CYS C 455 32.43 -63.32 3.33
N TYR C 456 33.22 -62.26 3.29
CA TYR C 456 33.91 -61.77 4.47
C TYR C 456 34.27 -60.30 4.32
N ASP C 457 34.51 -59.63 5.45
CA ASP C 457 34.86 -58.22 5.46
C ASP C 457 33.95 -57.36 4.60
N VAL C 458 32.65 -57.66 4.63
CA VAL C 458 31.69 -56.88 3.89
C VAL C 458 31.10 -55.84 4.83
N PHE C 459 31.61 -54.63 4.77
CA PHE C 459 31.11 -53.55 5.61
C PHE C 459 30.24 -52.60 4.83
N GLY C 460 29.12 -52.21 5.43
CA GLY C 460 28.22 -51.29 4.80
C GLY C 460 27.83 -50.27 5.83
N ALA C 461 27.88 -48.98 5.47
CA ALA C 461 27.53 -47.90 6.37
C ALA C 461 26.13 -48.08 6.94
N GLN C 462 25.31 -48.84 6.21
CA GLN C 462 23.94 -49.14 6.59
C GLN C 462 23.83 -50.24 7.64
N SER C 463 24.81 -51.16 7.66
CA SER C 463 24.81 -52.28 8.58
C SER C 463 25.67 -52.07 9.81
N PRO C 464 25.11 -52.30 11.01
CA PRO C 464 25.84 -52.11 12.27
C PRO C 464 26.98 -53.08 12.47
N PHE C 465 28.00 -52.62 13.19
CA PHE C 465 29.20 -53.41 13.45
C PHE C 465 29.62 -53.27 14.92
N GLY C 466 29.92 -54.39 15.55
CA GLY C 466 30.34 -54.37 16.94
C GLY C 466 30.49 -55.77 17.50
N GLY C 467 31.07 -55.90 18.67
CA GLY C 467 31.28 -57.23 19.21
C GLY C 467 30.49 -57.71 20.41
N TYR C 468 30.47 -59.03 20.55
CA TYR C 468 29.83 -59.69 21.67
C TYR C 468 30.97 -59.91 22.65
N LYS C 469 30.62 -60.34 23.86
CA LYS C 469 31.62 -60.65 24.86
C LYS C 469 32.68 -59.56 25.06
N MET C 470 33.94 -59.97 25.06
CA MET C 470 35.04 -59.03 25.28
C MET C 470 35.53 -58.36 24.01
N SER C 471 34.75 -58.46 22.95
CA SER C 471 35.13 -57.81 21.69
C SER C 471 34.57 -56.40 21.66
N GLY C 472 33.85 -56.02 22.72
CA GLY C 472 33.30 -54.69 22.77
C GLY C 472 31.87 -54.64 23.24
N SER C 473 31.31 -53.44 23.25
CA SER C 473 29.92 -53.20 23.65
C SER C 473 29.41 -52.06 22.78
N GLY C 474 28.14 -52.13 22.42
CA GLY C 474 27.57 -51.08 21.59
C GLY C 474 27.80 -51.38 20.13
N ARG C 475 27.14 -50.61 19.27
CA ARG C 475 27.28 -50.80 17.83
C ARG C 475 27.57 -49.50 17.10
N GLU C 476 28.35 -49.62 16.03
CA GLU C 476 28.71 -48.50 15.19
C GLU C 476 28.10 -48.79 13.82
N LEU C 477 27.97 -47.75 12.99
CA LEU C 477 27.38 -47.85 11.66
C LEU C 477 25.87 -48.13 11.74
N GLY C 478 25.16 -47.86 10.64
CA GLY C 478 23.72 -48.07 10.61
C GLY C 478 22.97 -47.11 11.54
N GLU C 479 21.68 -47.37 11.73
CA GLU C 479 20.86 -46.55 12.59
C GLU C 479 21.31 -46.73 14.05
N TYR C 480 21.72 -47.95 14.38
CA TYR C 480 22.20 -48.28 15.72
C TYR C 480 23.37 -47.40 16.17
N GLY C 481 24.19 -46.98 15.20
CA GLY C 481 25.32 -46.13 15.50
C GLY C 481 24.95 -44.76 16.07
N LEU C 482 23.67 -44.42 16.05
CA LEU C 482 23.22 -43.13 16.58
C LEU C 482 22.78 -43.21 18.04
N GLN C 483 22.45 -44.41 18.51
CA GLN C 483 22.00 -44.63 19.89
C GLN C 483 22.96 -44.11 20.95
N ALA C 484 24.24 -44.47 20.84
CA ALA C 484 25.24 -44.06 21.82
C ALA C 484 25.52 -42.57 21.82
N TYR C 485 25.08 -41.90 20.77
CA TYR C 485 25.29 -40.46 20.65
C TYR C 485 24.03 -39.66 20.92
N THR C 486 23.05 -40.33 21.53
CA THR C 486 21.77 -39.70 21.82
C THR C 486 21.40 -39.78 23.29
N GLU C 487 20.97 -38.65 23.85
CA GLU C 487 20.54 -38.62 25.23
C GLU C 487 19.02 -38.42 25.19
N VAL C 488 18.29 -39.40 25.72
CA VAL C 488 16.83 -39.35 25.69
C VAL C 488 16.20 -38.58 26.83
N LYS C 489 15.33 -37.63 26.47
CA LYS C 489 14.62 -36.83 27.46
C LYS C 489 13.12 -37.05 27.30
N THR C 490 12.47 -37.36 28.42
CA THR C 490 11.04 -37.57 28.44
C THR C 490 10.36 -36.31 28.98
N VAL C 491 9.34 -35.84 28.28
CA VAL C 491 8.58 -34.67 28.72
C VAL C 491 7.11 -35.07 28.84
N THR C 492 6.63 -35.10 30.08
CA THR C 492 5.24 -35.46 30.38
C THR C 492 4.48 -34.19 30.80
N VAL C 493 3.56 -33.75 29.94
CA VAL C 493 2.78 -32.54 30.18
C VAL C 493 1.34 -32.86 30.59
N LYS C 494 0.84 -32.16 31.60
CA LYS C 494 -0.53 -32.35 32.07
C LYS C 494 -1.48 -31.65 31.11
N VAL C 495 -2.50 -32.37 30.67
CA VAL C 495 -3.49 -31.82 29.73
C VAL C 495 -4.89 -31.87 30.35
N PRO C 496 -5.78 -30.97 29.92
CA PRO C 496 -7.15 -30.93 30.43
C PRO C 496 -7.86 -32.28 30.34
N GLN C 497 -7.89 -32.89 29.17
CA GLN C 497 -8.53 -34.19 29.01
C GLN C 497 -7.90 -34.98 27.86
N LYS C 498 -7.21 -36.05 28.23
CA LYS C 498 -6.54 -36.89 27.26
C LYS C 498 -7.51 -37.74 26.43
N ASN C 499 -7.32 -37.71 25.12
CA ASN C 499 -8.16 -38.48 24.21
C ASN C 499 -7.27 -39.17 23.18
N SER C 500 -7.71 -40.33 22.72
CA SER C 500 -6.98 -41.08 21.70
C SER C 500 -7.00 -40.28 20.38
N ALA D 7 -11.16 -48.82 47.56
CA ALA D 7 -11.46 -50.27 47.74
C ALA D 7 -10.21 -51.01 48.19
N VAL D 8 -9.74 -50.70 49.40
CA VAL D 8 -8.55 -51.31 49.98
C VAL D 8 -8.91 -52.33 51.04
N PRO D 9 -8.62 -53.62 50.78
CA PRO D 9 -8.90 -54.74 51.68
C PRO D 9 -8.15 -54.64 53.01
N ALA D 10 -8.76 -55.18 54.06
CA ALA D 10 -8.17 -55.19 55.39
C ALA D 10 -6.80 -55.84 55.36
N PRO D 11 -5.77 -55.11 55.82
CA PRO D 11 -4.39 -55.61 55.85
C PRO D 11 -4.05 -56.57 56.98
N ASN D 12 -3.29 -57.61 56.66
CA ASN D 12 -2.85 -58.54 57.67
C ASN D 12 -1.61 -57.85 58.21
N GLN D 13 -1.76 -57.17 59.34
CA GLN D 13 -0.66 -56.40 59.95
C GLN D 13 0.59 -57.16 60.41
N GLN D 14 0.66 -58.44 60.08
CA GLN D 14 1.81 -59.29 60.42
C GLN D 14 1.70 -60.54 59.53
N PRO D 15 1.80 -60.35 58.20
CA PRO D 15 1.72 -61.46 57.23
C PRO D 15 2.77 -62.51 57.49
N GLU D 16 2.45 -63.74 57.11
CA GLU D 16 3.38 -64.84 57.30
C GLU D 16 4.44 -64.85 56.20
N VAL D 17 5.67 -65.14 56.59
CA VAL D 17 6.79 -65.19 55.65
C VAL D 17 6.98 -66.63 55.18
N PHE D 18 6.81 -66.85 53.88
CA PHE D 18 6.96 -68.18 53.30
C PHE D 18 8.30 -68.37 52.60
N CYS D 19 8.91 -67.26 52.19
CA CYS D 19 10.19 -67.32 51.48
C CYS D 19 11.26 -66.46 52.15
N ASN D 20 12.41 -67.07 52.43
CA ASN D 20 13.50 -66.36 53.07
C ASN D 20 14.85 -66.96 52.70
N GLN D 21 14.89 -67.69 51.60
CA GLN D 21 16.13 -68.33 51.15
C GLN D 21 16.57 -67.85 49.77
N ILE D 22 17.67 -68.41 49.27
CA ILE D 22 18.22 -68.08 47.96
C ILE D 22 17.48 -68.88 46.89
N PHE D 23 17.00 -68.18 45.86
CA PHE D 23 16.25 -68.80 44.77
C PHE D 23 17.14 -69.13 43.57
N ILE D 24 17.40 -70.41 43.35
CA ILE D 24 18.23 -70.89 42.24
C ILE D 24 17.53 -72.09 41.58
N ASN D 25 17.49 -72.10 40.25
CA ASN D 25 16.84 -73.17 39.49
C ASN D 25 15.47 -73.52 40.02
N ASN D 26 14.68 -72.50 40.35
CA ASN D 26 13.33 -72.67 40.86
C ASN D 26 13.26 -73.48 42.16
N GLU D 27 14.35 -73.45 42.91
CA GLU D 27 14.42 -74.15 44.19
C GLU D 27 15.02 -73.23 45.27
N TRP D 28 14.62 -73.48 46.51
CA TRP D 28 15.09 -72.67 47.63
C TRP D 28 16.35 -73.28 48.25
N HIS D 29 17.40 -72.45 48.37
CA HIS D 29 18.67 -72.90 48.93
C HIS D 29 19.13 -72.00 50.07
N ASP D 30 19.89 -72.57 50.99
CA ASP D 30 20.47 -71.80 52.09
C ASP D 30 21.83 -71.35 51.59
N ALA D 31 22.40 -70.36 52.25
CA ALA D 31 23.71 -69.88 51.87
C ALA D 31 24.70 -71.02 52.07
N VAL D 32 25.68 -71.13 51.19
CA VAL D 32 26.71 -72.18 51.29
C VAL D 32 27.36 -72.13 52.67
N SER D 33 27.43 -70.94 53.23
CA SER D 33 28.02 -70.72 54.55
C SER D 33 27.01 -71.00 55.67
N ARG D 34 25.74 -71.16 55.30
CA ARG D 34 24.66 -71.43 56.25
C ARG D 34 24.30 -70.18 57.06
N LYS D 35 25.03 -69.10 56.83
CA LYS D 35 24.81 -67.84 57.55
C LYS D 35 23.52 -67.14 57.11
N THR D 36 22.95 -66.36 58.02
CA THR D 36 21.71 -65.62 57.76
C THR D 36 21.78 -64.21 58.35
N PHE D 37 20.90 -63.34 57.88
CA PHE D 37 20.85 -61.97 58.36
C PHE D 37 19.41 -61.56 58.68
N PRO D 38 19.23 -60.72 59.70
CA PRO D 38 17.89 -60.25 60.09
C PRO D 38 17.36 -59.12 59.23
N THR D 39 16.05 -59.14 59.01
CA THR D 39 15.41 -58.08 58.26
C THR D 39 14.48 -57.44 59.29
N VAL D 40 14.58 -56.13 59.42
CA VAL D 40 13.80 -55.40 60.42
C VAL D 40 12.58 -54.64 59.92
N ASN D 41 11.57 -54.58 60.77
CA ASN D 41 10.34 -53.85 60.50
C ASN D 41 10.65 -52.43 60.97
N PRO D 42 10.72 -51.46 60.04
CA PRO D 42 11.03 -50.06 60.31
C PRO D 42 10.05 -49.34 61.24
N SER D 43 8.82 -49.85 61.34
CA SER D 43 7.81 -49.24 62.19
C SER D 43 7.92 -49.62 63.66
N THR D 44 8.63 -50.70 63.95
CA THR D 44 8.79 -51.17 65.33
C THR D 44 10.24 -51.32 65.72
N GLY D 45 11.09 -51.61 64.73
CA GLY D 45 12.50 -51.81 65.01
C GLY D 45 12.79 -53.26 65.37
N GLU D 46 11.75 -54.09 65.36
CA GLU D 46 11.88 -55.51 65.68
C GLU D 46 12.18 -56.38 64.46
N VAL D 47 12.92 -57.45 64.69
CA VAL D 47 13.30 -58.41 63.64
C VAL D 47 12.09 -59.19 63.14
N ILE D 48 11.87 -59.14 61.83
CA ILE D 48 10.74 -59.86 61.20
C ILE D 48 11.10 -61.34 61.08
N CYS D 49 12.27 -61.62 60.49
CA CYS D 49 12.77 -62.97 60.32
C CYS D 49 14.17 -62.95 59.76
N GLN D 50 14.81 -64.11 59.74
CA GLN D 50 16.16 -64.24 59.19
C GLN D 50 16.05 -64.53 57.70
N VAL D 51 17.13 -64.26 56.98
CA VAL D 51 17.17 -64.49 55.54
C VAL D 51 18.58 -64.95 55.18
N ALA D 52 18.66 -65.98 54.33
CA ALA D 52 19.95 -66.52 53.91
C ALA D 52 20.88 -65.43 53.39
N GLU D 53 22.08 -65.36 53.96
CA GLU D 53 23.07 -64.35 53.57
C GLU D 53 23.90 -64.84 52.38
N GLY D 54 23.39 -64.60 51.17
CA GLY D 54 24.11 -65.02 49.98
C GLY D 54 25.43 -64.27 49.80
N ASP D 55 26.45 -64.96 49.31
CA ASP D 55 27.75 -64.35 49.09
C ASP D 55 28.26 -64.81 47.73
N LYS D 56 29.53 -64.58 47.45
CA LYS D 56 30.15 -64.96 46.18
C LYS D 56 29.86 -66.38 45.73
N GLU D 57 30.06 -67.36 46.62
CA GLU D 57 29.81 -68.76 46.28
C GLU D 57 28.37 -69.01 45.87
N ASP D 58 27.45 -68.27 46.48
CA ASP D 58 26.03 -68.41 46.17
C ASP D 58 25.74 -67.77 44.82
N VAL D 59 26.43 -66.67 44.53
CA VAL D 59 26.23 -65.98 43.27
C VAL D 59 26.78 -66.85 42.15
N ASP D 60 27.91 -67.51 42.41
CA ASP D 60 28.51 -68.38 41.41
C ASP D 60 27.55 -69.49 41.00
N LYS D 61 26.78 -70.00 41.96
CA LYS D 61 25.81 -71.05 41.69
C LYS D 61 24.67 -70.52 40.82
N ALA D 62 24.17 -69.33 41.17
CA ALA D 62 23.08 -68.72 40.42
C ALA D 62 23.48 -68.42 38.98
N VAL D 63 24.67 -67.87 38.79
CA VAL D 63 25.16 -67.56 37.45
C VAL D 63 25.24 -68.81 36.57
N LYS D 64 25.76 -69.90 37.14
CA LYS D 64 25.88 -71.16 36.42
C LYS D 64 24.49 -71.68 36.03
N ALA D 65 23.53 -71.50 36.93
CA ALA D 65 22.17 -71.93 36.66
C ALA D 65 21.58 -71.10 35.51
N ALA D 66 21.86 -69.80 35.54
CA ALA D 66 21.38 -68.88 34.53
C ALA D 66 22.00 -69.19 33.18
N ARG D 67 23.31 -69.38 33.17
CA ARG D 67 24.06 -69.70 31.96
C ARG D 67 23.52 -70.98 31.31
N ALA D 68 23.20 -71.97 32.13
CA ALA D 68 22.68 -73.24 31.65
C ALA D 68 21.32 -73.04 31.00
N ALA D 69 20.45 -72.26 31.64
CA ALA D 69 19.11 -71.99 31.11
C ALA D 69 19.17 -71.16 29.83
N PHE D 70 20.31 -70.52 29.59
CA PHE D 70 20.50 -69.68 28.42
C PHE D 70 21.16 -70.41 27.26
N GLN D 71 21.59 -71.65 27.49
CA GLN D 71 22.24 -72.44 26.45
C GLN D 71 21.36 -72.64 25.23
N LEU D 72 21.97 -72.51 24.05
CA LEU D 72 21.26 -72.69 22.80
C LEU D 72 20.56 -74.05 22.77
N GLY D 73 19.26 -74.05 22.47
CA GLY D 73 18.52 -75.29 22.42
C GLY D 73 17.72 -75.56 23.68
N SER D 74 17.93 -74.74 24.70
CA SER D 74 17.22 -74.89 25.96
C SER D 74 15.76 -74.43 25.83
N PRO D 75 14.90 -74.83 26.77
CA PRO D 75 13.50 -74.44 26.73
C PRO D 75 13.26 -72.93 26.68
N TRP D 76 14.07 -72.15 27.39
CA TRP D 76 13.93 -70.70 27.41
C TRP D 76 14.36 -70.07 26.08
N ARG D 77 15.39 -70.64 25.45
CA ARG D 77 15.87 -70.12 24.17
C ARG D 77 14.94 -70.49 23.00
N ARG D 78 14.41 -71.70 23.02
CA ARG D 78 13.51 -72.19 21.97
C ARG D 78 12.09 -71.67 22.06
N MET D 79 11.71 -71.27 23.26
CA MET D 79 10.36 -70.76 23.51
C MET D 79 9.99 -69.61 22.58
N ASP D 80 8.78 -69.67 22.02
CA ASP D 80 8.28 -68.62 21.13
C ASP D 80 8.25 -67.28 21.89
N ALA D 81 8.56 -66.19 21.19
CA ALA D 81 8.56 -64.86 21.80
C ALA D 81 7.21 -64.55 22.42
N SER D 82 6.14 -64.89 21.70
CA SER D 82 4.79 -64.64 22.19
C SER D 82 4.49 -65.40 23.47
N HIS D 83 5.12 -66.56 23.63
CA HIS D 83 4.90 -67.37 24.81
C HIS D 83 5.58 -66.74 26.02
N ARG D 84 6.67 -66.03 25.75
CA ARG D 84 7.42 -65.33 26.78
C ARG D 84 6.49 -64.26 27.33
N GLY D 85 5.66 -63.69 26.46
CA GLY D 85 4.71 -62.66 26.85
C GLY D 85 3.59 -63.26 27.69
N ARG D 86 3.15 -64.45 27.31
CA ARG D 86 2.11 -65.15 28.03
C ARG D 86 2.59 -65.40 29.47
N LEU D 87 3.84 -65.82 29.61
CA LEU D 87 4.41 -66.10 30.92
C LEU D 87 4.45 -64.83 31.79
N LEU D 88 4.84 -63.71 31.19
CA LEU D 88 4.88 -62.44 31.93
C LEU D 88 3.47 -62.02 32.36
N ASN D 89 2.49 -62.31 31.52
CA ASN D 89 1.09 -62.00 31.82
C ASN D 89 0.58 -62.91 32.93
N ARG D 90 1.07 -64.14 32.96
CA ARG D 90 0.68 -65.11 33.98
C ARG D 90 1.26 -64.67 35.31
N LEU D 91 2.52 -64.24 35.28
CA LEU D 91 3.18 -63.76 36.49
C LEU D 91 2.37 -62.60 37.06
N ALA D 92 1.91 -61.72 36.18
CA ALA D 92 1.12 -60.56 36.56
C ALA D 92 -0.16 -60.99 37.29
N ASP D 93 -0.87 -61.91 36.68
CA ASP D 93 -2.12 -62.44 37.23
C ASP D 93 -1.92 -63.05 38.62
N LEU D 94 -0.82 -63.75 38.80
CA LEU D 94 -0.50 -64.37 40.08
C LEU D 94 -0.18 -63.31 41.13
N ILE D 95 0.48 -62.24 40.70
CA ILE D 95 0.83 -61.14 41.59
C ILE D 95 -0.44 -60.40 42.01
N GLU D 96 -1.42 -60.35 41.10
CA GLU D 96 -2.68 -59.70 41.41
C GLU D 96 -3.51 -60.56 42.36
N ARG D 97 -3.41 -61.88 42.20
CA ARG D 97 -4.14 -62.82 43.04
C ARG D 97 -3.69 -62.63 44.50
N ASP D 98 -2.39 -62.52 44.70
CA ASP D 98 -1.80 -62.32 46.02
C ASP D 98 -1.49 -60.84 46.27
N ARG D 99 -2.28 -59.96 45.68
CA ARG D 99 -2.08 -58.52 45.81
C ARG D 99 -2.11 -58.04 47.26
N THR D 100 -3.22 -58.35 47.94
CA THR D 100 -3.42 -57.96 49.33
C THR D 100 -2.25 -58.39 50.20
N TYR D 101 -1.86 -59.64 50.05
CA TYR D 101 -0.75 -60.19 50.82
C TYR D 101 0.58 -59.45 50.54
N LEU D 102 0.93 -59.31 49.26
CA LEU D 102 2.16 -58.63 48.85
C LEU D 102 2.25 -57.20 49.37
N ALA D 103 1.16 -56.44 49.23
CA ALA D 103 1.12 -55.07 49.69
C ALA D 103 1.44 -54.99 51.19
N ALA D 104 0.83 -55.89 51.96
CA ALA D 104 1.04 -55.96 53.40
C ALA D 104 2.48 -56.30 53.73
N LEU D 105 2.99 -57.34 53.08
CA LEU D 105 4.37 -57.76 53.28
C LEU D 105 5.33 -56.64 52.88
N GLU D 106 4.93 -55.87 51.86
CA GLU D 106 5.74 -54.75 51.38
C GLU D 106 5.84 -53.70 52.49
N THR D 107 4.68 -53.32 53.04
CA THR D 107 4.58 -52.35 54.11
C THR D 107 5.34 -52.82 55.36
N LEU D 108 5.25 -54.11 55.66
CA LEU D 108 5.94 -54.67 56.82
C LEU D 108 7.46 -54.57 56.76
N ASP D 109 8.03 -54.86 55.59
CA ASP D 109 9.48 -54.83 55.44
C ASP D 109 10.06 -53.46 55.07
N ASN D 110 9.29 -52.69 54.29
CA ASN D 110 9.71 -51.37 53.83
C ASN D 110 9.29 -50.24 54.77
N GLY D 111 8.02 -50.21 55.15
CA GLY D 111 7.51 -49.18 56.03
C GLY D 111 6.49 -48.26 55.38
N LYS D 112 6.42 -48.27 54.06
CA LYS D 112 5.48 -47.41 53.34
C LYS D 112 4.04 -47.77 53.69
N PRO D 113 3.12 -46.79 53.66
CA PRO D 113 1.71 -47.03 53.98
C PRO D 113 1.12 -48.18 53.16
N TYR D 114 0.29 -48.99 53.80
CA TYR D 114 -0.38 -50.12 53.16
C TYR D 114 -1.24 -49.68 51.96
N VAL D 115 -1.98 -48.59 52.14
CA VAL D 115 -2.83 -48.09 51.07
C VAL D 115 -1.99 -47.80 49.83
N ILE D 116 -0.85 -47.16 50.04
CA ILE D 116 0.06 -46.80 48.95
C ILE D 116 0.66 -48.06 48.28
N SER D 117 1.05 -49.03 49.10
CA SER D 117 1.62 -50.27 48.61
C SER D 117 0.62 -51.00 47.73
N TYR D 118 -0.64 -50.92 48.10
CA TYR D 118 -1.71 -51.58 47.38
C TYR D 118 -2.12 -50.84 46.12
N LEU D 119 -2.59 -49.60 46.29
CA LEU D 119 -3.07 -48.78 45.17
C LEU D 119 -2.02 -48.18 44.21
N VAL D 120 -0.79 -48.01 44.69
CA VAL D 120 0.28 -47.46 43.88
C VAL D 120 1.33 -48.49 43.45
N ASP D 121 2.16 -48.92 44.39
CA ASP D 121 3.22 -49.89 44.13
C ASP D 121 2.81 -51.15 43.39
N LEU D 122 1.83 -51.89 43.92
CA LEU D 122 1.37 -53.12 43.28
C LEU D 122 0.68 -52.90 41.94
N ASP D 123 -0.01 -51.78 41.80
CA ASP D 123 -0.71 -51.48 40.55
C ASP D 123 0.34 -51.24 39.48
N MET D 124 1.38 -50.48 39.82
CA MET D 124 2.43 -50.17 38.88
C MET D 124 3.20 -51.42 38.50
N VAL D 125 3.41 -52.31 39.46
CA VAL D 125 4.10 -53.58 39.23
C VAL D 125 3.33 -54.38 38.18
N LEU D 126 2.02 -54.43 38.34
CA LEU D 126 1.14 -55.15 37.42
C LEU D 126 1.19 -54.54 36.04
N LYS D 127 1.13 -53.21 35.98
CA LYS D 127 1.15 -52.49 34.72
C LYS D 127 2.49 -52.58 33.99
N CYS D 128 3.56 -52.73 34.77
CA CYS D 128 4.91 -52.82 34.21
C CYS D 128 5.13 -54.18 33.54
N LEU D 129 4.73 -55.25 34.22
CA LEU D 129 4.87 -56.61 33.70
C LEU D 129 3.96 -56.83 32.51
N ARG D 130 2.74 -56.31 32.59
CA ARG D 130 1.80 -56.45 31.49
C ARG D 130 2.21 -55.67 30.26
N TYR D 131 2.81 -54.50 30.47
CA TYR D 131 3.25 -53.65 29.36
C TYR D 131 4.35 -54.36 28.61
N TYR D 132 5.38 -54.80 29.33
CA TYR D 132 6.49 -55.50 28.72
C TYR D 132 6.11 -56.86 28.14
N ALA D 133 5.04 -57.46 28.65
CA ALA D 133 4.60 -58.74 28.12
C ALA D 133 4.25 -58.56 26.64
N GLY D 134 3.70 -57.38 26.33
CA GLY D 134 3.32 -57.06 24.96
C GLY D 134 4.49 -56.81 24.04
N TRP D 135 5.67 -56.52 24.62
CA TRP D 135 6.87 -56.25 23.83
C TRP D 135 7.60 -57.53 23.43
N ALA D 136 7.30 -58.62 24.13
CA ALA D 136 7.94 -59.92 23.93
C ALA D 136 8.19 -60.34 22.49
N ASP D 137 7.23 -60.07 21.61
CA ASP D 137 7.36 -60.44 20.21
C ASP D 137 7.22 -59.27 19.24
N LYS D 138 7.67 -58.09 19.67
CA LYS D 138 7.55 -56.91 18.83
C LYS D 138 8.81 -56.09 18.62
N TYR D 139 9.89 -56.42 19.34
CA TYR D 139 11.14 -55.69 19.19
C TYR D 139 11.90 -56.24 17.98
N HIS D 140 11.39 -55.88 16.81
CA HIS D 140 11.94 -56.34 15.54
C HIS D 140 13.38 -55.94 15.25
N GLY D 141 14.03 -56.77 14.44
CA GLY D 141 15.36 -56.46 13.95
C GLY D 141 15.13 -55.74 12.62
N LYS D 142 16.15 -55.62 11.79
CA LYS D 142 15.99 -54.91 10.52
C LYS D 142 16.57 -55.64 9.31
N THR D 143 16.04 -55.32 8.12
CA THR D 143 16.56 -55.86 6.87
C THR D 143 17.12 -54.57 6.23
N ILE D 144 18.44 -54.57 6.04
CA ILE D 144 19.15 -53.40 5.54
C ILE D 144 19.57 -53.41 4.08
N PRO D 145 19.22 -52.36 3.34
CA PRO D 145 19.53 -52.19 1.91
C PRO D 145 20.99 -51.78 1.72
N ILE D 146 21.88 -52.67 2.14
CA ILE D 146 23.33 -52.47 2.07
C ILE D 146 23.80 -52.43 0.62
N ASP D 147 24.97 -51.83 0.40
CA ASP D 147 25.56 -51.73 -0.93
C ASP D 147 26.00 -53.09 -1.43
N GLY D 148 26.09 -53.24 -2.75
CA GLY D 148 26.55 -54.48 -3.35
C GLY D 148 25.54 -55.61 -3.37
N ASP D 149 25.93 -56.76 -3.89
CA ASP D 149 25.06 -57.93 -3.99
C ASP D 149 25.00 -58.74 -2.69
N PHE D 150 24.32 -58.17 -1.71
CA PHE D 150 24.19 -58.81 -0.42
C PHE D 150 22.80 -58.61 0.17
N PHE D 151 22.50 -59.46 1.14
CA PHE D 151 21.25 -59.43 1.87
C PHE D 151 21.75 -59.26 3.31
N SER D 152 21.58 -58.07 3.86
CA SER D 152 22.01 -57.81 5.20
C SER D 152 20.82 -57.58 6.12
N TYR D 153 20.88 -58.19 7.30
CA TYR D 153 19.81 -58.03 8.28
C TYR D 153 20.34 -58.16 9.70
N THR D 154 19.60 -57.65 10.67
CA THR D 154 20.06 -57.74 12.05
C THR D 154 19.11 -58.60 12.87
N ARG D 155 19.69 -59.32 13.82
CA ARG D 155 18.94 -60.17 14.74
C ARG D 155 19.04 -59.53 16.11
N HIS D 156 17.90 -59.33 16.75
CA HIS D 156 17.89 -58.76 18.09
C HIS D 156 17.88 -59.95 19.05
N GLU D 157 19.06 -60.30 19.53
CA GLU D 157 19.24 -61.43 20.43
C GLU D 157 19.36 -60.96 21.89
N PRO D 158 19.14 -61.88 22.85
CA PRO D 158 19.24 -61.55 24.27
C PRO D 158 20.70 -61.23 24.62
N VAL D 159 20.90 -60.30 25.53
CA VAL D 159 22.25 -59.95 25.91
C VAL D 159 22.92 -61.13 26.64
N GLY D 160 22.10 -61.94 27.32
CA GLY D 160 22.60 -63.11 28.05
C GLY D 160 22.29 -63.12 29.54
N VAL D 161 23.29 -63.44 30.35
CA VAL D 161 23.14 -63.48 31.80
C VAL D 161 23.18 -62.04 32.34
N CYS D 162 22.03 -61.60 32.85
CA CYS D 162 21.84 -60.25 33.37
C CYS D 162 21.85 -60.16 34.90
N GLY D 163 22.85 -59.47 35.43
CA GLY D 163 22.92 -59.27 36.86
C GLY D 163 22.16 -58.00 37.17
N GLN D 164 21.19 -58.08 38.08
CA GLN D 164 20.38 -56.93 38.44
C GLN D 164 20.42 -56.66 39.92
N ILE D 165 20.93 -55.50 40.30
CA ILE D 165 21.03 -55.09 41.71
C ILE D 165 20.07 -53.92 41.96
N ILE D 166 19.07 -54.14 42.81
CA ILE D 166 18.09 -53.11 43.11
C ILE D 166 18.10 -52.61 44.54
N PRO D 167 17.56 -51.40 44.77
CA PRO D 167 17.48 -50.74 46.07
C PRO D 167 16.30 -51.21 46.94
N TRP D 168 16.03 -50.46 48.00
CA TRP D 168 14.97 -50.77 48.96
C TRP D 168 13.76 -49.86 48.98
N ASN D 169 13.82 -48.72 48.28
CA ASN D 169 12.70 -47.78 48.29
C ASN D 169 11.41 -48.26 47.64
N PHE D 170 11.53 -49.11 46.63
CA PHE D 170 10.35 -49.67 45.93
C PHE D 170 10.71 -51.11 45.60
N PRO D 171 10.80 -51.98 46.62
CA PRO D 171 11.15 -53.41 46.46
C PRO D 171 10.46 -54.17 45.33
N LEU D 172 9.13 -54.15 45.33
CA LEU D 172 8.35 -54.83 44.32
C LEU D 172 8.43 -54.19 42.94
N LEU D 173 8.27 -52.87 42.91
CA LEU D 173 8.31 -52.14 41.65
C LEU D 173 9.68 -52.17 40.97
N MET D 174 10.75 -51.97 41.73
CA MET D 174 12.09 -52.03 41.15
C MET D 174 12.38 -53.41 40.58
N GLN D 175 11.80 -54.45 41.21
CA GLN D 175 11.97 -55.82 40.75
C GLN D 175 11.24 -56.00 39.41
N ALA D 176 10.05 -55.40 39.28
CA ALA D 176 9.29 -55.48 38.04
C ALA D 176 9.97 -54.70 36.92
N TRP D 177 10.39 -53.48 37.23
CA TRP D 177 11.07 -52.63 36.25
C TRP D 177 12.27 -53.35 35.62
N LYS D 178 12.91 -54.23 36.39
CA LYS D 178 14.06 -54.98 35.91
C LYS D 178 13.70 -56.27 35.17
N LEU D 179 12.85 -57.10 35.77
CA LEU D 179 12.44 -58.36 35.17
C LEU D 179 11.63 -58.21 33.90
N GLY D 180 10.69 -57.28 33.90
CA GLY D 180 9.86 -57.06 32.73
C GLY D 180 10.58 -56.99 31.40
N PRO D 181 11.51 -56.04 31.21
CA PRO D 181 12.25 -55.91 29.95
C PRO D 181 13.23 -57.07 29.71
N ALA D 182 13.92 -57.49 30.78
CA ALA D 182 14.87 -58.58 30.69
C ALA D 182 14.21 -59.87 30.19
N LEU D 183 13.09 -60.26 30.80
CA LEU D 183 12.39 -61.48 30.43
C LEU D 183 11.68 -61.38 29.08
N ALA D 184 11.18 -60.19 28.78
CA ALA D 184 10.49 -59.95 27.53
C ALA D 184 11.42 -60.18 26.34
N THR D 185 12.70 -59.93 26.55
CA THR D 185 13.70 -60.08 25.50
C THR D 185 14.46 -61.40 25.56
N GLY D 186 13.97 -62.33 26.40
CA GLY D 186 14.59 -63.65 26.50
C GLY D 186 15.90 -63.80 27.24
N ASN D 187 16.15 -62.93 28.20
CA ASN D 187 17.39 -62.99 28.98
C ASN D 187 17.20 -63.85 30.22
N VAL D 188 18.29 -64.07 30.95
CA VAL D 188 18.29 -64.82 32.19
C VAL D 188 18.74 -63.84 33.28
N VAL D 189 18.16 -63.97 34.46
CA VAL D 189 18.45 -63.05 35.56
C VAL D 189 19.04 -63.62 36.85
N VAL D 190 19.95 -62.86 37.43
CA VAL D 190 20.57 -63.18 38.71
C VAL D 190 20.39 -61.88 39.47
N MET D 191 19.28 -61.77 40.18
CA MET D 191 18.92 -60.58 40.94
C MET D 191 19.45 -60.53 42.36
N LYS D 192 19.93 -59.36 42.76
CA LYS D 192 20.46 -59.13 44.10
C LYS D 192 19.61 -58.05 44.76
N VAL D 193 18.61 -58.48 45.53
CA VAL D 193 17.71 -57.56 46.22
C VAL D 193 18.37 -56.88 47.42
N ALA D 194 17.77 -55.80 47.89
CA ALA D 194 18.29 -55.03 49.02
C ALA D 194 18.19 -55.78 50.34
N GLU D 195 19.24 -55.70 51.15
CA GLU D 195 19.27 -56.36 52.45
C GLU D 195 18.16 -55.88 53.37
N GLN D 196 17.73 -54.63 53.17
CA GLN D 196 16.67 -54.03 53.99
C GLN D 196 15.30 -54.55 53.61
N THR D 197 15.09 -54.86 52.34
CA THR D 197 13.78 -55.36 51.89
C THR D 197 13.85 -56.53 50.91
N PRO D 198 14.24 -57.72 51.41
CA PRO D 198 14.34 -58.91 50.57
C PRO D 198 13.10 -59.79 50.50
N LEU D 199 12.21 -59.65 51.47
CA LEU D 199 11.00 -60.49 51.55
C LEU D 199 10.09 -60.59 50.34
N THR D 200 9.48 -59.48 49.94
CA THR D 200 8.56 -59.46 48.81
C THR D 200 9.12 -60.02 47.51
N ALA D 201 10.36 -59.66 47.20
CA ALA D 201 11.01 -60.13 45.97
C ALA D 201 11.13 -61.64 45.96
N LEU D 202 11.51 -62.21 47.11
CA LEU D 202 11.66 -63.65 47.27
C LEU D 202 10.32 -64.37 47.09
N TYR D 203 9.23 -63.75 47.52
CA TYR D 203 7.92 -64.36 47.35
C TYR D 203 7.54 -64.39 45.88
N VAL D 204 7.86 -63.32 45.16
CA VAL D 204 7.56 -63.23 43.73
C VAL D 204 8.28 -64.36 43.00
N ALA D 205 9.46 -64.73 43.50
CA ALA D 205 10.23 -65.81 42.91
C ALA D 205 9.41 -67.09 42.92
N ASN D 206 8.57 -67.23 43.94
CA ASN D 206 7.70 -68.38 44.09
C ASN D 206 6.64 -68.35 42.99
N LEU D 207 6.16 -67.14 42.70
CA LEU D 207 5.15 -66.95 41.67
C LEU D 207 5.74 -67.17 40.30
N ILE D 208 7.01 -66.82 40.15
CA ILE D 208 7.73 -66.98 38.90
C ILE D 208 7.79 -68.47 38.55
N LYS D 209 8.05 -69.29 39.56
CA LYS D 209 8.15 -70.73 39.40
C LYS D 209 6.75 -71.27 39.11
N GLU D 210 5.76 -70.73 39.80
CA GLU D 210 4.37 -71.14 39.62
C GLU D 210 3.82 -70.70 38.25
N ALA D 211 4.39 -69.61 37.73
CA ALA D 211 3.97 -69.05 36.45
C ALA D 211 4.35 -69.96 35.27
N GLY D 212 5.36 -70.79 35.48
CA GLY D 212 5.79 -71.69 34.43
C GLY D 212 7.16 -71.39 33.84
N PHE D 213 7.82 -70.36 34.36
CA PHE D 213 9.15 -70.00 33.87
C PHE D 213 10.18 -71.09 34.15
N PRO D 214 10.93 -71.49 33.11
CA PRO D 214 11.96 -72.52 33.23
C PRO D 214 13.00 -72.22 34.32
N PRO D 215 13.51 -73.28 34.97
CA PRO D 215 14.52 -73.14 36.04
C PRO D 215 15.77 -72.43 35.54
N GLY D 216 16.30 -71.53 36.37
CA GLY D 216 17.51 -70.81 36.00
C GLY D 216 17.26 -69.49 35.29
N VAL D 217 16.06 -69.32 34.74
CA VAL D 217 15.75 -68.08 34.04
C VAL D 217 15.79 -66.88 34.99
N VAL D 218 15.26 -67.07 36.20
CA VAL D 218 15.28 -65.99 37.19
C VAL D 218 15.81 -66.57 38.50
N ASN D 219 16.93 -66.02 38.96
CA ASN D 219 17.54 -66.44 40.20
C ASN D 219 17.70 -65.22 41.12
N ILE D 220 17.27 -65.35 42.37
CA ILE D 220 17.39 -64.24 43.30
C ILE D 220 18.33 -64.59 44.46
N VAL D 221 19.31 -63.73 44.68
CA VAL D 221 20.29 -63.93 45.74
C VAL D 221 20.26 -62.79 46.75
N PRO D 222 19.57 -63.00 47.89
CA PRO D 222 19.48 -61.97 48.94
C PRO D 222 20.80 -61.91 49.68
N GLY D 223 21.20 -60.70 50.07
CA GLY D 223 22.46 -60.52 50.78
C GLY D 223 22.91 -59.07 50.80
N PHE D 224 24.15 -58.86 51.22
CA PHE D 224 24.71 -57.51 51.29
C PHE D 224 25.40 -57.09 49.99
N GLY D 225 25.64 -55.80 49.86
CA GLY D 225 26.27 -55.28 48.66
C GLY D 225 27.73 -55.65 48.41
N PRO D 226 28.66 -55.29 49.31
CA PRO D 226 30.08 -55.60 49.14
C PRO D 226 30.39 -57.08 48.93
N THR D 227 29.42 -57.93 49.26
CA THR D 227 29.58 -59.37 49.10
C THR D 227 28.90 -59.91 47.85
N ALA D 228 27.58 -60.08 47.91
CA ALA D 228 26.79 -60.59 46.80
C ALA D 228 26.78 -59.66 45.60
N GLY D 229 26.51 -58.37 45.86
CA GLY D 229 26.46 -57.37 44.80
C GLY D 229 27.74 -57.28 44.00
N ALA D 230 28.86 -57.13 44.69
CA ALA D 230 30.17 -57.03 44.04
C ALA D 230 30.53 -58.30 43.28
N ALA D 231 30.09 -59.45 43.80
CA ALA D 231 30.36 -60.74 43.16
C ALA D 231 29.70 -60.80 41.77
N ILE D 232 28.54 -60.16 41.66
CA ILE D 232 27.80 -60.10 40.40
C ILE D 232 28.48 -59.13 39.43
N ALA D 233 28.77 -57.93 39.92
CA ALA D 233 29.40 -56.91 39.10
C ALA D 233 30.77 -57.30 38.59
N SER D 234 31.47 -58.14 39.34
CA SER D 234 32.81 -58.58 38.93
C SER D 234 32.85 -59.98 38.33
N HIS D 235 31.70 -60.65 38.25
CA HIS D 235 31.64 -62.01 37.72
C HIS D 235 32.11 -62.10 36.27
N GLU D 236 32.94 -63.11 35.98
CA GLU D 236 33.48 -63.28 34.63
C GLU D 236 32.48 -63.85 33.61
N ASP D 237 31.34 -64.33 34.09
CA ASP D 237 30.36 -64.90 33.19
C ASP D 237 29.05 -64.12 33.11
N VAL D 238 29.01 -62.94 33.73
CA VAL D 238 27.82 -62.12 33.66
C VAL D 238 28.00 -61.16 32.47
N ASP D 239 27.07 -61.23 31.53
CA ASP D 239 27.11 -60.43 30.31
C ASP D 239 26.73 -58.96 30.48
N LYS D 240 25.75 -58.69 31.33
CA LYS D 240 25.28 -57.33 31.54
C LYS D 240 24.82 -57.11 32.98
N VAL D 241 24.92 -55.87 33.44
CA VAL D 241 24.50 -55.53 34.81
C VAL D 241 23.74 -54.22 34.87
N ALA D 242 22.60 -54.25 35.55
CA ALA D 242 21.76 -53.07 35.72
C ALA D 242 21.69 -52.78 37.21
N PHE D 243 22.02 -51.55 37.58
CA PHE D 243 22.04 -51.14 38.98
C PHE D 243 21.20 -49.91 39.27
N THR D 244 20.65 -49.87 40.47
CA THR D 244 19.84 -48.75 40.92
C THR D 244 20.16 -48.51 42.38
N GLY D 245 20.60 -47.30 42.70
CA GLY D 245 20.94 -46.96 44.07
C GLY D 245 21.70 -45.65 44.18
N SER D 246 22.78 -45.66 44.97
CA SER D 246 23.61 -44.48 45.17
C SER D 246 24.63 -44.27 44.06
N THR D 247 25.06 -43.01 43.91
CA THR D 247 26.06 -42.64 42.91
C THR D 247 27.41 -43.28 43.26
N GLU D 248 27.70 -43.37 44.55
CA GLU D 248 28.96 -43.96 45.02
C GLU D 248 29.12 -45.40 44.54
N ILE D 249 28.11 -46.23 44.79
CA ILE D 249 28.15 -47.63 44.37
C ILE D 249 28.11 -47.76 42.86
N GLY D 250 27.42 -46.83 42.21
CA GLY D 250 27.35 -46.83 40.76
C GLY D 250 28.75 -46.79 40.17
N ARG D 251 29.63 -46.00 40.80
CA ARG D 251 31.02 -45.90 40.34
C ARG D 251 31.70 -47.25 40.52
N VAL D 252 31.44 -47.89 41.67
CA VAL D 252 32.03 -49.19 41.98
C VAL D 252 31.60 -50.24 40.96
N ILE D 253 30.30 -50.22 40.61
CA ILE D 253 29.73 -51.14 39.64
C ILE D 253 30.42 -51.01 38.27
N GLN D 254 30.51 -49.77 37.78
CA GLN D 254 31.14 -49.52 36.48
C GLN D 254 32.63 -49.88 36.48
N VAL D 255 33.31 -49.64 37.61
CA VAL D 255 34.72 -49.96 37.74
C VAL D 255 34.92 -51.48 37.75
N ALA D 256 34.03 -52.18 38.45
CA ALA D 256 34.09 -53.64 38.55
C ALA D 256 33.87 -54.28 37.18
N ALA D 257 32.90 -53.72 36.45
CA ALA D 257 32.57 -54.21 35.12
C ALA D 257 33.76 -54.04 34.19
N GLY D 258 34.46 -52.92 34.28
CA GLY D 258 35.60 -52.68 33.44
C GLY D 258 36.82 -53.49 33.83
N SER D 259 36.92 -53.81 35.11
CA SER D 259 38.03 -54.59 35.65
C SER D 259 37.86 -56.06 35.37
N SER D 260 36.61 -56.50 35.28
CA SER D 260 36.30 -57.92 35.04
C SER D 260 36.26 -58.29 33.57
N ASN D 261 35.07 -58.54 33.02
CA ASN D 261 34.95 -58.96 31.63
C ASN D 261 34.37 -57.93 30.66
N LEU D 262 34.33 -56.67 31.06
CA LEU D 262 33.77 -55.61 30.22
C LEU D 262 32.28 -55.80 29.91
N LYS D 263 31.53 -56.24 30.92
CA LYS D 263 30.09 -56.44 30.78
C LYS D 263 29.37 -55.11 30.53
N ARG D 264 28.26 -55.15 29.79
CA ARG D 264 27.47 -53.94 29.50
C ARG D 264 26.87 -53.44 30.82
N VAL D 265 26.82 -52.12 30.96
CA VAL D 265 26.31 -51.51 32.20
C VAL D 265 25.28 -50.38 31.99
N THR D 266 24.29 -50.32 32.88
CA THR D 266 23.29 -49.25 32.88
C THR D 266 23.02 -48.89 34.33
N LEU D 267 23.02 -47.60 34.63
CA LEU D 267 22.83 -47.15 36.01
C LEU D 267 21.67 -46.17 36.20
N GLU D 268 20.99 -46.31 37.33
CA GLU D 268 19.89 -45.43 37.73
C GLU D 268 20.30 -45.00 39.14
N LEU D 269 20.98 -43.85 39.21
CA LEU D 269 21.46 -43.30 40.48
C LEU D 269 20.50 -42.29 41.10
N GLY D 270 20.97 -41.57 42.12
CA GLY D 270 20.13 -40.60 42.79
C GLY D 270 19.91 -39.31 42.04
N GLY D 271 19.54 -38.26 42.77
CA GLY D 271 19.31 -36.99 42.15
C GLY D 271 18.97 -35.89 43.13
N LYS D 272 18.83 -34.68 42.60
CA LYS D 272 18.48 -33.51 43.40
C LYS D 272 17.61 -32.68 42.48
N SER D 273 16.60 -33.36 41.94
CA SER D 273 15.66 -32.79 41.00
C SER D 273 14.96 -31.50 41.44
N PRO D 274 15.03 -30.47 40.57
CA PRO D 274 14.42 -29.16 40.82
C PRO D 274 12.97 -29.08 40.39
N ASN D 275 12.16 -28.44 41.22
CA ASN D 275 10.74 -28.26 40.91
C ASN D 275 10.48 -26.76 40.80
N ILE D 276 10.43 -26.25 39.57
CA ILE D 276 10.23 -24.82 39.31
C ILE D 276 8.77 -24.36 39.29
N ILE D 277 8.45 -23.45 40.21
CA ILE D 277 7.10 -22.91 40.32
C ILE D 277 7.10 -21.47 39.80
N MET D 278 6.59 -21.25 38.60
CA MET D 278 6.53 -19.90 38.05
C MET D 278 5.42 -19.11 38.72
N SER D 279 5.48 -17.79 38.61
CA SER D 279 4.48 -16.92 39.23
C SER D 279 3.07 -17.09 38.69
N ASP D 280 2.95 -17.50 37.43
CA ASP D 280 1.64 -17.70 36.82
C ASP D 280 1.05 -19.10 36.99
N ALA D 281 1.64 -19.88 37.89
CA ALA D 281 1.18 -21.24 38.17
C ALA D 281 -0.10 -21.29 39.00
N ASP D 282 -0.77 -22.43 38.99
CA ASP D 282 -1.98 -22.62 39.76
C ASP D 282 -1.52 -22.89 41.19
N MET D 283 -1.62 -21.87 42.03
CA MET D 283 -1.21 -21.92 43.42
C MET D 283 -1.53 -23.23 44.15
N ASP D 284 -2.82 -23.52 44.34
CA ASP D 284 -3.26 -24.71 45.04
C ASP D 284 -2.66 -26.00 44.49
N TRP D 285 -2.69 -26.14 43.16
CA TRP D 285 -2.16 -27.31 42.49
C TRP D 285 -0.66 -27.46 42.73
N ALA D 286 0.10 -26.39 42.44
CA ALA D 286 1.54 -26.39 42.62
C ALA D 286 1.95 -26.76 44.04
N VAL D 287 1.22 -26.25 45.03
CA VAL D 287 1.53 -26.52 46.42
C VAL D 287 1.39 -28.00 46.75
N GLU D 288 0.23 -28.57 46.41
CA GLU D 288 -0.06 -29.98 46.66
C GLU D 288 0.90 -30.91 45.92
N GLN D 289 1.23 -30.54 44.68
CA GLN D 289 2.15 -31.33 43.86
C GLN D 289 3.58 -31.21 44.35
N ALA D 290 3.98 -30.02 44.77
CA ALA D 290 5.33 -29.81 45.29
C ALA D 290 5.51 -30.60 46.58
N HIS D 291 4.44 -30.66 47.38
CA HIS D 291 4.45 -31.40 48.64
C HIS D 291 4.63 -32.89 48.32
N PHE D 292 3.82 -33.37 47.38
CA PHE D 292 3.86 -34.75 46.93
C PHE D 292 5.22 -35.06 46.29
N ALA D 293 5.71 -34.12 45.48
CA ALA D 293 6.97 -34.24 44.77
C ALA D 293 8.16 -34.58 45.67
N LEU D 294 8.14 -34.10 46.91
CA LEU D 294 9.24 -34.38 47.82
C LEU D 294 8.94 -35.39 48.93
N PHE D 295 7.76 -35.28 49.53
CA PHE D 295 7.39 -36.16 50.64
C PHE D 295 6.95 -37.58 50.28
N PHE D 296 6.68 -37.83 49.00
CA PHE D 296 6.25 -39.16 48.56
C PHE D 296 7.21 -40.27 48.98
N ASN D 297 6.63 -41.37 49.44
CA ASN D 297 7.38 -42.53 49.89
C ASN D 297 8.44 -42.15 50.92
N GLN D 298 8.00 -41.38 51.91
CA GLN D 298 8.88 -40.90 52.99
C GLN D 298 10.08 -40.14 52.45
N GLY D 299 9.90 -39.50 51.29
CA GLY D 299 10.96 -38.75 50.64
C GLY D 299 12.05 -39.63 50.05
N GLN D 300 11.81 -40.95 50.10
CA GLN D 300 12.75 -41.95 49.58
C GLN D 300 12.51 -42.26 48.10
N CYS D 301 12.54 -41.21 47.29
CA CYS D 301 12.33 -41.34 45.86
C CYS D 301 13.55 -40.76 45.15
N CYS D 302 14.02 -41.48 44.12
CA CYS D 302 15.19 -41.05 43.34
C CYS D 302 14.96 -39.71 42.63
N CYS D 303 13.75 -39.51 42.15
CA CYS D 303 13.40 -38.30 41.43
C CYS D 303 12.71 -37.25 42.28
N ALA D 304 12.86 -37.36 43.60
CA ALA D 304 12.24 -36.43 44.53
C ALA D 304 12.58 -34.98 44.21
N GLY D 305 11.58 -34.11 44.25
CA GLY D 305 11.80 -32.70 43.98
C GLY D 305 12.35 -32.02 45.21
N SER D 306 13.62 -32.29 45.51
CA SER D 306 14.28 -31.74 46.67
C SER D 306 14.76 -30.30 46.55
N ARG D 307 14.48 -29.68 45.40
CA ARG D 307 14.84 -28.29 45.18
C ARG D 307 13.64 -27.55 44.62
N THR D 308 12.82 -27.03 45.53
CA THR D 308 11.61 -26.32 45.13
C THR D 308 11.89 -24.84 44.87
N PHE D 309 12.02 -24.50 43.59
CA PHE D 309 12.26 -23.12 43.17
C PHE D 309 10.94 -22.39 43.02
N VAL D 310 10.77 -21.29 43.76
CA VAL D 310 9.54 -20.50 43.69
C VAL D 310 9.83 -19.05 43.34
N GLN D 311 9.07 -18.50 42.40
CA GLN D 311 9.21 -17.12 41.97
C GLN D 311 8.87 -16.17 43.13
N GLU D 312 9.73 -15.17 43.34
CA GLU D 312 9.58 -14.20 44.42
C GLU D 312 8.20 -13.58 44.66
N ASP D 313 7.49 -13.25 43.58
CA ASP D 313 6.16 -12.65 43.68
C ASP D 313 5.14 -13.56 44.38
N ILE D 314 5.37 -14.86 44.37
CA ILE D 314 4.43 -15.80 44.99
C ILE D 314 5.10 -16.67 46.06
N TYR D 315 6.34 -16.34 46.40
CA TYR D 315 7.12 -17.08 47.39
C TYR D 315 6.45 -17.18 48.76
N ASP D 316 6.13 -16.03 49.35
CA ASP D 316 5.51 -15.97 50.67
C ASP D 316 4.28 -16.83 50.82
N GLU D 317 3.32 -16.69 49.91
CA GLU D 317 2.09 -17.47 49.96
C GLU D 317 2.36 -18.96 49.80
N PHE D 318 3.17 -19.32 48.80
CA PHE D 318 3.49 -20.72 48.54
C PHE D 318 4.12 -21.36 49.78
N VAL D 319 5.04 -20.65 50.41
CA VAL D 319 5.70 -21.16 51.61
C VAL D 319 4.69 -21.38 52.73
N GLU D 320 3.81 -20.40 52.93
CA GLU D 320 2.79 -20.47 53.97
C GLU D 320 1.95 -21.73 53.82
N ARG D 321 1.42 -21.91 52.62
CA ARG D 321 0.58 -23.07 52.29
C ARG D 321 1.35 -24.38 52.42
N SER D 322 2.60 -24.38 52.01
CA SER D 322 3.44 -25.56 52.08
C SER D 322 3.67 -26.00 53.52
N VAL D 323 3.96 -25.05 54.40
CA VAL D 323 4.19 -25.32 55.82
C VAL D 323 2.96 -25.94 56.45
N ALA D 324 1.79 -25.40 56.11
CA ALA D 324 0.51 -25.89 56.61
C ALA D 324 0.30 -27.36 56.21
N ARG D 325 0.50 -27.67 54.92
CA ARG D 325 0.34 -29.01 54.39
C ARG D 325 1.34 -29.96 55.06
N ALA D 326 2.56 -29.50 55.25
CA ALA D 326 3.60 -30.32 55.87
C ALA D 326 3.21 -30.68 57.31
N LYS D 327 2.66 -29.71 58.03
CA LYS D 327 2.23 -29.90 59.41
C LYS D 327 1.04 -30.85 59.52
N SER D 328 0.16 -30.81 58.52
CA SER D 328 -1.03 -31.66 58.50
C SER D 328 -0.75 -33.09 58.01
N ARG D 329 0.46 -33.33 57.49
CA ARG D 329 0.83 -34.66 57.01
C ARG D 329 0.86 -35.67 58.16
N VAL D 330 -0.08 -36.62 58.12
CA VAL D 330 -0.19 -37.63 59.16
C VAL D 330 0.93 -38.65 59.17
N VAL D 331 1.64 -38.73 60.29
CA VAL D 331 2.74 -39.67 60.45
C VAL D 331 2.34 -40.70 61.51
N GLY D 332 2.54 -41.99 61.19
CA GLY D 332 2.20 -43.03 62.13
C GLY D 332 2.29 -44.43 61.57
N ASN D 333 1.57 -45.36 62.21
CA ASN D 333 1.54 -46.77 61.79
C ASN D 333 1.07 -46.86 60.35
N PRO D 334 1.93 -47.40 59.46
CA PRO D 334 1.66 -47.55 58.03
C PRO D 334 0.40 -48.34 57.69
N PHE D 335 0.01 -49.25 58.59
CA PHE D 335 -1.18 -50.07 58.35
C PHE D 335 -2.48 -49.33 58.67
N ASP D 336 -2.37 -48.14 59.24
CA ASP D 336 -3.53 -47.31 59.57
C ASP D 336 -3.89 -46.50 58.33
N SER D 337 -5.16 -46.57 57.93
CA SER D 337 -5.67 -45.89 56.75
C SER D 337 -5.45 -44.37 56.70
N LYS D 338 -5.34 -43.78 57.88
CA LYS D 338 -5.15 -42.32 58.02
C LYS D 338 -3.69 -41.88 57.82
N THR D 339 -2.75 -42.81 58.00
CA THR D 339 -1.32 -42.50 57.86
C THR D 339 -0.90 -42.18 56.41
N GLU D 340 -0.24 -41.05 56.25
CA GLU D 340 0.24 -40.60 54.94
C GLU D 340 1.74 -40.83 54.82
N GLN D 341 2.43 -40.85 55.96
CA GLN D 341 3.86 -41.07 55.96
C GLN D 341 4.31 -42.09 57.00
N GLY D 342 4.92 -43.17 56.53
CA GLY D 342 5.41 -44.19 57.43
C GLY D 342 6.82 -43.89 57.89
N PRO D 343 7.51 -44.87 58.47
CA PRO D 343 8.89 -44.68 58.94
C PRO D 343 9.92 -44.82 57.82
N GLN D 344 11.16 -44.43 58.10
CA GLN D 344 12.22 -44.56 57.11
C GLN D 344 12.61 -46.03 57.06
N VAL D 345 13.25 -46.45 55.98
CA VAL D 345 13.62 -47.86 55.83
C VAL D 345 14.44 -48.48 56.97
N ASP D 346 15.41 -47.74 57.51
CA ASP D 346 16.21 -48.27 58.59
C ASP D 346 16.89 -47.22 59.46
N GLU D 347 17.58 -47.69 60.49
CA GLU D 347 18.28 -46.81 61.42
C GLU D 347 19.37 -45.99 60.73
N THR D 348 20.10 -46.60 59.80
CA THR D 348 21.17 -45.89 59.09
C THR D 348 20.61 -44.65 58.38
N GLN D 349 19.52 -44.84 57.64
CA GLN D 349 18.88 -43.75 56.92
C GLN D 349 18.27 -42.75 57.91
N PHE D 350 17.71 -43.29 58.99
CA PHE D 350 17.10 -42.48 60.03
C PHE D 350 18.10 -41.46 60.60
N LYS D 351 19.29 -41.92 60.94
CA LYS D 351 20.34 -41.07 61.49
C LYS D 351 20.95 -40.14 60.43
N LYS D 352 21.03 -40.63 59.20
CA LYS D 352 21.58 -39.86 58.08
C LYS D 352 20.72 -38.65 57.77
N ILE D 353 19.40 -38.83 57.83
CA ILE D 353 18.44 -37.78 57.55
C ILE D 353 18.50 -36.71 58.65
N LEU D 354 18.51 -37.16 59.91
CA LEU D 354 18.56 -36.24 61.04
C LEU D 354 19.87 -35.44 60.99
N GLY D 355 20.93 -36.07 60.50
CA GLY D 355 22.20 -35.40 60.37
C GLY D 355 22.10 -34.25 59.40
N TYR D 356 21.41 -34.48 58.27
CA TYR D 356 21.22 -33.45 57.26
C TYR D 356 20.39 -32.30 57.80
N ILE D 357 19.38 -32.63 58.60
CA ILE D 357 18.51 -31.62 59.20
C ILE D 357 19.36 -30.71 60.11
N ASN D 358 20.25 -31.31 60.90
CA ASN D 358 21.12 -30.55 61.78
C ASN D 358 22.07 -29.69 60.94
N THR D 359 22.45 -30.19 59.78
CA THR D 359 23.33 -29.47 58.87
C THR D 359 22.57 -28.30 58.25
N GLY D 360 21.30 -28.52 57.95
CA GLY D 360 20.48 -27.47 57.36
C GLY D 360 20.34 -26.29 58.30
N LYS D 361 20.23 -26.60 59.60
CA LYS D 361 20.10 -25.56 60.62
C LYS D 361 21.41 -24.79 60.79
N GLN D 362 22.53 -25.51 60.87
CA GLN D 362 23.84 -24.87 61.02
C GLN D 362 24.30 -24.04 59.84
N GLU D 363 23.75 -24.31 58.66
CA GLU D 363 24.12 -23.58 57.45
C GLU D 363 23.28 -22.35 57.13
N GLY D 364 22.41 -21.97 58.05
CA GLY D 364 21.60 -20.78 57.85
C GLY D 364 20.23 -20.95 57.22
N ALA D 365 19.84 -22.18 56.93
CA ALA D 365 18.53 -22.42 56.34
C ALA D 365 17.46 -22.21 57.41
N LYS D 366 16.37 -21.54 57.05
CA LYS D 366 15.29 -21.27 57.99
C LYS D 366 14.31 -22.44 58.19
N LEU D 367 14.37 -23.07 59.36
CA LEU D 367 13.49 -24.19 59.71
C LEU D 367 12.08 -23.66 59.93
N LEU D 368 11.17 -24.02 59.03
CA LEU D 368 9.78 -23.58 59.12
C LEU D 368 8.87 -24.50 59.93
N CYS D 369 9.20 -25.79 59.97
CA CYS D 369 8.39 -26.76 60.72
C CYS D 369 9.11 -28.10 60.81
N GLY D 370 8.75 -28.88 61.83
CA GLY D 370 9.36 -30.19 62.03
C GLY D 370 10.83 -30.09 62.40
N GLY D 371 11.63 -31.05 61.95
CA GLY D 371 13.04 -31.03 62.23
C GLY D 371 13.50 -32.03 63.27
N GLY D 372 12.58 -32.89 63.73
CA GLY D 372 12.94 -33.88 64.73
C GLY D 372 12.22 -35.20 64.62
N ILE D 373 12.54 -36.10 65.55
CA ILE D 373 11.96 -37.44 65.58
C ILE D 373 10.46 -37.31 65.83
N ALA D 374 9.66 -38.06 65.08
CA ALA D 374 8.19 -38.01 65.21
C ALA D 374 7.58 -39.09 66.12
N ALA D 375 8.38 -40.06 66.55
CA ALA D 375 7.89 -41.13 67.42
C ALA D 375 9.00 -41.76 68.24
N ASP D 376 8.62 -42.30 69.40
CA ASP D 376 9.58 -42.93 70.31
C ASP D 376 10.05 -44.28 69.75
N ARG D 377 9.12 -45.05 69.20
CA ARG D 377 9.47 -46.36 68.64
C ARG D 377 9.40 -46.32 67.11
N GLY D 378 10.41 -46.91 66.47
CA GLY D 378 10.45 -46.92 65.02
C GLY D 378 11.38 -45.87 64.48
N TYR D 379 11.41 -45.73 63.15
CA TYR D 379 12.26 -44.75 62.50
C TYR D 379 11.43 -43.66 61.82
N PHE D 380 10.61 -42.98 62.60
CA PHE D 380 9.75 -41.90 62.11
C PHE D 380 10.40 -40.53 62.24
N ILE D 381 10.21 -39.70 61.22
CA ILE D 381 10.76 -38.34 61.21
C ILE D 381 9.68 -37.34 60.82
N GLN D 382 9.63 -36.22 61.52
CA GLN D 382 8.65 -35.18 61.25
C GLN D 382 8.86 -34.53 59.88
N PRO D 383 7.77 -34.18 59.19
CA PRO D 383 7.86 -33.54 57.86
C PRO D 383 8.55 -32.19 58.06
N THR D 384 9.82 -32.13 57.68
CA THR D 384 10.66 -30.93 57.82
C THR D 384 10.66 -30.07 56.55
N VAL D 385 10.54 -28.77 56.73
CA VAL D 385 10.56 -27.81 55.62
C VAL D 385 11.54 -26.66 55.90
N PHE D 386 12.45 -26.43 54.96
CA PHE D 386 13.43 -25.36 55.08
C PHE D 386 13.15 -24.23 54.08
N GLY D 387 13.16 -23.01 54.59
CA GLY D 387 12.94 -21.83 53.75
C GLY D 387 14.23 -21.07 53.49
N ASP D 388 14.18 -20.17 52.50
CA ASP D 388 15.31 -19.33 52.09
C ASP D 388 16.60 -20.12 51.93
N VAL D 389 16.50 -21.24 51.23
CA VAL D 389 17.63 -22.10 50.97
C VAL D 389 18.48 -21.52 49.84
N GLN D 390 19.79 -21.60 49.98
CA GLN D 390 20.71 -21.10 48.97
C GLN D 390 21.38 -22.26 48.28
N ASP D 391 21.69 -22.09 47.00
CA ASP D 391 22.33 -23.12 46.18
C ASP D 391 23.57 -23.76 46.80
N GLY D 392 24.40 -22.96 47.44
CA GLY D 392 25.63 -23.46 48.03
C GLY D 392 25.44 -24.30 49.28
N MET D 393 24.23 -24.32 49.83
CA MET D 393 23.94 -25.08 51.03
C MET D 393 23.95 -26.59 50.79
N THR D 394 24.49 -27.32 51.75
CA THR D 394 24.60 -28.78 51.70
C THR D 394 23.24 -29.43 51.40
N ILE D 395 22.20 -29.00 52.10
CA ILE D 395 20.85 -29.56 51.91
C ILE D 395 20.29 -29.21 50.54
N ALA D 396 20.99 -28.36 49.80
CA ALA D 396 20.54 -27.99 48.47
C ALA D 396 21.35 -28.72 47.38
N LYS D 397 22.41 -29.41 47.80
CA LYS D 397 23.26 -30.14 46.86
C LYS D 397 23.20 -31.66 47.00
N GLU D 398 23.24 -32.14 48.23
CA GLU D 398 23.23 -33.58 48.53
C GLU D 398 21.83 -34.17 48.64
N GLU D 399 21.67 -35.40 48.15
CA GLU D 399 20.38 -36.08 48.22
C GLU D 399 20.14 -36.57 49.65
N ILE D 400 19.08 -36.03 50.26
CA ILE D 400 18.72 -36.38 51.64
C ILE D 400 17.96 -37.70 51.72
N PHE D 401 17.03 -37.90 50.79
CA PHE D 401 16.22 -39.12 50.72
C PHE D 401 15.34 -39.26 51.95
N GLY D 402 14.80 -38.13 52.40
CA GLY D 402 13.95 -38.11 53.56
C GLY D 402 12.89 -37.02 53.45
N PRO D 403 12.02 -36.89 54.46
CA PRO D 403 10.95 -35.88 54.47
C PRO D 403 11.48 -34.48 54.82
N VAL D 404 12.48 -34.03 54.06
CA VAL D 404 13.09 -32.73 54.28
C VAL D 404 12.94 -31.91 53.01
N MET D 405 12.04 -30.92 53.05
CA MET D 405 11.77 -30.06 51.90
C MET D 405 12.63 -28.79 51.86
N GLN D 406 13.15 -28.48 50.67
CA GLN D 406 13.98 -27.27 50.45
C GLN D 406 13.24 -26.28 49.56
N ILE D 407 13.04 -25.06 50.04
CA ILE D 407 12.37 -24.04 49.23
C ILE D 407 13.31 -22.87 48.93
N LEU D 408 13.58 -22.64 47.64
CA LEU D 408 14.48 -21.58 47.19
C LEU D 408 13.68 -20.55 46.42
N LYS D 409 14.14 -19.31 46.47
CA LYS D 409 13.49 -18.18 45.79
C LYS D 409 14.31 -17.74 44.57
N PHE D 410 13.62 -17.33 43.51
CA PHE D 410 14.29 -16.86 42.30
C PHE D 410 13.48 -15.72 41.69
N LYS D 411 14.08 -15.05 40.71
CA LYS D 411 13.41 -13.93 40.05
C LYS D 411 13.08 -14.15 38.57
N THR D 412 14.10 -14.42 37.76
CA THR D 412 13.87 -14.60 36.32
C THR D 412 13.90 -16.05 35.86
N ILE D 413 13.32 -16.30 34.69
CA ILE D 413 13.28 -17.63 34.10
C ILE D 413 14.68 -18.07 33.67
N GLU D 414 15.48 -17.16 33.15
CA GLU D 414 16.85 -17.48 32.75
C GLU D 414 17.65 -17.87 34.00
N GLU D 415 17.37 -17.19 35.11
CA GLU D 415 18.05 -17.44 36.38
C GLU D 415 17.79 -18.86 36.89
N VAL D 416 16.52 -19.22 36.97
CA VAL D 416 16.13 -20.53 37.47
C VAL D 416 16.69 -21.70 36.64
N VAL D 417 16.72 -21.54 35.33
CA VAL D 417 17.25 -22.57 34.45
C VAL D 417 18.70 -22.84 34.77
N GLY D 418 19.48 -21.76 34.90
CA GLY D 418 20.89 -21.88 35.21
C GLY D 418 21.14 -22.50 36.58
N ARG D 419 20.35 -22.10 37.58
CA ARG D 419 20.48 -22.62 38.94
C ARG D 419 19.99 -24.07 39.01
N ALA D 420 18.95 -24.38 38.26
CA ALA D 420 18.41 -25.75 38.24
C ALA D 420 19.42 -26.70 37.59
N ASN D 421 20.01 -26.27 36.48
CA ASN D 421 21.00 -27.07 35.76
C ASN D 421 22.36 -27.12 36.43
N ASN D 422 22.60 -26.22 37.39
CA ASN D 422 23.88 -26.21 38.08
C ASN D 422 23.90 -27.31 39.13
N SER D 423 24.16 -28.52 38.68
CA SER D 423 24.18 -29.69 39.54
C SER D 423 24.80 -30.86 38.80
N THR D 424 25.42 -31.80 39.55
CA THR D 424 26.02 -32.99 38.96
C THR D 424 24.91 -34.02 38.67
N TYR D 425 23.72 -33.77 39.20
CA TYR D 425 22.59 -34.66 38.97
C TYR D 425 21.75 -34.14 37.79
N GLY D 426 20.84 -34.98 37.33
CA GLY D 426 19.97 -34.63 36.23
C GLY D 426 18.95 -35.71 35.95
N LEU D 427 18.44 -36.33 37.01
CA LEU D 427 17.46 -37.40 36.86
C LEU D 427 16.09 -36.89 36.42
N ALA D 428 15.61 -35.82 37.05
CA ALA D 428 14.30 -35.27 36.71
C ALA D 428 14.15 -33.80 37.09
N ALA D 429 13.06 -33.20 36.67
CA ALA D 429 12.77 -31.79 36.95
C ALA D 429 11.31 -31.54 36.65
N ALA D 430 10.81 -30.40 37.13
CA ALA D 430 9.42 -30.06 36.90
C ALA D 430 9.22 -28.56 36.73
N VAL D 431 8.17 -28.21 35.99
CA VAL D 431 7.84 -26.83 35.70
C VAL D 431 6.33 -26.64 35.86
N PHE D 432 5.94 -25.65 36.66
CA PHE D 432 4.52 -25.36 36.87
C PHE D 432 4.24 -23.97 36.35
N THR D 433 3.43 -23.91 35.31
CA THR D 433 3.08 -22.64 34.68
C THR D 433 1.91 -22.84 33.74
N LYS D 434 1.25 -21.74 33.41
CA LYS D 434 0.09 -21.78 32.53
C LYS D 434 0.48 -21.27 31.14
N ASP D 435 1.69 -20.75 31.05
CA ASP D 435 2.19 -20.19 29.79
C ASP D 435 2.84 -21.24 28.90
N LEU D 436 2.36 -21.31 27.65
CA LEU D 436 2.87 -22.25 26.65
C LEU D 436 4.38 -22.10 26.46
N ASP D 437 4.80 -20.94 25.96
CA ASP D 437 6.22 -20.67 25.72
C ASP D 437 7.13 -20.94 26.93
N LYS D 438 6.68 -20.57 28.13
CA LYS D 438 7.48 -20.81 29.33
C LYS D 438 7.71 -22.30 29.57
N ALA D 439 6.66 -23.09 29.41
CA ALA D 439 6.75 -24.53 29.57
C ALA D 439 7.70 -25.13 28.53
N ASN D 440 7.55 -24.72 27.27
CA ASN D 440 8.41 -25.23 26.20
C ASN D 440 9.87 -24.81 26.33
N TYR D 441 10.08 -23.61 26.85
CA TYR D 441 11.43 -23.09 27.04
C TYR D 441 12.14 -23.89 28.11
N LEU D 442 11.49 -24.03 29.26
CA LEU D 442 12.08 -24.77 30.38
C LEU D 442 12.27 -26.25 30.12
N SER D 443 11.29 -26.89 29.46
CA SER D 443 11.37 -28.31 29.14
C SER D 443 12.56 -28.64 28.25
N GLN D 444 12.90 -27.71 27.36
CA GLN D 444 14.03 -27.91 26.45
C GLN D 444 15.37 -27.55 27.11
N ALA D 445 15.36 -26.50 27.91
CA ALA D 445 16.58 -26.04 28.59
C ALA D 445 17.03 -26.89 29.78
N LEU D 446 16.08 -27.45 30.53
CA LEU D 446 16.44 -28.26 31.69
C LEU D 446 17.17 -29.55 31.32
N GLN D 447 18.33 -29.76 31.91
CA GLN D 447 19.15 -30.95 31.64
C GLN D 447 18.74 -32.08 32.58
N ALA D 448 17.64 -32.76 32.25
CA ALA D 448 17.16 -33.86 33.09
C ALA D 448 16.52 -34.94 32.25
N GLY D 449 16.55 -36.16 32.77
CA GLY D 449 15.97 -37.30 32.07
C GLY D 449 14.48 -37.17 31.85
N THR D 450 13.80 -36.60 32.83
CA THR D 450 12.35 -36.41 32.74
C THR D 450 11.96 -35.03 33.23
N VAL D 451 11.17 -34.33 32.42
CA VAL D 451 10.70 -32.99 32.77
C VAL D 451 9.17 -33.00 32.80
N TRP D 452 8.62 -32.96 34.01
CA TRP D 452 7.18 -32.96 34.20
C TRP D 452 6.66 -31.52 34.15
N VAL D 453 5.54 -31.33 33.45
CA VAL D 453 4.93 -30.02 33.32
C VAL D 453 3.57 -30.04 34.02
N ASN D 454 3.46 -29.23 35.08
CA ASN D 454 2.23 -29.12 35.87
C ASN D 454 1.82 -30.44 36.50
N CYS D 455 2.83 -31.20 36.93
CA CYS D 455 2.62 -32.48 37.57
C CYS D 455 3.97 -32.96 38.06
N TYR D 456 3.98 -34.05 38.83
CA TYR D 456 5.23 -34.60 39.33
C TYR D 456 5.04 -36.09 39.63
N ASP D 457 6.14 -36.83 39.57
CA ASP D 457 6.17 -38.27 39.83
C ASP D 457 5.15 -39.04 38.98
N VAL D 458 4.99 -38.61 37.73
CA VAL D 458 4.07 -39.25 36.79
C VAL D 458 4.82 -40.30 35.98
N PHE D 459 4.74 -41.55 36.44
CA PHE D 459 5.41 -42.65 35.76
C PHE D 459 4.45 -43.47 34.95
N GLY D 460 4.94 -44.00 33.84
CA GLY D 460 4.13 -44.81 32.96
C GLY D 460 5.05 -45.81 32.30
N ALA D 461 4.67 -47.08 32.32
CA ALA D 461 5.48 -48.13 31.71
C ALA D 461 5.80 -47.81 30.25
N GLN D 462 4.99 -46.93 29.67
CA GLN D 462 5.15 -46.52 28.28
C GLN D 462 6.25 -45.49 28.08
N SER D 463 6.50 -44.68 29.10
CA SER D 463 7.53 -43.63 29.04
C SER D 463 8.85 -43.98 29.72
N PRO D 464 9.98 -43.77 29.02
CA PRO D 464 11.31 -44.04 29.54
C PRO D 464 11.72 -43.16 30.71
N PHE D 465 12.51 -43.73 31.61
CA PHE D 465 12.97 -43.03 32.78
C PHE D 465 14.45 -43.31 32.97
N GLY D 466 15.21 -42.25 33.20
CA GLY D 466 16.63 -42.37 33.39
C GLY D 466 17.21 -40.99 33.61
N GLY D 467 18.48 -40.92 34.01
CA GLY D 467 19.07 -39.63 34.25
C GLY D 467 20.20 -39.14 33.36
N TYR D 468 20.43 -37.84 33.46
CA TYR D 468 21.49 -37.15 32.75
C TYR D 468 22.66 -37.09 33.72
N LYS D 469 23.81 -36.65 33.23
CA LYS D 469 25.01 -36.51 34.04
C LYS D 469 25.28 -37.69 34.97
N MET D 470 25.48 -37.41 36.25
CA MET D 470 25.78 -38.45 37.22
C MET D 470 24.57 -39.12 37.86
N SER D 471 23.40 -38.91 37.29
CA SER D 471 22.19 -39.53 37.80
C SER D 471 22.00 -40.90 37.16
N GLY D 472 22.92 -41.26 36.27
CA GLY D 472 22.85 -42.55 35.62
C GLY D 472 23.05 -42.49 34.11
N SER D 473 22.96 -43.66 33.49
CA SER D 473 23.09 -43.80 32.05
C SER D 473 22.12 -44.88 31.61
N GLY D 474 21.63 -44.75 30.38
CA GLY D 474 20.67 -45.71 29.87
C GLY D 474 19.27 -45.33 30.32
N ARG D 475 18.26 -46.01 29.77
CA ARG D 475 16.88 -45.74 30.13
C ARG D 475 16.09 -47.00 30.43
N GLU D 476 15.17 -46.87 31.38
CA GLU D 476 14.30 -47.97 31.76
C GLU D 476 12.86 -47.56 31.38
N LEU D 477 11.97 -48.54 31.29
CA LEU D 477 10.58 -48.34 30.92
C LEU D 477 10.45 -47.95 29.44
N GLY D 478 9.26 -48.12 28.89
CA GLY D 478 9.04 -47.84 27.48
C GLY D 478 9.81 -48.77 26.56
N GLU D 479 9.85 -48.42 25.28
CA GLU D 479 10.58 -49.19 24.27
C GLU D 479 12.07 -49.13 24.55
N TYR D 480 12.52 -47.97 24.99
CA TYR D 480 13.93 -47.76 25.28
C TYR D 480 14.47 -48.76 26.28
N GLY D 481 13.62 -49.21 27.19
CA GLY D 481 14.02 -50.17 28.20
C GLY D 481 14.49 -51.52 27.68
N LEU D 482 14.23 -51.78 26.41
CA LEU D 482 14.64 -53.04 25.77
C LEU D 482 16.04 -52.98 25.19
N GLN D 483 16.51 -51.77 24.86
CA GLN D 483 17.82 -51.55 24.25
C GLN D 483 19.00 -52.20 24.99
N ALA D 484 19.10 -51.94 26.28
CA ALA D 484 20.18 -52.47 27.11
C ALA D 484 20.13 -53.99 27.27
N TYR D 485 18.97 -54.58 27.01
CA TYR D 485 18.80 -56.02 27.13
C TYR D 485 18.80 -56.72 25.77
N THR D 486 19.41 -56.06 24.79
CA THR D 486 19.44 -56.57 23.44
C THR D 486 20.85 -56.56 22.88
N GLU D 487 21.25 -57.68 22.29
CA GLU D 487 22.57 -57.79 21.69
C GLU D 487 22.29 -57.90 20.18
N VAL D 488 22.76 -56.93 19.42
CA VAL D 488 22.51 -56.89 17.99
C VAL D 488 23.52 -57.65 17.16
N LYS D 489 23.03 -58.54 16.30
CA LYS D 489 23.88 -59.31 15.40
C LYS D 489 23.55 -59.00 13.94
N THR D 490 24.59 -58.67 13.18
CA THR D 490 24.39 -58.39 11.77
C THR D 490 24.76 -59.63 10.97
N VAL D 491 23.90 -60.03 10.04
CA VAL D 491 24.14 -61.18 9.17
C VAL D 491 24.06 -60.69 7.74
N THR D 492 25.20 -60.70 7.04
CA THR D 492 25.29 -60.24 5.66
C THR D 492 25.56 -61.41 4.78
N VAL D 493 24.61 -61.72 3.91
CA VAL D 493 24.71 -62.87 3.02
C VAL D 493 24.93 -62.47 1.57
N LYS D 494 25.80 -63.20 0.89
CA LYS D 494 26.07 -62.93 -0.52
C LYS D 494 24.94 -63.50 -1.36
N VAL D 495 24.36 -62.67 -2.22
CA VAL D 495 23.28 -63.12 -3.09
C VAL D 495 23.70 -63.04 -4.55
N PRO D 496 23.06 -63.82 -5.43
CA PRO D 496 23.38 -63.83 -6.87
C PRO D 496 23.29 -62.45 -7.52
N GLN D 497 22.23 -61.70 -7.21
CA GLN D 497 22.06 -60.36 -7.75
C GLN D 497 21.04 -59.58 -6.93
N LYS D 498 21.53 -58.55 -6.26
CA LYS D 498 20.69 -57.70 -5.41
C LYS D 498 19.79 -56.78 -6.24
N ASN D 499 18.53 -56.69 -5.84
CA ASN D 499 17.55 -55.83 -6.51
C ASN D 499 16.72 -55.14 -5.45
N SER D 500 16.24 -53.93 -5.77
CA SER D 500 15.40 -53.19 -4.85
C SER D 500 14.09 -53.95 -4.70
N ALA E 7 -35.45 55.91 13.93
CA ALA E 7 -36.87 55.72 14.34
C ALA E 7 -37.83 56.40 13.36
N VAL E 8 -38.91 55.69 13.04
CA VAL E 8 -39.92 56.19 12.11
C VAL E 8 -40.76 57.29 12.77
N PRO E 9 -40.76 58.50 12.17
CA PRO E 9 -41.51 59.66 12.66
C PRO E 9 -43.01 59.53 12.42
N ALA E 10 -43.75 60.51 12.93
CA ALA E 10 -45.20 60.54 12.77
C ALA E 10 -45.50 61.21 11.42
N PRO E 11 -46.08 60.46 10.49
CA PRO E 11 -46.42 60.98 9.16
C PRO E 11 -47.63 61.89 9.07
N ASN E 12 -47.49 62.94 8.26
CA ASN E 12 -48.59 63.87 8.01
C ASN E 12 -49.45 63.09 7.02
N GLN E 13 -50.52 62.48 7.50
CA GLN E 13 -51.41 61.68 6.65
C GLN E 13 -52.06 62.43 5.48
N GLN E 14 -51.88 63.75 5.45
CA GLN E 14 -52.44 64.58 4.38
C GLN E 14 -51.44 65.68 4.06
N PRO E 15 -50.32 65.31 3.38
CA PRO E 15 -49.28 66.27 3.00
C PRO E 15 -49.70 67.26 1.94
N GLU E 16 -49.13 68.46 2.02
CA GLU E 16 -49.44 69.51 1.07
C GLU E 16 -48.62 69.34 -0.21
N VAL E 17 -49.26 69.59 -1.35
CA VAL E 17 -48.60 69.47 -2.64
C VAL E 17 -48.09 70.84 -3.05
N PHE E 18 -46.78 70.95 -3.26
CA PHE E 18 -46.17 72.22 -3.65
C PHE E 18 -45.79 72.28 -5.12
N CYS E 19 -45.61 71.13 -5.75
CA CYS E 19 -45.21 71.05 -7.17
C CYS E 19 -46.15 70.17 -7.97
N ASN E 20 -46.70 70.72 -9.06
CA ASN E 20 -47.64 70.00 -9.91
C ASN E 20 -47.56 70.45 -11.36
N GLN E 21 -46.47 71.13 -11.70
CA GLN E 21 -46.28 71.62 -13.06
C GLN E 21 -45.10 70.94 -13.77
N ILE E 22 -44.79 71.42 -14.97
CA ILE E 22 -43.66 70.90 -15.75
C ILE E 22 -42.37 71.62 -15.34
N PHE E 23 -41.32 70.85 -15.11
CA PHE E 23 -40.03 71.39 -14.68
C PHE E 23 -39.05 71.52 -15.84
N ILE E 24 -38.77 72.75 -16.24
CA ILE E 24 -37.83 73.02 -17.32
C ILE E 24 -36.96 74.23 -16.95
N ASN E 25 -35.64 74.06 -17.09
CA ASN E 25 -34.67 75.11 -16.76
C ASN E 25 -34.82 75.62 -15.33
N ASN E 26 -35.05 74.70 -14.40
CA ASN E 26 -35.22 75.03 -13.00
C ASN E 26 -36.41 75.93 -12.71
N GLU E 27 -37.33 76.02 -13.68
CA GLU E 27 -38.54 76.84 -13.55
C GLU E 27 -39.78 75.98 -13.78
N TRP E 28 -40.88 76.36 -13.16
CA TRP E 28 -42.14 75.62 -13.31
C TRP E 28 -43.00 76.18 -14.43
N HIS E 29 -43.41 75.31 -15.35
CA HIS E 29 -44.22 75.72 -16.49
C HIS E 29 -45.53 74.94 -16.57
N ASP E 30 -46.55 75.57 -17.14
CA ASP E 30 -47.83 74.91 -17.36
C ASP E 30 -47.69 74.26 -18.72
N ALA E 31 -48.53 73.30 -19.03
CA ALA E 31 -48.47 72.66 -20.33
C ALA E 31 -48.80 73.72 -21.38
N VAL E 32 -48.19 73.62 -22.56
CA VAL E 32 -48.44 74.57 -23.64
C VAL E 32 -49.93 74.66 -23.94
N SER E 33 -50.61 73.52 -23.81
CA SER E 33 -52.04 73.42 -24.05
C SER E 33 -52.86 73.86 -22.85
N ARG E 34 -52.19 74.10 -21.71
CA ARG E 34 -52.84 74.52 -20.48
C ARG E 34 -53.66 73.41 -19.84
N LYS E 35 -53.71 72.26 -20.50
CA LYS E 35 -54.44 71.10 -19.99
C LYS E 35 -53.76 70.47 -18.78
N THR E 36 -54.55 69.83 -17.93
CA THR E 36 -54.08 69.16 -16.72
C THR E 36 -54.78 67.81 -16.55
N PHE E 37 -54.20 66.94 -15.72
CA PHE E 37 -54.79 65.64 -15.45
C PHE E 37 -54.76 65.38 -13.95
N PRO E 38 -55.77 64.67 -13.43
CA PRO E 38 -55.88 64.35 -12.01
C PRO E 38 -55.04 63.16 -11.58
N THR E 39 -54.51 63.21 -10.35
CA THR E 39 -53.75 62.09 -9.83
C THR E 39 -54.54 61.64 -8.60
N VAL E 40 -54.91 60.37 -8.59
CA VAL E 40 -55.73 59.81 -7.52
C VAL E 40 -55.01 59.11 -6.38
N ASN E 41 -55.62 59.17 -5.20
CA ASN E 41 -55.12 58.52 -4.00
C ASN E 41 -55.77 57.13 -4.05
N PRO E 42 -54.96 56.08 -4.30
CA PRO E 42 -55.43 54.69 -4.38
C PRO E 42 -56.13 54.16 -3.12
N SER E 43 -55.85 54.77 -1.96
CA SER E 43 -56.46 54.33 -0.71
C SER E 43 -57.90 54.80 -0.54
N THR E 44 -58.27 55.89 -1.21
CA THR E 44 -59.62 56.45 -1.10
C THR E 44 -60.32 56.55 -2.44
N GLY E 45 -59.54 56.60 -3.52
CA GLY E 45 -60.12 56.73 -4.84
C GLY E 45 -60.41 58.17 -5.17
N GLU E 46 -60.02 59.07 -4.27
CA GLU E 46 -60.24 60.51 -4.43
C GLU E 46 -59.08 61.24 -5.07
N VAL E 47 -59.40 62.27 -5.84
CA VAL E 47 -58.37 63.07 -6.52
C VAL E 47 -57.56 63.90 -5.54
N ILE E 48 -56.24 63.77 -5.63
CA ILE E 48 -55.34 64.52 -4.76
C ILE E 48 -55.19 65.94 -5.29
N CYS E 49 -54.89 66.06 -6.59
CA CYS E 49 -54.74 67.36 -7.23
C CYS E 49 -54.54 67.19 -8.72
N GLN E 50 -54.50 68.31 -9.43
CA GLN E 50 -54.30 68.31 -10.87
C GLN E 50 -52.80 68.44 -11.14
N VAL E 51 -52.37 67.97 -12.30
CA VAL E 51 -50.96 68.02 -12.70
C VAL E 51 -50.89 68.39 -14.18
N ALA E 52 -49.96 69.29 -14.52
CA ALA E 52 -49.79 69.72 -15.91
C ALA E 52 -49.61 68.53 -16.84
N GLU E 53 -50.50 68.42 -17.84
CA GLU E 53 -50.43 67.32 -18.80
C GLU E 53 -49.48 67.66 -19.95
N GLY E 54 -48.20 67.35 -19.77
CA GLY E 54 -47.21 67.62 -20.80
C GLY E 54 -47.40 66.76 -22.04
N ASP E 55 -47.13 67.35 -23.20
CA ASP E 55 -47.26 66.65 -24.47
C ASP E 55 -45.98 66.90 -25.31
N LYS E 56 -46.05 66.58 -26.59
CA LYS E 56 -44.94 66.75 -27.51
C LYS E 56 -44.30 68.13 -27.46
N GLU E 57 -45.12 69.18 -27.54
CA GLU E 57 -44.59 70.53 -27.51
C GLU E 57 -43.85 70.84 -26.21
N ASP E 58 -44.33 70.28 -25.11
CA ASP E 58 -43.69 70.48 -23.81
C ASP E 58 -42.38 69.70 -23.73
N VAL E 59 -42.33 68.57 -24.42
CA VAL E 59 -41.13 67.75 -24.47
C VAL E 59 -40.08 68.44 -25.35
N ASP E 60 -40.53 69.11 -26.42
CA ASP E 60 -39.63 69.82 -27.32
C ASP E 60 -38.89 70.94 -26.56
N LYS E 61 -39.60 71.61 -25.66
CA LYS E 61 -39.01 72.67 -24.86
C LYS E 61 -37.96 72.11 -23.91
N ALA E 62 -38.28 70.97 -23.30
CA ALA E 62 -37.38 70.32 -22.35
C ALA E 62 -36.08 69.87 -23.03
N VAL E 63 -36.23 69.25 -24.19
CA VAL E 63 -35.07 68.78 -24.94
C VAL E 63 -34.16 69.93 -25.36
N LYS E 64 -34.75 71.05 -25.76
CA LYS E 64 -33.99 72.21 -26.17
C LYS E 64 -33.23 72.79 -24.99
N ALA E 65 -33.86 72.75 -23.81
CA ALA E 65 -33.25 73.26 -22.59
C ALA E 65 -32.06 72.36 -22.20
N ALA E 66 -32.25 71.05 -22.27
CA ALA E 66 -31.20 70.09 -21.93
C ALA E 66 -30.03 70.22 -22.89
N ARG E 67 -30.35 70.30 -24.18
CA ARG E 67 -29.34 70.43 -25.22
C ARG E 67 -28.48 71.69 -25.01
N ALA E 68 -29.12 72.76 -24.53
CA ALA E 68 -28.38 74.00 -24.30
C ALA E 68 -27.43 73.82 -23.12
N ALA E 69 -27.93 73.18 -22.06
CA ALA E 69 -27.14 72.95 -20.85
C ALA E 69 -25.96 71.99 -21.13
N PHE E 70 -26.06 71.25 -22.22
CA PHE E 70 -25.02 70.28 -22.59
C PHE E 70 -24.02 70.84 -23.58
N GLN E 71 -24.23 72.09 -24.02
CA GLN E 71 -23.32 72.71 -24.97
C GLN E 71 -21.93 72.88 -24.38
N LEU E 72 -20.92 72.58 -25.20
CA LEU E 72 -19.53 72.69 -24.81
C LEU E 72 -19.27 74.09 -24.28
N GLY E 73 -18.64 74.17 -23.09
CA GLY E 73 -18.36 75.46 -22.51
C GLY E 73 -19.40 75.91 -21.49
N SER E 74 -20.45 75.10 -21.34
CA SER E 74 -21.51 75.44 -20.40
C SER E 74 -21.08 75.09 -18.99
N PRO E 75 -21.79 75.63 -17.99
CA PRO E 75 -21.44 75.35 -16.59
C PRO E 75 -21.46 73.85 -16.25
N TRP E 76 -22.39 73.12 -16.84
CA TRP E 76 -22.50 71.69 -16.58
C TRP E 76 -21.38 70.89 -17.22
N ARG E 77 -20.94 71.30 -18.40
CA ARG E 77 -19.84 70.62 -19.08
C ARG E 77 -18.46 70.92 -18.49
N ARG E 78 -18.27 72.17 -18.05
CA ARG E 78 -17.00 72.60 -17.47
C ARG E 78 -16.81 72.21 -16.01
N MET E 79 -17.92 72.02 -15.32
CA MET E 79 -17.92 71.63 -13.92
C MET E 79 -17.02 70.41 -13.64
N ASP E 80 -16.21 70.52 -12.58
CA ASP E 80 -15.32 69.43 -12.20
C ASP E 80 -16.14 68.16 -11.92
N ALA E 81 -15.64 67.01 -12.32
CA ALA E 81 -16.33 65.75 -12.10
C ALA E 81 -16.60 65.59 -10.60
N SER E 82 -15.63 65.98 -9.77
CA SER E 82 -15.77 65.87 -8.32
C SER E 82 -16.92 66.75 -7.80
N HIS E 83 -17.12 67.89 -8.45
CA HIS E 83 -18.16 68.81 -8.05
C HIS E 83 -19.54 68.23 -8.36
N ARG E 84 -19.62 67.45 -9.43
CA ARG E 84 -20.89 66.81 -9.79
C ARG E 84 -21.24 65.86 -8.65
N GLY E 85 -20.21 65.26 -8.06
CA GLY E 85 -20.39 64.34 -6.95
C GLY E 85 -20.92 65.10 -5.76
N ARG E 86 -20.37 66.30 -5.55
CA ARG E 86 -20.79 67.17 -4.46
C ARG E 86 -22.30 67.51 -4.60
N LEU E 87 -22.73 67.83 -5.82
CA LEU E 87 -24.14 68.17 -6.06
C LEU E 87 -25.06 66.99 -5.75
N LEU E 88 -24.66 65.80 -6.16
CA LEU E 88 -25.45 64.60 -5.91
C LEU E 88 -25.54 64.34 -4.42
N ASN E 89 -24.45 64.60 -3.70
CA ASN E 89 -24.43 64.42 -2.25
C ASN E 89 -25.34 65.47 -1.61
N ARG E 90 -25.34 66.67 -2.17
CA ARG E 90 -26.16 67.76 -1.66
C ARG E 90 -27.63 67.41 -1.87
N LEU E 91 -27.96 66.93 -3.06
CA LEU E 91 -29.33 66.52 -3.39
C LEU E 91 -29.80 65.47 -2.38
N ALA E 92 -28.90 64.53 -2.07
CA ALA E 92 -29.21 63.46 -1.12
C ALA E 92 -29.51 64.05 0.26
N ASP E 93 -28.76 65.08 0.65
CA ASP E 93 -28.94 65.73 1.95
C ASP E 93 -30.30 66.39 2.04
N LEU E 94 -30.66 67.12 0.99
CA LEU E 94 -31.95 67.80 0.93
C LEU E 94 -33.10 66.80 1.00
N ILE E 95 -32.93 65.66 0.34
CA ILE E 95 -33.95 64.62 0.35
C ILE E 95 -34.08 64.03 1.75
N GLU E 96 -32.95 63.86 2.43
CA GLU E 96 -32.96 63.32 3.79
C GLU E 96 -33.64 64.31 4.73
N ARG E 97 -33.40 65.59 4.49
CA ARG E 97 -34.01 66.66 5.29
C ARG E 97 -35.54 66.56 5.18
N ASP E 98 -36.03 66.37 3.95
CA ASP E 98 -37.46 66.27 3.71
C ASP E 98 -37.90 64.82 3.58
N ARG E 99 -37.20 63.94 4.28
CA ARG E 99 -37.49 62.51 4.27
C ARG E 99 -38.91 62.18 4.72
N THR E 100 -39.29 62.67 5.90
CA THR E 100 -40.61 62.42 6.47
C THR E 100 -41.72 62.86 5.51
N TYR E 101 -41.59 64.07 4.97
CA TYR E 101 -42.57 64.62 4.05
C TYR E 101 -42.69 63.79 2.77
N LEU E 102 -41.55 63.47 2.16
CA LEU E 102 -41.49 62.68 0.93
C LEU E 102 -42.13 61.31 1.06
N ALA E 103 -41.78 60.57 2.10
CA ALA E 103 -42.33 59.24 2.34
C ALA E 103 -43.86 59.29 2.39
N ALA E 104 -44.40 60.30 3.09
CA ALA E 104 -45.83 60.48 3.22
C ALA E 104 -46.46 60.77 1.87
N LEU E 105 -45.85 61.70 1.13
CA LEU E 105 -46.37 62.05 -0.19
C LEU E 105 -46.33 60.85 -1.13
N GLU E 106 -45.30 60.02 -0.97
CA GLU E 106 -45.13 58.81 -1.77
C GLU E 106 -46.28 57.87 -1.48
N THR E 107 -46.54 57.65 -0.19
CA THR E 107 -47.62 56.78 0.28
C THR E 107 -48.98 57.28 -0.17
N LEU E 108 -49.14 58.60 -0.21
CA LEU E 108 -50.39 59.21 -0.61
C LEU E 108 -50.69 58.98 -2.08
N ASP E 109 -49.68 59.12 -2.93
CA ASP E 109 -49.89 58.97 -4.36
C ASP E 109 -49.75 57.53 -4.89
N ASN E 110 -48.88 56.75 -4.26
CA ASN E 110 -48.62 55.38 -4.66
C ASN E 110 -49.51 54.38 -3.93
N GLY E 111 -49.63 54.54 -2.62
CA GLY E 111 -50.45 53.64 -1.84
C GLY E 111 -49.67 52.73 -0.92
N LYS E 112 -48.37 52.62 -1.16
CA LYS E 112 -47.53 51.77 -0.31
C LYS E 112 -47.51 52.28 1.14
N PRO E 113 -47.36 51.37 2.12
CA PRO E 113 -47.32 51.72 3.55
C PRO E 113 -46.27 52.79 3.85
N TYR E 114 -46.64 53.77 4.65
CA TYR E 114 -45.74 54.85 5.03
C TYR E 114 -44.45 54.36 5.66
N VAL E 115 -44.55 53.35 6.53
CA VAL E 115 -43.36 52.80 7.18
C VAL E 115 -42.35 52.29 6.16
N ILE E 116 -42.85 51.63 5.11
CA ILE E 116 -42.00 51.09 4.06
C ILE E 116 -41.42 52.23 3.19
N SER E 117 -42.23 53.25 2.93
CA SER E 117 -41.79 54.39 2.15
C SER E 117 -40.63 55.09 2.84
N TYR E 118 -40.72 55.16 4.17
CA TYR E 118 -39.70 55.82 4.98
C TYR E 118 -38.46 54.98 5.17
N LEU E 119 -38.63 53.76 5.68
CA LEU E 119 -37.50 52.86 5.95
C LEU E 119 -36.88 52.16 4.74
N VAL E 120 -37.66 51.92 3.70
CA VAL E 120 -37.15 51.23 2.53
C VAL E 120 -36.92 52.15 1.32
N ASP E 121 -38.00 52.62 0.70
CA ASP E 121 -37.92 53.47 -0.48
C ASP E 121 -36.96 54.65 -0.38
N LEU E 122 -37.15 55.51 0.60
CA LEU E 122 -36.29 56.66 0.76
C LEU E 122 -34.86 56.34 1.19
N ASP E 123 -34.69 55.28 1.99
CA ASP E 123 -33.36 54.90 2.43
C ASP E 123 -32.57 54.44 1.21
N MET E 124 -33.24 53.71 0.33
CA MET E 124 -32.61 53.21 -0.88
C MET E 124 -32.32 54.35 -1.84
N VAL E 125 -33.18 55.37 -1.84
CA VAL E 125 -33.00 56.55 -2.69
C VAL E 125 -31.72 57.25 -2.27
N LEU E 126 -31.57 57.46 -0.97
CA LEU E 126 -30.40 58.13 -0.43
C LEU E 126 -29.12 57.36 -0.74
N LYS E 127 -29.17 56.06 -0.54
CA LYS E 127 -28.02 55.22 -0.80
C LYS E 127 -27.66 55.17 -2.27
N CYS E 128 -28.66 55.29 -3.15
CA CYS E 128 -28.41 55.28 -4.59
C CYS E 128 -27.69 56.56 -5.01
N LEU E 129 -28.22 57.71 -4.60
CA LEU E 129 -27.63 59.00 -4.95
C LEU E 129 -26.23 59.17 -4.39
N ARG E 130 -26.04 58.73 -3.14
CA ARG E 130 -24.75 58.86 -2.49
C ARG E 130 -23.71 57.90 -3.08
N TYR E 131 -24.15 56.71 -3.48
CA TYR E 131 -23.27 55.73 -4.09
C TYR E 131 -22.75 56.28 -5.42
N TYR E 132 -23.67 56.75 -6.27
CA TYR E 132 -23.26 57.29 -7.57
C TYR E 132 -22.49 58.61 -7.48
N ALA E 133 -22.69 59.34 -6.38
CA ALA E 133 -21.95 60.59 -6.18
C ALA E 133 -20.46 60.24 -6.15
N GLY E 134 -20.14 59.08 -5.58
CA GLY E 134 -18.77 58.64 -5.48
C GLY E 134 -18.15 58.22 -6.79
N TRP E 135 -18.99 57.90 -7.79
CA TRP E 135 -18.54 57.48 -9.11
C TRP E 135 -18.24 58.65 -10.02
N ALA E 136 -18.77 59.82 -9.68
CA ALA E 136 -18.62 61.04 -10.49
C ALA E 136 -17.25 61.26 -11.10
N ASP E 137 -16.20 61.06 -10.31
CA ASP E 137 -14.84 61.28 -10.80
C ASP E 137 -13.96 60.04 -10.80
N LYS E 138 -14.56 58.87 -11.02
CA LYS E 138 -13.79 57.62 -10.99
C LYS E 138 -13.97 56.68 -12.17
N TYR E 139 -14.88 57.01 -13.08
CA TYR E 139 -15.11 56.17 -14.25
C TYR E 139 -14.06 56.52 -15.29
N HIS E 140 -12.84 56.08 -15.03
CA HIS E 140 -11.68 56.35 -15.88
C HIS E 140 -11.76 55.82 -17.30
N GLY E 141 -11.02 56.49 -18.18
CA GLY E 141 -10.92 56.03 -19.55
C GLY E 141 -9.64 55.22 -19.58
N LYS E 142 -9.09 54.94 -20.75
CA LYS E 142 -7.88 54.14 -20.78
C LYS E 142 -6.81 54.69 -21.71
N THR E 143 -5.56 54.33 -21.40
CA THR E 143 -4.42 54.68 -22.26
C THR E 143 -4.06 53.33 -22.81
N ILE E 144 -4.13 53.20 -24.13
CA ILE E 144 -3.90 51.92 -24.80
C ILE E 144 -2.58 51.73 -25.54
N PRO E 145 -1.90 50.60 -25.28
CA PRO E 145 -0.61 50.28 -25.91
C PRO E 145 -0.81 49.75 -27.33
N ILE E 146 -1.34 50.62 -28.20
CA ILE E 146 -1.60 50.28 -29.59
C ILE E 146 -0.30 50.09 -30.38
N ASP E 147 -0.36 49.35 -31.47
CA ASP E 147 0.82 49.12 -32.31
C ASP E 147 1.28 50.38 -33.03
N GLY E 148 2.57 50.43 -33.35
CA GLY E 148 3.12 51.57 -34.08
C GLY E 148 3.48 52.77 -33.22
N ASP E 149 4.00 53.82 -33.83
CA ASP E 149 4.37 55.01 -33.10
C ASP E 149 3.17 55.92 -32.82
N PHE E 150 2.35 55.51 -31.85
CA PHE E 150 1.15 56.27 -31.54
C PHE E 150 0.86 56.25 -30.05
N PHE E 151 0.06 57.22 -29.62
CA PHE E 151 -0.38 57.31 -28.24
C PHE E 151 -1.90 57.28 -28.36
N SER E 152 -2.48 56.17 -27.96
CA SER E 152 -3.91 56.03 -28.05
C SER E 152 -4.56 56.01 -26.67
N TYR E 153 -5.67 56.73 -26.55
CA TYR E 153 -6.38 56.78 -25.28
C TYR E 153 -7.86 57.01 -25.50
N THR E 154 -8.66 56.67 -24.51
CA THR E 154 -10.10 56.86 -24.64
C THR E 154 -10.67 57.85 -23.64
N ARG E 155 -11.63 58.64 -24.09
CA ARG E 155 -12.30 59.59 -23.22
C ARG E 155 -13.70 59.08 -22.94
N HIS E 156 -14.05 58.98 -21.67
CA HIS E 156 -15.37 58.55 -21.29
C HIS E 156 -16.22 59.80 -21.16
N GLU E 157 -16.88 60.17 -22.25
CA GLU E 157 -17.71 61.37 -22.33
C GLU E 157 -19.18 61.04 -22.08
N PRO E 158 -19.98 62.05 -21.73
CA PRO E 158 -21.41 61.83 -21.48
C PRO E 158 -22.09 61.48 -22.79
N VAL E 159 -23.12 60.66 -22.73
CA VAL E 159 -23.83 60.26 -23.93
C VAL E 159 -24.61 61.45 -24.52
N GLY E 160 -25.04 62.36 -23.65
CA GLY E 160 -25.77 63.54 -24.10
C GLY E 160 -27.14 63.75 -23.45
N VAL E 161 -28.13 64.10 -24.28
CA VAL E 161 -29.49 64.32 -23.80
C VAL E 161 -30.16 62.97 -23.57
N CYS E 162 -30.37 62.63 -22.30
CA CYS E 162 -30.97 61.37 -21.91
C CYS E 162 -32.45 61.45 -21.57
N GLY E 163 -33.26 60.69 -22.30
CA GLY E 163 -34.69 60.65 -22.04
C GLY E 163 -34.93 59.48 -21.09
N GLN E 164 -35.53 59.75 -19.94
CA GLN E 164 -35.80 58.71 -18.95
C GLN E 164 -37.28 58.57 -18.61
N ILE E 165 -37.84 57.41 -18.93
CA ILE E 165 -39.25 57.13 -18.70
C ILE E 165 -39.36 56.09 -17.60
N ILE E 166 -39.97 56.47 -16.48
CA ILE E 166 -40.10 55.57 -15.35
C ILE E 166 -41.53 55.19 -14.98
N PRO E 167 -41.70 54.03 -14.31
CA PRO E 167 -42.99 53.50 -13.88
C PRO E 167 -43.50 54.12 -12.55
N TRP E 168 -44.59 53.56 -12.04
CA TRP E 168 -45.22 54.05 -10.82
C TRP E 168 -45.01 53.22 -9.55
N ASN E 169 -44.50 52.00 -9.68
CA ASN E 169 -44.32 51.12 -8.53
C ASN E 169 -43.32 51.60 -7.47
N PHE E 170 -42.34 52.39 -7.89
CA PHE E 170 -41.31 52.92 -7.00
C PHE E 170 -40.96 54.30 -7.55
N PRO E 171 -41.88 55.26 -7.43
CA PRO E 171 -41.65 56.62 -7.94
C PRO E 171 -40.32 57.28 -7.60
N LEU E 172 -40.06 57.47 -6.31
CA LEU E 172 -38.82 58.09 -5.89
C LEU E 172 -37.57 57.28 -6.22
N LEU E 173 -37.64 55.97 -5.94
CA LEU E 173 -36.51 55.08 -6.19
C LEU E 173 -36.16 54.98 -7.66
N MET E 174 -37.18 54.86 -8.51
CA MET E 174 -36.95 54.77 -9.95
C MET E 174 -36.30 56.05 -10.45
N GLN E 175 -36.69 57.18 -9.85
CA GLN E 175 -36.13 58.47 -10.24
C GLN E 175 -34.64 58.53 -9.88
N ALA E 176 -34.30 57.99 -8.71
CA ALA E 176 -32.92 57.96 -8.24
C ALA E 176 -32.08 57.01 -9.08
N TRP E 177 -32.63 55.83 -9.36
CA TRP E 177 -31.91 54.85 -10.18
C TRP E 177 -31.52 55.41 -11.53
N LYS E 178 -32.32 56.36 -12.03
CA LYS E 178 -32.05 56.97 -13.31
C LYS E 178 -31.15 58.20 -13.21
N LEU E 179 -31.47 59.12 -12.29
CA LEU E 179 -30.70 60.34 -12.13
C LEU E 179 -29.28 60.14 -11.61
N GLY E 180 -29.13 59.23 -10.67
CA GLY E 180 -27.82 58.98 -10.11
C GLY E 180 -26.71 58.75 -11.11
N PRO E 181 -26.80 57.70 -11.94
CA PRO E 181 -25.78 57.40 -12.95
C PRO E 181 -25.67 58.44 -14.06
N ALA E 182 -26.83 58.94 -14.50
CA ALA E 182 -26.85 59.94 -15.56
C ALA E 182 -26.12 61.21 -15.15
N LEU E 183 -26.46 61.73 -13.98
CA LEU E 183 -25.83 62.96 -13.50
C LEU E 183 -24.36 62.75 -13.12
N ALA E 184 -24.04 61.59 -12.57
CA ALA E 184 -22.65 61.33 -12.19
C ALA E 184 -21.73 61.34 -13.41
N THR E 185 -22.29 61.00 -14.57
CA THR E 185 -21.49 60.95 -15.79
C THR E 185 -21.53 62.24 -16.61
N GLY E 186 -22.25 63.24 -16.10
CA GLY E 186 -22.32 64.54 -16.77
C GLY E 186 -23.33 64.72 -17.87
N ASN E 187 -24.34 63.86 -17.89
CA ASN E 187 -25.40 63.94 -18.90
C ASN E 187 -26.46 64.94 -18.47
N VAL E 188 -27.45 65.12 -19.33
CA VAL E 188 -28.58 65.99 -19.07
C VAL E 188 -29.83 65.12 -19.21
N VAL E 189 -30.82 65.38 -18.38
CA VAL E 189 -32.04 64.58 -18.36
C VAL E 189 -33.37 65.24 -18.68
N VAL E 190 -34.21 64.50 -19.41
CA VAL E 190 -35.58 64.88 -19.75
C VAL E 190 -36.37 63.66 -19.27
N MET E 191 -36.87 63.76 -18.04
CA MET E 191 -37.60 62.67 -17.40
C MET E 191 -39.09 62.75 -17.57
N LYS E 192 -39.71 61.60 -17.86
CA LYS E 192 -41.14 61.50 -18.04
C LYS E 192 -41.67 60.56 -16.95
N VAL E 193 -42.16 61.14 -15.87
CA VAL E 193 -42.69 60.36 -14.75
C VAL E 193 -44.06 59.75 -15.06
N ALA E 194 -44.43 58.73 -14.30
CA ALA E 194 -45.71 58.04 -14.49
C ALA E 194 -46.90 58.92 -14.11
N GLU E 195 -47.93 58.90 -14.94
CA GLU E 195 -49.14 59.69 -14.70
C GLU E 195 -49.82 59.32 -13.39
N GLN E 196 -49.60 58.09 -12.95
CA GLN E 196 -50.19 57.60 -11.69
C GLN E 196 -49.50 58.18 -10.46
N THR E 197 -48.20 58.43 -10.56
CA THR E 197 -47.43 58.95 -9.43
C THR E 197 -46.40 60.02 -9.82
N PRO E 198 -46.86 61.23 -10.18
CA PRO E 198 -45.94 62.30 -10.57
C PRO E 198 -45.48 63.24 -9.45
N LEU E 199 -46.27 63.32 -8.38
CA LEU E 199 -45.99 64.21 -7.27
C LEU E 199 -44.61 64.23 -6.62
N THR E 200 -44.17 63.11 -6.07
CA THR E 200 -42.87 63.05 -5.41
C THR E 200 -41.68 63.43 -6.29
N ALA E 201 -41.71 63.01 -7.56
CA ALA E 201 -40.62 63.31 -8.48
C ALA E 201 -40.54 64.80 -8.72
N LEU E 202 -41.70 65.43 -8.85
CA LEU E 202 -41.77 66.87 -9.09
C LEU E 202 -41.18 67.66 -7.90
N TYR E 203 -41.45 67.20 -6.68
CA TYR E 203 -40.90 67.89 -5.51
C TYR E 203 -39.37 67.73 -5.47
N VAL E 204 -38.88 66.58 -5.94
CA VAL E 204 -37.45 66.32 -5.97
C VAL E 204 -36.77 67.30 -6.94
N ALA E 205 -37.50 67.71 -7.96
CA ALA E 205 -36.98 68.66 -8.94
C ALA E 205 -36.71 69.99 -8.24
N ASN E 206 -37.55 70.33 -7.26
CA ASN E 206 -37.36 71.56 -6.51
C ASN E 206 -36.06 71.45 -5.72
N LEU E 207 -35.80 70.25 -5.22
CA LEU E 207 -34.59 69.99 -4.47
C LEU E 207 -33.35 70.00 -5.38
N ILE E 208 -33.54 69.59 -6.63
CA ILE E 208 -32.45 69.57 -7.61
C ILE E 208 -32.01 71.01 -7.86
N LYS E 209 -32.98 71.91 -7.89
CA LYS E 209 -32.73 73.33 -8.11
C LYS E 209 -32.01 73.89 -6.88
N GLU E 210 -32.53 73.54 -5.70
CA GLU E 210 -31.97 74.01 -4.43
C GLU E 210 -30.55 73.48 -4.21
N ALA E 211 -30.28 72.29 -4.73
CA ALA E 211 -28.96 71.66 -4.61
C ALA E 211 -27.90 72.44 -5.38
N GLY E 212 -28.32 73.18 -6.38
CA GLY E 212 -27.37 73.96 -7.16
C GLY E 212 -27.17 73.52 -8.59
N PHE E 213 -27.89 72.48 -9.02
CA PHE E 213 -27.77 71.98 -10.38
C PHE E 213 -28.15 73.05 -11.40
N PRO E 214 -27.30 73.29 -12.41
CA PRO E 214 -27.56 74.29 -13.44
C PRO E 214 -28.86 74.00 -14.18
N PRO E 215 -29.54 75.06 -14.65
CA PRO E 215 -30.80 74.94 -15.37
C PRO E 215 -30.65 74.08 -16.61
N GLY E 216 -31.66 73.25 -16.89
CA GLY E 216 -31.61 72.40 -18.07
C GLY E 216 -30.95 71.05 -17.88
N VAL E 217 -30.21 70.88 -16.80
CA VAL E 217 -29.54 69.60 -16.53
C VAL E 217 -30.59 68.52 -16.23
N VAL E 218 -31.62 68.87 -15.46
CA VAL E 218 -32.68 67.93 -15.13
C VAL E 218 -34.02 68.57 -15.46
N ASN E 219 -34.74 67.96 -16.40
CA ASN E 219 -36.04 68.46 -16.83
C ASN E 219 -37.05 67.32 -16.69
N ILE E 220 -38.12 67.56 -15.93
CA ILE E 220 -39.15 66.56 -15.72
C ILE E 220 -40.46 66.97 -16.37
N VAL E 221 -40.97 66.12 -17.26
CA VAL E 221 -42.22 66.37 -17.98
C VAL E 221 -43.29 65.35 -17.61
N PRO E 222 -44.20 65.73 -16.69
CA PRO E 222 -45.27 64.81 -16.30
C PRO E 222 -46.32 64.74 -17.40
N GLY E 223 -46.96 63.58 -17.54
CA GLY E 223 -47.98 63.40 -18.58
C GLY E 223 -48.26 61.94 -18.88
N PHE E 224 -48.92 61.68 -20.01
CA PHE E 224 -49.25 60.32 -20.42
C PHE E 224 -48.16 59.69 -21.26
N GLY E 225 -48.25 58.38 -21.45
CA GLY E 225 -47.25 57.67 -22.24
C GLY E 225 -47.28 57.87 -23.74
N PRO E 226 -48.41 57.55 -24.42
CA PRO E 226 -48.53 57.70 -25.88
C PRO E 226 -48.27 59.12 -26.36
N THR E 227 -48.26 60.08 -25.44
CA THR E 227 -48.02 61.47 -25.79
C THR E 227 -46.62 61.94 -25.41
N ALA E 228 -46.43 62.23 -24.13
CA ALA E 228 -45.15 62.71 -23.62
C ALA E 228 -44.03 61.68 -23.77
N GLY E 229 -44.33 60.43 -23.40
CA GLY E 229 -43.36 59.36 -23.50
C GLY E 229 -42.90 59.10 -24.92
N ALA E 230 -43.85 58.91 -25.83
CA ALA E 230 -43.53 58.65 -27.22
C ALA E 230 -42.78 59.80 -27.86
N ALA E 231 -43.04 61.02 -27.39
CA ALA E 231 -42.38 62.20 -27.94
C ALA E 231 -40.90 62.14 -27.65
N ILE E 232 -40.56 61.66 -26.45
CA ILE E 232 -39.18 61.51 -26.03
C ILE E 232 -38.48 60.39 -26.80
N ALA E 233 -39.15 59.23 -26.88
CA ALA E 233 -38.57 58.09 -27.58
C ALA E 233 -38.37 58.32 -29.09
N SER E 234 -39.18 59.21 -29.67
CA SER E 234 -39.09 59.51 -31.10
C SER E 234 -38.36 60.81 -31.43
N HIS E 235 -38.05 61.60 -30.41
CA HIS E 235 -37.38 62.88 -30.63
C HIS E 235 -36.05 62.77 -31.38
N GLU E 236 -35.86 63.64 -32.36
CA GLU E 236 -34.65 63.65 -33.17
C GLU E 236 -33.40 64.19 -32.49
N ASP E 237 -33.55 64.79 -31.31
CA ASP E 237 -32.40 65.33 -30.63
C ASP E 237 -32.07 64.64 -29.31
N VAL E 238 -32.79 63.55 -29.02
CA VAL E 238 -32.53 62.78 -27.81
C VAL E 238 -31.51 61.72 -28.14
N ASP E 239 -30.37 61.76 -27.45
CA ASP E 239 -29.27 60.84 -27.68
C ASP E 239 -29.44 59.42 -27.16
N LYS E 240 -30.08 59.31 -26.00
CA LYS E 240 -30.27 58.02 -25.36
C LYS E 240 -31.59 57.97 -24.61
N VAL E 241 -32.18 56.79 -24.52
CA VAL E 241 -33.42 56.62 -23.80
C VAL E 241 -33.38 55.40 -22.88
N ALA E 242 -33.81 55.59 -21.63
CA ALA E 242 -33.87 54.51 -20.66
C ALA E 242 -35.33 54.38 -20.24
N PHE E 243 -35.85 53.17 -20.30
CA PHE E 243 -37.23 52.92 -19.96
C PHE E 243 -37.44 51.76 -18.99
N THR E 244 -38.43 51.89 -18.13
CA THR E 244 -38.78 50.84 -17.20
C THR E 244 -40.30 50.72 -17.16
N GLY E 245 -40.80 49.53 -17.46
CA GLY E 245 -42.23 49.31 -17.47
C GLY E 245 -42.63 47.98 -18.08
N SER E 246 -43.69 47.99 -18.87
CA SER E 246 -44.17 46.75 -19.52
C SER E 246 -43.33 46.36 -20.72
N THR E 247 -43.35 45.07 -21.04
CA THR E 247 -42.64 44.52 -22.18
C THR E 247 -43.24 45.08 -23.46
N GLU E 248 -44.54 45.35 -23.44
CA GLU E 248 -45.25 45.89 -24.58
C GLU E 248 -44.71 47.27 -24.97
N ILE E 249 -44.59 48.17 -23.99
CA ILE E 249 -44.09 49.51 -24.25
C ILE E 249 -42.60 49.47 -24.59
N GLY E 250 -41.89 48.50 -24.01
CA GLY E 250 -40.48 48.34 -24.29
C GLY E 250 -40.26 48.14 -25.78
N ARG E 251 -41.17 47.43 -26.44
CA ARG E 251 -41.07 47.20 -27.87
C ARG E 251 -41.32 48.50 -28.62
N VAL E 252 -42.32 49.26 -28.17
CA VAL E 252 -42.65 50.54 -28.80
C VAL E 252 -41.49 51.51 -28.74
N ILE E 253 -40.83 51.55 -27.58
CA ILE E 253 -39.67 52.42 -27.36
C ILE E 253 -38.52 52.10 -28.31
N GLN E 254 -38.15 50.81 -28.39
CA GLN E 254 -37.05 50.36 -29.24
C GLN E 254 -37.34 50.63 -30.72
N VAL E 255 -38.60 50.40 -31.12
CA VAL E 255 -39.01 50.62 -32.50
C VAL E 255 -38.96 52.11 -32.81
N ALA E 256 -39.39 52.93 -31.84
CA ALA E 256 -39.40 54.38 -31.97
C ALA E 256 -37.97 54.93 -32.08
N ALA E 257 -37.04 54.33 -31.35
CA ALA E 257 -35.65 54.74 -31.38
C ALA E 257 -35.02 54.41 -32.72
N GLY E 258 -35.34 53.23 -33.25
CA GLY E 258 -34.82 52.81 -34.53
C GLY E 258 -35.41 53.57 -35.68
N SER E 259 -36.66 54.02 -35.52
CA SER E 259 -37.36 54.78 -36.55
C SER E 259 -36.97 56.24 -36.59
N SER E 260 -36.47 56.74 -35.46
CA SER E 260 -36.07 58.14 -35.37
C SER E 260 -34.58 58.39 -35.64
N ASN E 261 -33.79 58.67 -34.61
CA ASN E 261 -32.38 58.96 -34.83
C ASN E 261 -31.41 57.88 -34.38
N LEU E 262 -31.91 56.66 -34.18
CA LEU E 262 -31.05 55.56 -33.73
C LEU E 262 -30.41 55.83 -32.37
N LYS E 263 -31.17 56.45 -31.47
CA LYS E 263 -30.69 56.76 -30.13
C LYS E 263 -30.41 55.46 -29.35
N ARG E 264 -29.45 55.52 -28.43
CA ARG E 264 -29.09 54.37 -27.61
C ARG E 264 -30.27 54.00 -26.70
N VAL E 265 -30.50 52.70 -26.52
CA VAL E 265 -31.63 52.25 -25.72
C VAL E 265 -31.29 51.17 -24.68
N THR E 266 -31.89 51.29 -23.50
CA THR E 266 -31.75 50.30 -22.42
C THR E 266 -33.16 50.15 -21.83
N LEU E 267 -33.54 48.90 -21.56
CA LEU E 267 -34.86 48.63 -21.03
C LEU E 267 -34.88 47.74 -19.79
N GLU E 268 -35.83 48.02 -18.90
CA GLU E 268 -36.02 47.27 -17.67
C GLU E 268 -37.50 46.94 -17.73
N LEU E 269 -37.81 45.73 -18.21
CA LEU E 269 -39.18 45.28 -18.35
C LEU E 269 -39.67 44.40 -17.21
N GLY E 270 -40.80 43.74 -17.43
CA GLY E 270 -41.35 42.89 -16.38
C GLY E 270 -40.66 41.56 -16.18
N GLY E 271 -41.39 40.63 -15.58
CA GLY E 271 -40.83 39.30 -15.36
C GLY E 271 -41.81 38.32 -14.75
N LYS E 272 -41.35 37.09 -14.62
CA LYS E 272 -42.14 36.03 -14.00
C LYS E 272 -41.09 35.19 -13.28
N SER E 273 -40.31 35.87 -12.44
CA SER E 273 -39.22 35.28 -11.68
C SER E 273 -39.58 34.08 -10.80
N PRO E 274 -38.82 32.98 -10.95
CA PRO E 274 -38.99 31.73 -10.21
C PRO E 274 -38.26 31.77 -8.87
N ASN E 275 -38.92 31.25 -7.85
CA ASN E 275 -38.37 31.19 -6.50
C ASN E 275 -38.34 29.71 -6.17
N ILE E 276 -37.16 29.09 -6.30
CA ILE E 276 -36.99 27.66 -6.06
C ILE E 276 -36.65 27.32 -4.61
N ILE E 277 -37.53 26.51 -4.01
CA ILE E 277 -37.37 26.07 -2.64
C ILE E 277 -37.02 24.58 -2.62
N MET E 278 -35.75 24.26 -2.38
CA MET E 278 -35.32 22.86 -2.33
C MET E 278 -35.74 22.20 -1.01
N SER E 279 -35.72 20.88 -0.97
CA SER E 279 -36.13 20.11 0.22
C SER E 279 -35.28 20.37 1.48
N ASP E 280 -34.00 20.67 1.28
CA ASP E 280 -33.09 20.92 2.40
C ASP E 280 -33.04 22.37 2.86
N ALA E 281 -33.95 23.18 2.36
CA ALA E 281 -34.01 24.60 2.74
C ALA E 281 -34.53 24.80 4.16
N ASP E 282 -34.26 25.98 4.72
CA ASP E 282 -34.73 26.33 6.05
C ASP E 282 -36.19 26.68 5.89
N MET E 283 -37.06 25.75 6.25
CA MET E 283 -38.51 25.92 6.14
C MET E 283 -39.07 27.29 6.54
N ASP E 284 -38.92 27.66 7.82
CA ASP E 284 -39.43 28.94 8.29
C ASP E 284 -38.89 30.14 7.50
N TRP E 285 -37.60 30.13 7.23
CA TRP E 285 -36.96 31.20 6.48
C TRP E 285 -37.51 31.27 5.05
N ALA E 286 -37.49 30.13 4.36
CA ALA E 286 -37.98 30.04 3.00
C ALA E 286 -39.43 30.51 2.87
N VAL E 287 -40.26 30.16 3.84
CA VAL E 287 -41.66 30.56 3.84
C VAL E 287 -41.82 32.09 3.94
N GLU E 288 -41.14 32.68 4.91
CA GLU E 288 -41.21 34.12 5.12
C GLU E 288 -40.65 34.90 3.91
N GLN E 289 -39.53 34.43 3.40
CA GLN E 289 -38.89 35.06 2.24
C GLN E 289 -39.72 34.88 0.97
N ALA E 290 -40.35 33.72 0.80
CA ALA E 290 -41.18 33.48 -0.38
C ALA E 290 -42.39 34.39 -0.36
N HIS E 291 -42.92 34.61 0.83
CA HIS E 291 -44.06 35.50 1.01
C HIS E 291 -43.64 36.91 0.62
N PHE E 292 -42.55 37.36 1.22
CA PHE E 292 -42.01 38.69 0.94
C PHE E 292 -41.66 38.83 -0.53
N ALA E 293 -41.07 37.77 -1.11
CA ALA E 293 -40.67 37.77 -2.50
C ALA E 293 -41.79 38.14 -3.47
N LEU E 294 -43.01 37.74 -3.14
CA LEU E 294 -44.13 38.00 -4.02
C LEU E 294 -45.05 39.13 -3.60
N PHE E 295 -45.33 39.20 -2.30
CA PHE E 295 -46.22 40.21 -1.74
C PHE E 295 -45.67 41.60 -1.56
N PHE E 296 -44.34 41.75 -1.58
CA PHE E 296 -43.71 43.05 -1.38
C PHE E 296 -44.25 44.13 -2.33
N ASN E 297 -44.44 45.33 -1.79
CA ASN E 297 -44.96 46.47 -2.52
C ASN E 297 -46.23 46.11 -3.27
N GLN E 298 -47.18 45.49 -2.55
CA GLN E 298 -48.47 45.07 -3.11
C GLN E 298 -48.30 44.12 -4.32
N GLY E 299 -47.18 43.41 -4.35
CA GLY E 299 -46.90 42.50 -5.45
C GLY E 299 -46.50 43.24 -6.71
N GLN E 300 -46.36 44.56 -6.60
CA GLN E 300 -45.99 45.40 -7.73
C GLN E 300 -44.48 45.58 -7.86
N CYS E 301 -43.79 44.46 -8.00
CA CYS E 301 -42.34 44.48 -8.13
C CYS E 301 -41.96 43.73 -9.39
N CYS E 302 -41.14 44.35 -10.22
CA CYS E 302 -40.68 43.77 -11.48
C CYS E 302 -40.08 42.37 -11.32
N CYS E 303 -39.30 42.17 -10.26
CA CYS E 303 -38.67 40.87 -10.00
C CYS E 303 -39.42 40.02 -8.99
N ALA E 304 -40.69 40.32 -8.79
CA ALA E 304 -41.54 39.57 -7.87
C ALA E 304 -41.43 38.07 -8.13
N GLY E 305 -41.34 37.29 -7.07
CA GLY E 305 -41.26 35.84 -7.20
C GLY E 305 -42.62 35.23 -7.46
N SER E 306 -43.14 35.44 -8.67
CA SER E 306 -44.46 34.97 -9.08
C SER E 306 -44.57 33.48 -9.40
N ARG E 307 -43.46 32.77 -9.34
CA ARG E 307 -43.47 31.33 -9.58
C ARG E 307 -42.68 30.66 -8.47
N THR E 308 -43.41 30.22 -7.44
CA THR E 308 -42.77 29.57 -6.29
C THR E 308 -42.72 28.05 -6.46
N PHE E 309 -41.56 27.57 -6.88
CA PHE E 309 -41.34 26.14 -7.07
C PHE E 309 -40.91 25.51 -5.74
N VAL E 310 -41.68 24.52 -5.30
CA VAL E 310 -41.42 23.83 -4.03
C VAL E 310 -41.23 22.33 -4.24
N GLN E 311 -40.17 21.78 -3.65
CA GLN E 311 -39.86 20.35 -3.77
C GLN E 311 -41.00 19.55 -3.13
N GLU E 312 -41.44 18.50 -3.81
CA GLU E 312 -42.56 17.68 -3.36
C GLU E 312 -42.55 17.18 -1.92
N ASP E 313 -41.39 16.75 -1.43
CA ASP E 313 -41.25 16.24 -0.08
C ASP E 313 -41.60 17.27 1.01
N ILE E 314 -41.52 18.55 0.68
CA ILE E 314 -41.81 19.62 1.62
C ILE E 314 -42.93 20.53 1.15
N TYR E 315 -43.56 20.16 0.04
CA TYR E 315 -44.65 20.96 -0.55
C TYR E 315 -45.83 21.22 0.38
N ASP E 316 -46.42 20.16 0.92
CA ASP E 316 -47.59 20.28 1.80
C ASP E 316 -47.38 21.23 2.97
N GLU E 317 -46.27 21.04 3.70
CA GLU E 317 -45.97 21.89 4.85
C GLU E 317 -45.76 23.34 4.42
N PHE E 318 -44.97 23.54 3.36
CA PHE E 318 -44.70 24.88 2.87
C PHE E 318 -46.00 25.61 2.51
N VAL E 319 -46.87 24.92 1.79
CA VAL E 319 -48.15 25.50 1.37
C VAL E 319 -49.01 25.89 2.56
N GLU E 320 -49.07 25.02 3.56
CA GLU E 320 -49.84 25.24 4.77
C GLU E 320 -49.35 26.50 5.47
N ARG E 321 -48.03 26.60 5.64
CA ARG E 321 -47.42 27.75 6.30
C ARG E 321 -47.61 29.05 5.49
N SER E 322 -47.53 28.93 4.17
CA SER E 322 -47.69 30.06 3.27
C SER E 322 -49.10 30.62 3.33
N VAL E 323 -50.08 29.73 3.37
CA VAL E 323 -51.47 30.15 3.44
C VAL E 323 -51.72 30.91 4.72
N ALA E 324 -51.21 30.38 5.83
CA ALA E 324 -51.35 30.99 7.14
C ALA E 324 -50.77 32.41 7.14
N ARG E 325 -49.55 32.53 6.62
CA ARG E 325 -48.84 33.80 6.55
C ARG E 325 -49.58 34.81 5.67
N ALA E 326 -50.18 34.33 4.58
CA ALA E 326 -50.92 35.20 3.66
C ALA E 326 -52.19 35.69 4.31
N LYS E 327 -52.86 34.83 5.08
CA LYS E 327 -54.10 35.21 5.75
C LYS E 327 -53.87 36.20 6.88
N SER E 328 -52.71 36.11 7.53
CA SER E 328 -52.38 37.02 8.61
C SER E 328 -51.85 38.37 8.12
N ARG E 329 -51.56 38.47 6.82
CA ARG E 329 -51.04 39.71 6.26
C ARG E 329 -52.07 40.82 6.37
N VAL E 330 -51.73 41.85 7.14
CA VAL E 330 -52.60 43.00 7.39
C VAL E 330 -52.78 43.91 6.18
N VAL E 331 -54.02 44.11 5.78
CA VAL E 331 -54.36 44.97 4.65
C VAL E 331 -55.20 46.13 5.15
N GLY E 332 -54.86 47.36 4.74
CA GLY E 332 -55.62 48.51 5.19
C GLY E 332 -54.97 49.84 4.89
N ASN E 333 -55.34 50.87 5.65
CA ASN E 333 -54.80 52.22 5.45
C ASN E 333 -53.27 52.19 5.58
N PRO E 334 -52.56 52.61 4.50
CA PRO E 334 -51.10 52.63 4.46
C PRO E 334 -50.45 53.47 5.55
N PHE E 335 -51.18 54.45 6.09
CA PHE E 335 -50.65 55.31 7.14
C PHE E 335 -50.70 54.65 8.53
N ASP E 336 -51.43 53.54 8.66
CA ASP E 336 -51.51 52.83 9.93
C ASP E 336 -50.27 51.94 10.05
N SER E 337 -49.53 52.10 11.13
CA SER E 337 -48.31 51.33 11.36
C SER E 337 -48.45 49.82 11.29
N LYS E 338 -49.65 49.32 11.54
CA LYS E 338 -49.93 47.88 11.52
C LYS E 338 -50.14 47.32 10.10
N THR E 339 -50.38 48.22 9.13
CA THR E 339 -50.62 47.81 7.75
C THR E 339 -49.39 47.26 7.03
N GLU E 340 -49.54 46.06 6.49
CA GLU E 340 -48.45 45.42 5.76
C GLU E 340 -48.62 45.64 4.26
N GLN E 341 -49.88 45.74 3.82
CA GLN E 341 -50.17 45.92 2.41
C GLN E 341 -51.21 46.98 2.16
N GLY E 342 -50.87 47.94 1.32
CA GLY E 342 -51.79 49.00 0.98
C GLY E 342 -52.58 48.61 -0.25
N PRO E 343 -53.21 49.58 -0.94
CA PRO E 343 -53.99 49.30 -2.14
C PRO E 343 -53.11 49.24 -3.38
N GLN E 344 -53.72 48.88 -4.50
CA GLN E 344 -53.01 48.82 -5.77
C GLN E 344 -52.96 50.26 -6.28
N VAL E 345 -51.98 50.54 -7.13
CA VAL E 345 -51.77 51.88 -7.66
C VAL E 345 -53.00 52.59 -8.24
N ASP E 346 -53.86 51.84 -8.95
CA ASP E 346 -55.05 52.46 -9.55
C ASP E 346 -56.16 51.46 -9.90
N GLU E 347 -57.24 51.98 -10.49
CA GLU E 347 -58.37 51.15 -10.87
C GLU E 347 -58.03 50.14 -11.96
N THR E 348 -57.32 50.59 -12.99
CA THR E 348 -56.93 49.71 -14.09
C THR E 348 -56.21 48.47 -13.57
N GLN E 349 -55.21 48.67 -12.71
CA GLN E 349 -54.46 47.55 -12.14
C GLN E 349 -55.36 46.70 -11.25
N PHE E 350 -56.24 47.39 -10.52
CA PHE E 350 -57.19 46.77 -9.61
C PHE E 350 -58.00 45.71 -10.36
N LYS E 351 -58.61 46.10 -11.46
CA LYS E 351 -59.43 45.20 -12.26
C LYS E 351 -58.62 44.15 -13.01
N LYS E 352 -57.42 44.52 -13.45
CA LYS E 352 -56.56 43.60 -14.18
C LYS E 352 -56.13 42.43 -13.28
N ILE E 353 -55.85 42.73 -12.01
CA ILE E 353 -55.44 41.73 -11.04
C ILE E 353 -56.60 40.78 -10.72
N LEU E 354 -57.78 41.33 -10.50
CA LEU E 354 -58.97 40.53 -10.21
C LEU E 354 -59.30 39.65 -11.42
N GLY E 355 -58.99 40.15 -12.62
CA GLY E 355 -59.24 39.39 -13.83
C GLY E 355 -58.33 38.18 -13.84
N TYR E 356 -57.07 38.38 -13.48
CA TYR E 356 -56.11 37.29 -13.41
C TYR E 356 -56.53 36.24 -12.40
N ILE E 357 -57.11 36.69 -11.28
CA ILE E 357 -57.56 35.78 -10.23
C ILE E 357 -58.69 34.88 -10.76
N ASN E 358 -59.62 35.47 -11.52
CA ASN E 358 -60.72 34.70 -12.09
C ASN E 358 -60.19 33.70 -13.10
N THR E 359 -59.20 34.12 -13.86
CA THR E 359 -58.57 33.27 -14.85
C THR E 359 -57.85 32.12 -14.14
N GLY E 360 -57.29 32.42 -12.97
CA GLY E 360 -56.60 31.41 -12.19
C GLY E 360 -57.56 30.32 -11.72
N LYS E 361 -58.78 30.73 -11.39
CA LYS E 361 -59.80 29.78 -10.95
C LYS E 361 -60.29 28.92 -12.10
N GLN E 362 -60.65 29.56 -13.22
CA GLN E 362 -61.15 28.86 -14.40
C GLN E 362 -60.16 27.87 -15.01
N GLU E 363 -58.88 28.12 -14.86
CA GLU E 363 -57.88 27.24 -15.43
C GLU E 363 -57.50 26.04 -14.58
N GLY E 364 -58.16 25.88 -13.44
CA GLY E 364 -57.89 24.73 -12.60
C GLY E 364 -56.94 24.92 -11.43
N ALA E 365 -56.43 26.13 -11.23
CA ALA E 365 -55.54 26.38 -10.10
C ALA E 365 -56.37 26.34 -8.81
N LYS E 366 -55.77 25.77 -7.77
CA LYS E 366 -56.41 25.62 -6.47
C LYS E 366 -56.34 26.89 -5.60
N LEU E 367 -57.46 27.59 -5.46
CA LEU E 367 -57.54 28.80 -4.63
C LEU E 367 -57.46 28.40 -3.15
N LEU E 368 -56.39 28.80 -2.47
CA LEU E 368 -56.19 28.46 -1.06
C LEU E 368 -56.67 29.50 -0.07
N CYS E 369 -56.65 30.77 -0.48
CA CYS E 369 -57.09 31.87 0.35
C CYS E 369 -57.22 33.16 -0.45
N GLY E 370 -58.01 34.10 0.07
CA GLY E 370 -58.23 35.38 -0.59
C GLY E 370 -58.96 35.20 -1.91
N GLY E 371 -58.64 36.03 -2.88
CA GLY E 371 -59.25 35.94 -4.19
C GLY E 371 -60.29 36.99 -4.51
N GLY E 372 -60.45 37.97 -3.61
CA GLY E 372 -61.43 39.01 -3.85
C GLY E 372 -61.05 40.36 -3.26
N ILE E 373 -61.96 41.32 -3.43
CA ILE E 373 -61.79 42.67 -2.92
C ILE E 373 -61.64 42.69 -1.39
N ALA E 374 -60.64 43.40 -0.89
CA ALA E 374 -60.41 43.46 0.55
C ALA E 374 -61.12 44.60 1.27
N ALA E 375 -61.58 45.60 0.52
CA ALA E 375 -62.26 46.74 1.11
C ALA E 375 -63.26 47.38 0.17
N ASP E 376 -64.22 48.09 0.73
CA ASP E 376 -65.27 48.74 -0.04
C ASP E 376 -64.80 50.01 -0.74
N ARG E 377 -63.92 50.75 -0.07
CA ARG E 377 -63.36 51.99 -0.62
C ARG E 377 -61.87 51.81 -0.91
N GLY E 378 -61.45 52.25 -2.10
CA GLY E 378 -60.05 52.11 -2.47
C GLY E 378 -59.84 50.91 -3.36
N TYR E 379 -58.59 50.62 -3.68
CA TYR E 379 -58.26 49.51 -4.55
C TYR E 379 -57.51 48.41 -3.80
N PHE E 380 -58.10 47.94 -2.70
CA PHE E 380 -57.49 46.89 -1.87
C PHE E 380 -57.90 45.49 -2.32
N ILE E 381 -56.93 44.59 -2.39
CA ILE E 381 -57.16 43.21 -2.79
C ILE E 381 -56.61 42.27 -1.74
N GLN E 382 -57.35 41.20 -1.44
CA GLN E 382 -56.93 40.23 -0.44
C GLN E 382 -55.75 39.41 -0.90
N PRO E 383 -54.80 39.13 0.00
CA PRO E 383 -53.61 38.34 -0.32
C PRO E 383 -54.08 36.95 -0.83
N THR E 384 -53.90 36.73 -2.12
CA THR E 384 -54.32 35.49 -2.76
C THR E 384 -53.19 34.50 -2.97
N VAL E 385 -53.48 33.23 -2.72
CA VAL E 385 -52.51 32.16 -2.91
C VAL E 385 -53.11 31.03 -3.73
N PHE E 386 -52.42 30.65 -4.80
CA PHE E 386 -52.87 29.56 -5.65
C PHE E 386 -51.97 28.35 -5.50
N GLY E 387 -52.58 27.18 -5.35
CA GLY E 387 -51.83 25.96 -5.20
C GLY E 387 -51.99 25.06 -6.41
N ASP E 388 -51.09 24.10 -6.55
CA ASP E 388 -51.11 23.13 -7.66
C ASP E 388 -51.12 23.82 -9.02
N VAL E 389 -50.34 24.89 -9.14
CA VAL E 389 -50.26 25.64 -10.38
C VAL E 389 -49.39 24.92 -11.40
N GLN E 390 -49.85 24.90 -12.65
CA GLN E 390 -49.13 24.24 -13.73
C GLN E 390 -48.50 25.27 -14.65
N ASP E 391 -47.34 24.93 -15.21
CA ASP E 391 -46.60 25.81 -16.11
C ASP E 391 -47.43 26.42 -17.23
N GLY E 392 -48.31 25.62 -17.81
CA GLY E 392 -49.14 26.10 -18.90
C GLY E 392 -50.22 27.09 -18.51
N MET E 393 -50.48 27.24 -17.22
CA MET E 393 -51.52 28.15 -16.73
C MET E 393 -51.15 29.62 -16.94
N THR E 394 -52.15 30.43 -17.26
CA THR E 394 -52.00 31.86 -17.50
C THR E 394 -51.33 32.58 -16.34
N ILE E 395 -51.80 32.30 -15.13
CA ILE E 395 -51.24 32.94 -13.93
C ILE E 395 -49.81 32.48 -13.65
N ALA E 396 -49.34 31.51 -14.41
CA ALA E 396 -47.98 31.00 -14.27
C ALA E 396 -47.08 31.54 -15.39
N LYS E 397 -47.67 32.27 -16.33
CA LYS E 397 -46.93 32.81 -17.48
C LYS E 397 -46.89 34.34 -17.53
N GLU E 398 -48.04 34.96 -17.33
CA GLU E 398 -48.19 36.42 -17.38
C GLU E 398 -47.91 37.11 -16.06
N GLU E 399 -47.35 38.31 -16.15
CA GLU E 399 -47.04 39.11 -14.96
C GLU E 399 -48.34 39.70 -14.41
N ILE E 400 -48.72 39.25 -13.21
CA ILE E 400 -49.94 39.71 -12.56
C ILE E 400 -49.77 41.09 -11.92
N PHE E 401 -48.60 41.33 -11.34
CA PHE E 401 -48.28 42.59 -10.67
C PHE E 401 -49.26 42.92 -9.55
N GLY E 402 -49.63 41.89 -8.79
CA GLY E 402 -50.56 42.05 -7.69
C GLY E 402 -50.32 41.02 -6.58
N PRO E 403 -51.08 41.07 -5.49
CA PRO E 403 -50.95 40.15 -4.35
C PRO E 403 -51.51 38.75 -4.63
N VAL E 404 -51.01 38.12 -5.68
CA VAL E 404 -51.44 36.78 -6.08
C VAL E 404 -50.23 35.86 -6.18
N MET E 405 -50.17 34.89 -5.26
CA MET E 405 -49.06 33.94 -5.19
C MET E 405 -49.34 32.62 -5.94
N GLN E 406 -48.32 32.14 -6.66
CA GLN E 406 -48.40 30.89 -7.41
C GLN E 406 -47.42 29.87 -6.83
N ILE E 407 -47.94 28.74 -6.38
CA ILE E 407 -47.09 27.69 -5.82
C ILE E 407 -47.14 26.45 -6.72
N LEU E 408 -45.98 26.06 -7.25
CA LEU E 408 -45.86 24.91 -8.13
C LEU E 408 -44.97 23.84 -7.47
N LYS E 409 -45.28 22.59 -7.73
CA LYS E 409 -44.54 21.46 -7.17
C LYS E 409 -43.58 20.83 -8.18
N PHE E 410 -42.43 20.38 -7.69
CA PHE E 410 -41.47 19.74 -8.58
C PHE E 410 -40.76 18.59 -7.86
N LYS E 411 -39.99 17.81 -8.62
CA LYS E 411 -39.31 16.68 -8.03
C LYS E 411 -37.79 16.80 -8.04
N THR E 412 -37.21 16.89 -9.23
CA THR E 412 -35.77 16.94 -9.35
C THR E 412 -35.21 18.35 -9.59
N ILE E 413 -33.92 18.49 -9.32
CA ILE E 413 -33.23 19.77 -9.52
C ILE E 413 -33.13 20.05 -11.02
N GLU E 414 -32.89 19.03 -11.84
CA GLU E 414 -32.80 19.20 -13.28
C GLU E 414 -34.13 19.68 -13.82
N GLU E 415 -35.20 19.16 -13.22
CA GLU E 415 -36.55 19.51 -13.62
C GLU E 415 -36.87 20.97 -13.34
N VAL E 416 -36.59 21.42 -12.13
CA VAL E 416 -36.88 22.80 -11.72
C VAL E 416 -36.08 23.84 -12.52
N VAL E 417 -34.89 23.47 -12.95
CA VAL E 417 -34.04 24.35 -13.74
C VAL E 417 -34.69 24.59 -15.10
N GLY E 418 -35.08 23.50 -15.75
CA GLY E 418 -35.72 23.59 -17.06
C GLY E 418 -37.07 24.28 -17.06
N ARG E 419 -37.84 24.09 -15.98
CA ARG E 419 -39.15 24.71 -15.87
C ARG E 419 -39.00 26.19 -15.52
N ALA E 420 -37.99 26.51 -14.71
CA ALA E 420 -37.77 27.91 -14.36
C ALA E 420 -37.28 28.70 -15.56
N ASN E 421 -36.41 28.10 -16.37
CA ASN E 421 -35.86 28.75 -17.55
C ASN E 421 -36.80 28.74 -18.75
N ASN E 422 -37.88 27.97 -18.69
CA ASN E 422 -38.83 27.93 -19.78
C ASN E 422 -39.77 29.14 -19.67
N SER E 423 -39.27 30.28 -20.09
CA SER E 423 -40.01 31.54 -20.02
C SER E 423 -39.34 32.59 -20.89
N THR E 424 -40.13 33.54 -21.39
CA THR E 424 -39.59 34.62 -22.20
C THR E 424 -38.98 35.68 -21.30
N TYR E 425 -39.24 35.56 -20.00
CA TYR E 425 -38.71 36.47 -19.00
C TYR E 425 -37.41 35.91 -18.41
N GLY E 426 -36.68 36.77 -17.71
CA GLY E 426 -35.44 36.37 -17.08
C GLY E 426 -34.87 37.50 -16.26
N LEU E 427 -35.73 38.18 -15.50
CA LEU E 427 -35.30 39.30 -14.69
C LEU E 427 -34.51 38.85 -13.45
N ALA E 428 -35.10 37.91 -12.71
CA ALA E 428 -34.47 37.40 -11.50
C ALA E 428 -34.93 36.00 -11.18
N ALA E 429 -34.35 35.44 -10.12
CA ALA E 429 -34.66 34.10 -9.66
C ALA E 429 -34.06 33.94 -8.27
N ALA E 430 -34.52 32.93 -7.53
CA ALA E 430 -34.00 32.66 -6.20
C ALA E 430 -33.90 31.17 -5.96
N VAL E 431 -33.00 30.80 -5.06
CA VAL E 431 -32.76 29.40 -4.72
C VAL E 431 -32.54 29.30 -3.21
N PHE E 432 -33.31 28.45 -2.56
CA PHE E 432 -33.21 28.23 -1.12
C PHE E 432 -32.73 26.81 -0.84
N THR E 433 -31.51 26.71 -0.36
CA THR E 433 -30.89 25.42 -0.05
C THR E 433 -29.70 25.61 0.89
N LYS E 434 -29.40 24.58 1.66
CA LYS E 434 -28.27 24.63 2.58
C LYS E 434 -27.05 23.98 1.92
N ASP E 435 -27.29 23.33 0.78
CA ASP E 435 -26.23 22.66 0.05
C ASP E 435 -25.40 23.60 -0.81
N LEU E 436 -24.08 23.47 -0.69
CA LEU E 436 -23.13 24.28 -1.45
C LEU E 436 -23.25 23.99 -2.96
N ASP E 437 -23.12 22.72 -3.33
CA ASP E 437 -23.19 22.33 -4.73
C ASP E 437 -24.49 22.69 -5.41
N LYS E 438 -25.62 22.51 -4.72
CA LYS E 438 -26.93 22.83 -5.29
C LYS E 438 -27.05 24.30 -5.63
N ALA E 439 -26.60 25.14 -4.69
CA ALA E 439 -26.62 26.58 -4.86
C ALA E 439 -25.79 27.01 -6.08
N ASN E 440 -24.59 26.47 -6.20
CA ASN E 440 -23.72 26.82 -7.32
C ASN E 440 -24.22 26.30 -8.65
N TYR E 441 -24.85 25.12 -8.63
CA TYR E 441 -25.39 24.53 -9.84
C TYR E 441 -26.54 25.38 -10.35
N LEU E 442 -27.46 25.70 -9.45
CA LEU E 442 -28.62 26.48 -9.80
C LEU E 442 -28.32 27.93 -10.18
N SER E 443 -27.45 28.59 -9.42
CA SER E 443 -27.13 30.00 -9.69
C SER E 443 -26.49 30.15 -11.07
N GLN E 444 -25.76 29.12 -11.50
CA GLN E 444 -25.12 29.13 -12.81
C GLN E 444 -26.10 28.78 -13.94
N ALA E 445 -26.90 27.75 -13.70
CA ALA E 445 -27.88 27.28 -14.69
C ALA E 445 -29.07 28.20 -14.95
N LEU E 446 -29.52 28.94 -13.94
CA LEU E 446 -30.67 29.83 -14.09
C LEU E 446 -30.40 31.00 -15.01
N GLN E 447 -31.28 31.19 -15.98
CA GLN E 447 -31.14 32.28 -16.95
C GLN E 447 -31.85 33.54 -16.48
N ALA E 448 -31.25 34.24 -15.51
CA ALA E 448 -31.84 35.46 -14.98
C ALA E 448 -30.77 36.48 -14.63
N GLY E 449 -31.15 37.76 -14.66
CA GLY E 449 -30.23 38.84 -14.38
C GLY E 449 -29.70 38.85 -12.97
N THR E 450 -30.53 38.42 -12.03
CA THR E 450 -30.13 38.36 -10.63
C THR E 450 -30.60 37.06 -10.00
N VAL E 451 -29.68 36.34 -9.39
CA VAL E 451 -30.02 35.09 -8.71
C VAL E 451 -29.71 35.23 -7.22
N TRP E 452 -30.76 35.24 -6.40
CA TRP E 452 -30.61 35.33 -4.96
C TRP E 452 -30.54 33.94 -4.36
N VAL E 453 -29.61 33.75 -3.41
CA VAL E 453 -29.45 32.46 -2.75
C VAL E 453 -29.80 32.65 -1.28
N ASN E 454 -30.83 31.92 -0.85
CA ASN E 454 -31.34 31.96 0.53
C ASN E 454 -31.78 33.37 0.97
N CYS E 455 -32.32 34.11 0.02
CA CYS E 455 -32.83 35.47 0.25
C CYS E 455 -33.54 35.94 -1.01
N TYR E 456 -34.23 37.07 -0.92
CA TYR E 456 -34.93 37.61 -2.08
C TYR E 456 -35.06 39.12 -1.96
N ASP E 457 -35.17 39.79 -3.11
CA ASP E 457 -35.31 41.25 -3.15
C ASP E 457 -34.19 42.00 -2.45
N VAL E 458 -32.98 41.47 -2.58
CA VAL E 458 -31.80 42.07 -1.99
C VAL E 458 -31.15 43.02 -2.99
N PHE E 459 -31.49 44.29 -2.88
CA PHE E 459 -30.96 45.31 -3.77
C PHE E 459 -29.86 46.12 -3.09
N GLY E 460 -28.83 46.44 -3.87
CA GLY E 460 -27.72 47.23 -3.37
C GLY E 460 -27.25 48.11 -4.52
N ALA E 461 -27.04 49.39 -4.25
CA ALA E 461 -26.58 50.30 -5.28
C ALA E 461 -25.27 49.83 -5.90
N GLN E 462 -24.55 48.98 -5.16
CA GLN E 462 -23.28 48.44 -5.60
C GLN E 462 -23.44 47.30 -6.62
N SER E 463 -24.56 46.57 -6.53
CA SER E 463 -24.81 45.44 -7.43
C SER E 463 -25.76 45.72 -8.60
N PRO E 464 -25.32 45.37 -9.82
CA PRO E 464 -26.12 45.59 -11.03
C PRO E 464 -27.42 44.82 -11.06
N PHE E 465 -28.42 45.44 -11.69
CA PHE E 465 -29.74 44.85 -11.82
C PHE E 465 -30.24 45.04 -13.24
N GLY E 466 -30.65 43.94 -13.85
CA GLY E 466 -31.15 43.98 -15.22
C GLY E 466 -31.67 42.63 -15.62
N GLY E 467 -32.37 42.56 -16.75
CA GLY E 467 -32.94 41.30 -17.18
C GLY E 467 -32.35 40.60 -18.39
N TYR E 468 -32.58 39.30 -18.43
CA TYR E 468 -32.17 38.43 -19.52
C TYR E 468 -33.37 38.35 -20.45
N LYS E 469 -33.18 37.81 -21.65
CA LYS E 469 -34.26 37.64 -22.62
C LYS E 469 -35.16 38.87 -22.78
N MET E 470 -36.47 38.67 -22.70
CA MET E 470 -37.41 39.77 -22.88
C MET E 470 -37.72 40.59 -21.63
N SER E 471 -36.89 40.42 -20.60
CA SER E 471 -37.08 41.19 -19.38
C SER E 471 -36.30 42.50 -19.44
N GLY E 472 -35.57 42.70 -20.54
CA GLY E 472 -34.82 43.93 -20.73
C GLY E 472 -33.43 43.73 -21.31
N SER E 473 -32.69 44.82 -21.44
CA SER E 473 -31.33 44.80 -21.95
C SER E 473 -30.55 45.88 -21.19
N GLY E 474 -29.27 45.65 -20.97
CA GLY E 474 -28.47 46.61 -20.25
C GLY E 474 -28.63 46.40 -18.76
N ARG E 475 -27.83 47.10 -17.97
CA ARG E 475 -27.89 46.95 -16.52
C ARG E 475 -27.94 48.27 -15.79
N GLU E 476 -28.58 48.26 -14.62
CA GLU E 476 -28.67 49.44 -13.78
C GLU E 476 -27.96 49.15 -12.46
N LEU E 477 -27.59 50.21 -11.75
CA LEU E 477 -26.88 50.11 -10.48
C LEU E 477 -25.44 49.61 -10.67
N GLY E 478 -24.61 49.83 -9.65
CA GLY E 478 -23.22 49.42 -9.70
C GLY E 478 -22.44 50.13 -10.79
N GLU E 479 -21.20 49.68 -11.03
CA GLU E 479 -20.36 50.28 -12.06
C GLU E 479 -20.97 50.07 -13.46
N TYR E 480 -21.70 48.97 -13.62
CA TYR E 480 -22.33 48.66 -14.90
C TYR E 480 -23.35 49.72 -15.30
N GLY E 481 -24.02 50.31 -14.31
CA GLY E 481 -25.00 51.34 -14.58
C GLY E 481 -24.46 52.61 -15.23
N LEU E 482 -23.13 52.72 -15.35
CA LEU E 482 -22.53 53.90 -15.95
C LEU E 482 -22.27 53.74 -17.44
N GLN E 483 -22.14 52.48 -17.87
CA GLN E 483 -21.88 52.11 -19.26
C GLN E 483 -22.86 52.75 -20.28
N ALA E 484 -24.16 52.62 -20.03
CA ALA E 484 -25.17 53.14 -20.93
C ALA E 484 -25.23 54.71 -20.99
N TYR E 485 -24.61 55.31 -19.96
CA TYR E 485 -24.60 56.79 -19.93
C TYR E 485 -23.26 57.37 -20.34
N THR E 486 -22.46 56.53 -21.01
CA THR E 486 -21.14 56.94 -21.44
C THR E 486 -20.94 56.78 -22.94
N GLU E 487 -20.26 57.74 -23.55
CA GLU E 487 -19.97 57.67 -24.98
C GLU E 487 -18.44 57.59 -25.04
N VAL E 488 -17.92 56.51 -25.61
CA VAL E 488 -16.48 56.32 -25.67
C VAL E 488 -15.87 56.94 -26.90
N LYS E 489 -14.82 57.73 -26.69
CA LYS E 489 -14.11 58.38 -27.77
C LYS E 489 -12.65 57.98 -27.73
N THR E 490 -12.16 57.51 -28.88
CA THR E 490 -10.77 57.12 -28.97
C THR E 490 -9.98 58.25 -29.62
N VAL E 491 -8.84 58.60 -29.04
CA VAL E 491 -7.95 59.63 -29.61
C VAL E 491 -6.58 58.98 -29.83
N THR E 492 -6.16 58.86 -31.09
CA THR E 492 -4.87 58.27 -31.43
C THR E 492 -3.96 59.34 -32.03
N VAL E 493 -2.92 59.65 -31.28
CA VAL E 493 -1.96 60.69 -31.66
C VAL E 493 -0.65 60.12 -32.14
N LYS E 494 -0.15 60.65 -33.25
CA LYS E 494 1.12 60.26 -33.82
C LYS E 494 2.26 60.80 -32.93
N VAL E 495 3.18 59.93 -32.53
CA VAL E 495 4.31 60.34 -31.70
C VAL E 495 5.64 60.07 -32.41
N PRO E 496 6.69 60.81 -32.07
CA PRO E 496 8.02 60.66 -32.68
C PRO E 496 8.55 59.24 -32.64
N GLN E 497 8.46 58.61 -31.48
CA GLN E 497 8.93 57.25 -31.28
C GLN E 497 8.27 56.67 -30.03
N LYS E 498 7.42 55.67 -30.25
CA LYS E 498 6.72 55.00 -29.16
C LYS E 498 7.68 54.07 -28.40
N ASN E 499 7.56 54.09 -27.07
CA ASN E 499 8.35 53.26 -26.16
C ASN E 499 7.43 52.70 -25.08
N SER E 500 7.76 51.51 -24.59
CA SER E 500 6.96 50.84 -23.58
C SER E 500 6.79 51.52 -22.22
N ALA F 7 8.02 42.87 -48.30
CA ALA F 7 8.06 41.80 -49.34
C ALA F 7 6.69 41.15 -49.49
N VAL F 8 6.22 41.06 -50.73
CA VAL F 8 4.92 40.48 -51.03
C VAL F 8 5.01 39.29 -51.98
N PRO F 9 4.52 38.12 -51.54
CA PRO F 9 4.53 36.87 -52.31
C PRO F 9 3.73 37.01 -53.60
N ALA F 10 4.28 36.51 -54.71
CA ALA F 10 3.59 36.59 -55.99
C ALA F 10 2.19 35.98 -55.86
N PRO F 11 1.16 36.73 -56.26
CA PRO F 11 -0.23 36.28 -56.18
C PRO F 11 -0.70 35.36 -57.30
N ASN F 12 -1.71 34.57 -56.98
CA ASN F 12 -2.34 33.69 -57.95
C ASN F 12 -3.47 34.59 -58.46
N GLN F 13 -3.31 35.12 -59.66
CA GLN F 13 -4.30 36.03 -60.24
C GLN F 13 -5.68 35.39 -60.49
N GLN F 14 -5.73 34.06 -60.51
CA GLN F 14 -6.97 33.34 -60.74
C GLN F 14 -7.08 32.21 -59.73
N PRO F 15 -7.28 32.55 -58.44
CA PRO F 15 -7.39 31.55 -57.36
C PRO F 15 -8.61 30.64 -57.47
N GLU F 16 -8.43 29.40 -57.05
CA GLU F 16 -9.51 28.42 -57.09
C GLU F 16 -10.47 28.59 -55.90
N VAL F 17 -11.76 28.41 -56.15
CA VAL F 17 -12.78 28.51 -55.11
C VAL F 17 -13.12 27.12 -54.60
N PHE F 18 -12.90 26.90 -53.31
CA PHE F 18 -13.18 25.61 -52.70
C PHE F 18 -14.47 25.61 -51.89
N CYS F 19 -14.93 26.79 -51.49
CA CYS F 19 -16.13 26.89 -50.68
C CYS F 19 -17.14 27.89 -51.24
N ASN F 20 -18.36 27.42 -51.49
CA ASN F 20 -19.42 28.27 -52.04
C ASN F 20 -20.80 27.87 -51.54
N GLN F 21 -20.84 27.19 -50.40
CA GLN F 21 -22.10 26.75 -49.83
C GLN F 21 -22.40 27.40 -48.47
N ILE F 22 -23.44 26.93 -47.82
CA ILE F 22 -23.85 27.43 -46.50
C ILE F 22 -23.14 26.60 -45.45
N PHE F 23 -22.52 27.27 -44.48
CA PHE F 23 -21.78 26.61 -43.41
C PHE F 23 -22.60 26.46 -42.13
N ILE F 24 -23.01 25.23 -41.82
CA ILE F 24 -23.80 24.95 -40.62
C ILE F 24 -23.26 23.68 -39.98
N ASN F 25 -23.07 23.72 -38.66
CA ASN F 25 -22.54 22.58 -37.92
C ASN F 25 -21.27 22.00 -38.54
N ASN F 26 -20.38 22.89 -38.97
CA ASN F 26 -19.11 22.51 -39.58
C ASN F 26 -19.28 21.68 -40.86
N GLU F 27 -20.45 21.80 -41.49
CA GLU F 27 -20.72 21.07 -42.72
C GLU F 27 -21.21 22.02 -43.80
N TRP F 28 -21.00 21.63 -45.05
CA TRP F 28 -21.42 22.43 -46.20
C TRP F 28 -22.80 22.01 -46.71
N HIS F 29 -23.74 22.96 -46.70
CA HIS F 29 -25.12 22.71 -47.14
C HIS F 29 -25.52 23.59 -48.31
N ASP F 30 -26.40 23.06 -49.14
CA ASP F 30 -26.94 23.82 -50.27
C ASP F 30 -28.14 24.53 -49.67
N ALA F 31 -28.60 25.59 -50.32
CA ALA F 31 -29.77 26.30 -49.84
C ALA F 31 -30.92 25.31 -49.89
N VAL F 32 -31.83 25.36 -48.92
CA VAL F 32 -32.98 24.47 -48.92
C VAL F 32 -33.72 24.58 -50.27
N SER F 33 -33.75 25.78 -50.85
CA SER F 33 -34.40 26.01 -52.12
C SER F 33 -33.53 25.56 -53.29
N ARG F 34 -32.26 25.29 -52.98
CA ARG F 34 -31.24 24.86 -53.94
C ARG F 34 -30.81 26.00 -54.86
N LYS F 35 -31.30 27.20 -54.57
CA LYS F 35 -30.98 28.39 -55.35
C LYS F 35 -29.54 28.85 -55.16
N THR F 36 -28.98 29.51 -56.16
CA THR F 36 -27.62 30.03 -56.06
C THR F 36 -27.55 31.38 -56.75
N PHE F 37 -26.61 32.21 -56.31
CA PHE F 37 -26.44 33.53 -56.90
C PHE F 37 -25.00 33.70 -57.33
N PRO F 38 -24.77 34.46 -58.40
CA PRO F 38 -23.40 34.68 -58.87
C PRO F 38 -22.66 35.81 -58.15
N THR F 39 -21.36 35.62 -57.95
CA THR F 39 -20.53 36.66 -57.35
C THR F 39 -19.65 37.17 -58.49
N VAL F 40 -19.57 38.48 -58.64
CA VAL F 40 -18.78 39.04 -59.74
C VAL F 40 -17.42 39.61 -59.37
N ASN F 41 -16.49 39.54 -60.31
CA ASN F 41 -15.14 40.08 -60.14
C ASN F 41 -15.26 41.51 -60.65
N PRO F 42 -15.22 42.49 -59.73
CA PRO F 42 -15.33 43.90 -60.08
C PRO F 42 -14.30 44.45 -61.07
N SER F 43 -13.19 43.75 -61.24
CA SER F 43 -12.15 44.21 -62.16
C SER F 43 -12.43 43.86 -63.61
N THR F 44 -13.24 42.82 -63.82
CA THR F 44 -13.56 42.34 -65.15
C THR F 44 -15.05 42.39 -65.45
N GLY F 45 -15.86 42.30 -64.39
CA GLY F 45 -17.29 42.32 -64.54
C GLY F 45 -17.81 40.92 -64.83
N GLU F 46 -16.89 39.96 -64.88
CA GLU F 46 -17.23 38.57 -65.14
C GLU F 46 -17.59 37.82 -63.85
N VAL F 47 -18.39 36.78 -64.01
CA VAL F 47 -18.84 35.94 -62.90
C VAL F 47 -17.70 35.04 -62.42
N ILE F 48 -17.44 35.06 -61.11
CA ILE F 48 -16.40 34.23 -60.52
C ILE F 48 -16.95 32.83 -60.35
N CYS F 49 -18.07 32.72 -59.66
CA CYS F 49 -18.73 31.44 -59.44
C CYS F 49 -20.09 31.64 -58.79
N GLN F 50 -20.84 30.56 -58.63
CA GLN F 50 -22.17 30.62 -58.02
C GLN F 50 -22.04 30.31 -56.54
N VAL F 51 -22.92 30.88 -55.73
CA VAL F 51 -22.88 30.65 -54.29
C VAL F 51 -24.27 30.38 -53.78
N ALA F 52 -24.40 29.46 -52.83
CA ALA F 52 -25.69 29.10 -52.25
C ALA F 52 -26.42 30.34 -51.72
N GLU F 53 -27.63 30.56 -52.22
CA GLU F 53 -28.43 31.70 -51.81
C GLU F 53 -29.29 31.37 -50.58
N GLY F 54 -28.73 31.62 -49.40
CA GLY F 54 -29.44 31.34 -48.15
C GLY F 54 -30.62 32.27 -47.91
N ASP F 55 -31.67 31.74 -47.31
CA ASP F 55 -32.87 32.51 -47.02
C ASP F 55 -33.33 32.14 -45.61
N LYS F 56 -34.55 32.54 -45.26
CA LYS F 56 -35.13 32.30 -43.95
C LYS F 56 -34.99 30.87 -43.43
N GLU F 57 -35.39 29.89 -44.23
CA GLU F 57 -35.30 28.50 -43.82
C GLU F 57 -33.87 28.07 -43.51
N ASP F 58 -32.91 28.60 -44.26
CA ASP F 58 -31.51 28.27 -44.05
C ASP F 58 -30.99 28.95 -42.79
N VAL F 59 -31.54 30.13 -42.50
CA VAL F 59 -31.18 30.86 -41.29
C VAL F 59 -31.72 30.08 -40.08
N ASP F 60 -32.94 29.57 -40.20
CA ASP F 60 -33.56 28.81 -39.12
C ASP F 60 -32.71 27.60 -38.72
N LYS F 61 -32.15 26.93 -39.73
CA LYS F 61 -31.30 25.76 -39.52
C LYS F 61 -30.08 26.17 -38.73
N ALA F 62 -29.46 27.27 -39.16
CA ALA F 62 -28.27 27.81 -38.52
C ALA F 62 -28.49 28.17 -37.06
N VAL F 63 -29.58 28.90 -36.79
CA VAL F 63 -29.90 29.32 -35.44
C VAL F 63 -30.08 28.11 -34.54
N LYS F 64 -30.80 27.11 -35.04
CA LYS F 64 -31.03 25.91 -34.24
C LYS F 64 -29.71 25.22 -33.92
N ALA F 65 -28.80 25.18 -34.90
CA ALA F 65 -27.51 24.56 -34.69
C ALA F 65 -26.71 25.37 -33.65
N ALA F 66 -26.75 26.69 -33.77
CA ALA F 66 -26.04 27.58 -32.84
C ALA F 66 -26.59 27.39 -31.42
N ARG F 67 -27.91 27.45 -31.28
CA ARG F 67 -28.56 27.26 -29.98
C ARG F 67 -28.12 25.93 -29.37
N ALA F 68 -28.08 24.87 -30.18
CA ALA F 68 -27.67 23.55 -29.70
C ALA F 68 -26.25 23.57 -29.15
N ALA F 69 -25.35 24.20 -29.87
CA ALA F 69 -23.95 24.29 -29.46
C ALA F 69 -23.79 25.15 -28.22
N PHE F 70 -24.82 25.93 -27.91
CA PHE F 70 -24.78 26.81 -26.75
C PHE F 70 -25.47 26.19 -25.50
N GLN F 71 -26.06 25.01 -25.65
CA GLN F 71 -26.74 24.36 -24.54
C GLN F 71 -25.80 24.08 -23.37
N LEU F 72 -26.31 24.23 -22.15
CA LEU F 72 -25.54 24.00 -20.94
C LEU F 72 -25.03 22.58 -20.99
N GLY F 73 -23.72 22.42 -20.74
CA GLY F 73 -23.10 21.12 -20.75
C GLY F 73 -22.47 20.76 -22.09
N SER F 74 -22.61 21.63 -23.09
CA SER F 74 -22.04 21.34 -24.40
C SER F 74 -20.53 21.54 -24.40
N PRO F 75 -19.83 21.00 -25.43
CA PRO F 75 -18.38 21.15 -25.53
C PRO F 75 -17.93 22.60 -25.54
N TRP F 76 -18.72 23.47 -26.17
CA TRP F 76 -18.41 24.88 -26.26
C TRP F 76 -18.63 25.62 -24.94
N ARG F 77 -19.64 25.20 -24.19
CA ARG F 77 -19.93 25.82 -22.91
C ARG F 77 -18.99 25.39 -21.79
N ARG F 78 -18.60 24.12 -21.80
CA ARG F 78 -17.71 23.57 -20.78
C ARG F 78 -16.24 23.86 -21.05
N MET F 79 -15.92 24.19 -22.29
CA MET F 79 -14.54 24.48 -22.71
C MET F 79 -13.90 25.55 -21.83
N ASP F 80 -12.68 25.29 -21.36
CA ASP F 80 -11.98 26.26 -20.53
C ASP F 80 -11.82 27.56 -21.32
N ALA F 81 -11.97 28.69 -20.63
CA ALA F 81 -11.83 29.99 -21.27
C ALA F 81 -10.50 30.11 -21.99
N SER F 82 -9.46 29.55 -21.37
CA SER F 82 -8.11 29.58 -21.94
C SER F 82 -8.04 28.80 -23.26
N HIS F 83 -8.78 27.71 -23.33
CA HIS F 83 -8.78 26.89 -24.54
C HIS F 83 -9.44 27.65 -25.69
N ARG F 84 -10.45 28.46 -25.38
CA ARG F 84 -11.12 29.28 -26.39
C ARG F 84 -10.05 30.15 -27.03
N GLY F 85 -9.12 30.61 -26.19
CA GLY F 85 -8.03 31.43 -26.67
C GLY F 85 -7.12 30.62 -27.58
N ARG F 86 -6.85 29.37 -27.20
CA ARG F 86 -6.01 28.49 -28.01
C ARG F 86 -6.61 28.32 -29.40
N LEU F 87 -7.93 28.10 -29.44
CA LEU F 87 -8.63 27.92 -30.70
C LEU F 87 -8.53 29.16 -31.59
N LEU F 88 -8.68 30.32 -30.99
CA LEU F 88 -8.60 31.57 -31.75
C LEU F 88 -7.21 31.74 -32.32
N ASN F 89 -6.21 31.32 -31.55
CA ASN F 89 -4.80 31.40 -31.97
C ASN F 89 -4.54 30.40 -33.09
N ARG F 90 -5.18 29.24 -33.00
CA ARG F 90 -5.06 28.21 -34.00
C ARG F 90 -5.65 28.71 -35.32
N LEU F 91 -6.83 29.31 -35.26
CA LEU F 91 -7.48 29.86 -36.45
C LEU F 91 -6.56 30.90 -37.10
N ALA F 92 -5.94 31.75 -36.29
CA ALA F 92 -5.04 32.77 -36.81
C ALA F 92 -3.88 32.13 -37.57
N ASP F 93 -3.30 31.09 -36.99
CA ASP F 93 -2.19 30.39 -37.62
C ASP F 93 -2.61 29.79 -38.97
N LEU F 94 -3.80 29.22 -38.99
CA LEU F 94 -4.34 28.62 -40.21
C LEU F 94 -4.55 29.71 -41.27
N ILE F 95 -5.04 30.86 -40.84
CA ILE F 95 -5.26 31.99 -41.74
C ILE F 95 -3.92 32.47 -42.29
N GLU F 96 -2.90 32.51 -41.43
CA GLU F 96 -1.57 32.96 -41.84
C GLU F 96 -0.93 31.96 -42.80
N ARG F 97 -1.21 30.67 -42.59
CA ARG F 97 -0.70 29.63 -43.46
C ARG F 97 -1.22 29.87 -44.88
N ASP F 98 -2.54 30.13 -44.98
CA ASP F 98 -3.18 30.37 -46.27
C ASP F 98 -3.30 31.85 -46.59
N ARG F 99 -2.39 32.65 -46.02
CA ARG F 99 -2.37 34.08 -46.22
C ARG F 99 -2.32 34.51 -47.68
N THR F 100 -1.36 33.99 -48.42
CA THR F 100 -1.21 34.34 -49.84
C THR F 100 -2.49 34.05 -50.63
N TYR F 101 -3.05 32.87 -50.42
CA TYR F 101 -4.28 32.46 -51.09
C TYR F 101 -5.43 33.41 -50.78
N LEU F 102 -5.74 33.57 -49.49
CA LEU F 102 -6.81 34.44 -49.03
C LEU F 102 -6.73 35.85 -49.57
N ALA F 103 -5.54 36.42 -49.55
CA ALA F 103 -5.34 37.77 -50.04
C ALA F 103 -5.71 37.89 -51.52
N ALA F 104 -5.37 36.88 -52.31
CA ALA F 104 -5.69 36.90 -53.74
C ALA F 104 -7.19 36.74 -53.92
N LEU F 105 -7.77 35.82 -53.16
CA LEU F 105 -9.20 35.56 -53.22
C LEU F 105 -9.96 36.82 -52.82
N GLU F 106 -9.42 37.54 -51.84
CA GLU F 106 -10.02 38.77 -51.34
C GLU F 106 -10.06 39.80 -52.47
N THR F 107 -8.94 40.01 -53.12
CA THR F 107 -8.81 40.95 -54.23
C THR F 107 -9.70 40.53 -55.41
N LEU F 108 -9.79 39.23 -55.65
CA LEU F 108 -10.61 38.71 -56.74
C LEU F 108 -12.10 39.06 -56.58
N ASP F 109 -12.62 38.86 -55.37
CA ASP F 109 -14.02 39.11 -55.08
C ASP F 109 -14.33 40.56 -54.75
N ASN F 110 -13.40 41.24 -54.04
CA ASN F 110 -13.59 42.64 -53.65
C ASN F 110 -13.09 43.66 -54.65
N GLY F 111 -11.89 43.46 -55.17
CA GLY F 111 -11.34 44.40 -56.13
C GLY F 111 -10.19 45.24 -55.59
N LYS F 112 -9.99 45.24 -54.28
CA LYS F 112 -8.89 46.00 -53.70
C LYS F 112 -7.53 45.42 -54.12
N PRO F 113 -6.47 46.28 -54.17
CA PRO F 113 -5.10 45.89 -54.56
C PRO F 113 -4.62 44.69 -53.76
N TYR F 114 -4.09 43.68 -54.45
CA TYR F 114 -3.59 42.47 -53.78
C TYR F 114 -2.54 42.77 -52.73
N VAL F 115 -1.70 43.78 -53.01
CA VAL F 115 -0.65 44.17 -52.08
C VAL F 115 -1.29 44.61 -50.75
N ILE F 116 -2.38 45.37 -50.85
CA ILE F 116 -3.09 45.84 -49.67
C ILE F 116 -3.77 44.70 -48.92
N SER F 117 -4.37 43.78 -49.66
CA SER F 117 -5.05 42.63 -49.06
C SER F 117 -4.08 41.83 -48.22
N TYR F 118 -2.87 41.66 -48.76
CA TYR F 118 -1.84 40.88 -48.08
C TYR F 118 -1.24 41.62 -46.90
N LEU F 119 -0.69 42.80 -47.16
CA LEU F 119 -0.04 43.60 -46.12
C LEU F 119 -0.92 44.26 -45.10
N VAL F 120 -2.11 44.71 -45.51
CA VAL F 120 -3.02 45.37 -44.61
C VAL F 120 -4.15 44.48 -44.08
N ASP F 121 -5.12 44.15 -44.93
CA ASP F 121 -6.27 43.34 -44.52
C ASP F 121 -5.95 42.07 -43.72
N LEU F 122 -5.15 41.18 -44.30
CA LEU F 122 -4.83 39.94 -43.62
C LEU F 122 -3.98 40.13 -42.37
N ASP F 123 -3.09 41.12 -42.41
CA ASP F 123 -2.24 41.39 -41.27
C ASP F 123 -3.12 41.83 -40.10
N MET F 124 -4.12 42.66 -40.40
CA MET F 124 -5.05 43.14 -39.40
C MET F 124 -5.99 42.04 -38.93
N VAL F 125 -6.30 41.11 -39.83
CA VAL F 125 -7.16 40.00 -39.48
C VAL F 125 -6.46 39.15 -38.41
N LEU F 126 -5.18 38.85 -38.67
CA LEU F 126 -4.37 38.06 -37.75
C LEU F 126 -4.24 38.74 -36.39
N LYS F 127 -3.91 40.03 -36.41
CA LYS F 127 -3.75 40.80 -35.19
C LYS F 127 -5.03 40.89 -34.37
N CYS F 128 -6.17 40.97 -35.05
CA CYS F 128 -7.46 41.06 -34.38
C CYS F 128 -7.79 39.77 -33.64
N LEU F 129 -7.65 38.66 -34.35
CA LEU F 129 -7.94 37.36 -33.77
C LEU F 129 -6.98 37.01 -32.63
N ARG F 130 -5.70 37.32 -32.83
CA ARG F 130 -4.69 37.04 -31.80
C ARG F 130 -4.89 37.91 -30.55
N TYR F 131 -5.38 39.12 -30.75
CA TYR F 131 -5.61 40.04 -29.63
C TYR F 131 -6.76 39.52 -28.80
N TYR F 132 -7.86 39.20 -29.45
CA TYR F 132 -9.02 38.70 -28.75
C TYR F 132 -8.81 37.30 -28.17
N ALA F 133 -7.86 36.56 -28.72
CA ALA F 133 -7.58 35.23 -28.17
C ALA F 133 -7.07 35.43 -26.75
N GLY F 134 -6.29 36.50 -26.54
CA GLY F 134 -5.74 36.80 -25.22
C GLY F 134 -6.77 37.23 -24.20
N TRP F 135 -7.92 37.76 -24.67
CA TRP F 135 -9.01 38.22 -23.82
C TRP F 135 -9.88 37.07 -23.31
N ALA F 136 -9.83 35.94 -24.00
CA ALA F 136 -10.64 34.78 -23.67
C ALA F 136 -10.86 34.49 -22.19
N ASP F 137 -9.79 34.48 -21.40
CA ASP F 137 -9.90 34.19 -19.98
C ASP F 137 -9.50 35.34 -19.07
N LYS F 138 -9.78 36.57 -19.50
CA LYS F 138 -9.40 37.72 -18.69
C LYS F 138 -10.50 38.76 -18.45
N TYR F 139 -11.66 38.60 -19.09
CA TYR F 139 -12.77 39.54 -18.91
C TYR F 139 -13.48 39.21 -17.61
N HIS F 140 -12.83 39.54 -16.50
CA HIS F 140 -13.30 39.26 -15.16
C HIS F 140 -14.66 39.81 -14.74
N GLY F 141 -15.32 39.10 -13.84
CA GLY F 141 -16.57 39.57 -13.29
C GLY F 141 -16.15 40.30 -12.01
N LYS F 142 -17.11 40.66 -11.17
CA LYS F 142 -16.79 41.40 -9.94
C LYS F 142 -17.36 40.80 -8.65
N THR F 143 -16.67 41.02 -7.53
CA THR F 143 -17.15 40.58 -6.23
C THR F 143 -17.46 41.92 -5.60
N ILE F 144 -18.74 42.17 -5.37
CA ILE F 144 -19.23 43.44 -4.86
C ILE F 144 -19.46 43.52 -3.36
N PRO F 145 -18.98 44.60 -2.71
CA PRO F 145 -19.08 44.88 -1.27
C PRO F 145 -20.46 45.45 -0.94
N ILE F 146 -21.50 44.69 -1.29
CA ILE F 146 -22.89 45.09 -1.05
C ILE F 146 -23.22 45.23 0.44
N ASP F 147 -24.26 46.00 0.76
CA ASP F 147 -24.68 46.21 2.14
C ASP F 147 -25.33 44.94 2.72
N GLY F 148 -25.29 44.79 4.05
CA GLY F 148 -25.92 43.65 4.70
C GLY F 148 -25.06 42.41 4.73
N ASP F 149 -25.60 41.35 5.33
CA ASP F 149 -24.87 40.10 5.44
C ASP F 149 -25.05 39.25 4.19
N PHE F 150 -24.43 39.71 3.11
CA PHE F 150 -24.51 39.04 1.83
C PHE F 150 -23.17 38.96 1.09
N PHE F 151 -23.09 37.99 0.19
CA PHE F 151 -21.94 37.81 -0.66
C PHE F 151 -22.50 38.06 -2.06
N SER F 152 -22.12 39.18 -2.66
CA SER F 152 -22.61 39.52 -3.98
C SER F 152 -21.49 39.53 -5.00
N TYR F 153 -21.77 38.96 -6.17
CA TYR F 153 -20.79 38.94 -7.24
C TYR F 153 -21.46 38.84 -8.61
N THR F 154 -20.73 39.17 -9.65
CA THR F 154 -21.28 39.08 -11.00
C THR F 154 -20.57 38.06 -11.87
N ARG F 155 -21.36 37.42 -12.74
CA ARG F 155 -20.83 36.44 -13.66
C ARG F 155 -20.91 37.02 -15.07
N HIS F 156 -19.79 37.02 -15.77
CA HIS F 156 -19.79 37.52 -17.14
C HIS F 156 -20.02 36.30 -18.03
N GLU F 157 -21.27 36.13 -18.45
CA GLU F 157 -21.68 35.00 -19.28
C GLU F 157 -21.80 35.44 -20.73
N PRO F 158 -21.91 34.48 -21.67
CA PRO F 158 -22.04 34.87 -23.08
C PRO F 158 -23.46 35.36 -23.30
N VAL F 159 -23.62 36.27 -24.24
CA VAL F 159 -24.93 36.82 -24.53
C VAL F 159 -25.82 35.74 -25.16
N GLY F 160 -25.21 34.85 -25.94
CA GLY F 160 -25.94 33.75 -26.55
C GLY F 160 -25.74 33.60 -28.03
N VAL F 161 -26.85 33.36 -28.73
CA VAL F 161 -26.83 33.19 -30.19
C VAL F 161 -26.71 34.58 -30.81
N CYS F 162 -25.55 34.84 -31.39
CA CYS F 162 -25.28 36.14 -31.99
C CYS F 162 -25.36 36.16 -33.49
N GLY F 163 -26.23 37.03 -34.00
CA GLY F 163 -26.37 37.16 -35.43
C GLY F 163 -25.46 38.30 -35.85
N GLN F 164 -24.64 38.10 -36.87
CA GLN F 164 -23.72 39.13 -37.35
C GLN F 164 -23.85 39.33 -38.86
N ILE F 165 -24.22 40.56 -39.25
CA ILE F 165 -24.40 40.95 -40.65
C ILE F 165 -23.27 41.90 -41.00
N ILE F 166 -22.43 41.49 -41.94
CA ILE F 166 -21.27 42.29 -42.32
C ILE F 166 -21.26 42.80 -43.76
N PRO F 167 -20.58 43.95 -44.00
CA PRO F 167 -20.48 44.58 -45.31
C PRO F 167 -19.50 43.89 -46.26
N TRP F 168 -19.24 44.57 -47.37
CA TRP F 168 -18.35 44.08 -48.40
C TRP F 168 -17.02 44.83 -48.56
N ASN F 169 -16.90 45.98 -47.91
CA ASN F 169 -15.68 46.78 -48.02
C ASN F 169 -14.39 46.14 -47.44
N PHE F 170 -14.54 45.28 -46.45
CA PHE F 170 -13.41 44.59 -45.83
C PHE F 170 -13.95 43.24 -45.40
N PRO F 171 -14.17 42.32 -46.36
CA PRO F 171 -14.72 40.99 -46.12
C PRO F 171 -14.07 40.21 -45.00
N LEU F 172 -12.78 39.95 -45.13
CA LEU F 172 -12.05 39.20 -44.12
C LEU F 172 -11.93 39.93 -42.79
N LEU F 173 -11.56 41.20 -42.83
CA LEU F 173 -11.38 41.99 -41.62
C LEU F 173 -12.68 42.18 -40.84
N MET F 174 -13.79 42.41 -41.55
CA MET F 174 -15.09 42.58 -40.90
C MET F 174 -15.50 41.29 -40.19
N GLN F 175 -15.13 40.16 -40.79
CA GLN F 175 -15.43 38.85 -40.22
C GLN F 175 -14.67 38.65 -38.92
N ALA F 176 -13.39 39.06 -38.93
CA ALA F 176 -12.53 38.91 -37.76
C ALA F 176 -12.97 39.81 -36.62
N TRP F 177 -13.32 41.05 -36.95
CA TRP F 177 -13.79 42.02 -35.95
C TRP F 177 -15.03 41.50 -35.22
N LYS F 178 -15.78 40.62 -35.89
CA LYS F 178 -16.98 40.06 -35.32
C LYS F 178 -16.74 38.77 -34.55
N LEU F 179 -16.03 37.83 -35.15
CA LEU F 179 -15.76 36.55 -34.51
C LEU F 179 -14.83 36.66 -33.31
N GLY F 180 -13.82 37.51 -33.43
CA GLY F 180 -12.86 37.68 -32.35
C GLY F 180 -13.49 37.86 -30.99
N PRO F 181 -14.23 38.97 -30.77
CA PRO F 181 -14.86 39.21 -29.47
C PRO F 181 -15.97 38.22 -29.11
N ALA F 182 -16.72 37.77 -30.11
CA ALA F 182 -17.81 36.84 -29.87
C ALA F 182 -17.32 35.50 -29.38
N LEU F 183 -16.36 34.93 -30.09
CA LEU F 183 -15.81 33.63 -29.74
C LEU F 183 -15.02 33.67 -28.46
N ALA F 184 -14.28 34.75 -28.24
CA ALA F 184 -13.47 34.91 -27.03
C ALA F 184 -14.35 34.93 -25.80
N THR F 185 -15.59 35.40 -25.96
CA THR F 185 -16.52 35.46 -24.83
C THR F 185 -17.41 34.23 -24.68
N GLY F 186 -17.23 33.25 -25.56
CA GLY F 186 -17.99 32.02 -25.48
C GLY F 186 -19.33 32.00 -26.17
N ASN F 187 -19.59 32.97 -27.04
CA ASN F 187 -20.87 33.01 -27.73
C ASN F 187 -20.88 32.08 -28.94
N VAL F 188 -22.01 32.05 -29.63
CA VAL F 188 -22.23 31.25 -30.82
C VAL F 188 -22.66 32.25 -31.91
N VAL F 189 -22.25 31.99 -33.14
CA VAL F 189 -22.50 32.93 -34.23
C VAL F 189 -23.18 32.37 -35.46
N VAL F 190 -24.07 33.19 -36.01
CA VAL F 190 -24.78 32.92 -37.25
C VAL F 190 -24.43 34.17 -38.04
N MET F 191 -23.44 34.05 -38.91
CA MET F 191 -22.96 35.18 -39.71
C MET F 191 -23.52 35.24 -41.12
N LYS F 192 -23.93 36.45 -41.52
CA LYS F 192 -24.46 36.67 -42.84
C LYS F 192 -23.52 37.64 -43.55
N VAL F 193 -22.69 37.10 -44.46
CA VAL F 193 -21.73 37.89 -45.21
C VAL F 193 -22.39 38.56 -46.42
N ALA F 194 -21.75 39.61 -46.90
CA ALA F 194 -22.24 40.38 -48.04
C ALA F 194 -22.37 39.54 -49.31
N GLU F 195 -23.45 39.74 -50.05
CA GLU F 195 -23.65 38.98 -51.28
C GLU F 195 -22.58 39.31 -52.32
N GLN F 196 -22.00 40.50 -52.23
CA GLN F 196 -20.96 40.91 -53.17
C GLN F 196 -19.62 40.23 -52.90
N THR F 197 -19.37 39.87 -51.64
CA THR F 197 -18.10 39.24 -51.27
C THR F 197 -18.25 38.13 -50.23
N PRO F 198 -18.79 36.98 -50.64
CA PRO F 198 -18.97 35.86 -49.74
C PRO F 198 -17.82 34.84 -49.72
N LEU F 199 -17.06 34.78 -50.82
CA LEU F 199 -15.99 33.79 -50.94
C LEU F 199 -14.98 33.63 -49.82
N THR F 200 -14.21 34.67 -49.50
CA THR F 200 -13.19 34.57 -48.45
C THR F 200 -13.72 34.15 -47.08
N ALA F 201 -14.88 34.68 -46.71
CA ALA F 201 -15.49 34.36 -45.42
C ALA F 201 -15.80 32.87 -45.33
N LEU F 202 -16.26 32.31 -46.44
CA LEU F 202 -16.60 30.90 -46.54
C LEU F 202 -15.39 30.02 -46.37
N TYR F 203 -14.27 30.39 -46.99
CA TYR F 203 -13.06 29.59 -46.88
C TYR F 203 -12.57 29.60 -45.45
N VAL F 204 -12.71 30.75 -44.79
CA VAL F 204 -12.31 30.89 -43.39
C VAL F 204 -13.14 29.95 -42.51
N ALA F 205 -14.37 29.69 -42.92
CA ALA F 205 -15.23 28.78 -42.18
C ALA F 205 -14.63 27.39 -42.16
N ASN F 206 -13.98 27.03 -43.27
CA ASN F 206 -13.36 25.73 -43.41
C ASN F 206 -12.21 25.65 -42.41
N LEU F 207 -11.48 26.76 -42.27
CA LEU F 207 -10.36 26.83 -41.32
C LEU F 207 -10.89 26.81 -39.88
N ILE F 208 -12.11 27.29 -39.69
CA ILE F 208 -12.71 27.30 -38.35
C ILE F 208 -12.91 25.86 -37.92
N LYS F 209 -13.37 25.04 -38.87
CA LYS F 209 -13.58 23.63 -38.63
C LYS F 209 -12.23 22.94 -38.37
N GLU F 210 -11.26 23.23 -39.24
CA GLU F 210 -9.92 22.64 -39.14
C GLU F 210 -9.23 23.01 -37.82
N ALA F 211 -9.55 24.20 -37.30
CA ALA F 211 -8.98 24.71 -36.06
C ALA F 211 -9.46 23.90 -34.86
N GLY F 212 -10.61 23.22 -35.02
CA GLY F 212 -11.13 22.43 -33.92
C GLY F 212 -12.36 22.99 -33.22
N PHE F 213 -12.91 24.08 -33.72
CA PHE F 213 -14.09 24.69 -33.13
C PHE F 213 -15.27 23.73 -33.23
N PRO F 214 -16.01 23.51 -32.13
CA PRO F 214 -17.17 22.62 -32.07
C PRO F 214 -18.23 23.00 -33.10
N PRO F 215 -18.94 22.00 -33.65
CA PRO F 215 -19.99 22.26 -34.65
C PRO F 215 -21.11 23.16 -34.11
N GLY F 216 -21.50 24.15 -34.91
CA GLY F 216 -22.56 25.05 -34.50
C GLY F 216 -22.08 26.33 -33.83
N VAL F 217 -20.80 26.38 -33.44
CA VAL F 217 -20.27 27.56 -32.79
C VAL F 217 -20.22 28.73 -33.77
N VAL F 218 -19.89 28.45 -35.02
CA VAL F 218 -19.83 29.48 -36.05
C VAL F 218 -20.54 28.94 -37.28
N ASN F 219 -21.61 29.61 -37.69
CA ASN F 219 -22.40 29.23 -38.85
C ASN F 219 -22.45 30.41 -39.80
N ILE F 220 -22.16 30.17 -41.06
CA ILE F 220 -22.14 31.23 -42.05
C ILE F 220 -23.22 31.02 -43.11
N VAL F 221 -24.07 32.01 -43.31
CA VAL F 221 -25.14 31.91 -44.28
C VAL F 221 -25.04 33.00 -45.34
N PRO F 222 -24.49 32.65 -46.51
CA PRO F 222 -24.35 33.63 -47.60
C PRO F 222 -25.73 33.91 -48.22
N GLY F 223 -25.91 35.10 -48.76
CA GLY F 223 -27.20 35.45 -49.36
C GLY F 223 -27.47 36.93 -49.33
N PHE F 224 -28.68 37.31 -49.71
CA PHE F 224 -29.04 38.73 -49.73
C PHE F 224 -29.56 39.26 -48.41
N GLY F 225 -29.69 40.58 -48.33
CA GLY F 225 -30.11 41.23 -47.11
C GLY F 225 -31.56 41.09 -46.68
N PRO F 226 -32.50 41.57 -47.51
CA PRO F 226 -33.94 41.51 -47.24
C PRO F 226 -34.43 40.10 -46.93
N THR F 227 -33.62 39.10 -47.28
CA THR F 227 -33.97 37.70 -47.05
C THR F 227 -33.25 37.10 -45.84
N ALA F 228 -31.99 36.73 -46.02
CA ALA F 228 -31.19 36.13 -44.95
C ALA F 228 -30.91 37.09 -43.79
N GLY F 229 -30.50 38.32 -44.10
CA GLY F 229 -30.21 39.28 -43.06
C GLY F 229 -31.42 39.60 -42.20
N ALA F 230 -32.54 39.89 -42.85
CA ALA F 230 -33.79 40.22 -42.16
C ALA F 230 -34.23 39.05 -41.28
N ALA F 231 -34.01 37.83 -41.76
CA ALA F 231 -34.39 36.64 -41.02
C ALA F 231 -33.66 36.57 -39.68
N ILE F 232 -32.37 36.89 -39.71
CA ILE F 232 -31.55 36.91 -38.50
C ILE F 232 -32.00 38.01 -37.53
N ALA F 233 -32.14 39.22 -38.04
CA ALA F 233 -32.56 40.36 -37.24
C ALA F 233 -33.96 40.24 -36.61
N SER F 234 -34.87 39.51 -37.26
CA SER F 234 -36.23 39.30 -36.78
C SER F 234 -36.41 37.96 -36.09
N HIS F 235 -35.36 37.15 -36.10
CA HIS F 235 -35.46 35.82 -35.51
C HIS F 235 -35.80 35.84 -34.03
N GLU F 236 -36.71 34.96 -33.61
CA GLU F 236 -37.13 34.87 -32.21
C GLU F 236 -36.14 34.21 -31.26
N ASP F 237 -35.14 33.53 -31.80
CA ASP F 237 -34.17 32.85 -30.95
C ASP F 237 -32.76 33.43 -31.00
N VAL F 238 -32.60 34.56 -31.71
CA VAL F 238 -31.29 35.22 -31.77
C VAL F 238 -31.27 36.26 -30.65
N ASP F 239 -30.35 36.08 -29.71
CA ASP F 239 -30.22 36.94 -28.54
C ASP F 239 -29.61 38.31 -28.76
N LYS F 240 -28.73 38.41 -29.74
CA LYS F 240 -28.06 39.66 -30.03
C LYS F 240 -27.69 39.74 -31.51
N VAL F 241 -27.72 40.97 -32.04
CA VAL F 241 -27.35 41.18 -33.43
C VAL F 241 -26.38 42.35 -33.59
N ALA F 242 -25.31 42.13 -34.35
CA ALA F 242 -24.33 43.17 -34.63
C ALA F 242 -24.38 43.40 -36.13
N PHE F 243 -24.48 44.66 -36.52
CA PHE F 243 -24.57 45.01 -37.92
C PHE F 243 -23.61 46.11 -38.30
N THR F 244 -23.11 46.03 -39.53
CA THR F 244 -22.21 47.05 -40.06
C THR F 244 -22.63 47.28 -41.51
N GLY F 245 -22.95 48.53 -41.84
CA GLY F 245 -23.36 48.85 -43.19
C GLY F 245 -23.93 50.23 -43.30
N SER F 246 -25.04 50.36 -44.01
CA SER F 246 -25.69 51.65 -44.23
C SER F 246 -26.57 52.06 -43.06
N THR F 247 -26.79 53.38 -42.94
CA THR F 247 -27.63 53.94 -41.88
C THR F 247 -29.07 53.48 -42.08
N GLU F 248 -29.50 53.40 -43.35
CA GLU F 248 -30.85 52.97 -43.67
C GLU F 248 -31.14 51.57 -43.14
N ILE F 249 -30.25 50.62 -43.41
CA ILE F 249 -30.45 49.25 -42.94
C ILE F 249 -30.30 49.15 -41.43
N GLY F 250 -29.52 50.05 -40.84
CA GLY F 250 -29.33 50.05 -39.41
C GLY F 250 -30.67 50.30 -38.73
N ARG F 251 -31.48 51.17 -39.32
CA ARG F 251 -32.81 51.47 -38.77
C ARG F 251 -33.66 50.24 -38.88
N VAL F 252 -33.61 49.60 -40.04
CA VAL F 252 -34.39 48.39 -40.28
C VAL F 252 -34.04 47.27 -39.28
N ILE F 253 -32.74 47.12 -38.97
CA ILE F 253 -32.26 46.11 -38.02
C ILE F 253 -32.76 46.40 -36.60
N GLN F 254 -32.55 47.63 -36.14
CA GLN F 254 -33.01 48.05 -34.82
C GLN F 254 -34.54 47.90 -34.68
N VAL F 255 -35.26 48.21 -35.75
CA VAL F 255 -36.72 48.11 -35.75
C VAL F 255 -37.12 46.64 -35.69
N ALA F 256 -36.40 45.80 -36.43
CA ALA F 256 -36.72 44.37 -36.43
C ALA F 256 -36.48 43.74 -35.06
N ALA F 257 -35.45 44.22 -34.38
CA ALA F 257 -35.08 43.74 -33.05
C ALA F 257 -36.18 44.07 -32.05
N GLY F 258 -36.64 45.32 -32.07
CA GLY F 258 -37.68 45.75 -31.16
C GLY F 258 -39.03 45.12 -31.45
N SER F 259 -39.26 44.74 -32.70
CA SER F 259 -40.52 44.14 -33.13
C SER F 259 -40.55 42.64 -32.89
N SER F 260 -39.37 42.04 -32.69
CA SER F 260 -39.28 40.60 -32.48
C SER F 260 -39.12 40.19 -31.03
N ASN F 261 -37.89 39.85 -30.61
CA ASN F 261 -37.63 39.40 -29.24
C ASN F 261 -36.85 40.37 -28.37
N LEU F 262 -36.73 41.61 -28.82
CA LEU F 262 -35.99 42.62 -28.06
C LEU F 262 -34.52 42.25 -27.89
N LYS F 263 -33.95 41.66 -28.92
CA LYS F 263 -32.54 41.27 -28.88
C LYS F 263 -31.63 42.48 -28.78
N ARG F 264 -30.46 42.31 -28.17
CA ARG F 264 -29.49 43.40 -28.04
C ARG F 264 -28.97 43.78 -29.42
N VAL F 265 -28.77 45.08 -29.64
CA VAL F 265 -28.30 45.56 -30.93
C VAL F 265 -27.13 46.53 -30.84
N THR F 266 -26.16 46.37 -31.74
CA THR F 266 -25.01 47.26 -31.85
C THR F 266 -24.83 47.53 -33.34
N LEU F 267 -24.64 48.79 -33.70
CA LEU F 267 -24.50 49.17 -35.10
C LEU F 267 -23.25 49.97 -35.43
N GLU F 268 -22.76 49.75 -36.63
CA GLU F 268 -21.59 50.44 -37.14
C GLU F 268 -22.05 50.88 -38.52
N LEU F 269 -22.45 52.15 -38.61
CA LEU F 269 -22.95 52.70 -39.86
C LEU F 269 -21.92 53.57 -40.57
N GLY F 270 -22.35 54.26 -41.62
CA GLY F 270 -21.42 55.11 -42.36
C GLY F 270 -20.97 56.38 -41.68
N GLY F 271 -20.55 57.35 -42.47
CA GLY F 271 -20.11 58.61 -41.92
C GLY F 271 -19.65 59.63 -42.94
N LYS F 272 -19.34 60.82 -42.45
CA LYS F 272 -18.86 61.92 -43.28
C LYS F 272 -17.81 62.62 -42.41
N SER F 273 -16.82 61.84 -42.03
CA SER F 273 -15.72 62.25 -41.16
C SER F 273 -14.88 63.41 -41.67
N PRO F 274 -14.75 64.46 -40.83
CA PRO F 274 -13.98 65.66 -41.14
C PRO F 274 -12.48 65.53 -40.82
N ASN F 275 -11.66 65.97 -41.76
CA ASN F 275 -10.21 65.94 -41.61
C ASN F 275 -9.77 67.40 -41.61
N ILE F 276 -9.55 67.95 -40.41
CA ILE F 276 -9.16 69.34 -40.21
C ILE F 276 -7.63 69.55 -40.30
N ILE F 277 -7.23 70.37 -41.27
CA ILE F 277 -5.82 70.70 -41.51
C ILE F 277 -5.54 72.15 -41.09
N MET F 278 -4.90 72.33 -39.93
CA MET F 278 -4.58 73.66 -39.44
C MET F 278 -3.41 74.26 -40.23
N SER F 279 -3.26 75.59 -40.18
CA SER F 279 -2.21 76.28 -40.92
C SER F 279 -0.80 75.93 -40.51
N ASP F 280 -0.64 75.49 -39.26
CA ASP F 280 0.69 75.13 -38.78
C ASP F 280 1.04 73.66 -38.97
N ALA F 281 0.19 72.91 -39.64
CA ALA F 281 0.46 71.49 -39.84
C ALA F 281 1.60 71.25 -40.82
N ASP F 282 2.14 70.03 -40.81
CA ASP F 282 3.20 69.67 -41.73
C ASP F 282 2.56 69.45 -43.11
N MET F 283 2.75 70.40 -44.00
CA MET F 283 2.17 70.35 -45.35
C MET F 283 2.32 69.02 -46.08
N ASP F 284 3.56 68.59 -46.31
CA ASP F 284 3.79 67.34 -47.01
C ASP F 284 3.09 66.15 -46.39
N TRP F 285 3.13 66.08 -45.06
CA TRP F 285 2.50 64.99 -44.32
C TRP F 285 0.97 65.09 -44.38
N ALA F 286 0.43 66.27 -44.15
CA ALA F 286 -1.01 66.49 -44.18
C ALA F 286 -1.62 66.14 -45.52
N VAL F 287 -0.95 66.51 -46.61
CA VAL F 287 -1.46 66.22 -47.94
C VAL F 287 -1.47 64.72 -48.22
N GLU F 288 -0.39 64.04 -47.91
CA GLU F 288 -0.31 62.60 -48.14
C GLU F 288 -1.34 61.85 -47.29
N GLN F 289 -1.47 62.27 -46.03
CA GLN F 289 -2.41 61.62 -45.15
C GLN F 289 -3.86 61.96 -45.49
N ALA F 290 -4.07 63.15 -46.03
CA ALA F 290 -5.40 63.59 -46.42
C ALA F 290 -5.86 62.75 -47.62
N HIS F 291 -4.91 62.46 -48.51
CA HIS F 291 -5.17 61.68 -49.71
C HIS F 291 -5.55 60.26 -49.30
N PHE F 292 -4.71 59.67 -48.46
CA PHE F 292 -4.95 58.33 -47.95
C PHE F 292 -6.27 58.27 -47.19
N ALA F 293 -6.51 59.27 -46.35
CA ALA F 293 -7.72 59.35 -45.53
C ALA F 293 -9.01 59.17 -46.30
N LEU F 294 -9.00 59.61 -47.55
CA LEU F 294 -10.19 59.50 -48.37
C LEU F 294 -10.13 58.43 -49.44
N PHE F 295 -9.00 58.32 -50.13
CA PHE F 295 -8.89 57.36 -51.21
C PHE F 295 -8.66 55.90 -50.84
N PHE F 296 -8.29 55.64 -49.59
CA PHE F 296 -8.02 54.26 -49.16
C PHE F 296 -9.18 53.31 -49.43
N ASN F 297 -8.86 52.12 -49.94
CA ASN F 297 -9.86 51.09 -50.22
C ASN F 297 -10.92 51.62 -51.20
N GLN F 298 -10.46 52.31 -52.23
CA GLN F 298 -11.32 52.91 -53.26
C GLN F 298 -12.36 53.82 -52.62
N GLY F 299 -11.95 54.48 -51.54
CA GLY F 299 -12.82 55.39 -50.81
C GLY F 299 -13.97 54.68 -50.13
N GLN F 300 -13.95 53.35 -50.15
CA GLN F 300 -15.00 52.53 -49.56
C GLN F 300 -14.66 52.19 -48.12
N CYS F 301 -14.55 53.24 -47.31
CA CYS F 301 -14.20 53.10 -45.91
C CYS F 301 -15.20 53.89 -45.08
N CYS F 302 -15.76 53.26 -44.06
CA CYS F 302 -16.76 53.88 -43.19
C CYS F 302 -16.30 55.19 -42.56
N CYS F 303 -15.03 55.25 -42.19
CA CYS F 303 -14.45 56.45 -41.56
C CYS F 303 -13.66 57.33 -42.52
N ALA F 304 -13.93 57.20 -43.82
CA ALA F 304 -13.24 58.00 -44.82
C ALA F 304 -13.33 59.47 -44.53
N GLY F 305 -12.21 60.17 -44.63
CA GLY F 305 -12.19 61.60 -44.39
C GLY F 305 -12.77 62.32 -45.58
N SER F 306 -14.08 62.25 -45.71
CA SER F 306 -14.81 62.83 -46.83
C SER F 306 -15.01 64.33 -46.77
N ARG F 307 -14.61 64.95 -45.66
CA ARG F 307 -14.70 66.40 -45.53
C ARG F 307 -13.35 66.94 -45.10
N THR F 308 -12.55 67.37 -46.07
CA THR F 308 -11.23 67.91 -45.78
C THR F 308 -11.25 69.42 -45.57
N PHE F 309 -11.22 69.83 -44.30
CA PHE F 309 -11.23 71.24 -43.93
C PHE F 309 -9.79 71.76 -43.92
N VAL F 310 -9.54 72.85 -44.65
CA VAL F 310 -8.21 73.42 -44.73
C VAL F 310 -8.26 74.89 -44.42
N GLN F 311 -7.35 75.33 -43.54
CA GLN F 311 -7.28 76.74 -43.15
C GLN F 311 -6.91 77.58 -44.37
N GLU F 312 -7.64 78.69 -44.54
CA GLU F 312 -7.45 79.59 -45.67
C GLU F 312 -6.04 79.99 -46.07
N ASP F 313 -5.18 80.25 -45.08
CA ASP F 313 -3.81 80.67 -45.36
C ASP F 313 -2.95 79.62 -46.08
N ILE F 314 -3.40 78.38 -46.08
CA ILE F 314 -2.66 77.30 -46.73
C ILE F 314 -3.53 76.52 -47.73
N TYR F 315 -4.77 76.98 -47.91
CA TYR F 315 -5.73 76.34 -48.79
C TYR F 315 -5.21 76.09 -50.21
N ASP F 316 -4.77 77.16 -50.88
CA ASP F 316 -4.27 77.07 -52.24
C ASP F 316 -3.16 76.04 -52.46
N GLU F 317 -2.13 76.06 -51.62
CA GLU F 317 -1.03 75.12 -51.75
C GLU F 317 -1.52 73.70 -51.52
N PHE F 318 -2.27 73.49 -50.43
CA PHE F 318 -2.83 72.18 -50.08
C PHE F 318 -3.63 71.60 -51.24
N VAL F 319 -4.49 72.42 -51.84
CA VAL F 319 -5.30 71.97 -52.95
C VAL F 319 -4.44 71.60 -54.17
N GLU F 320 -3.46 72.44 -54.46
CA GLU F 320 -2.56 72.23 -55.58
C GLU F 320 -1.85 70.89 -55.45
N ARG F 321 -1.35 70.61 -54.25
CA ARG F 321 -0.64 69.37 -53.96
C ARG F 321 -1.56 68.16 -53.99
N SER F 322 -2.76 68.33 -53.45
CA SER F 322 -3.73 67.23 -53.42
C SER F 322 -4.16 66.81 -54.82
N VAL F 323 -4.35 67.78 -55.71
CA VAL F 323 -4.74 67.49 -57.08
C VAL F 323 -3.65 66.70 -57.78
N ALA F 324 -2.40 67.11 -57.57
CA ALA F 324 -1.26 66.45 -58.17
C ALA F 324 -1.19 64.99 -57.73
N ARG F 325 -1.33 64.77 -56.42
CA ARG F 325 -1.29 63.43 -55.83
C ARG F 325 -2.42 62.55 -56.35
N ALA F 326 -3.59 63.16 -56.51
CA ALA F 326 -4.77 62.45 -57.01
C ALA F 326 -4.54 62.03 -58.45
N LYS F 327 -3.98 62.92 -59.26
CA LYS F 327 -3.69 62.65 -60.66
C LYS F 327 -2.62 61.57 -60.84
N SER F 328 -1.73 61.46 -59.87
CA SER F 328 -0.66 60.49 -59.95
C SER F 328 -1.08 59.12 -59.43
N ARG F 329 -2.23 59.06 -58.76
CA ARG F 329 -2.74 57.80 -58.21
C ARG F 329 -3.02 56.80 -59.31
N VAL F 330 -2.27 55.71 -59.34
CA VAL F 330 -2.44 54.69 -60.37
C VAL F 330 -3.69 53.84 -60.17
N VAL F 331 -4.49 53.74 -61.23
CA VAL F 331 -5.71 52.95 -61.20
C VAL F 331 -5.57 51.85 -62.24
N GLY F 332 -5.88 50.62 -61.86
CA GLY F 332 -5.77 49.52 -62.80
C GLY F 332 -5.99 48.16 -62.16
N ASN F 333 -5.46 47.12 -62.82
CA ASN F 333 -5.57 45.74 -62.36
C ASN F 333 -5.04 45.66 -60.94
N PRO F 334 -5.90 45.30 -59.98
CA PRO F 334 -5.50 45.18 -58.58
C PRO F 334 -4.39 44.16 -58.31
N PHE F 335 -4.13 43.27 -59.27
CA PHE F 335 -3.08 42.27 -59.10
C PHE F 335 -1.69 42.77 -59.52
N ASP F 336 -1.66 43.93 -60.15
CA ASP F 336 -0.41 44.55 -60.57
C ASP F 336 0.14 45.37 -59.41
N SER F 337 1.36 45.08 -58.97
CA SER F 337 1.97 45.76 -57.84
C SER F 337 1.98 47.30 -57.91
N LYS F 338 1.89 47.84 -59.11
CA LYS F 338 1.90 49.29 -59.30
C LYS F 338 0.55 49.95 -59.05
N THR F 339 -0.50 49.15 -59.00
CA THR F 339 -1.85 49.66 -58.78
C THR F 339 -2.10 50.14 -57.36
N GLU F 340 -2.55 51.38 -57.25
CA GLU F 340 -2.87 51.95 -55.94
C GLU F 340 -4.39 51.89 -55.69
N GLN F 341 -5.17 51.94 -56.76
CA GLN F 341 -6.63 51.91 -56.66
C GLN F 341 -7.28 50.92 -57.64
N GLY F 342 -8.01 49.96 -57.10
CA GLY F 342 -8.70 48.98 -57.92
C GLY F 342 -10.08 49.48 -58.30
N PRO F 343 -10.99 48.60 -58.73
CA PRO F 343 -12.34 49.02 -59.10
C PRO F 343 -13.28 49.07 -57.91
N GLN F 344 -14.43 49.70 -58.07
CA GLN F 344 -15.43 49.78 -57.00
C GLN F 344 -15.97 48.35 -56.85
N VAL F 345 -16.65 48.07 -55.74
CA VAL F 345 -17.14 46.71 -55.50
C VAL F 345 -18.10 46.12 -56.51
N ASP F 346 -18.98 46.94 -57.09
CA ASP F 346 -19.94 46.46 -58.07
C ASP F 346 -20.57 47.57 -58.91
N GLU F 347 -21.49 47.17 -59.78
CA GLU F 347 -22.18 48.09 -60.67
C GLU F 347 -23.02 49.11 -59.91
N THR F 348 -23.73 48.63 -58.89
CA THR F 348 -24.58 49.50 -58.09
C THR F 348 -23.79 50.65 -57.47
N GLN F 349 -22.65 50.34 -56.86
CA GLN F 349 -21.81 51.37 -56.25
C GLN F 349 -21.23 52.26 -57.34
N PHE F 350 -20.80 51.63 -58.42
CA PHE F 350 -20.22 52.34 -59.56
C PHE F 350 -21.16 53.46 -60.01
N LYS F 351 -22.43 53.12 -60.22
CA LYS F 351 -23.42 54.10 -60.68
C LYS F 351 -23.73 55.14 -59.61
N LYS F 352 -23.77 54.68 -58.37
CA LYS F 352 -24.05 55.58 -57.27
C LYS F 352 -23.02 56.68 -57.17
N ILE F 353 -21.76 56.32 -57.28
CA ILE F 353 -20.67 57.29 -57.19
C ILE F 353 -20.74 58.27 -58.39
N LEU F 354 -20.95 57.73 -59.59
CA LEU F 354 -21.06 58.54 -60.79
C LEU F 354 -22.18 59.57 -60.60
N GLY F 355 -23.25 59.16 -59.93
CA GLY F 355 -24.35 60.07 -59.66
C GLY F 355 -23.93 61.19 -58.73
N TYR F 356 -23.20 60.85 -57.66
CA TYR F 356 -22.74 61.87 -56.72
C TYR F 356 -21.81 62.87 -57.41
N ILE F 357 -20.95 62.36 -58.27
CA ILE F 357 -20.00 63.18 -59.02
C ILE F 357 -20.79 64.24 -59.82
N ASN F 358 -21.83 63.78 -60.53
CA ASN F 358 -22.65 64.67 -61.32
C ASN F 358 -23.34 65.68 -60.43
N THR F 359 -23.74 65.22 -59.24
CA THR F 359 -24.42 66.05 -58.26
C THR F 359 -23.48 67.17 -57.84
N GLY F 360 -22.22 66.81 -57.55
CA GLY F 360 -21.22 67.78 -57.14
C GLY F 360 -21.00 68.87 -58.17
N LYS F 361 -21.05 68.51 -59.44
CA LYS F 361 -20.89 69.46 -60.53
C LYS F 361 -22.10 70.38 -60.62
N GLN F 362 -23.29 69.79 -60.54
CA GLN F 362 -24.54 70.53 -60.62
C GLN F 362 -24.74 71.53 -59.47
N GLU F 363 -24.21 71.21 -58.30
CA GLU F 363 -24.38 72.10 -57.16
C GLU F 363 -23.32 73.17 -56.97
N GLY F 364 -22.42 73.32 -57.94
CA GLY F 364 -21.43 74.37 -57.85
C GLY F 364 -20.05 74.04 -57.32
N ALA F 365 -19.80 72.76 -57.05
CA ALA F 365 -18.49 72.34 -56.57
C ALA F 365 -17.51 72.40 -57.73
N LYS F 366 -16.33 72.94 -57.47
CA LYS F 366 -15.30 73.05 -58.50
C LYS F 366 -14.55 71.73 -58.74
N LEU F 367 -14.77 71.13 -59.90
CA LEU F 367 -14.12 69.87 -60.27
C LEU F 367 -12.67 70.18 -60.61
N LEU F 368 -11.75 69.69 -59.79
CA LEU F 368 -10.33 69.96 -60.00
C LEU F 368 -9.62 68.92 -60.86
N CYS F 369 -10.08 67.67 -60.79
CA CYS F 369 -9.49 66.59 -61.57
C CYS F 369 -10.41 65.38 -61.61
N GLY F 370 -10.16 64.49 -62.56
CA GLY F 370 -10.97 63.28 -62.69
C GLY F 370 -12.44 63.56 -62.95
N GLY F 371 -13.31 62.79 -62.31
CA GLY F 371 -14.73 62.97 -62.47
C GLY F 371 -15.41 62.01 -63.43
N GLY F 372 -14.68 61.00 -63.91
CA GLY F 372 -15.28 60.07 -64.84
C GLY F 372 -14.80 58.64 -64.73
N ILE F 373 -15.28 57.81 -65.65
CA ILE F 373 -14.90 56.40 -65.68
C ILE F 373 -13.43 56.29 -66.05
N ALA F 374 -12.70 55.45 -65.33
CA ALA F 374 -11.27 55.26 -65.55
C ALA F 374 -10.89 54.16 -66.53
N ALA F 375 -11.83 53.27 -66.84
CA ALA F 375 -11.55 52.18 -67.77
C ALA F 375 -12.81 51.62 -68.42
N ASP F 376 -12.62 50.91 -69.53
CA ASP F 376 -13.73 50.32 -70.26
C ASP F 376 -14.35 49.15 -69.51
N ARG F 377 -13.51 48.17 -69.17
CA ARG F 377 -13.98 46.98 -68.45
C ARG F 377 -13.88 47.19 -66.96
N GLY F 378 -14.82 46.60 -66.22
CA GLY F 378 -14.81 46.72 -64.78
C GLY F 378 -15.50 47.97 -64.26
N TYR F 379 -15.37 48.23 -62.95
CA TYR F 379 -16.00 49.40 -62.34
C TYR F 379 -14.97 50.38 -61.78
N PHE F 380 -14.09 50.87 -62.65
CA PHE F 380 -13.04 51.81 -62.28
C PHE F 380 -13.45 53.27 -62.47
N ILE F 381 -13.17 54.07 -61.44
CA ILE F 381 -13.50 55.47 -61.44
C ILE F 381 -12.24 56.30 -61.15
N GLN F 382 -12.08 57.38 -61.89
CA GLN F 382 -10.93 58.26 -61.73
C GLN F 382 -10.93 58.98 -60.39
N PRO F 383 -9.76 59.09 -59.74
CA PRO F 383 -9.65 59.77 -58.45
C PRO F 383 -10.13 61.19 -58.65
N THR F 384 -11.30 61.51 -58.08
CA THR F 384 -11.91 62.82 -58.24
C THR F 384 -11.71 63.72 -57.04
N VAL F 385 -11.47 65.00 -57.30
CA VAL F 385 -11.28 65.98 -56.23
C VAL F 385 -12.15 67.21 -56.50
N PHE F 386 -12.93 67.61 -55.50
CA PHE F 386 -13.80 68.77 -55.58
C PHE F 386 -13.26 69.87 -54.67
N GLY F 387 -13.15 71.10 -55.19
CA GLY F 387 -12.66 72.21 -54.40
C GLY F 387 -13.76 73.19 -54.08
N ASP F 388 -13.50 74.12 -53.16
CA ASP F 388 -14.47 75.12 -52.74
C ASP F 388 -15.85 74.53 -52.43
N VAL F 389 -15.83 73.41 -51.72
CA VAL F 389 -17.04 72.74 -51.33
C VAL F 389 -17.66 73.46 -50.14
N GLN F 390 -19.00 73.55 -50.13
CA GLN F 390 -19.70 74.23 -49.05
C GLN F 390 -20.47 73.21 -48.24
N ASP F 391 -20.71 73.53 -46.97
CA ASP F 391 -21.42 72.64 -46.05
C ASP F 391 -22.79 72.19 -46.52
N GLY F 392 -23.53 73.10 -47.14
CA GLY F 392 -24.87 72.77 -47.60
C GLY F 392 -24.95 71.87 -48.81
N MET F 393 -23.83 71.65 -49.49
CA MET F 393 -23.83 70.80 -50.68
C MET F 393 -24.05 69.36 -50.32
N THR F 394 -24.75 68.63 -51.20
CA THR F 394 -25.02 67.22 -50.97
C THR F 394 -23.74 66.38 -50.85
N ILE F 395 -22.75 66.65 -51.69
CA ILE F 395 -21.50 65.89 -51.65
C ILE F 395 -20.72 66.19 -50.36
N ALA F 396 -21.20 67.16 -49.60
CA ALA F 396 -20.60 67.56 -48.33
C ALA F 396 -21.36 66.95 -47.14
N LYS F 397 -22.54 66.41 -47.41
CA LYS F 397 -23.35 65.82 -46.35
C LYS F 397 -23.55 64.31 -46.46
N GLU F 398 -23.70 63.81 -47.68
CA GLU F 398 -23.92 62.39 -47.89
C GLU F 398 -22.66 61.57 -48.13
N GLU F 399 -22.67 60.33 -47.63
CA GLU F 399 -21.54 59.43 -47.79
C GLU F 399 -21.49 58.93 -49.23
N ILE F 400 -20.42 59.29 -49.95
CA ILE F 400 -20.25 58.88 -51.34
C ILE F 400 -19.68 57.47 -51.47
N PHE F 401 -18.80 57.12 -50.55
CA PHE F 401 -18.17 55.80 -50.53
C PHE F 401 -17.41 55.49 -51.81
N GLY F 402 -16.75 56.53 -52.33
CA GLY F 402 -15.99 56.36 -53.55
C GLY F 402 -14.81 57.29 -53.56
N PRO F 403 -13.96 57.22 -54.58
CA PRO F 403 -12.78 58.06 -54.72
C PRO F 403 -13.12 59.50 -55.09
N VAL F 404 -13.92 60.14 -54.27
CA VAL F 404 -14.33 61.52 -54.51
C VAL F 404 -13.98 62.37 -53.29
N MET F 405 -13.00 63.25 -53.44
CA MET F 405 -12.54 64.12 -52.37
C MET F 405 -13.24 65.46 -52.30
N GLN F 406 -13.54 65.91 -51.09
CA GLN F 406 -14.19 67.20 -50.86
C GLN F 406 -13.26 68.11 -50.05
N ILE F 407 -12.88 69.25 -50.62
CA ILE F 407 -12.00 70.17 -49.91
C ILE F 407 -12.73 71.46 -49.56
N LEU F 408 -12.80 71.76 -48.26
CA LEU F 408 -13.49 72.95 -47.78
C LEU F 408 -12.53 73.93 -47.08
N LYS F 409 -12.82 75.22 -47.19
CA LYS F 409 -11.99 76.25 -46.59
C LYS F 409 -12.59 76.79 -45.30
N PHE F 410 -11.74 77.06 -44.33
CA PHE F 410 -12.19 77.62 -43.05
C PHE F 410 -11.22 78.66 -42.54
N LYS F 411 -11.71 79.52 -41.64
CA LYS F 411 -10.88 80.57 -41.09
C LYS F 411 -10.37 80.32 -39.66
N THR F 412 -11.28 80.26 -38.69
CA THR F 412 -10.88 80.03 -37.30
C THR F 412 -11.11 78.61 -36.81
N ILE F 413 -10.50 78.29 -35.67
CA ILE F 413 -10.63 76.96 -35.08
C ILE F 413 -12.01 76.77 -34.45
N GLU F 414 -12.58 77.84 -33.91
CA GLU F 414 -13.91 77.77 -33.30
C GLU F 414 -14.94 77.49 -34.41
N GLU F 415 -14.70 78.10 -35.57
CA GLU F 415 -15.56 77.96 -36.74
C GLU F 415 -15.56 76.50 -37.25
N VAL F 416 -14.36 75.96 -37.50
CA VAL F 416 -14.24 74.60 -38.01
C VAL F 416 -14.86 73.53 -37.10
N VAL F 417 -14.78 73.74 -35.78
CA VAL F 417 -15.37 72.81 -34.82
C VAL F 417 -16.87 72.74 -35.04
N GLY F 418 -17.51 73.89 -35.16
CA GLY F 418 -18.94 73.95 -35.37
C GLY F 418 -19.37 73.33 -36.70
N ARG F 419 -18.60 73.56 -37.75
CA ARG F 419 -18.93 73.03 -39.05
C ARG F 419 -18.66 71.52 -39.10
N ALA F 420 -17.58 71.09 -38.44
CA ALA F 420 -17.23 69.67 -38.42
C ALA F 420 -18.25 68.86 -37.64
N ASN F 421 -18.74 69.44 -36.56
CA ASN F 421 -19.75 68.81 -35.74
C ASN F 421 -21.18 68.89 -36.29
N ASN F 422 -21.42 69.80 -37.24
CA ASN F 422 -22.75 69.96 -37.83
C ASN F 422 -22.99 68.84 -38.84
N SER F 423 -23.37 67.68 -38.32
CA SER F 423 -23.63 66.51 -39.16
C SER F 423 -24.36 65.47 -38.32
N THR F 424 -25.12 64.61 -38.99
CA THR F 424 -25.85 63.53 -38.30
C THR F 424 -24.90 62.35 -38.07
N TYR F 425 -23.73 62.45 -38.67
CA TYR F 425 -22.69 61.43 -38.55
C TYR F 425 -21.67 61.83 -37.47
N GLY F 426 -20.88 60.85 -37.02
CA GLY F 426 -19.87 61.10 -36.01
C GLY F 426 -18.99 59.87 -35.79
N LEU F 427 -18.56 59.25 -36.88
CA LEU F 427 -17.74 58.05 -36.82
C LEU F 427 -16.29 58.34 -36.45
N ALA F 428 -15.70 59.30 -37.16
CA ALA F 428 -14.33 59.67 -36.88
C ALA F 428 -14.04 61.09 -37.31
N ALA F 429 -12.85 61.56 -36.97
CA ALA F 429 -12.39 62.89 -37.32
C ALA F 429 -10.88 62.92 -37.14
N ALA F 430 -10.24 63.93 -37.73
CA ALA F 430 -8.80 64.06 -37.64
C ALA F 430 -8.39 65.52 -37.50
N VAL F 431 -7.24 65.72 -36.85
CA VAL F 431 -6.70 67.04 -36.60
C VAL F 431 -5.21 67.05 -36.93
N PHE F 432 -4.81 67.91 -37.86
CA PHE F 432 -3.41 68.03 -38.24
C PHE F 432 -2.87 69.37 -37.76
N THR F 433 -2.00 69.31 -36.76
CA THR F 433 -1.42 70.51 -36.19
C THR F 433 -0.17 70.15 -35.39
N LYS F 434 0.66 71.14 -35.12
CA LYS F 434 1.88 70.92 -34.36
C LYS F 434 1.68 71.52 -32.99
N ASP F 435 0.59 72.27 -32.84
CA ASP F 435 0.30 72.93 -31.57
C ASP F 435 -0.39 72.00 -30.57
N LEU F 436 0.18 71.93 -29.37
CA LEU F 436 -0.36 71.10 -28.29
C LEU F 436 -1.78 71.49 -27.93
N ASP F 437 -1.97 72.76 -27.59
CA ASP F 437 -3.30 73.26 -27.20
C ASP F 437 -4.37 73.05 -28.27
N LYS F 438 -4.04 73.29 -29.52
CA LYS F 438 -4.99 73.11 -30.60
C LYS F 438 -5.45 71.64 -30.68
N ALA F 439 -4.48 70.73 -30.64
CA ALA F 439 -4.79 69.31 -30.73
C ALA F 439 -5.71 68.87 -29.60
N ASN F 440 -5.42 69.32 -28.39
CA ASN F 440 -6.24 68.97 -27.23
C ASN F 440 -7.63 69.62 -27.27
N TYR F 441 -7.70 70.84 -27.80
CA TYR F 441 -8.96 71.58 -27.91
C TYR F 441 -9.90 70.88 -28.89
N LEU F 442 -9.38 70.57 -30.07
CA LEU F 442 -10.14 69.92 -31.14
C LEU F 442 -10.50 68.47 -30.81
N SER F 443 -9.54 67.69 -30.29
CA SER F 443 -9.81 66.29 -29.98
C SER F 443 -10.91 66.17 -28.94
N GLN F 444 -11.00 67.17 -28.06
CA GLN F 444 -12.05 67.21 -27.03
C GLN F 444 -13.39 67.74 -27.59
N ALA F 445 -13.32 68.74 -28.48
CA ALA F 445 -14.53 69.35 -29.04
C ALA F 445 -15.25 68.54 -30.12
N LEU F 446 -14.47 67.84 -30.94
CA LEU F 446 -14.99 67.01 -32.03
C LEU F 446 -15.90 65.89 -31.54
N GLN F 447 -17.12 65.84 -32.04
CA GLN F 447 -18.08 64.81 -31.65
C GLN F 447 -17.97 63.63 -32.59
N ALA F 448 -16.98 62.79 -32.32
CA ALA F 448 -16.72 61.62 -33.15
C ALA F 448 -16.18 60.47 -32.31
N GLY F 449 -16.42 59.24 -32.78
CA GLY F 449 -15.96 58.06 -32.06
C GLY F 449 -14.44 57.97 -31.95
N THR F 450 -13.77 58.39 -33.01
CA THR F 450 -12.32 58.37 -33.04
C THR F 450 -11.78 59.67 -33.60
N VAL F 451 -10.81 60.24 -32.91
CA VAL F 451 -10.19 61.46 -33.35
C VAL F 451 -8.70 61.19 -33.51
N TRP F 452 -8.23 61.19 -34.76
CA TRP F 452 -6.83 60.97 -35.05
C TRP F 452 -6.11 62.31 -35.09
N VAL F 453 -4.93 62.37 -34.47
CA VAL F 453 -4.12 63.58 -34.44
C VAL F 453 -2.85 63.34 -35.27
N ASN F 454 -2.65 64.18 -36.28
CA ASN F 454 -1.49 64.07 -37.18
C ASN F 454 -1.36 62.69 -37.83
N CYS F 455 -2.48 62.03 -38.05
CA CYS F 455 -2.51 60.71 -38.70
C CYS F 455 -3.95 60.39 -39.02
N TYR F 456 -4.19 59.31 -39.75
CA TYR F 456 -5.53 58.90 -40.12
C TYR F 456 -5.59 57.40 -40.39
N ASP F 457 -6.77 56.81 -40.20
CA ASP F 457 -7.00 55.38 -40.42
C ASP F 457 -6.07 54.52 -39.62
N VAL F 458 -5.77 54.94 -38.40
CA VAL F 458 -4.91 54.18 -37.52
C VAL F 458 -5.78 53.28 -36.66
N PHE F 459 -5.87 52.02 -37.07
CA PHE F 459 -6.66 51.04 -36.35
C PHE F 459 -5.79 50.10 -35.58
N GLY F 460 -6.20 49.78 -34.36
CA GLY F 460 -5.44 48.87 -33.54
C GLY F 460 -6.40 47.99 -32.81
N ALA F 461 -6.17 46.68 -32.80
CA ALA F 461 -7.05 45.74 -32.12
C ALA F 461 -7.27 46.13 -30.65
N GLN F 462 -6.35 46.92 -30.13
CA GLN F 462 -6.40 47.37 -28.76
C GLN F 462 -7.31 48.59 -28.53
N SER F 463 -7.47 49.42 -29.56
CA SER F 463 -8.29 50.63 -29.45
C SER F 463 -9.69 50.48 -30.00
N PRO F 464 -10.71 50.85 -29.20
CA PRO F 464 -12.13 50.74 -29.60
C PRO F 464 -12.51 51.63 -30.78
N PHE F 465 -13.43 51.13 -31.60
CA PHE F 465 -13.89 51.85 -32.79
C PHE F 465 -15.41 51.83 -32.83
N GLY F 466 -16.01 52.99 -33.03
CA GLY F 466 -17.45 53.08 -33.10
C GLY F 466 -17.88 54.51 -33.34
N GLY F 467 -19.14 54.70 -33.71
CA GLY F 467 -19.61 56.04 -33.98
C GLY F 467 -20.53 56.73 -32.98
N TYR F 468 -20.56 58.05 -33.07
CA TYR F 468 -21.40 58.91 -32.27
C TYR F 468 -22.64 59.16 -33.15
N LYS F 469 -23.70 59.70 -32.55
CA LYS F 469 -24.91 60.03 -33.30
C LYS F 469 -25.41 58.91 -34.20
N MET F 470 -25.66 59.23 -35.47
CA MET F 470 -26.18 58.25 -36.40
C MET F 470 -25.14 57.37 -37.09
N SER F 471 -23.90 57.43 -36.63
CA SER F 471 -22.86 56.59 -37.18
C SER F 471 -22.84 55.23 -36.50
N GLY F 472 -23.72 55.04 -35.52
CA GLY F 472 -23.79 53.77 -34.85
C GLY F 472 -23.92 53.87 -33.35
N SER F 473 -23.89 52.71 -32.70
CA SER F 473 -23.99 52.63 -31.25
C SER F 473 -23.10 51.45 -30.80
N GLY F 474 -22.47 51.63 -29.64
CA GLY F 474 -21.59 50.60 -29.13
C GLY F 474 -20.21 50.73 -29.74
N ARG F 475 -19.28 49.90 -29.29
CA ARG F 475 -17.92 49.95 -29.79
C ARG F 475 -17.37 48.56 -30.09
N GLU F 476 -16.48 48.49 -31.07
CA GLU F 476 -15.82 47.25 -31.46
C GLU F 476 -14.34 47.44 -31.21
N LEU F 477 -13.61 46.34 -31.10
CA LEU F 477 -12.17 46.35 -30.83
C LEU F 477 -11.89 46.74 -29.37
N GLY F 478 -10.70 46.39 -28.89
CA GLY F 478 -10.31 46.69 -27.53
C GLY F 478 -11.13 45.92 -26.51
N GLU F 479 -10.98 46.32 -25.25
CA GLU F 479 -11.73 45.69 -24.17
C GLU F 479 -13.23 45.97 -24.33
N TYR F 480 -13.54 47.16 -24.83
CA TYR F 480 -14.91 47.60 -25.02
C TYR F 480 -15.68 46.68 -25.95
N GLY F 481 -14.97 46.08 -26.91
CA GLY F 481 -15.60 45.19 -27.85
C GLY F 481 -16.21 43.94 -27.24
N LEU F 482 -15.92 43.68 -25.95
CA LEU F 482 -16.45 42.50 -25.26
C LEU F 482 -17.76 42.77 -24.54
N GLN F 483 -18.03 44.04 -24.24
CA GLN F 483 -19.24 44.43 -23.52
C GLN F 483 -20.54 43.94 -24.16
N ALA F 484 -20.70 44.22 -25.45
CA ALA F 484 -21.92 43.82 -26.15
C ALA F 484 -22.07 42.31 -26.26
N TYR F 485 -20.98 41.59 -26.07
CA TYR F 485 -21.02 40.13 -26.18
C TYR F 485 -21.05 39.46 -24.81
N THR F 486 -21.45 40.22 -23.80
CA THR F 486 -21.50 39.72 -22.45
C THR F 486 -22.83 40.00 -21.78
N GLU F 487 -23.39 38.99 -21.12
CA GLU F 487 -24.62 39.16 -20.38
C GLU F 487 -24.23 39.04 -18.91
N VAL F 488 -24.46 40.11 -18.16
CA VAL F 488 -24.10 40.18 -16.75
C VAL F 488 -25.15 39.58 -15.83
N LYS F 489 -24.69 38.69 -14.94
CA LYS F 489 -25.58 38.05 -13.98
C LYS F 489 -25.07 38.34 -12.59
N THR F 490 -25.96 38.82 -11.73
CA THR F 490 -25.65 39.10 -10.34
C THR F 490 -26.11 37.94 -9.46
N VAL F 491 -25.21 37.46 -8.61
CA VAL F 491 -25.52 36.39 -7.67
C VAL F 491 -25.27 36.94 -6.25
N THR F 492 -26.37 37.12 -5.51
CA THR F 492 -26.30 37.64 -4.14
C THR F 492 -26.67 36.54 -3.16
N VAL F 493 -25.68 36.05 -2.43
CA VAL F 493 -25.84 34.96 -1.48
C VAL F 493 -25.87 35.42 -0.03
N LYS F 494 -26.79 34.86 0.76
CA LYS F 494 -26.89 35.21 2.16
C LYS F 494 -25.79 34.49 2.94
N VAL F 495 -25.06 35.24 3.77
CA VAL F 495 -23.99 34.67 4.58
C VAL F 495 -24.26 34.86 6.07
N PRO F 496 -23.69 34.01 6.93
CA PRO F 496 -23.86 34.09 8.39
C PRO F 496 -23.54 35.49 8.92
N GLN F 497 -22.35 35.99 8.57
CA GLN F 497 -21.94 37.31 9.01
C GLN F 497 -20.89 37.90 8.08
N LYS F 498 -21.28 38.97 7.38
CA LYS F 498 -20.40 39.64 6.44
C LYS F 498 -19.33 40.46 7.16
N ASN F 499 -18.10 40.33 6.67
CA ASN F 499 -16.97 41.08 7.20
C ASN F 499 -16.09 41.58 6.05
N SER F 500 -15.50 42.75 6.24
CA SER F 500 -14.61 43.32 5.24
C SER F 500 -13.41 42.37 5.06
N ALA G 7 -12.17 85.25 -0.47
CA ALA G 7 -12.68 85.94 0.76
C ALA G 7 -12.32 85.14 2.02
N VAL G 8 -11.02 85.05 2.30
CA VAL G 8 -10.51 84.31 3.44
C VAL G 8 -10.98 84.93 4.76
N PRO G 9 -11.63 84.14 5.63
CA PRO G 9 -12.13 84.58 6.94
C PRO G 9 -11.01 85.09 7.86
N ALA G 10 -11.32 86.11 8.66
CA ALA G 10 -10.35 86.68 9.59
C ALA G 10 -9.90 85.59 10.57
N PRO G 11 -8.60 85.33 10.61
CA PRO G 11 -8.01 84.32 11.48
C PRO G 11 -7.80 84.73 12.93
N ASN G 12 -7.70 83.74 13.81
CA ASN G 12 -7.41 83.97 15.21
C ASN G 12 -5.91 83.68 15.23
N GLN G 13 -5.10 84.73 15.06
CA GLN G 13 -3.64 84.62 15.01
C GLN G 13 -2.97 83.97 16.22
N GLN G 14 -3.78 83.40 17.10
CA GLN G 14 -3.30 82.73 18.30
C GLN G 14 -4.39 81.78 18.77
N PRO G 15 -4.64 80.70 18.01
CA PRO G 15 -5.66 79.70 18.32
C PRO G 15 -5.36 78.87 19.56
N GLU G 16 -6.43 78.42 20.21
CA GLU G 16 -6.32 77.63 21.42
C GLU G 16 -6.06 76.16 21.10
N VAL G 17 -5.20 75.53 21.88
CA VAL G 17 -4.87 74.12 21.69
C VAL G 17 -5.73 73.28 22.63
N PHE G 18 -6.52 72.38 22.04
CA PHE G 18 -7.40 71.51 22.81
C PHE G 18 -6.89 70.09 22.94
N CYS G 19 -6.00 69.69 22.04
CA CYS G 19 -5.47 68.33 22.06
C CYS G 19 -3.94 68.30 21.96
N ASN G 20 -3.30 67.61 22.90
CA ASN G 20 -1.85 67.51 22.91
C ASN G 20 -1.38 66.21 23.56
N GLN G 21 -2.25 65.20 23.53
CA GLN G 21 -1.94 63.90 24.12
C GLN G 21 -1.94 62.77 23.08
N ILE G 22 -1.88 61.54 23.58
CA ILE G 22 -1.88 60.36 22.72
C ILE G 22 -3.32 59.90 22.52
N PHE G 23 -3.71 59.69 21.26
CA PHE G 23 -5.07 59.25 20.93
C PHE G 23 -5.16 57.75 20.70
N ILE G 24 -5.72 57.04 21.68
CA ILE G 24 -5.88 55.59 21.62
C ILE G 24 -7.31 55.22 22.03
N ASN G 25 -7.95 54.35 21.25
CA ASN G 25 -9.32 53.91 21.52
C ASN G 25 -10.27 55.09 21.77
N ASN G 26 -10.13 56.13 20.97
CA ASN G 26 -10.96 57.33 21.06
C ASN G 26 -10.84 58.05 22.39
N GLU G 27 -9.76 57.78 23.10
CA GLU G 27 -9.50 58.41 24.39
C GLU G 27 -8.14 59.06 24.38
N TRP G 28 -7.95 60.04 25.25
CA TRP G 28 -6.69 60.77 25.36
C TRP G 28 -5.82 60.22 26.48
N HIS G 29 -4.60 59.83 26.14
CA HIS G 29 -3.66 59.27 27.11
C HIS G 29 -2.36 60.07 27.19
N ASP G 30 -1.73 60.04 28.36
CA ASP G 30 -0.44 60.69 28.54
C ASP G 30 0.55 59.60 28.24
N ALA G 31 1.79 59.97 27.96
CA ALA G 31 2.82 58.99 27.67
C ALA G 31 2.97 58.10 28.90
N VAL G 32 3.25 56.82 28.69
CA VAL G 32 3.43 55.88 29.80
C VAL G 32 4.52 56.40 30.73
N SER G 33 5.47 57.14 30.16
CA SER G 33 6.56 57.72 30.92
C SER G 33 6.24 59.11 31.45
N ARG G 34 5.04 59.61 31.10
CA ARG G 34 4.57 60.94 31.51
C ARG G 34 5.38 62.09 30.91
N LYS G 35 6.37 61.74 30.11
CA LYS G 35 7.23 62.71 29.44
C LYS G 35 6.48 63.48 28.34
N THR G 36 6.87 64.73 28.14
CA THR G 36 6.27 65.58 27.11
C THR G 36 7.38 66.30 26.34
N PHE G 37 7.06 66.76 25.13
CA PHE G 37 8.02 67.49 24.31
C PHE G 37 7.37 68.77 23.79
N PRO G 38 8.16 69.85 23.68
CA PRO G 38 7.65 71.13 23.21
C PRO G 38 7.53 71.24 21.68
N THR G 39 6.48 71.93 21.23
CA THR G 39 6.27 72.16 19.82
C THR G 39 6.44 73.67 19.64
N VAL G 40 7.30 74.06 18.71
CA VAL G 40 7.60 75.46 18.49
C VAL G 40 6.91 76.16 17.32
N ASN G 41 6.65 77.45 17.50
CA ASN G 41 6.06 78.27 16.47
C ASN G 41 7.27 78.83 15.70
N PRO G 42 7.50 78.36 14.46
CA PRO G 42 8.62 78.79 13.63
C PRO G 42 8.69 80.28 13.30
N SER G 43 7.57 80.98 13.47
CA SER G 43 7.51 82.43 13.21
C SER G 43 8.17 83.27 14.31
N THR G 44 8.11 82.78 15.55
CA THR G 44 8.67 83.50 16.69
C THR G 44 9.75 82.72 17.41
N GLY G 45 9.71 81.40 17.28
CA GLY G 45 10.70 80.56 17.95
C GLY G 45 10.25 80.23 19.36
N GLU G 46 9.08 80.73 19.73
CA GLU G 46 8.50 80.52 21.05
C GLU G 46 7.73 79.20 21.15
N VAL G 47 7.77 78.58 22.33
CA VAL G 47 7.07 77.31 22.54
C VAL G 47 5.55 77.50 22.57
N ILE G 48 4.84 76.71 21.76
CA ILE G 48 3.38 76.79 21.71
C ILE G 48 2.79 76.08 22.91
N CYS G 49 3.20 74.82 23.10
CA CYS G 49 2.74 74.01 24.23
C CYS G 49 3.47 72.67 24.23
N GLN G 50 3.27 71.91 25.30
CA GLN G 50 3.88 70.59 25.45
C GLN G 50 2.99 69.55 24.77
N VAL G 51 3.60 68.44 24.35
CA VAL G 51 2.89 67.35 23.69
C VAL G 51 3.40 66.03 24.24
N ALA G 52 2.51 65.10 24.57
CA ALA G 52 2.89 63.81 25.12
C ALA G 52 3.88 63.10 24.20
N GLU G 53 5.05 62.79 24.74
CA GLU G 53 6.11 62.13 23.97
C GLU G 53 5.94 60.62 23.96
N GLY G 54 5.17 60.12 22.99
CA GLY G 54 4.94 58.69 22.88
C GLY G 54 6.18 57.91 22.48
N ASP G 55 6.35 56.75 23.08
CA ASP G 55 7.49 55.89 22.80
C ASP G 55 6.97 54.49 22.50
N LYS G 56 7.86 53.50 22.50
CA LYS G 56 7.51 52.11 22.20
C LYS G 56 6.34 51.56 23.01
N GLU G 57 6.34 51.83 24.31
CA GLU G 57 5.29 51.36 25.20
C GLU G 57 3.93 51.92 24.79
N ASP G 58 3.92 53.16 24.31
CA ASP G 58 2.70 53.84 23.87
C ASP G 58 2.23 53.27 22.54
N VAL G 59 3.18 53.00 21.66
CA VAL G 59 2.88 52.43 20.36
C VAL G 59 2.27 51.04 20.55
N ASP G 60 2.79 50.28 21.50
CA ASP G 60 2.30 48.94 21.81
C ASP G 60 0.82 48.98 22.21
N LYS G 61 0.44 50.02 22.96
CA LYS G 61 -0.95 50.20 23.39
C LYS G 61 -1.84 50.47 22.18
N ALA G 62 -1.38 51.33 21.29
CA ALA G 62 -2.12 51.69 20.09
C ALA G 62 -2.32 50.51 19.16
N VAL G 63 -1.25 49.74 18.91
CA VAL G 63 -1.30 48.58 18.04
C VAL G 63 -2.30 47.54 18.57
N LYS G 64 -2.30 47.33 19.88
CA LYS G 64 -3.23 46.38 20.49
C LYS G 64 -4.68 46.88 20.34
N ALA G 65 -4.87 48.19 20.43
CA ALA G 65 -6.20 48.80 20.30
C ALA G 65 -6.68 48.62 18.86
N ALA G 66 -5.76 48.86 17.91
CA ALA G 66 -6.05 48.73 16.49
C ALA G 66 -6.38 47.28 16.15
N ARG G 67 -5.54 46.36 16.62
CA ARG G 67 -5.73 44.94 16.39
C ARG G 67 -7.09 44.48 16.91
N ALA G 68 -7.49 44.99 18.07
CA ALA G 68 -8.76 44.64 18.66
C ALA G 68 -9.93 45.13 17.82
N ALA G 69 -9.82 46.37 17.33
CA ALA G 69 -10.87 46.96 16.50
C ALA G 69 -10.98 46.25 15.15
N PHE G 70 -9.91 45.57 14.75
CA PHE G 70 -9.85 44.86 13.48
C PHE G 70 -10.27 43.38 13.59
N GLN G 71 -10.58 42.92 14.80
CA GLN G 71 -11.00 41.54 15.00
C GLN G 71 -12.28 41.22 14.24
N LEU G 72 -12.29 40.06 13.60
CA LEU G 72 -13.44 39.60 12.84
C LEU G 72 -14.70 39.62 13.72
N GLY G 73 -15.73 40.31 13.25
CA GLY G 73 -16.97 40.39 14.00
C GLY G 73 -17.15 41.72 14.72
N SER G 74 -16.10 42.55 14.71
CA SER G 74 -16.14 43.85 15.36
C SER G 74 -16.95 44.86 14.54
N PRO G 75 -17.35 45.98 15.17
CA PRO G 75 -18.13 47.01 14.48
C PRO G 75 -17.48 47.50 13.17
N TRP G 76 -16.17 47.73 13.21
CA TRP G 76 -15.43 48.22 12.05
C TRP G 76 -15.42 47.19 10.91
N ARG G 77 -15.24 45.92 11.25
CA ARG G 77 -15.22 44.86 10.25
C ARG G 77 -16.61 44.54 9.68
N ARG G 78 -17.64 44.58 10.52
CA ARG G 78 -19.01 44.27 10.09
C ARG G 78 -19.70 45.43 9.38
N MET G 79 -19.21 46.63 9.64
CA MET G 79 -19.76 47.84 9.06
C MET G 79 -19.83 47.76 7.53
N ASP G 80 -20.95 48.21 6.97
CA ASP G 80 -21.13 48.20 5.52
C ASP G 80 -20.07 49.10 4.86
N ALA G 81 -19.57 48.67 3.71
CA ALA G 81 -18.57 49.44 2.99
C ALA G 81 -19.08 50.86 2.66
N SER G 82 -20.37 50.96 2.35
CA SER G 82 -20.96 52.25 2.03
C SER G 82 -21.01 53.15 3.27
N HIS G 83 -21.16 52.54 4.43
CA HIS G 83 -21.23 53.29 5.68
C HIS G 83 -19.88 53.92 6.00
N ARG G 84 -18.82 53.17 5.69
CA ARG G 84 -17.46 53.60 5.90
C ARG G 84 -17.28 54.91 5.13
N GLY G 85 -17.91 54.99 3.95
CA GLY G 85 -17.84 56.18 3.13
C GLY G 85 -18.61 57.30 3.77
N ARG G 86 -19.75 56.95 4.38
CA ARG G 86 -20.58 57.93 5.08
C ARG G 86 -19.75 58.60 6.19
N LEU G 87 -18.99 57.80 6.93
CA LEU G 87 -18.16 58.33 8.00
C LEU G 87 -17.03 59.24 7.48
N LEU G 88 -16.43 58.85 6.35
CA LEU G 88 -15.36 59.65 5.75
C LEU G 88 -15.94 61.00 5.32
N ASN G 89 -17.17 60.98 4.81
CA ASN G 89 -17.84 62.20 4.39
C ASN G 89 -18.17 63.07 5.62
N ARG G 90 -18.55 62.41 6.71
CA ARG G 90 -18.88 63.09 7.96
C ARG G 90 -17.63 63.80 8.51
N LEU G 91 -16.52 63.07 8.54
CA LEU G 91 -15.24 63.61 9.01
C LEU G 91 -14.89 64.84 8.19
N ALA G 92 -15.14 64.78 6.89
CA ALA G 92 -14.86 65.89 6.00
C ALA G 92 -15.73 67.09 6.36
N ASP G 93 -17.00 66.84 6.65
CA ASP G 93 -17.93 67.90 7.03
C ASP G 93 -17.51 68.56 8.34
N LEU G 94 -17.02 67.75 9.28
CA LEU G 94 -16.56 68.25 10.57
C LEU G 94 -15.29 69.08 10.40
N ILE G 95 -14.44 68.69 9.45
CA ILE G 95 -13.21 69.42 9.18
C ILE G 95 -13.54 70.74 8.48
N GLU G 96 -14.57 70.74 7.64
CA GLU G 96 -14.96 71.98 6.96
C GLU G 96 -15.56 72.95 7.97
N ARG G 97 -16.23 72.41 8.98
CA ARG G 97 -16.84 73.22 10.02
C ARG G 97 -15.76 73.97 10.79
N ASP G 98 -14.70 73.24 11.13
CA ASP G 98 -13.59 73.82 11.88
C ASP G 98 -12.45 74.23 10.95
N ARG G 99 -12.80 74.57 9.71
CA ARG G 99 -11.82 74.97 8.71
C ARG G 99 -10.97 76.17 9.14
N THR G 100 -11.64 77.26 9.48
CA THR G 100 -10.96 78.48 9.93
C THR G 100 -9.96 78.22 11.06
N TYR G 101 -10.43 77.53 12.09
CA TYR G 101 -9.59 77.19 13.23
C TYR G 101 -8.41 76.31 12.82
N LEU G 102 -8.68 75.26 12.06
CA LEU G 102 -7.63 74.34 11.62
C LEU G 102 -6.54 75.01 10.79
N ALA G 103 -6.94 75.86 9.86
CA ALA G 103 -6.02 76.58 9.00
C ALA G 103 -5.09 77.46 9.85
N ALA G 104 -5.65 78.08 10.88
CA ALA G 104 -4.89 78.95 11.79
C ALA G 104 -3.88 78.15 12.59
N LEU G 105 -4.34 77.06 13.18
CA LEU G 105 -3.50 76.18 13.99
C LEU G 105 -2.39 75.58 13.13
N GLU G 106 -2.73 75.28 11.87
CA GLU G 106 -1.77 74.71 10.92
C GLU G 106 -0.63 75.70 10.72
N THR G 107 -1.01 76.95 10.43
CA THR G 107 -0.06 78.03 10.22
C THR G 107 0.78 78.29 11.48
N LEU G 108 0.13 78.26 12.63
CA LEU G 108 0.81 78.49 13.90
C LEU G 108 1.92 77.48 14.16
N ASP G 109 1.62 76.20 13.91
CA ASP G 109 2.56 75.13 14.15
C ASP G 109 3.57 74.89 13.02
N ASN G 110 3.12 75.06 11.77
CA ASN G 110 3.96 74.83 10.59
C ASN G 110 4.74 76.07 10.14
N GLY G 111 4.03 77.19 10.00
CA GLY G 111 4.66 78.42 9.58
C GLY G 111 4.17 78.92 8.23
N LYS G 112 3.55 78.05 7.44
CA LYS G 112 3.04 78.45 6.13
C LYS G 112 1.96 79.54 6.24
N PRO G 113 1.81 80.39 5.21
CA PRO G 113 0.81 81.46 5.23
C PRO G 113 -0.60 80.96 5.50
N TYR G 114 -1.31 81.67 6.37
CA TYR G 114 -2.68 81.32 6.72
C TYR G 114 -3.58 81.20 5.50
N VAL G 115 -3.44 82.12 4.56
CA VAL G 115 -4.23 82.11 3.33
C VAL G 115 -4.07 80.78 2.59
N ILE G 116 -2.82 80.34 2.44
CA ILE G 116 -2.52 79.09 1.76
C ILE G 116 -3.08 77.90 2.54
N SER G 117 -2.94 77.93 3.86
CA SER G 117 -3.47 76.86 4.73
C SER G 117 -4.97 76.72 4.54
N TYR G 118 -5.65 77.84 4.38
CA TYR G 118 -7.10 77.84 4.20
C TYR G 118 -7.54 77.45 2.79
N LEU G 119 -7.07 78.18 1.78
CA LEU G 119 -7.44 77.94 0.40
C LEU G 119 -6.82 76.73 -0.27
N VAL G 120 -5.65 76.31 0.19
CA VAL G 120 -4.99 75.17 -0.43
C VAL G 120 -5.00 73.92 0.43
N ASP G 121 -4.28 73.96 1.54
CA ASP G 121 -4.17 72.81 2.44
C ASP G 121 -5.47 72.18 2.87
N LEU G 122 -6.34 72.97 3.47
CA LEU G 122 -7.63 72.47 3.94
C LEU G 122 -8.58 72.06 2.82
N ASP G 123 -8.51 72.74 1.68
CA ASP G 123 -9.37 72.42 0.55
C ASP G 123 -8.96 71.06 -0.01
N MET G 124 -7.66 70.83 -0.10
CA MET G 124 -7.13 69.59 -0.63
C MET G 124 -7.41 68.46 0.35
N VAL G 125 -7.47 68.78 1.64
CA VAL G 125 -7.76 67.78 2.67
C VAL G 125 -9.21 67.31 2.50
N LEU G 126 -10.11 68.26 2.32
CA LEU G 126 -11.51 67.96 2.14
C LEU G 126 -11.73 67.13 0.88
N LYS G 127 -11.12 67.56 -0.22
CA LYS G 127 -11.27 66.88 -1.49
C LYS G 127 -10.71 65.47 -1.46
N CYS G 128 -9.68 65.26 -0.65
CA CYS G 128 -9.06 63.96 -0.53
C CYS G 128 -9.95 62.99 0.23
N LEU G 129 -10.45 63.42 1.39
CA LEU G 129 -11.34 62.59 2.20
C LEU G 129 -12.64 62.26 1.49
N ARG G 130 -13.23 63.27 0.85
CA ARG G 130 -14.48 63.07 0.12
C ARG G 130 -14.31 62.18 -1.12
N TYR G 131 -13.15 62.30 -1.76
CA TYR G 131 -12.85 61.50 -2.95
C TYR G 131 -12.77 60.02 -2.56
N TYR G 132 -11.98 59.73 -1.52
CA TYR G 132 -11.85 58.36 -1.06
C TYR G 132 -13.10 57.80 -0.39
N ALA G 133 -13.97 58.70 0.06
CA ALA G 133 -15.23 58.31 0.67
C ALA G 133 -16.03 57.52 -0.38
N GLY G 134 -15.97 58.02 -1.61
CA GLY G 134 -16.66 57.40 -2.72
C GLY G 134 -16.09 56.07 -3.14
N TRP G 135 -14.84 55.78 -2.78
CA TRP G 135 -14.20 54.50 -3.13
C TRP G 135 -14.57 53.36 -2.17
N ALA G 136 -14.96 53.70 -0.94
CA ALA G 136 -15.26 52.71 0.08
C ALA G 136 -15.99 51.44 -0.39
N ASP G 137 -17.00 51.59 -1.23
CA ASP G 137 -17.75 50.44 -1.70
C ASP G 137 -17.64 50.22 -3.21
N LYS G 138 -16.50 50.55 -3.80
CA LYS G 138 -16.34 50.38 -5.24
C LYS G 138 -15.07 49.66 -5.69
N TYR G 139 -14.21 49.31 -4.75
CA TYR G 139 -12.98 48.60 -5.10
C TYR G 139 -13.29 47.09 -5.17
N HIS G 140 -13.98 46.71 -6.24
CA HIS G 140 -14.41 45.33 -6.47
C HIS G 140 -13.32 44.27 -6.59
N GLY G 141 -13.70 43.04 -6.25
CA GLY G 141 -12.82 41.90 -6.40
C GLY G 141 -13.16 41.31 -7.77
N LYS G 142 -12.59 40.16 -8.11
CA LYS G 142 -12.85 39.58 -9.42
C LYS G 142 -13.36 38.15 -9.41
N THR G 143 -14.21 37.82 -10.38
CA THR G 143 -14.69 36.45 -10.52
C THR G 143 -13.88 36.00 -11.74
N ILE G 144 -13.09 34.95 -11.56
CA ILE G 144 -12.18 34.47 -12.59
C ILE G 144 -12.56 33.18 -13.32
N PRO G 145 -12.52 33.21 -14.66
CA PRO G 145 -12.86 32.04 -15.49
C PRO G 145 -11.70 31.05 -15.55
N ILE G 146 -11.31 30.55 -14.37
CA ILE G 146 -10.21 29.60 -14.22
C ILE G 146 -10.52 28.26 -14.91
N ASP G 147 -9.46 27.53 -15.26
CA ASP G 147 -9.58 26.22 -15.90
C ASP G 147 -10.23 25.17 -15.00
N GLY G 148 -10.85 24.17 -15.62
CA GLY G 148 -11.48 23.11 -14.85
C GLY G 148 -12.83 23.47 -14.24
N ASP G 149 -13.44 22.52 -13.54
CA ASP G 149 -14.73 22.72 -12.91
C ASP G 149 -14.61 23.41 -11.57
N PHE G 150 -14.33 24.71 -11.62
CA PHE G 150 -14.16 25.50 -10.41
C PHE G 150 -14.76 26.90 -10.56
N PHE G 151 -15.06 27.49 -9.41
CA PHE G 151 -15.59 28.84 -9.32
C PHE G 151 -14.51 29.58 -8.56
N SER G 152 -13.75 30.42 -9.26
CA SER G 152 -12.69 31.15 -8.59
C SER G 152 -12.99 32.64 -8.57
N TYR G 153 -12.73 33.27 -7.44
CA TYR G 153 -12.95 34.70 -7.26
C TYR G 153 -12.00 35.26 -6.22
N THR G 154 -11.84 36.59 -6.23
CA THR G 154 -10.95 37.23 -5.27
C THR G 154 -11.70 38.17 -4.36
N ARG G 155 -11.26 38.18 -3.10
CA ARG G 155 -11.84 39.04 -2.09
C ARG G 155 -10.82 40.13 -1.79
N HIS G 156 -11.24 41.37 -1.87
CA HIS G 156 -10.35 42.49 -1.60
C HIS G 156 -10.59 42.90 -0.15
N GLU G 157 -9.78 42.34 0.73
CA GLU G 157 -9.87 42.58 2.17
C GLU G 157 -8.87 43.63 2.64
N PRO G 158 -9.07 44.17 3.85
CA PRO G 158 -8.13 45.18 4.37
C PRO G 158 -6.80 44.49 4.70
N VAL G 159 -5.69 45.20 4.50
CA VAL G 159 -4.37 44.64 4.78
C VAL G 159 -4.21 44.38 6.30
N GLY G 160 -4.90 45.17 7.12
CA GLY G 160 -4.84 45.01 8.56
C GLY G 160 -4.39 46.23 9.34
N VAL G 161 -3.48 46.01 10.30
CA VAL G 161 -2.95 47.09 11.14
C VAL G 161 -1.94 47.88 10.31
N CYS G 162 -2.31 49.11 9.97
CA CYS G 162 -1.45 49.97 9.17
C CYS G 162 -0.78 51.09 9.95
N GLY G 163 0.55 51.03 9.97
CA GLY G 163 1.30 52.07 10.65
C GLY G 163 1.60 53.15 9.64
N GLN G 164 1.26 54.40 9.98
CA GLN G 164 1.48 55.53 9.08
C GLN G 164 2.35 56.61 9.71
N ILE G 165 3.52 56.82 9.12
CA ILE G 165 4.47 57.83 9.58
C ILE G 165 4.53 58.98 8.57
N ILE G 166 4.07 60.15 9.00
CA ILE G 166 4.04 61.32 8.13
C ILE G 166 4.97 62.47 8.55
N PRO G 167 5.39 63.30 7.57
CA PRO G 167 6.27 64.46 7.75
C PRO G 167 5.54 65.70 8.28
N TRP G 168 6.27 66.82 8.29
CA TRP G 168 5.78 68.10 8.80
C TRP G 168 5.44 69.17 7.77
N ASN G 169 5.88 69.00 6.54
CA ASN G 169 5.62 69.99 5.49
C ASN G 169 4.15 70.26 5.16
N PHE G 170 3.30 69.24 5.28
CA PHE G 170 1.85 69.38 5.03
C PHE G 170 1.17 68.49 6.06
N PRO G 171 1.16 68.93 7.33
CA PRO G 171 0.56 68.19 8.44
C PRO G 171 -0.82 67.59 8.18
N LEU G 172 -1.80 68.45 7.93
CA LEU G 172 -3.16 68.02 7.66
C LEU G 172 -3.32 67.20 6.38
N LEU G 173 -2.76 67.71 5.29
CA LEU G 173 -2.86 67.02 4.01
C LEU G 173 -2.23 65.63 4.06
N MET G 174 -1.04 65.52 4.64
CA MET G 174 -0.37 64.23 4.75
C MET G 174 -1.22 63.24 5.52
N GLN G 175 -1.91 63.72 6.55
CA GLN G 175 -2.78 62.88 7.38
C GLN G 175 -3.96 62.38 6.57
N ALA G 176 -4.50 63.26 5.71
CA ALA G 176 -5.63 62.92 4.84
C ALA G 176 -5.22 61.91 3.77
N TRP G 177 -4.07 62.14 3.14
CA TRP G 177 -3.56 61.23 2.11
C TRP G 177 -3.37 59.82 2.65
N LYS G 178 -3.16 59.70 3.95
CA LYS G 178 -2.98 58.41 4.59
C LYS G 178 -4.28 57.80 5.08
N LEU G 179 -5.07 58.58 5.80
CA LEU G 179 -6.35 58.11 6.34
C LEU G 179 -7.40 57.77 5.27
N GLY G 180 -7.53 58.63 4.27
CA GLY G 180 -8.51 58.41 3.22
C GLY G 180 -8.53 57.02 2.63
N PRO G 181 -7.43 56.57 2.00
CA PRO G 181 -7.39 55.23 1.40
C PRO G 181 -7.45 54.09 2.42
N ALA G 182 -6.74 54.25 3.54
CA ALA G 182 -6.72 53.23 4.57
C ALA G 182 -8.10 52.99 5.17
N LEU G 183 -8.81 54.06 5.54
CA LEU G 183 -10.14 53.91 6.14
C LEU G 183 -11.18 53.49 5.12
N ALA G 184 -11.01 53.93 3.88
CA ALA G 184 -11.93 53.56 2.81
C ALA G 184 -11.92 52.05 2.56
N THR G 185 -10.75 51.45 2.69
CA THR G 185 -10.61 50.01 2.49
C THR G 185 -10.87 49.16 3.75
N GLY G 186 -11.25 49.80 4.85
CA GLY G 186 -11.55 49.08 6.08
C GLY G 186 -10.39 48.70 7.01
N ASN G 187 -9.26 49.38 6.86
CA ASN G 187 -8.10 49.11 7.69
C ASN G 187 -8.15 49.84 9.03
N VAL G 188 -7.15 49.58 9.86
CA VAL G 188 -7.01 50.22 11.17
C VAL G 188 -5.68 50.94 11.09
N VAL G 189 -5.58 52.09 11.75
CA VAL G 189 -4.37 52.90 11.70
C VAL G 189 -3.73 53.32 13.04
N VAL G 190 -2.39 53.31 13.03
CA VAL G 190 -1.58 53.74 14.15
C VAL G 190 -0.66 54.76 13.48
N MET G 191 -1.04 56.02 13.60
CA MET G 191 -0.32 57.13 12.98
C MET G 191 0.71 57.79 13.89
N LYS G 192 1.87 58.09 13.32
CA LYS G 192 2.96 58.74 14.05
C LYS G 192 3.23 60.04 13.30
N VAL G 193 2.66 61.15 13.80
CA VAL G 193 2.86 62.46 13.19
C VAL G 193 4.22 63.04 13.57
N ALA G 194 4.69 64.00 12.77
CA ALA G 194 5.99 64.65 12.98
C ALA G 194 6.01 65.46 14.27
N GLU G 195 7.13 65.39 14.98
CA GLU G 195 7.28 66.10 16.25
C GLU G 195 7.21 67.61 16.07
N GLN G 196 7.52 68.08 14.85
CA GLN G 196 7.51 69.49 14.54
C GLN G 196 6.08 70.04 14.36
N THR G 197 5.15 69.19 13.96
CA THR G 197 3.77 69.63 13.74
C THR G 197 2.76 68.57 14.14
N PRO G 198 2.58 68.35 15.46
CA PRO G 198 1.63 67.35 15.94
C PRO G 198 0.22 67.86 16.26
N LEU G 199 0.09 69.18 16.46
CA LEU G 199 -1.18 69.78 16.84
C LEU G 199 -2.41 69.55 15.98
N THR G 200 -2.37 69.95 14.71
CA THR G 200 -3.53 69.79 13.83
C THR G 200 -4.05 68.35 13.70
N ALA G 201 -3.12 67.41 13.56
CA ALA G 201 -3.47 65.99 13.45
C ALA G 201 -4.21 65.52 14.69
N LEU G 202 -3.74 65.94 15.86
CA LEU G 202 -4.35 65.52 17.13
C LEU G 202 -5.77 66.08 17.27
N TYR G 203 -6.01 67.26 16.70
CA TYR G 203 -7.33 67.82 16.78
C TYR G 203 -8.27 67.04 15.84
N VAL G 204 -7.74 66.61 14.70
CA VAL G 204 -8.51 65.86 13.73
C VAL G 204 -8.97 64.55 14.34
N ALA G 205 -8.16 64.02 15.24
CA ALA G 205 -8.48 62.79 15.94
C ALA G 205 -9.76 62.98 16.74
N ASN G 206 -9.93 64.19 17.28
CA ASN G 206 -11.10 64.54 18.06
C ASN G 206 -12.32 64.51 17.16
N LEU G 207 -12.14 64.98 15.92
CA LEU G 207 -13.21 65.00 14.95
C LEU G 207 -13.51 63.60 14.44
N ILE G 208 -12.47 62.75 14.41
CA ILE G 208 -12.62 61.36 13.98
C ILE G 208 -13.57 60.64 14.96
N LYS G 209 -13.41 60.97 16.24
CA LYS G 209 -14.24 60.40 17.31
C LYS G 209 -15.65 60.93 17.17
N GLU G 210 -15.78 62.24 16.96
CA GLU G 210 -17.08 62.88 16.82
C GLU G 210 -17.83 62.39 15.57
N ALA G 211 -17.05 61.99 14.56
CA ALA G 211 -17.60 61.49 13.30
C ALA G 211 -18.33 60.16 13.48
N GLY G 212 -17.93 59.40 14.49
CA GLY G 212 -18.57 58.13 14.76
C GLY G 212 -17.69 56.92 14.55
N PHE G 213 -16.44 57.16 14.16
CA PHE G 213 -15.51 56.05 13.94
C PHE G 213 -15.32 55.24 15.20
N PRO G 214 -15.40 53.90 15.07
CA PRO G 214 -15.23 52.99 16.20
C PRO G 214 -13.87 53.15 16.89
N PRO G 215 -13.84 52.92 18.21
CA PRO G 215 -12.61 53.03 18.98
C PRO G 215 -11.54 52.07 18.49
N GLY G 216 -10.33 52.59 18.32
CA GLY G 216 -9.22 51.76 17.86
C GLY G 216 -8.97 51.77 16.37
N VAL G 217 -9.94 52.29 15.59
CA VAL G 217 -9.81 52.34 14.14
C VAL G 217 -8.69 53.29 13.73
N VAL G 218 -8.60 54.41 14.44
CA VAL G 218 -7.55 55.38 14.19
C VAL G 218 -6.88 55.76 15.50
N ASN G 219 -5.57 55.54 15.56
CA ASN G 219 -4.79 55.85 16.75
C ASN G 219 -3.62 56.73 16.34
N ILE G 220 -3.42 57.83 17.07
CA ILE G 220 -2.33 58.74 16.77
C ILE G 220 -1.39 58.87 17.97
N VAL G 221 -0.12 58.59 17.70
CA VAL G 221 0.92 58.66 18.71
C VAL G 221 1.96 59.71 18.35
N PRO G 222 1.89 60.90 18.97
CA PRO G 222 2.84 61.97 18.72
C PRO G 222 4.18 61.64 19.39
N GLY G 223 5.29 62.03 18.77
CA GLY G 223 6.59 61.74 19.35
C GLY G 223 7.72 61.82 18.34
N PHE G 224 8.89 61.34 18.72
CA PHE G 224 10.07 61.37 17.85
C PHE G 224 10.14 60.15 16.94
N GLY G 225 11.02 60.24 15.94
CA GLY G 225 11.17 59.18 14.97
C GLY G 225 11.86 57.91 15.45
N PRO G 226 13.12 58.01 15.92
CA PRO G 226 13.91 56.87 16.41
C PRO G 226 13.20 56.08 17.52
N THR G 227 12.23 56.72 18.16
CA THR G 227 11.47 56.10 19.25
C THR G 227 10.13 55.55 18.79
N ALA G 228 9.13 56.42 18.68
CA ALA G 228 7.78 56.05 18.27
C ALA G 228 7.73 55.50 16.84
N GLY G 229 8.39 56.19 15.93
CA GLY G 229 8.42 55.77 14.54
C GLY G 229 9.02 54.41 14.34
N ALA G 230 10.23 54.20 14.84
CA ALA G 230 10.91 52.92 14.71
C ALA G 230 10.15 51.78 15.38
N ALA G 231 9.39 52.11 16.42
CA ALA G 231 8.60 51.12 17.16
C ALA G 231 7.55 50.52 16.23
N ILE G 232 6.89 51.39 15.47
CA ILE G 232 5.86 50.95 14.53
C ILE G 232 6.48 50.15 13.39
N ALA G 233 7.61 50.65 12.88
CA ALA G 233 8.33 50.02 11.77
C ALA G 233 8.82 48.59 12.05
N SER G 234 9.17 48.33 13.31
CA SER G 234 9.68 47.01 13.70
C SER G 234 8.65 46.19 14.44
N HIS G 235 7.49 46.77 14.74
CA HIS G 235 6.45 46.07 15.48
C HIS G 235 6.06 44.74 14.85
N GLU G 236 5.96 43.71 15.67
CA GLU G 236 5.62 42.36 15.20
C GLU G 236 4.15 42.18 14.78
N ASP G 237 3.28 43.11 15.18
CA ASP G 237 1.86 43.01 14.85
C ASP G 237 1.36 44.04 13.85
N VAL G 238 2.25 44.86 13.32
CA VAL G 238 1.89 45.86 12.31
C VAL G 238 1.98 45.18 10.94
N ASP G 239 0.84 45.08 10.26
CA ASP G 239 0.75 44.44 8.96
C ASP G 239 1.34 45.21 7.78
N LYS G 240 1.21 46.53 7.84
CA LYS G 240 1.70 47.37 6.74
C LYS G 240 2.17 48.72 7.25
N VAL G 241 3.16 49.28 6.58
CA VAL G 241 3.69 50.58 6.94
C VAL G 241 3.82 51.52 5.73
N ALA G 242 3.32 52.73 5.90
CA ALA G 242 3.38 53.76 4.89
C ALA G 242 4.18 54.91 5.49
N PHE G 243 5.23 55.32 4.78
CA PHE G 243 6.11 56.39 5.24
C PHE G 243 6.33 57.46 4.19
N THR G 244 6.46 58.70 4.65
CA THR G 244 6.73 59.87 3.81
C THR G 244 7.74 60.73 4.55
N GLY G 245 8.90 60.94 3.95
CA GLY G 245 9.94 61.75 4.58
C GLY G 245 11.24 61.68 3.81
N SER G 246 12.36 61.56 4.53
CA SER G 246 13.68 61.51 3.90
C SER G 246 14.02 60.13 3.37
N THR G 247 14.90 60.09 2.37
CA THR G 247 15.34 58.83 1.79
C THR G 247 16.11 58.02 2.83
N GLU G 248 16.84 58.72 3.69
CA GLU G 248 17.63 58.11 4.76
C GLU G 248 16.74 57.25 5.66
N ILE G 249 15.66 57.84 6.17
CA ILE G 249 14.73 57.12 7.04
C ILE G 249 13.96 56.05 6.26
N GLY G 250 13.74 56.30 4.98
CA GLY G 250 13.04 55.35 4.13
C GLY G 250 13.78 54.02 4.15
N ARG G 251 15.11 54.09 4.16
CA ARG G 251 15.95 52.91 4.21
C ARG G 251 15.75 52.20 5.55
N VAL G 252 15.78 52.98 6.63
CA VAL G 252 15.61 52.45 7.98
C VAL G 252 14.28 51.71 8.10
N ILE G 253 13.22 52.31 7.58
CA ILE G 253 11.89 51.74 7.64
C ILE G 253 11.84 50.38 6.91
N GLN G 254 12.34 50.36 5.68
CA GLN G 254 12.35 49.13 4.88
C GLN G 254 13.18 48.03 5.53
N VAL G 255 14.33 48.43 6.10
CA VAL G 255 15.22 47.49 6.77
C VAL G 255 14.53 46.95 8.04
N ALA G 256 13.83 47.83 8.75
CA ALA G 256 13.11 47.48 9.97
C ALA G 256 11.97 46.50 9.65
N ALA G 257 11.31 46.70 8.52
CA ALA G 257 10.21 45.85 8.10
C ALA G 257 10.71 44.45 7.74
N GLY G 258 11.88 44.40 7.10
CA GLY G 258 12.45 43.12 6.70
C GLY G 258 13.02 42.31 7.85
N SER G 259 13.51 43.00 8.88
CA SER G 259 14.07 42.35 10.06
C SER G 259 13.00 41.94 11.07
N SER G 260 11.81 42.52 10.94
CA SER G 260 10.71 42.23 11.84
C SER G 260 9.77 41.13 11.36
N ASN G 261 8.58 41.53 10.87
CA ASN G 261 7.60 40.57 10.40
C ASN G 261 7.31 40.60 8.90
N LEU G 262 8.22 41.19 8.13
CA LEU G 262 8.07 41.31 6.67
C LEU G 262 6.77 42.03 6.28
N LYS G 263 6.42 43.06 7.05
CA LYS G 263 5.23 43.85 6.78
C LYS G 263 5.34 44.58 5.43
N ARG G 264 4.20 44.78 4.77
CA ARG G 264 4.19 45.47 3.48
C ARG G 264 4.65 46.91 3.65
N VAL G 265 5.45 47.40 2.70
CA VAL G 265 6.00 48.75 2.79
C VAL G 265 5.85 49.60 1.52
N THR G 266 5.42 50.85 1.71
CA THR G 266 5.30 51.81 0.62
C THR G 266 5.97 53.09 1.12
N LEU G 267 6.75 53.73 0.25
CA LEU G 267 7.48 54.92 0.62
C LEU G 267 7.30 56.09 -0.34
N GLU G 268 7.32 57.29 0.22
CA GLU G 268 7.22 58.53 -0.54
C GLU G 268 8.35 59.40 0.04
N LEU G 269 9.48 59.41 -0.66
CA LEU G 269 10.65 60.15 -0.22
C LEU G 269 10.84 61.50 -0.89
N GLY G 270 12.05 62.02 -0.83
CA GLY G 270 12.33 63.32 -1.43
C GLY G 270 12.47 63.29 -2.94
N GLY G 271 13.11 64.33 -3.46
CA GLY G 271 13.30 64.43 -4.90
C GLY G 271 14.14 65.63 -5.30
N LYS G 272 14.53 65.65 -6.57
CA LYS G 272 15.32 66.73 -7.13
C LYS G 272 14.72 66.94 -8.53
N SER G 273 13.40 67.11 -8.51
CA SER G 273 12.56 67.27 -9.69
C SER G 273 12.98 68.34 -10.68
N PRO G 274 13.18 67.94 -11.95
CA PRO G 274 13.58 68.85 -13.02
C PRO G 274 12.41 69.57 -13.69
N ASN G 275 12.58 70.86 -13.97
CA ASN G 275 11.55 71.68 -14.60
C ASN G 275 12.15 72.23 -15.91
N ILE G 276 11.84 71.55 -17.00
CA ILE G 276 12.37 71.85 -18.34
C ILE G 276 11.57 72.91 -19.07
N ILE G 277 12.24 74.01 -19.39
CA ILE G 277 11.63 75.13 -20.08
C ILE G 277 12.21 75.18 -21.48
N MET G 278 11.41 74.80 -22.47
CA MET G 278 11.85 74.81 -23.86
C MET G 278 11.80 76.25 -24.41
N SER G 279 12.56 76.52 -25.47
CA SER G 279 12.60 77.87 -26.04
C SER G 279 11.27 78.41 -26.57
N ASP G 280 10.38 77.51 -26.95
CA ASP G 280 9.08 77.92 -27.48
C ASP G 280 7.98 78.05 -26.41
N ALA G 281 8.38 77.98 -25.14
CA ALA G 281 7.44 78.10 -24.03
C ALA G 281 6.92 79.52 -23.86
N ASP G 282 5.78 79.64 -23.18
CA ASP G 282 5.23 80.96 -22.92
C ASP G 282 6.05 81.52 -21.76
N MET G 283 6.92 82.49 -22.06
CA MET G 283 7.81 83.11 -21.09
C MET G 283 7.13 83.51 -19.77
N ASP G 284 6.14 84.39 -19.85
CA ASP G 284 5.43 84.84 -18.65
C ASP G 284 4.95 83.69 -17.77
N TRP G 285 4.26 82.74 -18.39
CA TRP G 285 3.70 81.58 -17.70
C TRP G 285 4.80 80.72 -17.09
N ALA G 286 5.76 80.35 -17.93
CA ALA G 286 6.87 79.52 -17.48
C ALA G 286 7.61 80.11 -16.28
N VAL G 287 7.92 81.40 -16.35
CA VAL G 287 8.62 82.08 -15.26
C VAL G 287 7.84 82.05 -13.95
N GLU G 288 6.55 82.39 -14.03
CA GLU G 288 5.69 82.40 -12.84
C GLU G 288 5.52 80.99 -12.26
N GLN G 289 5.38 80.00 -13.14
CA GLN G 289 5.21 78.61 -12.72
C GLN G 289 6.49 78.02 -12.15
N ALA G 290 7.63 78.38 -12.74
CA ALA G 290 8.92 77.87 -12.27
C ALA G 290 9.18 78.40 -10.87
N HIS G 291 8.74 79.64 -10.63
CA HIS G 291 8.89 80.29 -9.34
C HIS G 291 8.06 79.54 -8.31
N PHE G 292 6.81 79.32 -8.65
CA PHE G 292 5.89 78.60 -7.77
C PHE G 292 6.39 77.17 -7.56
N ALA G 293 6.85 76.55 -8.65
CA ALA G 293 7.37 75.18 -8.64
C ALA G 293 8.39 74.93 -7.54
N LEU G 294 9.25 75.93 -7.32
CA LEU G 294 10.30 75.83 -6.32
C LEU G 294 9.99 76.43 -4.96
N PHE G 295 9.53 77.68 -4.95
CA PHE G 295 9.25 78.40 -3.71
C PHE G 295 7.98 78.03 -2.94
N PHE G 296 7.12 77.19 -3.53
CA PHE G 296 5.88 76.82 -2.85
C PHE G 296 6.11 76.17 -1.48
N ASN G 297 5.32 76.61 -0.50
CA ASN G 297 5.39 76.08 0.86
C ASN G 297 6.80 76.20 1.44
N GLN G 298 7.39 77.39 1.28
CA GLN G 298 8.74 77.67 1.75
C GLN G 298 9.76 76.71 1.13
N GLY G 299 9.45 76.24 -0.08
CA GLY G 299 10.33 75.31 -0.78
C GLY G 299 10.38 73.93 -0.15
N GLN G 300 9.51 73.74 0.85
CA GLN G 300 9.44 72.49 1.60
C GLN G 300 8.42 71.54 0.97
N CYS G 301 8.66 71.24 -0.30
CA CYS G 301 7.78 70.36 -1.03
C CYS G 301 8.61 69.25 -1.65
N CYS G 302 8.15 68.02 -1.45
CA CYS G 302 8.81 66.82 -1.95
C CYS G 302 9.10 66.84 -3.45
N CYS G 303 8.14 67.35 -4.23
CA CYS G 303 8.24 67.41 -5.68
C CYS G 303 8.67 68.77 -6.20
N ALA G 304 9.23 69.59 -5.33
CA ALA G 304 9.70 70.91 -5.71
C ALA G 304 10.63 70.87 -6.93
N GLY G 305 10.44 71.84 -7.83
CA GLY G 305 11.26 71.91 -9.04
C GLY G 305 12.60 72.53 -8.72
N SER G 306 13.45 71.77 -8.04
CA SER G 306 14.77 72.23 -7.63
C SER G 306 15.85 72.28 -8.72
N ARG G 307 15.49 71.91 -9.95
CA ARG G 307 16.41 71.96 -11.08
C ARG G 307 15.71 72.58 -12.29
N THR G 308 15.80 73.91 -12.40
CA THR G 308 15.17 74.66 -13.48
C THR G 308 16.06 74.67 -14.71
N PHE G 309 15.74 73.79 -15.65
CA PHE G 309 16.49 73.68 -16.91
C PHE G 309 15.88 74.64 -17.92
N VAL G 310 16.69 75.55 -18.46
CA VAL G 310 16.22 76.52 -19.43
C VAL G 310 17.07 76.51 -20.69
N GLN G 311 16.42 76.50 -21.84
CA GLN G 311 17.12 76.49 -23.14
C GLN G 311 17.89 77.80 -23.31
N GLU G 312 19.13 77.68 -23.80
CA GLU G 312 20.03 78.82 -23.99
C GLU G 312 19.49 80.07 -24.69
N ASP G 313 18.65 79.86 -25.69
CA ASP G 313 18.07 80.98 -26.43
C ASP G 313 17.19 81.90 -25.59
N ILE G 314 16.68 81.39 -24.47
CA ILE G 314 15.82 82.19 -23.59
C ILE G 314 16.34 82.24 -22.17
N TYR G 315 17.51 81.67 -21.95
CA TYR G 315 18.15 81.62 -20.64
C TYR G 315 18.27 82.97 -19.94
N ASP G 316 18.91 83.92 -20.61
CA ASP G 316 19.11 85.25 -20.04
C ASP G 316 17.82 85.96 -19.62
N GLU G 317 16.84 86.03 -20.52
CA GLU G 317 15.57 86.68 -20.19
C GLU G 317 14.86 85.99 -19.03
N PHE G 318 14.86 84.66 -19.03
CA PHE G 318 14.21 83.86 -17.99
C PHE G 318 14.85 84.14 -16.63
N VAL G 319 16.18 84.17 -16.60
CA VAL G 319 16.91 84.43 -15.37
C VAL G 319 16.54 85.80 -14.81
N GLU G 320 16.54 86.81 -15.68
CA GLU G 320 16.20 88.17 -15.28
C GLU G 320 14.83 88.23 -14.62
N ARG G 321 13.84 87.69 -15.30
CA ARG G 321 12.46 87.68 -14.82
C ARG G 321 12.31 86.88 -13.52
N SER G 322 13.04 85.77 -13.44
CA SER G 322 13.00 84.92 -12.25
C SER G 322 13.59 85.61 -11.03
N VAL G 323 14.70 86.34 -11.24
CA VAL G 323 15.35 87.06 -10.16
C VAL G 323 14.45 88.19 -9.66
N ALA G 324 13.77 88.87 -10.58
CA ALA G 324 12.87 89.96 -10.22
C ALA G 324 11.71 89.41 -9.37
N ARG G 325 11.15 88.28 -9.81
CA ARG G 325 10.03 87.64 -9.13
C ARG G 325 10.41 87.23 -7.72
N ALA G 326 11.60 86.63 -7.58
CA ALA G 326 12.11 86.19 -6.29
C ALA G 326 12.33 87.38 -5.35
N LYS G 327 12.83 88.49 -5.88
CA LYS G 327 13.07 89.68 -5.09
C LYS G 327 11.78 90.32 -4.58
N SER G 328 10.70 90.18 -5.36
CA SER G 328 9.41 90.75 -5.00
C SER G 328 8.59 89.81 -4.09
N ARG G 329 9.06 88.58 -3.91
CA ARG G 329 8.36 87.61 -3.08
C ARG G 329 8.35 88.06 -1.62
N VAL G 330 7.18 88.48 -1.13
CA VAL G 330 7.04 88.99 0.25
C VAL G 330 7.26 87.93 1.32
N VAL G 331 8.20 88.18 2.22
CA VAL G 331 8.49 87.27 3.32
C VAL G 331 8.11 87.96 4.63
N GLY G 332 7.41 87.26 5.51
CA GLY G 332 7.03 87.86 6.77
C GLY G 332 6.07 87.01 7.59
N ASN G 333 5.33 87.68 8.47
CA ASN G 333 4.36 87.01 9.34
C ASN G 333 3.33 86.28 8.49
N PRO G 334 3.23 84.95 8.64
CA PRO G 334 2.29 84.11 7.89
C PRO G 334 0.81 84.46 8.05
N PHE G 335 0.48 85.15 9.13
CA PHE G 335 -0.92 85.54 9.36
C PHE G 335 -1.30 86.83 8.64
N ASP G 336 -0.31 87.44 7.99
CA ASP G 336 -0.51 88.67 7.24
C ASP G 336 -0.92 88.28 5.82
N SER G 337 -2.03 88.84 5.35
CA SER G 337 -2.55 88.54 4.02
C SER G 337 -1.60 88.82 2.85
N LYS G 338 -0.66 89.71 3.04
CA LYS G 338 0.29 90.05 1.98
C LYS G 338 1.52 89.14 1.94
N THR G 339 1.70 88.31 2.97
CA THR G 339 2.84 87.40 3.03
C THR G 339 2.72 86.23 2.03
N GLU G 340 3.76 86.05 1.24
CA GLU G 340 3.81 84.97 0.27
C GLU G 340 4.60 83.80 0.86
N GLN G 341 5.66 84.13 1.61
CA GLN G 341 6.53 83.12 2.20
C GLN G 341 6.67 83.27 3.71
N GLY G 342 6.37 82.19 4.42
CA GLY G 342 6.51 82.20 5.87
C GLY G 342 7.87 81.67 6.26
N PRO G 343 8.06 81.29 7.54
CA PRO G 343 9.33 80.76 8.02
C PRO G 343 9.47 79.27 7.73
N GLN G 344 10.69 78.76 7.87
CA GLN G 344 10.94 77.34 7.68
C GLN G 344 10.40 76.64 8.93
N VAL G 345 10.14 75.35 8.83
CA VAL G 345 9.55 74.60 9.94
C VAL G 345 10.26 74.67 11.30
N ASP G 346 11.59 74.62 11.29
CA ASP G 346 12.35 74.68 12.53
C ASP G 346 13.81 75.09 12.37
N GLU G 347 14.53 75.14 13.49
CA GLU G 347 15.93 75.52 13.53
C GLU G 347 16.82 74.59 12.70
N THR G 348 16.62 73.28 12.86
CA THR G 348 17.39 72.29 12.13
C THR G 348 17.35 72.56 10.63
N GLN G 349 16.14 72.70 10.10
CA GLN G 349 15.94 72.96 8.68
C GLN G 349 16.52 74.30 8.29
N PHE G 350 16.37 75.27 9.18
CA PHE G 350 16.88 76.62 8.98
C PHE G 350 18.39 76.58 8.71
N LYS G 351 19.11 75.93 9.61
CA LYS G 351 20.57 75.81 9.52
C LYS G 351 20.99 74.99 8.30
N LYS G 352 20.25 73.93 8.02
CA LYS G 352 20.57 73.05 6.90
C LYS G 352 20.48 73.79 5.56
N ILE G 353 19.47 74.64 5.42
CA ILE G 353 19.26 75.42 4.21
C ILE G 353 20.39 76.44 4.03
N LEU G 354 20.71 77.13 5.12
CA LEU G 354 21.78 78.13 5.11
C LEU G 354 23.09 77.45 4.75
N GLY G 355 23.24 76.20 5.20
CA GLY G 355 24.42 75.43 4.90
C GLY G 355 24.54 75.16 3.41
N TYR G 356 23.42 74.79 2.76
CA TYR G 356 23.39 74.53 1.33
C TYR G 356 23.69 75.80 0.54
N ILE G 357 23.20 76.92 1.04
CA ILE G 357 23.43 78.21 0.38
C ILE G 357 24.94 78.50 0.39
N ASN G 358 25.56 78.23 1.54
CA ASN G 358 27.00 78.42 1.71
C ASN G 358 27.77 77.51 0.73
N THR G 359 27.28 76.27 0.58
CA THR G 359 27.87 75.27 -0.32
C THR G 359 27.73 75.71 -1.77
N GLY G 360 26.59 76.31 -2.10
CA GLY G 360 26.36 76.79 -3.46
C GLY G 360 27.36 77.87 -3.84
N LYS G 361 27.64 78.75 -2.88
CA LYS G 361 28.59 79.85 -3.08
C LYS G 361 30.00 79.31 -3.23
N GLN G 362 30.34 78.33 -2.39
CA GLN G 362 31.66 77.69 -2.38
C GLN G 362 31.99 76.96 -3.68
N GLU G 363 31.01 76.25 -4.22
CA GLU G 363 31.18 75.47 -5.44
C GLU G 363 31.10 76.20 -6.77
N GLY G 364 31.06 77.53 -6.73
CA GLY G 364 31.02 78.31 -7.95
C GLY G 364 29.68 78.68 -8.57
N ALA G 365 28.59 78.42 -7.87
CA ALA G 365 27.27 78.78 -8.38
C ALA G 365 27.08 80.28 -8.18
N LYS G 366 26.59 80.94 -9.21
CA LYS G 366 26.38 82.39 -9.18
C LYS G 366 25.14 82.82 -8.39
N LEU G 367 25.37 83.51 -7.28
CA LEU G 367 24.29 84.01 -6.43
C LEU G 367 23.67 85.25 -7.10
N LEU G 368 22.41 85.14 -7.50
CA LEU G 368 21.73 86.25 -8.16
C LEU G 368 20.89 87.13 -7.25
N CYS G 369 20.43 86.58 -6.12
CA CYS G 369 19.64 87.34 -5.16
C CYS G 369 19.47 86.55 -3.88
N GLY G 370 19.21 87.25 -2.79
CA GLY G 370 19.02 86.61 -1.50
C GLY G 370 20.27 85.94 -1.00
N GLY G 371 20.09 84.82 -0.31
CA GLY G 371 21.22 84.07 0.21
C GLY G 371 21.46 84.19 1.70
N GLY G 372 20.60 84.94 2.39
CA GLY G 372 20.77 85.12 3.82
C GLY G 372 19.48 85.15 4.62
N ILE G 373 19.63 85.34 5.92
CA ILE G 373 18.51 85.41 6.86
C ILE G 373 17.61 86.59 6.48
N ALA G 374 16.30 86.37 6.50
CA ALA G 374 15.34 87.41 6.15
C ALA G 374 14.74 88.16 7.33
N ALA G 375 14.97 87.65 8.54
CA ALA G 375 14.43 88.29 9.74
C ALA G 375 15.24 87.99 10.99
N ASP G 376 15.19 88.90 11.96
CA ASP G 376 15.92 88.77 13.21
C ASP G 376 15.37 87.61 14.05
N ARG G 377 14.05 87.56 14.21
CA ARG G 377 13.44 86.48 14.98
C ARG G 377 12.61 85.55 14.10
N GLY G 378 12.70 84.27 14.39
CA GLY G 378 12.00 83.26 13.61
C GLY G 378 12.99 82.60 12.68
N TYR G 379 12.52 81.66 11.87
CA TYR G 379 13.38 80.95 10.94
C TYR G 379 13.10 81.34 9.50
N PHE G 380 13.27 82.62 9.19
CA PHE G 380 13.01 83.15 7.85
C PHE G 380 14.26 83.22 6.97
N ILE G 381 14.12 82.81 5.72
CA ILE G 381 15.23 82.84 4.78
C ILE G 381 14.81 83.55 3.50
N GLN G 382 15.66 84.42 3.00
CA GLN G 382 15.37 85.18 1.80
C GLN G 382 15.32 84.30 0.57
N PRO G 383 14.40 84.61 -0.39
CA PRO G 383 14.25 83.83 -1.63
C PRO G 383 15.57 83.89 -2.39
N THR G 384 16.27 82.78 -2.42
CA THR G 384 17.57 82.69 -3.07
C THR G 384 17.51 82.04 -4.44
N VAL G 385 18.26 82.61 -5.38
CA VAL G 385 18.32 82.08 -6.73
C VAL G 385 19.76 81.93 -7.18
N PHE G 386 20.11 80.73 -7.62
CA PHE G 386 21.47 80.44 -8.10
C PHE G 386 21.43 80.26 -9.63
N GLY G 387 22.35 80.94 -10.31
CA GLY G 387 22.42 80.84 -11.77
C GLY G 387 23.62 80.03 -12.21
N ASP G 388 23.68 79.70 -13.50
CA ASP G 388 24.78 78.92 -14.08
C ASP G 388 25.15 77.69 -13.26
N VAL G 389 24.12 76.99 -12.79
CA VAL G 389 24.30 75.79 -11.99
C VAL G 389 24.72 74.60 -12.87
N GLN G 390 25.66 73.81 -12.37
CA GLN G 390 26.17 72.66 -13.08
C GLN G 390 25.65 71.39 -12.41
N ASP G 391 25.41 70.35 -13.20
CA ASP G 391 24.91 69.08 -12.70
C ASP G 391 25.72 68.51 -11.54
N GLY G 392 27.03 68.68 -11.60
CA GLY G 392 27.88 68.15 -10.55
C GLY G 392 27.84 68.88 -9.22
N MET G 393 27.28 70.09 -9.20
CA MET G 393 27.21 70.84 -7.96
C MET G 393 26.25 70.22 -6.96
N THR G 394 26.61 70.34 -5.68
CA THR G 394 25.81 69.79 -4.60
C THR G 394 24.39 70.31 -4.60
N ILE G 395 24.24 71.61 -4.81
CA ILE G 395 22.91 72.22 -4.83
C ILE G 395 22.07 71.75 -6.02
N ALA G 396 22.70 71.02 -6.94
CA ALA G 396 22.00 70.49 -8.10
C ALA G 396 21.74 68.99 -7.94
N LYS G 397 22.27 68.40 -6.87
CA LYS G 397 22.09 66.98 -6.62
C LYS G 397 21.29 66.64 -5.38
N GLU G 398 21.54 67.38 -4.30
CA GLU G 398 20.86 67.15 -3.03
C GLU G 398 19.62 68.00 -2.81
N GLU G 399 18.62 67.42 -2.16
CA GLU G 399 17.38 68.13 -1.86
C GLU G 399 17.60 69.14 -0.75
N ILE G 400 17.39 70.41 -1.07
CA ILE G 400 17.59 71.52 -0.14
C ILE G 400 16.40 71.71 0.80
N PHE G 401 15.19 71.58 0.24
CA PHE G 401 13.96 71.74 1.00
C PHE G 401 13.80 73.14 1.58
N GLY G 402 14.22 74.12 0.80
CA GLY G 402 14.12 75.51 1.20
C GLY G 402 13.95 76.42 0.01
N PRO G 403 13.83 77.74 0.24
CA PRO G 403 13.66 78.73 -0.83
C PRO G 403 14.95 79.02 -1.61
N VAL G 404 15.50 77.97 -2.22
CA VAL G 404 16.75 78.11 -2.99
C VAL G 404 16.55 77.54 -4.39
N MET G 405 16.51 78.43 -5.38
CA MET G 405 16.31 78.07 -6.79
C MET G 405 17.60 77.84 -7.56
N GLN G 406 17.62 76.79 -8.37
CA GLN G 406 18.78 76.45 -9.19
C GLN G 406 18.40 76.56 -10.67
N ILE G 407 19.09 77.42 -11.41
CA ILE G 407 18.82 77.57 -12.84
C ILE G 407 19.99 77.03 -13.66
N LEU G 408 19.70 76.03 -14.51
CA LEU G 408 20.70 75.40 -15.36
C LEU G 408 20.37 75.65 -16.83
N LYS G 409 21.41 75.76 -17.65
CA LYS G 409 21.27 76.02 -19.08
C LYS G 409 21.47 74.76 -19.90
N PHE G 410 20.65 74.60 -20.94
CA PHE G 410 20.78 73.44 -21.84
C PHE G 410 20.60 73.85 -23.29
N LYS G 411 21.06 72.99 -24.20
CA LYS G 411 20.94 73.28 -25.63
C LYS G 411 19.89 72.45 -26.38
N THR G 412 20.07 71.14 -26.41
CA THR G 412 19.16 70.25 -27.12
C THR G 412 18.23 69.46 -26.20
N ILE G 413 17.10 69.02 -26.78
CA ILE G 413 16.09 68.26 -26.03
C ILE G 413 16.63 66.89 -25.62
N GLU G 414 17.44 66.29 -26.48
CA GLU G 414 18.03 64.99 -26.17
C GLU G 414 18.98 65.16 -24.99
N GLU G 415 19.67 66.29 -24.94
CA GLU G 415 20.60 66.61 -23.86
C GLU G 415 19.89 66.74 -22.51
N VAL G 416 18.84 67.55 -22.46
CA VAL G 416 18.12 67.78 -21.22
C VAL G 416 17.46 66.51 -20.67
N VAL G 417 17.03 65.62 -21.56
CA VAL G 417 16.43 64.36 -21.12
C VAL G 417 17.46 63.56 -20.31
N GLY G 418 18.66 63.43 -20.87
CA GLY G 418 19.73 62.70 -20.19
C GLY G 418 20.14 63.35 -18.88
N ARG G 419 20.21 64.68 -18.88
CA ARG G 419 20.59 65.41 -17.68
C ARG G 419 19.51 65.37 -16.62
N ALA G 420 18.26 65.49 -17.02
CA ALA G 420 17.15 65.45 -16.07
C ALA G 420 17.00 64.06 -15.46
N ASN G 421 17.26 63.03 -16.26
CA ASN G 421 17.16 61.66 -15.78
C ASN G 421 18.37 61.19 -14.99
N ASN G 422 19.50 61.89 -15.12
CA ASN G 422 20.72 61.52 -14.40
C ASN G 422 20.60 61.96 -12.93
N SER G 423 19.89 61.15 -12.15
CA SER G 423 19.64 61.42 -10.75
C SER G 423 19.11 60.16 -10.07
N THR G 424 19.34 60.05 -8.77
CA THR G 424 18.87 58.91 -8.01
C THR G 424 17.41 59.15 -7.65
N TYR G 425 16.97 60.39 -7.83
CA TYR G 425 15.59 60.78 -7.56
C TYR G 425 14.73 60.66 -8.83
N GLY G 426 13.41 60.70 -8.65
CA GLY G 426 12.49 60.60 -9.77
C GLY G 426 11.05 60.72 -9.32
N LEU G 427 10.77 61.69 -8.46
CA LEU G 427 9.43 61.92 -7.94
C LEU G 427 8.53 62.66 -8.92
N ALA G 428 9.08 63.66 -9.60
CA ALA G 428 8.32 64.46 -10.53
C ALA G 428 9.19 65.18 -11.53
N ALA G 429 8.54 65.83 -12.48
CA ALA G 429 9.23 66.58 -13.52
C ALA G 429 8.21 67.44 -14.26
N ALA G 430 8.69 68.42 -14.98
CA ALA G 430 7.80 69.30 -15.72
C ALA G 430 8.40 69.71 -17.04
N VAL G 431 7.51 69.98 -17.99
CA VAL G 431 7.89 70.40 -19.34
C VAL G 431 7.03 71.57 -19.78
N PHE G 432 7.67 72.65 -20.20
CA PHE G 432 6.97 73.85 -20.68
C PHE G 432 7.28 74.06 -22.16
N THR G 433 6.28 73.82 -23.01
CA THR G 433 6.44 73.95 -24.45
C THR G 433 5.07 74.06 -25.10
N LYS G 434 5.03 74.59 -26.32
CA LYS G 434 3.78 74.72 -27.05
C LYS G 434 3.68 73.64 -28.10
N ASP G 435 4.81 72.96 -28.34
CA ASP G 435 4.88 71.92 -29.35
C ASP G 435 4.37 70.57 -28.88
N LEU G 436 3.44 69.99 -29.64
CA LEU G 436 2.84 68.69 -29.33
C LEU G 436 3.86 67.58 -29.23
N ASP G 437 4.68 67.43 -30.27
CA ASP G 437 5.71 66.39 -30.31
C ASP G 437 6.71 66.45 -29.16
N LYS G 438 7.20 67.64 -28.86
CA LYS G 438 8.17 67.82 -27.78
C LYS G 438 7.54 67.41 -26.45
N ALA G 439 6.30 67.84 -26.23
CA ALA G 439 5.60 67.50 -25.00
C ALA G 439 5.51 65.99 -24.82
N ASN G 440 5.06 65.30 -25.86
CA ASN G 440 4.93 63.85 -25.82
C ASN G 440 6.26 63.11 -25.70
N TYR G 441 7.28 63.61 -26.39
CA TYR G 441 8.61 63.02 -26.35
C TYR G 441 9.14 63.06 -24.92
N LEU G 442 9.12 64.24 -24.34
CA LEU G 442 9.61 64.43 -22.97
C LEU G 442 8.82 63.70 -21.89
N SER G 443 7.49 63.82 -21.91
CA SER G 443 6.65 63.16 -20.92
C SER G 443 6.91 61.66 -20.88
N GLN G 444 7.19 61.08 -22.03
CA GLN G 444 7.47 59.65 -22.13
C GLN G 444 8.89 59.31 -21.66
N ALA G 445 9.87 60.13 -22.10
CA ALA G 445 11.28 59.92 -21.78
C ALA G 445 11.70 60.21 -20.35
N LEU G 446 11.01 61.14 -19.70
CA LEU G 446 11.35 61.52 -18.33
C LEU G 446 11.04 60.43 -17.33
N GLN G 447 12.02 60.11 -16.50
CA GLN G 447 11.88 59.08 -15.48
C GLN G 447 11.37 59.68 -14.17
N ALA G 448 10.07 59.93 -14.11
CA ALA G 448 9.47 60.52 -12.91
C ALA G 448 8.05 60.06 -12.69
N GLY G 449 7.66 60.00 -11.43
CA GLY G 449 6.32 59.57 -11.08
C GLY G 449 5.21 60.44 -11.62
N THR G 450 5.50 61.72 -11.77
CA THR G 450 4.52 62.67 -12.29
C THR G 450 5.22 63.64 -13.21
N VAL G 451 4.64 63.81 -14.40
CA VAL G 451 5.20 64.72 -15.39
C VAL G 451 4.13 65.75 -15.74
N TRP G 452 4.38 66.99 -15.38
CA TRP G 452 3.46 68.08 -15.65
C TRP G 452 3.85 68.79 -16.95
N VAL G 453 2.84 69.13 -17.75
CA VAL G 453 3.07 69.83 -19.02
C VAL G 453 2.42 71.21 -18.98
N ASN G 454 3.24 72.26 -19.04
CA ASN G 454 2.80 73.65 -18.99
C ASN G 454 2.11 73.98 -17.67
N CYS G 455 2.55 73.32 -16.62
CA CYS G 455 2.02 73.56 -15.27
C CYS G 455 2.91 72.86 -14.26
N TYR G 456 2.63 73.04 -12.97
CA TYR G 456 3.43 72.41 -11.95
C TYR G 456 2.64 72.31 -10.65
N ASP G 457 2.97 71.29 -9.84
CA ASP G 457 2.30 71.11 -8.56
C ASP G 457 0.79 71.02 -8.68
N VAL G 458 0.33 70.35 -9.73
CA VAL G 458 -1.09 70.17 -9.95
C VAL G 458 -1.48 68.80 -9.39
N PHE G 459 -1.98 68.81 -8.15
CA PHE G 459 -2.38 67.59 -7.48
C PHE G 459 -3.88 67.42 -7.51
N GLY G 460 -4.32 66.18 -7.71
CA GLY G 460 -5.73 65.88 -7.73
C GLY G 460 -5.94 64.56 -7.02
N ALA G 461 -6.93 64.52 -6.13
CA ALA G 461 -7.23 63.31 -5.40
C ALA G 461 -7.50 62.13 -6.35
N GLN G 462 -7.80 62.45 -7.61
CA GLN G 462 -8.09 61.46 -8.63
C GLN G 462 -6.81 60.89 -9.28
N SER G 463 -5.75 61.68 -9.32
CA SER G 463 -4.50 61.24 -9.94
C SER G 463 -3.48 60.72 -8.93
N PRO G 464 -2.88 59.57 -9.22
CA PRO G 464 -1.88 58.95 -8.34
C PRO G 464 -0.57 59.73 -8.26
N PHE G 465 0.07 59.68 -7.10
CA PHE G 465 1.32 60.37 -6.84
C PHE G 465 2.33 59.43 -6.18
N GLY G 466 3.54 59.40 -6.73
CA GLY G 466 4.57 58.52 -6.19
C GLY G 466 5.84 58.65 -6.99
N GLY G 467 6.94 58.11 -6.47
CA GLY G 467 8.20 58.26 -7.18
C GLY G 467 8.84 57.05 -7.82
N TYR G 468 9.77 57.33 -8.73
CA TYR G 468 10.56 56.31 -9.40
C TYR G 468 11.86 56.26 -8.61
N LYS G 469 12.71 55.29 -8.94
CA LYS G 469 14.00 55.15 -8.30
C LYS G 469 13.96 55.27 -6.78
N MET G 470 14.85 56.10 -6.23
CA MET G 470 14.96 56.31 -4.80
C MET G 470 14.00 57.34 -4.22
N SER G 471 13.08 57.82 -5.06
CA SER G 471 12.08 58.80 -4.61
C SER G 471 10.92 58.08 -3.91
N GLY G 472 10.97 56.75 -3.90
CA GLY G 472 9.93 55.99 -3.24
C GLY G 472 9.42 54.82 -4.04
N SER G 473 8.42 54.14 -3.48
CA SER G 473 7.81 52.97 -4.12
C SER G 473 6.30 52.98 -3.82
N GLY G 474 5.50 52.49 -4.76
CA GLY G 474 4.07 52.49 -4.60
C GLY G 474 3.49 53.85 -4.96
N ARG G 475 2.17 53.99 -4.89
CA ARG G 475 1.52 55.26 -5.23
C ARG G 475 0.42 55.63 -4.25
N GLU G 476 0.19 56.93 -4.11
CA GLU G 476 -0.86 57.45 -3.23
C GLU G 476 -1.82 58.21 -4.15
N LEU G 477 -3.02 58.47 -3.66
CA LEU G 477 -4.07 59.17 -4.41
C LEU G 477 -4.60 58.32 -5.56
N GLY G 478 -5.80 58.68 -6.04
CA GLY G 478 -6.45 57.93 -7.11
C GLY G 478 -6.80 56.52 -6.72
N GLU G 479 -7.20 55.71 -7.70
CA GLU G 479 -7.57 54.33 -7.45
C GLU G 479 -6.34 53.55 -6.99
N TYR G 480 -5.19 53.91 -7.55
CA TYR G 480 -3.93 53.27 -7.22
C TYR G 480 -3.63 53.29 -5.74
N GLY G 481 -4.10 54.34 -5.06
CA GLY G 481 -3.87 54.51 -3.64
C GLY G 481 -4.52 53.49 -2.75
N LEU G 482 -5.39 52.66 -3.33
CA LEU G 482 -6.07 51.62 -2.57
C LEU G 482 -5.36 50.27 -2.62
N GLN G 483 -4.48 50.13 -3.61
CA GLN G 483 -3.74 48.89 -3.82
C GLN G 483 -2.92 48.45 -2.61
N ALA G 484 -2.13 49.36 -2.05
CA ALA G 484 -1.27 49.06 -0.89
C ALA G 484 -2.02 48.81 0.39
N TYR G 485 -3.30 49.17 0.42
CA TYR G 485 -4.13 48.96 1.60
C TYR G 485 -5.11 47.80 1.40
N THR G 486 -4.82 46.94 0.43
CA THR G 486 -5.68 45.79 0.15
C THR G 486 -4.90 44.48 0.14
N GLU G 487 -5.50 43.46 0.75
CA GLU G 487 -4.89 42.14 0.81
C GLU G 487 -5.82 41.26 -0.05
N VAL G 488 -5.24 40.70 -1.10
CA VAL G 488 -6.00 39.87 -2.03
C VAL G 488 -6.11 38.41 -1.64
N LYS G 489 -7.34 37.92 -1.55
CA LYS G 489 -7.60 36.53 -1.21
C LYS G 489 -8.31 35.82 -2.37
N THR G 490 -7.73 34.73 -2.85
CA THR G 490 -8.34 33.97 -3.92
C THR G 490 -9.14 32.81 -3.29
N VAL G 491 -10.39 32.65 -3.71
CA VAL G 491 -11.24 31.56 -3.22
C VAL G 491 -11.63 30.70 -4.42
N THR G 492 -11.15 29.47 -4.44
CA THR G 492 -11.44 28.56 -5.54
C THR G 492 -12.34 27.42 -5.04
N VAL G 493 -13.57 27.41 -5.53
CA VAL G 493 -14.58 26.42 -5.14
C VAL G 493 -14.86 25.38 -6.23
N LYS G 494 -14.92 24.13 -5.82
CA LYS G 494 -15.20 23.04 -6.73
C LYS G 494 -16.69 23.05 -7.03
N VAL G 495 -17.03 22.95 -8.31
CA VAL G 495 -18.43 22.96 -8.74
C VAL G 495 -18.74 21.70 -9.55
N PRO G 496 -20.02 21.27 -9.54
CA PRO G 496 -20.43 20.07 -10.29
C PRO G 496 -19.97 20.12 -11.74
N GLN G 497 -20.30 21.20 -12.44
CA GLN G 497 -19.90 21.35 -13.83
C GLN G 497 -19.86 22.83 -14.23
N LYS G 498 -18.66 23.30 -14.56
CA LYS G 498 -18.47 24.68 -14.96
C LYS G 498 -18.89 24.95 -16.41
N ASN G 499 -19.61 26.04 -16.61
CA ASN G 499 -20.07 26.49 -17.92
C ASN G 499 -19.74 27.97 -18.05
N SER G 500 -19.59 28.43 -19.29
CA SER G 500 -19.26 29.83 -19.56
C SER G 500 -20.27 30.89 -19.10
N ALA H 7 -1.56 9.80 -22.07
CA ALA H 7 -0.69 9.53 -23.26
C ALA H 7 0.68 10.20 -23.06
N VAL H 8 1.50 9.62 -22.20
CA VAL H 8 2.82 10.15 -21.90
C VAL H 8 3.90 9.49 -22.77
N PRO H 9 4.68 10.30 -23.52
CA PRO H 9 5.75 9.79 -24.39
C PRO H 9 6.86 9.08 -23.62
N ALA H 10 7.60 8.22 -24.32
CA ALA H 10 8.68 7.45 -23.74
C ALA H 10 9.82 8.37 -23.31
N PRO H 11 10.17 8.38 -22.02
CA PRO H 11 11.24 9.21 -21.47
C PRO H 11 12.65 8.75 -21.76
N ASN H 12 13.52 9.70 -22.12
CA ASN H 12 14.93 9.40 -22.35
C ASN H 12 15.51 9.55 -20.95
N GLN H 13 15.65 8.43 -20.24
CA GLN H 13 16.16 8.43 -18.87
C GLN H 13 17.57 9.00 -18.70
N GLN H 14 18.25 9.22 -19.82
CA GLN H 14 19.59 9.78 -19.80
C GLN H 14 19.62 10.98 -20.75
N PRO H 15 18.94 12.08 -20.38
CA PRO H 15 18.90 13.29 -21.22
C PRO H 15 20.25 13.99 -21.31
N GLU H 16 20.62 14.40 -22.52
CA GLU H 16 21.88 15.09 -22.74
C GLU H 16 21.76 16.58 -22.39
N VAL H 17 22.70 17.06 -21.59
CA VAL H 17 22.72 18.46 -21.18
C VAL H 17 23.46 19.29 -22.22
N PHE H 18 22.78 20.33 -22.73
CA PHE H 18 23.36 21.20 -23.75
C PHE H 18 23.73 22.56 -23.23
N CYS H 19 23.21 22.92 -22.07
CA CYS H 19 23.49 24.23 -21.49
C CYS H 19 23.81 24.13 -20.00
N ASN H 20 24.95 24.68 -19.63
CA ASN H 20 25.42 24.67 -18.24
C ASN H 20 26.29 25.89 -17.90
N GLN H 21 26.16 26.95 -18.70
CA GLN H 21 26.93 28.17 -18.47
C GLN H 21 26.02 29.33 -18.06
N ILE H 22 26.55 30.54 -18.08
CA ILE H 22 25.82 31.75 -17.71
C ILE H 22 25.27 32.38 -18.98
N PHE H 23 23.98 32.69 -18.98
CA PHE H 23 23.32 33.30 -20.14
C PHE H 23 23.22 34.81 -20.02
N ILE H 24 23.95 35.51 -20.88
CA ILE H 24 23.96 36.96 -20.89
C ILE H 24 24.04 37.45 -22.34
N ASN H 25 23.12 38.35 -22.70
CA ASN H 25 23.06 38.91 -24.05
C ASN H 25 22.91 37.83 -25.12
N ASN H 26 22.09 36.84 -24.83
CA ASN H 26 21.84 35.73 -25.74
C ASN H 26 23.10 34.94 -26.06
N GLU H 27 24.08 35.02 -25.18
CA GLU H 27 25.33 34.31 -25.35
C GLU H 27 25.71 33.56 -24.09
N TRP H 28 26.43 32.45 -24.26
CA TRP H 28 26.88 31.64 -23.13
C TRP H 28 28.26 32.07 -22.65
N HIS H 29 28.37 32.28 -21.35
CA HIS H 29 29.62 32.71 -20.73
C HIS H 29 29.99 31.86 -19.53
N ASP H 30 31.30 31.71 -19.30
CA ASP H 30 31.79 30.97 -18.14
C ASP H 30 31.88 32.00 -17.04
N ALA H 31 31.89 31.56 -15.79
CA ALA H 31 32.00 32.50 -14.67
C ALA H 31 33.34 33.22 -14.81
N VAL H 32 33.39 34.49 -14.42
CA VAL H 32 34.63 35.27 -14.53
C VAL H 32 35.75 34.55 -13.80
N SER H 33 35.39 33.91 -12.70
CA SER H 33 36.32 33.14 -11.88
C SER H 33 36.69 31.79 -12.51
N ARG H 34 35.95 31.41 -13.55
CA ARG H 34 36.15 30.13 -14.27
C ARG H 34 35.71 28.93 -13.44
N LYS H 35 35.26 29.20 -12.21
CA LYS H 35 34.81 28.16 -11.30
C LYS H 35 33.47 27.55 -11.72
N THR H 36 33.26 26.30 -11.31
CA THR H 36 32.03 25.57 -11.62
C THR H 36 31.54 24.82 -10.39
N PHE H 37 30.27 24.44 -10.40
CA PHE H 37 29.69 23.71 -9.29
C PHE H 37 28.88 22.53 -9.83
N PRO H 38 28.91 21.39 -9.12
CA PRO H 38 28.19 20.19 -9.54
C PRO H 38 26.70 20.19 -9.22
N THR H 39 25.91 19.61 -10.14
CA THR H 39 24.48 19.46 -9.95
C THR H 39 24.21 17.95 -9.85
N VAL H 40 23.63 17.55 -8.73
CA VAL H 40 23.36 16.14 -8.46
C VAL H 40 21.97 15.61 -8.83
N ASN H 41 21.94 14.35 -9.25
CA ASN H 41 20.71 13.65 -9.59
C ASN H 41 20.27 13.05 -8.25
N PRO H 42 19.20 13.57 -7.64
CA PRO H 42 18.67 13.10 -6.35
C PRO H 42 18.24 11.64 -6.28
N SER H 43 17.98 11.04 -7.44
CA SER H 43 17.56 9.65 -7.53
C SER H 43 18.72 8.67 -7.30
N THR H 44 19.92 9.07 -7.71
CA THR H 44 21.11 8.24 -7.59
C THR H 44 22.21 8.82 -6.69
N GLY H 45 22.19 10.14 -6.52
CA GLY H 45 23.19 10.80 -5.71
C GLY H 45 24.45 11.09 -6.54
N GLU H 46 24.40 10.74 -7.83
CA GLU H 46 25.52 10.96 -8.75
C GLU H 46 25.48 12.36 -9.37
N VAL H 47 26.65 12.87 -9.72
CA VAL H 47 26.76 14.19 -10.34
C VAL H 47 26.32 14.13 -11.80
N ILE H 48 25.42 15.04 -12.17
CA ILE H 48 24.90 15.13 -13.53
C ILE H 48 25.96 15.80 -14.42
N CYS H 49 26.40 16.98 -14.00
CA CYS H 49 27.42 17.73 -14.72
C CYS H 49 27.80 18.97 -13.91
N GLN H 50 28.79 19.69 -14.43
CA GLN H 50 29.26 20.91 -13.80
C GLN H 50 28.50 22.09 -14.39
N VAL H 51 28.28 23.13 -13.58
CA VAL H 51 27.58 24.34 -14.01
C VAL H 51 28.38 25.57 -13.56
N ALA H 52 28.55 26.53 -14.47
CA ALA H 52 29.30 27.76 -14.17
C ALA H 52 28.80 28.42 -12.89
N GLU H 53 29.68 28.58 -11.91
CA GLU H 53 29.31 29.21 -10.64
C GLU H 53 29.38 30.74 -10.71
N GLY H 54 28.25 31.35 -11.03
CA GLY H 54 28.18 32.80 -11.13
C GLY H 54 28.24 33.50 -9.79
N ASP H 55 28.94 34.63 -9.75
CA ASP H 55 29.10 35.42 -8.54
C ASP H 55 28.81 36.88 -8.86
N LYS H 56 29.16 37.77 -7.93
CA LYS H 56 28.94 39.20 -8.06
C LYS H 56 29.40 39.78 -9.39
N GLU H 57 30.64 39.49 -9.79
CA GLU H 57 31.15 40.03 -11.04
C GLU H 57 30.35 39.58 -12.25
N ASP H 58 29.76 38.40 -12.15
CA ASP H 58 28.94 37.83 -13.22
C ASP H 58 27.55 38.49 -13.25
N VAL H 59 27.02 38.75 -12.05
CA VAL H 59 25.73 39.41 -11.91
C VAL H 59 25.84 40.84 -12.46
N ASP H 60 26.95 41.51 -12.17
CA ASP H 60 27.16 42.87 -12.65
C ASP H 60 27.12 42.89 -14.18
N LYS H 61 27.70 41.86 -14.81
CA LYS H 61 27.72 41.77 -16.27
C LYS H 61 26.29 41.62 -16.82
N ALA H 62 25.48 40.81 -16.13
CA ALA H 62 24.11 40.57 -16.50
C ALA H 62 23.23 41.81 -16.35
N VAL H 63 23.35 42.50 -15.21
CA VAL H 63 22.59 43.72 -14.96
C VAL H 63 22.90 44.81 -15.99
N LYS H 64 24.17 44.95 -16.36
CA LYS H 64 24.56 45.93 -17.36
C LYS H 64 23.94 45.60 -18.70
N ALA H 65 23.88 44.32 -19.02
CA ALA H 65 23.29 43.86 -20.27
C ALA H 65 21.79 44.16 -20.28
N ALA H 66 21.14 43.87 -19.16
CA ALA H 66 19.71 44.12 -18.99
C ALA H 66 19.41 45.63 -19.16
N ARG H 67 20.14 46.44 -18.42
CA ARG H 67 19.98 47.88 -18.45
C ARG H 67 20.16 48.42 -19.85
N ALA H 68 21.13 47.87 -20.58
CA ALA H 68 21.42 48.32 -21.94
C ALA H 68 20.24 48.01 -22.86
N ALA H 69 19.65 46.85 -22.66
CA ALA H 69 18.50 46.39 -23.43
C ALA H 69 17.21 47.14 -23.06
N PHE H 70 17.25 47.86 -21.93
CA PHE H 70 16.10 48.61 -21.43
C PHE H 70 16.19 50.09 -21.77
N GLN H 71 17.30 50.49 -22.38
CA GLN H 71 17.49 51.89 -22.76
C GLN H 71 16.42 52.35 -23.73
N LEU H 72 15.94 53.56 -23.52
CA LEU H 72 14.92 54.13 -24.38
C LEU H 72 15.42 54.09 -25.84
N GLY H 73 14.54 53.65 -26.73
CA GLY H 73 14.90 53.58 -28.14
C GLY H 73 15.44 52.24 -28.57
N SER H 74 15.62 51.33 -27.61
CA SER H 74 16.14 49.99 -27.89
C SER H 74 15.04 49.13 -28.51
N PRO H 75 15.42 48.01 -29.16
CA PRO H 75 14.46 47.11 -29.80
C PRO H 75 13.37 46.65 -28.83
N TRP H 76 13.75 46.28 -27.61
CA TRP H 76 12.79 45.82 -26.62
C TRP H 76 11.82 46.90 -26.16
N ARG H 77 12.29 48.14 -26.03
CA ARG H 77 11.45 49.24 -25.59
C ARG H 77 10.51 49.72 -26.69
N ARG H 78 11.00 49.74 -27.92
CA ARG H 78 10.25 50.20 -29.08
C ARG H 78 9.26 49.16 -29.61
N MET H 79 9.51 47.91 -29.29
CA MET H 79 8.67 46.79 -29.74
C MET H 79 7.20 46.93 -29.33
N ASP H 80 6.29 46.70 -30.28
CA ASP H 80 4.86 46.77 -30.02
C ASP H 80 4.49 45.82 -28.88
N ALA H 81 3.60 46.27 -27.99
CA ALA H 81 3.20 45.44 -26.87
C ALA H 81 2.63 44.11 -27.33
N SER H 82 1.95 44.13 -28.48
CA SER H 82 1.35 42.91 -29.04
C SER H 82 2.44 41.94 -29.51
N HIS H 83 3.52 42.49 -30.05
CA HIS H 83 4.61 41.67 -30.53
C HIS H 83 5.28 40.96 -29.36
N ARG H 84 5.25 41.61 -28.19
CA ARG H 84 5.79 41.02 -26.96
C ARG H 84 4.99 39.75 -26.70
N GLY H 85 3.68 39.84 -26.91
CA GLY H 85 2.80 38.70 -26.73
C GLY H 85 3.16 37.58 -27.70
N ARG H 86 3.41 37.95 -28.95
CA ARG H 86 3.79 37.01 -29.99
C ARG H 86 5.05 36.24 -29.56
N LEU H 87 6.05 36.97 -29.05
CA LEU H 87 7.30 36.35 -28.61
C LEU H 87 7.07 35.39 -27.46
N LEU H 88 6.20 35.76 -26.51
CA LEU H 88 5.89 34.89 -25.39
C LEU H 88 5.19 33.62 -25.89
N ASN H 89 4.34 33.77 -26.90
CA ASN H 89 3.65 32.60 -27.46
C ASN H 89 4.64 31.72 -28.22
N ARG H 90 5.57 32.35 -28.92
CA ARG H 90 6.60 31.63 -29.67
C ARG H 90 7.40 30.78 -28.69
N LEU H 91 7.83 31.38 -27.58
CA LEU H 91 8.59 30.67 -26.57
C LEU H 91 7.82 29.45 -26.11
N ALA H 92 6.53 29.63 -25.84
CA ALA H 92 5.67 28.54 -25.38
C ALA H 92 5.66 27.40 -26.40
N ASP H 93 5.58 27.77 -27.69
CA ASP H 93 5.56 26.77 -28.76
C ASP H 93 6.88 26.01 -28.82
N LEU H 94 7.98 26.71 -28.57
CA LEU H 94 9.31 26.11 -28.57
C LEU H 94 9.45 25.17 -27.39
N ILE H 95 8.86 25.54 -26.26
CA ILE H 95 8.91 24.71 -25.06
C ILE H 95 8.06 23.47 -25.26
N GLU H 96 6.95 23.61 -26.00
CA GLU H 96 6.07 22.47 -26.26
C GLU H 96 6.75 21.48 -27.20
N ARG H 97 7.48 22.01 -28.18
CA ARG H 97 8.20 21.19 -29.14
C ARG H 97 9.19 20.32 -28.38
N ASP H 98 9.88 20.92 -27.42
CA ASP H 98 10.87 20.22 -26.61
C ASP H 98 10.29 19.81 -25.25
N ARG H 99 8.99 19.54 -25.22
CA ARG H 99 8.32 19.17 -23.99
C ARG H 99 8.83 17.86 -23.38
N THR H 100 8.97 16.83 -24.21
CA THR H 100 9.45 15.52 -23.77
C THR H 100 10.85 15.62 -23.17
N TYR H 101 11.73 16.32 -23.88
CA TYR H 101 13.12 16.53 -23.45
C TYR H 101 13.20 17.27 -22.11
N LEU H 102 12.52 18.41 -22.03
CA LEU H 102 12.52 19.22 -20.81
C LEU H 102 11.91 18.51 -19.60
N ALA H 103 10.87 17.73 -19.82
CA ALA H 103 10.22 17.00 -18.75
C ALA H 103 11.19 15.98 -18.16
N ALA H 104 12.00 15.37 -19.02
CA ALA H 104 12.99 14.36 -18.60
C ALA H 104 14.12 15.02 -17.83
N LEU H 105 14.67 16.10 -18.40
CA LEU H 105 15.76 16.85 -17.79
C LEU H 105 15.33 17.45 -16.46
N GLU H 106 14.04 17.73 -16.33
CA GLU H 106 13.49 18.29 -15.10
C GLU H 106 13.52 17.21 -14.04
N THR H 107 13.04 16.03 -14.42
CA THR H 107 13.01 14.87 -13.55
C THR H 107 14.41 14.44 -13.09
N LEU H 108 15.35 14.49 -14.03
CA LEU H 108 16.74 14.10 -13.76
C LEU H 108 17.40 14.99 -12.73
N ASP H 109 17.14 16.29 -12.81
CA ASP H 109 17.73 17.26 -11.88
C ASP H 109 16.92 17.50 -10.59
N ASN H 110 15.60 17.44 -10.68
CA ASN H 110 14.73 17.68 -9.52
C ASN H 110 14.39 16.41 -8.76
N GLY H 111 14.09 15.34 -9.49
CA GLY H 111 13.71 14.08 -8.88
C GLY H 111 12.25 13.71 -8.99
N LYS H 112 11.40 14.70 -9.28
CA LYS H 112 9.95 14.47 -9.41
C LYS H 112 9.66 13.48 -10.54
N PRO H 113 8.55 12.72 -10.41
CA PRO H 113 8.14 11.73 -11.42
C PRO H 113 8.02 12.32 -12.82
N TYR H 114 8.59 11.64 -13.81
CA TYR H 114 8.55 12.07 -15.20
C TYR H 114 7.13 12.33 -15.70
N VAL H 115 6.19 11.50 -15.24
CA VAL H 115 4.80 11.65 -15.63
C VAL H 115 4.28 13.03 -15.20
N ILE H 116 4.49 13.37 -13.92
CA ILE H 116 4.05 14.65 -13.40
C ILE H 116 4.77 15.80 -14.10
N SER H 117 6.07 15.67 -14.33
CA SER H 117 6.83 16.70 -15.02
C SER H 117 6.23 17.02 -16.38
N TYR H 118 5.75 15.99 -17.05
CA TYR H 118 5.15 16.13 -18.38
C TYR H 118 3.71 16.66 -18.35
N LEU H 119 2.84 15.94 -17.65
CA LEU H 119 1.44 16.31 -17.57
C LEU H 119 1.11 17.54 -16.72
N VAL H 120 1.85 17.77 -15.65
CA VAL H 120 1.58 18.89 -14.77
C VAL H 120 2.54 20.06 -14.96
N ASP H 121 3.78 19.89 -14.50
CA ASP H 121 4.80 20.93 -14.58
C ASP H 121 4.90 21.66 -15.92
N LEU H 122 5.14 20.93 -17.00
CA LEU H 122 5.27 21.55 -18.31
C LEU H 122 3.96 22.09 -18.90
N ASP H 123 2.84 21.51 -18.49
CA ASP H 123 1.54 21.96 -18.98
C ASP H 123 1.28 23.34 -18.37
N MET H 124 1.53 23.47 -17.07
CA MET H 124 1.34 24.72 -16.36
C MET H 124 2.29 25.81 -16.84
N VAL H 125 3.49 25.40 -17.27
CA VAL H 125 4.48 26.33 -17.80
C VAL H 125 3.94 26.90 -19.11
N LEU H 126 3.40 26.01 -19.93
CA LEU H 126 2.82 26.37 -21.22
C LEU H 126 1.63 27.31 -21.05
N LYS H 127 0.75 26.97 -20.11
CA LYS H 127 -0.43 27.76 -19.85
C LYS H 127 -0.11 29.11 -19.23
N CYS H 128 0.94 29.15 -18.41
CA CYS H 128 1.36 30.40 -17.77
C CYS H 128 1.87 31.38 -18.79
N LEU H 129 2.81 30.94 -19.63
CA LEU H 129 3.37 31.79 -20.66
C LEU H 129 2.34 32.27 -21.69
N ARG H 130 1.42 31.39 -22.05
CA ARG H 130 0.38 31.73 -23.01
C ARG H 130 -0.67 32.66 -22.45
N TYR H 131 -0.96 32.53 -21.15
CA TYR H 131 -1.92 33.41 -20.49
C TYR H 131 -1.37 34.82 -20.47
N TYR H 132 -0.11 34.95 -20.02
CA TYR H 132 0.54 36.24 -19.94
C TYR H 132 0.87 36.83 -21.29
N ALA H 133 0.88 36.02 -22.33
CA ALA H 133 1.15 36.54 -23.65
C ALA H 133 -0.03 37.42 -24.05
N GLY H 134 -1.23 37.01 -23.63
CA GLY H 134 -2.44 37.77 -23.91
C GLY H 134 -2.54 39.09 -23.16
N TRP H 135 -1.82 39.21 -22.05
CA TRP H 135 -1.83 40.43 -21.23
C TRP H 135 -0.93 41.53 -21.75
N ALA H 136 0.07 41.14 -22.54
CA ALA H 136 1.06 42.05 -23.12
C ALA H 136 0.55 43.40 -23.61
N ASP H 137 -0.58 43.41 -24.30
CA ASP H 137 -1.16 44.64 -24.83
C ASP H 137 -2.52 44.98 -24.25
N LYS H 138 -2.78 44.59 -23.00
CA LYS H 138 -4.07 44.84 -22.38
C LYS H 138 -4.07 45.48 -20.99
N TYR H 139 -2.89 45.73 -20.44
CA TYR H 139 -2.79 46.34 -19.12
C TYR H 139 -2.86 47.85 -19.31
N HIS H 140 -4.08 48.32 -19.53
CA HIS H 140 -4.34 49.73 -19.77
C HIS H 140 -4.05 50.70 -18.61
N GLY H 141 -3.69 51.92 -18.98
CA GLY H 141 -3.49 52.97 -18.00
C GLY H 141 -4.85 53.67 -17.92
N LYS H 142 -4.91 54.81 -17.27
CA LYS H 142 -6.19 55.51 -17.12
C LYS H 142 -6.18 56.98 -17.54
N THR H 143 -7.33 57.47 -17.99
CA THR H 143 -7.48 58.90 -18.31
C THR H 143 -8.33 59.34 -17.12
N ILE H 144 -7.80 60.29 -16.35
CA ILE H 144 -8.44 60.73 -15.12
C ILE H 144 -9.13 62.08 -15.14
N PRO H 145 -10.40 62.13 -14.72
CA PRO H 145 -11.19 63.37 -14.68
C PRO H 145 -10.81 64.26 -13.49
N ILE H 146 -9.55 64.68 -13.47
CA ILE H 146 -8.99 65.53 -12.41
C ILE H 146 -9.64 66.91 -12.38
N ASP H 147 -9.58 67.60 -11.24
CA ASP H 147 -10.13 68.95 -11.10
C ASP H 147 -9.33 69.96 -11.90
N GLY H 148 -10.00 71.04 -12.30
CA GLY H 148 -9.32 72.09 -13.04
C GLY H 148 -9.20 71.83 -14.52
N ASP H 149 -8.66 72.82 -15.24
CA ASP H 149 -8.48 72.71 -16.67
C ASP H 149 -7.23 71.92 -17.05
N PHE H 150 -7.31 70.60 -16.88
CA PHE H 150 -6.18 69.74 -17.19
C PHE H 150 -6.62 68.41 -17.81
N PHE H 151 -5.66 67.73 -18.42
CA PHE H 151 -5.88 66.43 -19.02
C PHE H 151 -4.88 65.55 -18.28
N SER H 152 -5.39 64.73 -17.37
CA SER H 152 -4.54 63.84 -16.58
C SER H 152 -4.72 62.39 -17.01
N TYR H 153 -3.60 61.70 -17.15
CA TYR H 153 -3.62 60.30 -17.54
C TYR H 153 -2.40 59.58 -16.98
N THR H 154 -2.47 58.25 -16.92
CA THR H 154 -1.37 57.45 -16.41
C THR H 154 -0.82 56.52 -17.45
N ARG H 155 0.50 56.35 -17.42
CA ARG H 155 1.19 55.45 -18.31
C ARG H 155 1.68 54.28 -17.47
N HIS H 156 1.31 53.08 -17.88
CA HIS H 156 1.77 51.88 -17.17
C HIS H 156 3.07 51.43 -17.85
N GLU H 157 4.20 51.90 -17.30
CA GLU H 157 5.52 51.58 -17.83
C GLU H 157 6.15 50.41 -17.09
N PRO H 158 7.21 49.83 -17.66
CA PRO H 158 7.87 48.69 -17.02
C PRO H 158 8.65 49.20 -15.80
N VAL H 159 8.77 48.38 -14.76
CA VAL H 159 9.51 48.81 -13.58
C VAL H 159 11.01 48.95 -13.87
N GLY H 160 11.51 48.18 -14.85
CA GLY H 160 12.92 48.23 -15.25
C GLY H 160 13.67 46.91 -15.16
N VAL H 161 14.88 46.95 -14.60
CA VAL H 161 15.69 45.74 -14.45
C VAL H 161 15.15 44.96 -13.26
N CYS H 162 14.65 43.76 -13.53
CA CYS H 162 14.08 42.89 -12.50
C CYS H 162 14.93 41.68 -12.14
N GLY H 163 15.35 41.63 -10.88
CA GLY H 163 16.13 40.52 -10.40
C GLY H 163 15.17 39.46 -9.88
N GLN H 164 15.29 38.23 -10.38
CA GLN H 164 14.39 37.16 -9.98
C GLN H 164 15.15 35.93 -9.47
N ILE H 165 14.89 35.60 -8.20
CA ILE H 165 15.53 34.49 -7.52
C ILE H 165 14.50 33.41 -7.24
N ILE H 166 14.66 32.26 -7.90
CA ILE H 166 13.71 31.16 -7.76
C ILE H 166 14.24 29.91 -7.06
N PRO H 167 13.32 29.13 -6.44
CA PRO H 167 13.65 27.90 -5.73
C PRO H 167 13.88 26.68 -6.65
N TRP H 168 13.95 25.50 -6.02
CA TRP H 168 14.20 24.25 -6.73
C TRP H 168 13.02 23.30 -6.85
N ASN H 169 11.97 23.50 -6.06
CA ASN H 169 10.81 22.61 -6.09
C ASN H 169 10.01 22.54 -7.41
N PHE H 170 10.03 23.63 -8.17
CA PHE H 170 9.34 23.70 -9.47
C PHE H 170 10.21 24.56 -10.37
N PRO H 171 11.36 24.04 -10.78
CA PRO H 171 12.33 24.72 -11.64
C PRO H 171 11.74 25.42 -12.86
N LEU H 172 11.11 24.65 -13.74
CA LEU H 172 10.53 25.20 -14.95
C LEU H 172 9.32 26.08 -14.71
N LEU H 173 8.46 25.66 -13.79
CA LEU H 173 7.25 26.40 -13.44
C LEU H 173 7.54 27.76 -12.84
N MET H 174 8.41 27.79 -11.85
CA MET H 174 8.79 29.04 -11.18
C MET H 174 9.41 30.01 -12.16
N GLN H 175 10.18 29.49 -13.11
CA GLN H 175 10.79 30.33 -14.13
C GLN H 175 9.69 31.03 -14.93
N ALA H 176 8.68 30.27 -15.32
CA ALA H 176 7.56 30.78 -16.10
C ALA H 176 6.72 31.79 -15.31
N TRP H 177 6.48 31.49 -14.02
CA TRP H 177 5.69 32.37 -13.16
C TRP H 177 6.36 33.73 -13.04
N LYS H 178 7.67 33.75 -13.27
CA LYS H 178 8.45 34.97 -13.18
C LYS H 178 8.62 35.67 -14.52
N LEU H 179 9.03 34.93 -15.55
CA LEU H 179 9.24 35.52 -16.87
C LEU H 179 7.95 36.03 -17.53
N GLY H 180 6.88 35.24 -17.45
CA GLY H 180 5.60 35.61 -18.03
C GLY H 180 5.16 37.04 -17.80
N PRO H 181 4.85 37.43 -16.55
CA PRO H 181 4.42 38.79 -16.22
C PRO H 181 5.48 39.87 -16.44
N ALA H 182 6.74 39.51 -16.20
CA ALA H 182 7.85 40.45 -16.38
C ALA H 182 8.04 40.83 -17.85
N LEU H 183 8.05 39.82 -18.72
CA LEU H 183 8.23 40.06 -20.15
C LEU H 183 7.01 40.69 -20.79
N ALA H 184 5.82 40.25 -20.36
CA ALA H 184 4.58 40.80 -20.90
C ALA H 184 4.49 42.32 -20.68
N THR H 185 5.01 42.79 -19.56
CA THR H 185 4.99 44.23 -19.25
C THR H 185 6.19 45.01 -19.77
N GLY H 186 7.03 44.35 -20.57
CA GLY H 186 8.18 45.01 -21.16
C GLY H 186 9.42 45.19 -20.31
N ASN H 187 9.53 44.41 -19.23
CA ASN H 187 10.70 44.50 -18.37
C ASN H 187 11.87 43.66 -18.88
N VAL H 188 13.00 43.79 -18.20
CA VAL H 188 14.19 43.01 -18.54
C VAL H 188 14.51 42.20 -17.28
N VAL H 189 15.02 40.99 -17.47
CA VAL H 189 15.30 40.12 -16.34
C VAL H 189 16.74 39.62 -16.15
N VAL H 190 17.09 39.45 -14.88
CA VAL H 190 18.38 38.91 -14.46
C VAL H 190 17.94 37.85 -13.44
N MET H 191 17.84 36.62 -13.92
CA MET H 191 17.38 35.51 -13.11
C MET H 191 18.49 34.67 -12.49
N LYS H 192 18.29 34.31 -11.23
CA LYS H 192 19.23 33.49 -10.49
C LYS H 192 18.48 32.22 -10.06
N VAL H 193 18.71 31.15 -10.80
CA VAL H 193 18.08 29.85 -10.53
C VAL H 193 18.77 29.13 -9.40
N ALA H 194 18.04 28.20 -8.77
CA ALA H 194 18.57 27.42 -7.66
C ALA H 194 19.76 26.53 -8.06
N GLU H 195 20.76 26.48 -7.19
CA GLU H 195 21.96 25.67 -7.44
C GLU H 195 21.63 24.19 -7.57
N GLN H 196 20.52 23.77 -6.97
CA GLN H 196 20.10 22.38 -7.03
C GLN H 196 19.44 22.01 -8.36
N THR H 197 18.83 23.00 -9.03
CA THR H 197 18.10 22.75 -10.27
C THR H 197 18.32 23.83 -11.34
N PRO H 198 19.54 23.95 -11.86
CA PRO H 198 19.84 24.96 -12.86
C PRO H 198 19.68 24.58 -14.33
N LEU H 199 19.76 23.28 -14.60
CA LEU H 199 19.70 22.77 -15.97
C LEU H 199 18.53 23.15 -16.88
N THR H 200 17.30 22.85 -16.46
CA THR H 200 16.13 23.16 -17.29
C THR H 200 15.98 24.64 -17.62
N ALA H 201 16.21 25.50 -16.63
CA ALA H 201 16.09 26.93 -16.84
C ALA H 201 17.07 27.41 -17.89
N LEU H 202 18.29 26.86 -17.84
CA LEU H 202 19.36 27.22 -18.78
C LEU H 202 18.99 26.85 -20.22
N TYR H 203 18.34 25.71 -20.39
CA TYR H 203 17.93 25.29 -21.72
C TYR H 203 16.82 26.23 -22.23
N VAL H 204 15.90 26.61 -21.34
CA VAL H 204 14.84 27.52 -21.70
C VAL H 204 15.43 28.81 -22.24
N ALA H 205 16.56 29.21 -21.66
CA ALA H 205 17.25 30.45 -22.07
C ALA H 205 17.66 30.34 -23.52
N ASN H 206 17.97 29.11 -23.94
CA ASN H 206 18.37 28.82 -25.31
C ASN H 206 17.16 29.03 -26.23
N LEU H 207 15.99 28.63 -25.73
CA LEU H 207 14.74 28.76 -26.49
C LEU H 207 14.30 30.22 -26.53
N ILE H 208 14.66 30.98 -25.50
CA ILE H 208 14.34 32.39 -25.45
C ILE H 208 15.08 33.08 -26.58
N LYS H 209 16.33 32.66 -26.79
CA LYS H 209 17.16 33.21 -27.86
C LYS H 209 16.54 32.85 -29.22
N GLU H 210 16.14 31.59 -29.36
CA GLU H 210 15.53 31.08 -30.59
C GLU H 210 14.18 31.74 -30.89
N ALA H 211 13.44 32.06 -29.83
CA ALA H 211 12.13 32.69 -29.95
C ALA H 211 12.22 34.07 -30.62
N GLY H 212 13.34 34.76 -30.43
CA GLY H 212 13.50 36.06 -31.04
C GLY H 212 13.66 37.23 -30.06
N PHE H 213 13.69 36.93 -28.78
CA PHE H 213 13.87 37.94 -27.75
C PHE H 213 15.22 38.65 -27.88
N PRO H 214 15.21 40.00 -27.90
CA PRO H 214 16.44 40.77 -28.03
C PRO H 214 17.45 40.46 -26.94
N PRO H 215 18.74 40.59 -27.25
CA PRO H 215 19.84 40.32 -26.32
C PRO H 215 19.74 41.21 -25.08
N GLY H 216 19.95 40.61 -23.92
CA GLY H 216 19.89 41.36 -22.67
C GLY H 216 18.53 41.36 -22.00
N VAL H 217 17.49 41.02 -22.75
CA VAL H 217 16.12 40.99 -22.20
C VAL H 217 16.01 39.98 -21.07
N VAL H 218 16.60 38.80 -21.28
CA VAL H 218 16.59 37.77 -20.26
C VAL H 218 18.03 37.27 -20.05
N ASN H 219 18.50 37.37 -18.82
CA ASN H 219 19.84 36.94 -18.46
C ASN H 219 19.73 36.01 -17.26
N ILE H 220 20.31 34.81 -17.39
CA ILE H 220 20.26 33.84 -16.31
C ILE H 220 21.65 33.58 -15.74
N VAL H 221 21.75 33.72 -14.41
CA VAL H 221 23.02 33.53 -13.71
C VAL H 221 22.90 32.40 -12.68
N PRO H 222 23.36 31.19 -13.03
CA PRO H 222 23.30 30.05 -12.11
C PRO H 222 24.39 30.24 -11.05
N GLY H 223 24.09 29.83 -9.81
CA GLY H 223 25.06 29.99 -8.74
C GLY H 223 24.43 29.84 -7.37
N PHE H 224 25.20 30.16 -6.34
CA PHE H 224 24.73 30.05 -4.96
C PHE H 224 23.97 31.28 -4.50
N GLY H 225 23.25 31.12 -3.38
CA GLY H 225 22.46 32.22 -2.84
C GLY H 225 23.24 33.41 -2.30
N PRO H 226 24.00 33.22 -1.20
CA PRO H 226 24.81 34.27 -0.57
C PRO H 226 25.75 35.01 -1.51
N THR H 227 26.03 34.40 -2.65
CA THR H 227 26.91 35.00 -3.64
C THR H 227 26.16 35.71 -4.76
N ALA H 228 25.66 34.94 -5.72
CA ALA H 228 24.93 35.51 -6.86
C ALA H 228 23.59 36.14 -6.46
N GLY H 229 22.84 35.46 -5.61
CA GLY H 229 21.55 35.97 -5.19
C GLY H 229 21.64 37.29 -4.44
N ALA H 230 22.49 37.31 -3.43
CA ALA H 230 22.69 38.51 -2.62
C ALA H 230 23.20 39.67 -3.45
N ALA H 231 23.98 39.36 -4.49
CA ALA H 231 24.53 40.40 -5.37
C ALA H 231 23.38 41.12 -6.10
N ILE H 232 22.37 40.35 -6.49
CA ILE H 232 21.22 40.88 -7.19
C ILE H 232 20.33 41.68 -6.24
N ALA H 233 20.09 41.15 -5.05
CA ALA H 233 19.25 41.82 -4.07
C ALA H 233 19.84 43.13 -3.56
N SER H 234 21.16 43.26 -3.63
CA SER H 234 21.82 44.47 -3.16
C SER H 234 22.38 45.35 -4.27
N HIS H 235 22.20 44.92 -5.51
CA HIS H 235 22.70 45.70 -6.64
C HIS H 235 22.10 47.10 -6.71
N GLU H 236 22.96 48.07 -7.04
CA GLU H 236 22.56 49.47 -7.13
C GLU H 236 21.76 49.84 -8.37
N ASP H 237 21.77 48.98 -9.39
CA ASP H 237 21.04 49.28 -10.62
C ASP H 237 19.89 48.33 -10.88
N VAL H 238 19.52 47.52 -9.89
CA VAL H 238 18.39 46.60 -10.03
C VAL H 238 17.19 47.37 -9.48
N ASP H 239 16.19 47.54 -10.34
CA ASP H 239 14.98 48.28 -9.99
C ASP H 239 13.99 47.52 -9.15
N LYS H 240 13.86 46.22 -9.41
CA LYS H 240 12.88 45.38 -8.70
C LYS H 240 13.42 43.97 -8.46
N VAL H 241 12.97 43.34 -7.39
CA VAL H 241 13.40 42.00 -7.06
C VAL H 241 12.23 41.12 -6.64
N ALA H 242 12.14 39.94 -7.27
CA ALA H 242 11.08 38.98 -6.98
C ALA H 242 11.76 37.72 -6.46
N PHE H 243 11.36 37.28 -5.27
CA PHE H 243 11.96 36.11 -4.66
C PHE H 243 10.95 35.12 -4.12
N THR H 244 11.29 33.84 -4.29
CA THR H 244 10.47 32.73 -3.80
C THR H 244 11.39 31.74 -3.10
N GLY H 245 11.13 31.51 -1.82
CA GLY H 245 11.94 30.58 -1.06
C GLY H 245 11.62 30.57 0.41
N SER H 246 12.65 30.43 1.23
CA SER H 246 12.48 30.40 2.67
C SER H 246 12.17 31.77 3.27
N THR H 247 11.48 31.78 4.40
CA THR H 247 11.13 33.01 5.10
C THR H 247 12.40 33.71 5.58
N GLU H 248 13.39 32.89 5.92
CA GLU H 248 14.68 33.37 6.41
C GLU H 248 15.38 34.23 5.37
N ILE H 249 15.48 33.73 4.14
CA ILE H 249 16.13 34.48 3.07
C ILE H 249 15.26 35.65 2.63
N GLY H 250 13.95 35.52 2.83
CA GLY H 250 13.04 36.60 2.47
C GLY H 250 13.39 37.86 3.24
N ARG H 251 13.73 37.67 4.51
CA ARG H 251 14.11 38.78 5.38
C ARG H 251 15.40 39.41 4.88
N VAL H 252 16.34 38.55 4.50
CA VAL H 252 17.65 38.98 3.99
C VAL H 252 17.49 39.82 2.71
N ILE H 253 16.59 39.39 1.83
CA ILE H 253 16.34 40.08 0.57
C ILE H 253 15.74 41.46 0.83
N GLN H 254 14.74 41.53 1.71
CA GLN H 254 14.07 42.80 2.04
C GLN H 254 15.04 43.80 2.68
N VAL H 255 15.91 43.29 3.54
CA VAL H 255 16.91 44.16 4.19
C VAL H 255 17.93 44.63 3.16
N ALA H 256 18.35 43.72 2.29
CA ALA H 256 19.30 44.07 1.25
C ALA H 256 18.76 45.16 0.34
N ALA H 257 17.47 45.09 0.05
CA ALA H 257 16.82 46.07 -0.82
C ALA H 257 16.74 47.42 -0.13
N GLY H 258 16.37 47.41 1.15
CA GLY H 258 16.27 48.63 1.90
C GLY H 258 17.62 49.28 2.16
N SER H 259 18.67 48.47 2.19
CA SER H 259 20.03 48.95 2.41
C SER H 259 20.69 49.47 1.15
N SER H 260 20.27 48.97 0.00
CA SER H 260 20.86 49.36 -1.26
C SER H 260 20.22 50.58 -1.94
N ASN H 261 19.43 50.33 -2.98
CA ASN H 261 18.77 51.39 -3.71
C ASN H 261 17.25 51.46 -3.50
N LEU H 262 16.77 50.84 -2.43
CA LEU H 262 15.34 50.83 -2.13
C LEU H 262 14.49 50.27 -3.28
N LYS H 263 14.99 49.21 -3.91
CA LYS H 263 14.30 48.56 -5.01
C LYS H 263 12.97 47.94 -4.54
N ARG H 264 11.99 47.85 -5.45
CA ARG H 264 10.69 47.26 -5.14
C ARG H 264 10.86 45.77 -4.84
N VAL H 265 10.17 45.30 -3.80
CA VAL H 265 10.25 43.90 -3.38
C VAL H 265 8.91 43.16 -3.25
N THR H 266 8.89 41.94 -3.77
CA THR H 266 7.72 41.05 -3.66
C THR H 266 8.28 39.68 -3.27
N LEU H 267 7.67 39.05 -2.27
CA LEU H 267 8.13 37.77 -1.76
C LEU H 267 7.07 36.65 -1.71
N GLU H 268 7.51 35.44 -2.04
CA GLU H 268 6.66 34.25 -2.01
C GLU H 268 7.45 33.27 -1.14
N LEU H 269 7.12 33.23 0.15
CA LEU H 269 7.81 32.37 1.10
C LEU H 269 7.08 31.07 1.39
N GLY H 270 7.45 30.39 2.46
CA GLY H 270 6.82 29.12 2.80
C GLY H 270 5.47 29.25 3.46
N GLY H 271 5.07 28.18 4.15
CA GLY H 271 3.79 28.18 4.84
C GLY H 271 3.54 26.95 5.68
N LYS H 272 2.39 26.94 6.35
CA LYS H 272 1.97 25.83 7.18
C LYS H 272 0.46 25.76 6.96
N SER H 273 0.08 25.72 5.69
CA SER H 273 -1.31 25.72 5.25
C SER H 273 -2.22 24.65 5.86
N PRO H 274 -3.31 25.08 6.52
CA PRO H 274 -4.29 24.22 7.17
C PRO H 274 -5.34 23.67 6.22
N ASN H 275 -5.64 22.38 6.34
CA ASN H 275 -6.63 21.71 5.52
C ASN H 275 -7.74 21.23 6.45
N ILE H 276 -8.83 22.00 6.50
CA ILE H 276 -9.96 21.69 7.37
C ILE H 276 -10.98 20.75 6.73
N ILE H 277 -11.23 19.62 7.39
CA ILE H 277 -12.19 18.63 6.91
C ILE H 277 -13.35 18.55 7.89
N MET H 278 -14.50 19.09 7.49
CA MET H 278 -15.69 19.07 8.33
C MET H 278 -16.34 17.69 8.33
N SER H 279 -17.17 17.42 9.33
CA SER H 279 -17.85 16.13 9.48
C SER H 279 -18.75 15.74 8.31
N ASP H 280 -19.36 16.73 7.65
CA ASP H 280 -20.26 16.47 6.53
C ASP H 280 -19.55 16.40 5.17
N ALA H 281 -18.22 16.35 5.19
CA ALA H 281 -17.44 16.28 3.96
C ALA H 281 -17.56 14.92 3.27
N ASP H 282 -17.19 14.89 1.99
CA ASP H 282 -17.22 13.67 1.20
C ASP H 282 -15.96 12.90 1.61
N MET H 283 -16.14 11.89 2.44
CA MET H 283 -15.04 11.08 2.97
C MET H 283 -13.98 10.65 1.94
N ASP H 284 -14.40 9.86 0.95
CA ASP H 284 -13.50 9.38 -0.09
C ASP H 284 -12.71 10.51 -0.74
N TRP H 285 -13.43 11.57 -1.13
CA TRP H 285 -12.84 12.75 -1.77
C TRP H 285 -11.87 13.50 -0.85
N ALA H 286 -12.33 13.77 0.37
CA ALA H 286 -11.51 14.49 1.35
C ALA H 286 -10.18 13.78 1.61
N VAL H 287 -10.24 12.46 1.82
CA VAL H 287 -9.05 11.65 2.08
C VAL H 287 -8.05 11.73 0.93
N GLU H 288 -8.53 11.49 -0.29
CA GLU H 288 -7.68 11.52 -1.48
C GLU H 288 -7.05 12.91 -1.71
N GLN H 289 -7.84 13.96 -1.47
CA GLN H 289 -7.37 15.34 -1.64
C GLN H 289 -6.41 15.74 -0.53
N ALA H 290 -6.67 15.28 0.69
CA ALA H 290 -5.81 15.58 1.83
C ALA H 290 -4.44 14.95 1.61
N HIS H 291 -4.44 13.75 1.03
CA HIS H 291 -3.20 13.05 0.74
C HIS H 291 -2.41 13.84 -0.31
N PHE H 292 -3.07 14.18 -1.42
CA PHE H 292 -2.47 14.95 -2.50
C PHE H 292 -1.99 16.30 -1.97
N ALA H 293 -2.83 16.92 -1.14
CA ALA H 293 -2.55 18.23 -0.55
C ALA H 293 -1.20 18.32 0.14
N LEU H 294 -0.74 17.21 0.70
CA LEU H 294 0.51 17.20 1.43
C LEU H 294 1.67 16.50 0.72
N PHE H 295 1.40 15.34 0.17
CA PHE H 295 2.43 14.57 -0.49
C PHE H 295 2.83 15.00 -1.89
N PHE H 296 2.06 15.93 -2.48
CA PHE H 296 2.35 16.40 -3.83
C PHE H 296 3.77 16.95 -3.98
N ASN H 297 4.44 16.55 -5.07
CA ASN H 297 5.82 16.97 -5.35
C ASN H 297 6.75 16.61 -4.19
N GLN H 298 6.63 15.38 -3.70
CA GLN H 298 7.44 14.90 -2.58
C GLN H 298 7.25 15.77 -1.33
N GLY H 299 6.07 16.39 -1.22
CA GLY H 299 5.78 17.25 -0.08
C GLY H 299 6.48 18.60 -0.14
N GLN H 300 7.24 18.78 -1.22
CA GLN H 300 8.02 19.99 -1.46
C GLN H 300 7.17 21.07 -2.16
N CYS H 301 6.11 21.49 -1.49
CA CYS H 301 5.22 22.49 -2.05
C CYS H 301 4.97 23.58 -1.01
N CYS H 302 5.16 24.83 -1.43
CA CYS H 302 4.97 25.99 -0.56
C CYS H 302 3.61 26.03 0.12
N CYS H 303 2.55 25.72 -0.63
CA CYS H 303 1.20 25.74 -0.10
C CYS H 303 0.71 24.37 0.38
N ALA H 304 1.65 23.45 0.64
CA ALA H 304 1.30 22.11 1.10
C ALA H 304 0.42 22.09 2.35
N GLY H 305 -0.59 21.22 2.36
CA GLY H 305 -1.49 21.12 3.50
C GLY H 305 -0.82 20.35 4.63
N SER H 306 0.11 21.01 5.32
CA SER H 306 0.86 20.40 6.41
C SER H 306 0.12 20.30 7.74
N ARG H 307 -1.10 20.83 7.78
CA ARG H 307 -1.92 20.76 8.97
C ARG H 307 -3.32 20.32 8.60
N THR H 308 -3.54 19.01 8.63
CA THR H 308 -4.85 18.46 8.31
C THR H 308 -5.76 18.35 9.53
N PHE H 309 -6.64 19.34 9.71
CA PHE H 309 -7.58 19.32 10.82
C PHE H 309 -8.80 18.51 10.44
N VAL H 310 -9.14 17.53 11.27
CA VAL H 310 -10.29 16.67 10.99
C VAL H 310 -11.24 16.68 12.18
N GLN H 311 -12.53 16.84 11.90
CA GLN H 311 -13.56 16.87 12.93
C GLN H 311 -13.60 15.51 13.61
N GLU H 312 -13.67 15.53 14.95
CA GLU H 312 -13.67 14.31 15.76
C GLU H 312 -14.60 13.18 15.36
N ASP H 313 -15.84 13.52 15.00
CA ASP H 313 -16.82 12.51 14.62
C ASP H 313 -16.39 11.65 13.45
N ILE H 314 -15.44 12.14 12.65
CA ILE H 314 -14.96 11.39 11.49
C ILE H 314 -13.45 11.15 11.54
N TYR H 315 -12.82 11.58 12.63
CA TYR H 315 -11.38 11.44 12.80
C TYR H 315 -10.84 10.04 12.57
N ASP H 316 -11.34 9.08 13.33
CA ASP H 316 -10.87 7.71 13.22
C ASP H 316 -10.91 7.13 11.81
N GLU H 317 -12.06 7.26 11.14
CA GLU H 317 -12.21 6.75 9.78
C GLU H 317 -11.25 7.43 8.80
N PHE H 318 -11.17 8.76 8.90
CA PHE H 318 -10.30 9.53 8.03
C PHE H 318 -8.85 9.10 8.19
N VAL H 319 -8.41 8.99 9.45
CA VAL H 319 -7.06 8.58 9.76
C VAL H 319 -6.76 7.20 9.17
N GLU H 320 -7.68 6.27 9.39
CA GLU H 320 -7.57 4.91 8.89
C GLU H 320 -7.32 4.90 7.37
N ARG H 321 -8.18 5.60 6.63
CA ARG H 321 -8.09 5.68 5.17
C ARG H 321 -6.82 6.38 4.71
N SER H 322 -6.39 7.41 5.43
CA SER H 322 -5.19 8.14 5.09
C SER H 322 -3.95 7.29 5.21
N VAL H 323 -3.89 6.49 6.29
CA VAL H 323 -2.76 5.61 6.53
C VAL H 323 -2.63 4.62 5.39
N ALA H 324 -3.75 4.03 5.00
CA ALA H 324 -3.78 3.06 3.92
C ALA H 324 -3.28 3.68 2.62
N ARG H 325 -3.76 4.88 2.33
CA ARG H 325 -3.37 5.61 1.13
C ARG H 325 -1.87 5.96 1.14
N ALA H 326 -1.38 6.32 2.31
CA ALA H 326 0.03 6.67 2.48
C ALA H 326 0.91 5.45 2.26
N LYS H 327 0.50 4.32 2.82
CA LYS H 327 1.25 3.08 2.69
C LYS H 327 1.26 2.56 1.27
N SER H 328 0.18 2.84 0.53
CA SER H 328 0.07 2.40 -0.86
C SER H 328 0.78 3.31 -1.84
N ARG H 329 1.28 4.45 -1.35
CA ARG H 329 1.98 5.40 -2.20
C ARG H 329 3.31 4.84 -2.71
N VAL H 330 3.37 4.57 -4.00
CA VAL H 330 4.55 4.01 -4.65
C VAL H 330 5.74 4.97 -4.67
N VAL H 331 6.83 4.56 -4.03
CA VAL H 331 8.05 5.37 -3.98
C VAL H 331 9.12 4.64 -4.77
N GLY H 332 9.79 5.34 -5.68
CA GLY H 332 10.83 4.70 -6.46
C GLY H 332 11.39 5.53 -7.59
N ASN H 333 11.99 4.87 -8.58
CA ASN H 333 12.58 5.55 -9.73
C ASN H 333 11.57 6.47 -10.39
N PRO H 334 11.86 7.78 -10.46
CA PRO H 334 10.99 8.80 -11.06
C PRO H 334 10.62 8.51 -12.52
N PHE H 335 11.52 7.85 -13.25
CA PHE H 335 11.28 7.51 -14.65
C PHE H 335 10.32 6.33 -14.85
N ASP H 336 9.96 5.66 -13.76
CA ASP H 336 9.03 4.53 -13.83
C ASP H 336 7.60 5.09 -13.73
N SER H 337 6.77 4.75 -14.70
CA SER H 337 5.39 5.24 -14.75
C SER H 337 4.53 4.91 -13.53
N LYS H 338 4.91 3.91 -12.76
CA LYS H 338 4.11 3.55 -11.59
C LYS H 338 4.52 4.32 -10.33
N THR H 339 5.63 5.04 -10.42
CA THR H 339 6.14 5.82 -9.28
C THR H 339 5.30 7.06 -8.96
N GLU H 340 4.82 7.13 -7.73
CA GLU H 340 4.03 8.27 -7.27
C GLU H 340 4.93 9.32 -6.64
N GLN H 341 5.91 8.86 -5.85
CA GLN H 341 6.84 9.74 -5.15
C GLN H 341 8.30 9.47 -5.50
N GLY H 342 9.01 10.53 -5.89
CA GLY H 342 10.43 10.39 -6.21
C GLY H 342 11.27 10.74 -4.99
N PRO H 343 12.57 11.01 -5.18
CA PRO H 343 13.46 11.35 -4.07
C PRO H 343 13.38 12.84 -3.74
N GLN H 344 13.92 13.23 -2.59
CA GLN H 344 13.93 14.64 -2.20
C GLN H 344 14.99 15.31 -3.06
N VAL H 345 14.95 16.64 -3.18
CA VAL H 345 15.90 17.38 -4.02
C VAL H 345 17.39 17.13 -3.75
N ASP H 346 17.77 17.06 -2.47
CA ASP H 346 19.17 16.82 -2.12
C ASP H 346 19.39 16.27 -0.72
N GLU H 347 20.67 16.12 -0.37
CA GLU H 347 21.07 15.60 0.93
C GLU H 347 20.62 16.47 2.10
N THR H 348 20.84 17.79 1.99
CA THR H 348 20.46 18.73 3.05
C THR H 348 18.99 18.62 3.42
N GLN H 349 18.12 18.61 2.42
CA GLN H 349 16.68 18.49 2.64
C GLN H 349 16.36 17.12 3.20
N PHE H 350 17.00 16.11 2.62
CA PHE H 350 16.84 14.71 3.01
C PHE H 350 17.04 14.56 4.53
N LYS H 351 18.14 15.14 5.02
CA LYS H 351 18.48 15.10 6.45
C LYS H 351 17.53 15.95 7.30
N LYS H 352 17.20 17.14 6.80
CA LYS H 352 16.32 18.05 7.53
C LYS H 352 14.95 17.43 7.79
N ILE H 353 14.43 16.73 6.80
CA ILE H 353 13.13 16.08 6.91
C ILE H 353 13.22 14.96 7.96
N LEU H 354 14.26 14.12 7.83
CA LEU H 354 14.47 13.02 8.78
C LEU H 354 14.60 13.57 10.20
N GLY H 355 15.16 14.77 10.33
CA GLY H 355 15.31 15.40 11.62
C GLY H 355 13.95 15.79 12.18
N TYR H 356 13.08 16.30 11.32
CA TYR H 356 11.73 16.70 11.72
C TYR H 356 10.92 15.48 12.15
N ILE H 357 11.10 14.37 11.42
CA ILE H 357 10.41 13.13 11.74
C ILE H 357 10.79 12.70 13.15
N ASN H 358 12.08 12.75 13.45
CA ASN H 358 12.59 12.37 14.77
C ASN H 358 11.99 13.29 15.83
N THR H 359 11.91 14.59 15.51
CA THR H 359 11.36 15.59 16.41
C THR H 359 9.87 15.29 16.68
N GLY H 360 9.19 14.79 15.65
CA GLY H 360 7.78 14.46 15.78
C GLY H 360 7.56 13.35 16.79
N LYS H 361 8.44 12.36 16.74
CA LYS H 361 8.37 11.21 17.65
C LYS H 361 8.71 11.61 19.08
N GLN H 362 9.72 12.49 19.22
CA GLN H 362 10.18 12.96 20.53
C GLN H 362 9.16 13.85 21.25
N GLU H 363 8.29 14.49 20.47
CA GLU H 363 7.29 15.39 21.03
C GLU H 363 5.95 14.75 21.37
N GLY H 364 5.86 13.44 21.19
CA GLY H 364 4.62 12.76 21.51
C GLY H 364 3.62 12.53 20.40
N ALA H 365 4.00 12.85 19.16
CA ALA H 365 3.09 12.64 18.02
C ALA H 365 3.06 11.16 17.70
N LYS H 366 1.87 10.63 17.44
CA LYS H 366 1.71 9.21 17.11
C LYS H 366 2.10 8.87 15.68
N LEU H 367 3.18 8.11 15.52
CA LEU H 367 3.65 7.68 14.20
C LEU H 367 2.75 6.55 13.69
N LEU H 368 1.98 6.81 12.64
CA LEU H 368 1.06 5.83 12.09
C LEU H 368 1.66 4.97 10.98
N CYS H 369 2.60 5.53 10.22
CA CYS H 369 3.24 4.80 9.13
C CYS H 369 4.53 5.47 8.67
N GLY H 370 5.39 4.71 8.01
CA GLY H 370 6.66 5.23 7.53
C GLY H 370 7.56 5.70 8.67
N GLY H 371 8.28 6.80 8.41
CA GLY H 371 9.16 7.36 9.42
C GLY H 371 10.64 7.16 9.18
N GLY H 372 10.99 6.50 8.07
CA GLY H 372 12.39 6.26 7.79
C GLY H 372 12.75 6.30 6.32
N ILE H 373 14.01 6.02 6.02
CA ILE H 373 14.49 6.01 4.64
C ILE H 373 13.78 4.93 3.82
N ALA H 374 13.44 5.27 2.58
CA ALA H 374 12.74 4.35 1.68
C ALA H 374 13.65 3.55 0.76
N ALA H 375 14.89 4.01 0.57
CA ALA H 375 15.84 3.32 -0.29
C ALA H 375 17.29 3.47 0.15
N ASP H 376 18.13 2.57 -0.34
CA ASP H 376 19.55 2.56 0.01
C ASP H 376 20.29 3.67 -0.75
N ARG H 377 19.98 3.79 -2.04
CA ARG H 377 20.61 4.80 -2.89
C ARG H 377 19.62 5.93 -3.16
N GLY H 378 20.11 7.17 -3.17
CA GLY H 378 19.26 8.32 -3.42
C GLY H 378 18.73 8.94 -2.15
N TYR H 379 17.86 9.94 -2.29
CA TYR H 379 17.28 10.63 -1.14
C TYR H 379 15.78 10.34 -0.99
N PHE H 380 15.43 9.05 -0.95
CA PHE H 380 14.04 8.62 -0.82
C PHE H 380 13.58 8.46 0.63
N ILE H 381 12.40 9.00 0.93
CA ILE H 381 11.83 8.91 2.28
C ILE H 381 10.45 8.30 2.21
N GLN H 382 10.14 7.46 3.19
CA GLN H 382 8.84 6.80 3.25
C GLN H 382 7.72 7.80 3.60
N PRO H 383 6.53 7.62 2.99
CA PRO H 383 5.37 8.48 3.22
C PRO H 383 4.99 8.35 4.70
N THR H 384 5.36 9.37 5.47
CA THR H 384 5.11 9.37 6.91
C THR H 384 3.84 10.13 7.29
N VAL H 385 3.11 9.59 8.26
CA VAL H 385 1.88 10.20 8.76
C VAL H 385 1.88 10.24 10.29
N PHE H 386 1.60 11.39 10.85
CA PHE H 386 1.54 11.57 12.29
C PHE H 386 0.10 11.84 12.73
N GLY H 387 -0.32 11.15 13.79
CA GLY H 387 -1.67 11.33 14.31
C GLY H 387 -1.66 12.09 15.63
N ASP H 388 -2.83 12.48 16.11
CA ASP H 388 -2.99 13.22 17.36
C ASP H 388 -1.96 14.33 17.57
N VAL H 389 -1.74 15.11 16.51
CA VAL H 389 -0.80 16.21 16.54
C VAL H 389 -1.42 17.42 17.26
N GLN H 390 -0.63 18.06 18.10
CA GLN H 390 -1.08 19.22 18.87
C GLN H 390 -0.45 20.50 18.28
N ASP H 391 -1.17 21.62 18.41
CA ASP H 391 -0.73 22.91 17.88
C ASP H 391 0.66 23.31 18.34
N GLY H 392 0.99 22.96 19.59
CA GLY H 392 2.28 23.30 20.16
C GLY H 392 3.47 22.54 19.61
N MET H 393 3.23 21.42 18.94
CA MET H 393 4.31 20.60 18.39
C MET H 393 5.06 21.28 17.26
N THR H 394 6.38 21.05 17.23
CA THR H 394 7.25 21.62 16.20
C THR H 394 6.81 21.23 14.79
N ILE H 395 6.39 19.98 14.61
CA ILE H 395 5.97 19.50 13.29
C ILE H 395 4.65 20.13 12.86
N ALA H 396 3.95 20.75 13.81
CA ALA H 396 2.68 21.41 13.54
C ALA H 396 2.86 22.92 13.32
N LYS H 397 4.09 23.40 13.50
CA LYS H 397 4.39 24.82 13.35
C LYS H 397 5.41 25.13 12.26
N GLU H 398 6.42 24.28 12.13
CA GLU H 398 7.48 24.49 11.13
C GLU H 398 7.24 23.77 9.80
N GLU H 399 7.63 24.42 8.72
CA GLU H 399 7.48 23.87 7.39
C GLU H 399 8.51 22.75 7.17
N ILE H 400 8.02 21.52 7.10
CA ILE H 400 8.88 20.36 6.92
C ILE H 400 9.40 20.24 5.49
N PHE H 401 8.52 20.47 4.52
CA PHE H 401 8.85 20.39 3.09
C PHE H 401 9.20 18.97 2.67
N GLY H 402 8.45 18.01 3.20
CA GLY H 402 8.68 16.62 2.87
C GLY H 402 7.44 15.76 3.03
N PRO H 403 7.51 14.47 2.70
CA PRO H 403 6.37 13.55 2.80
C PRO H 403 6.00 13.20 4.24
N VAL H 404 5.72 14.23 5.04
CA VAL H 404 5.34 14.04 6.44
C VAL H 404 3.99 14.72 6.67
N MET H 405 2.97 13.90 6.92
CA MET H 405 1.61 14.39 7.15
C MET H 405 1.24 14.51 8.62
N GLN H 406 0.58 15.61 8.97
CA GLN H 406 0.13 15.87 10.34
C GLN H 406 -1.38 15.93 10.38
N ILE H 407 -1.98 15.08 11.20
CA ILE H 407 -3.44 15.05 11.33
C ILE H 407 -3.84 15.48 12.75
N LEU H 408 -4.61 16.57 12.83
CA LEU H 408 -5.04 17.09 14.12
C LEU H 408 -6.56 16.97 14.23
N LYS H 409 -7.05 16.89 15.46
CA LYS H 409 -8.47 16.74 15.73
C LYS H 409 -9.07 18.00 16.32
N PHE H 410 -10.31 18.31 15.95
CA PHE H 410 -11.00 19.48 16.48
C PHE H 410 -12.49 19.19 16.69
N LYS H 411 -13.17 20.07 17.39
CA LYS H 411 -14.59 19.88 17.65
C LYS H 411 -15.49 20.83 16.88
N THR H 412 -15.45 22.11 17.23
CA THR H 412 -16.30 23.10 16.59
C THR H 412 -15.63 23.90 15.47
N ILE H 413 -16.46 24.56 14.65
CA ILE H 413 -15.97 25.36 13.53
C ILE H 413 -15.28 26.63 14.01
N GLU H 414 -15.80 27.24 15.07
CA GLU H 414 -15.21 28.46 15.63
C GLU H 414 -13.81 28.13 16.14
N GLU H 415 -13.66 26.93 16.69
CA GLU H 415 -12.41 26.46 17.24
C GLU H 415 -11.34 26.31 16.15
N VAL H 416 -11.68 25.56 15.10
CA VAL H 416 -10.74 25.29 14.00
C VAL H 416 -10.28 26.57 13.28
N VAL H 417 -11.14 27.57 13.22
CA VAL H 417 -10.82 28.85 12.60
C VAL H 417 -9.66 29.49 13.37
N GLY H 418 -9.84 29.57 14.69
CA GLY H 418 -8.82 30.14 15.55
C GLY H 418 -7.50 29.39 15.50
N ARG H 419 -7.56 28.05 15.52
CA ARG H 419 -6.35 27.24 15.48
C ARG H 419 -5.67 27.30 14.11
N ALA H 420 -6.46 27.40 13.05
CA ALA H 420 -5.90 27.46 11.70
C ALA H 420 -5.24 28.83 11.48
N ASN H 421 -5.81 29.87 12.07
CA ASN H 421 -5.28 31.22 11.92
C ASN H 421 -4.11 31.49 12.87
N ASN H 422 -4.00 30.70 13.92
CA ASN H 422 -2.92 30.86 14.89
C ASN H 422 -1.61 30.36 14.25
N SER H 423 -1.02 31.21 13.41
CA SER H 423 0.21 30.90 12.71
C SER H 423 0.83 32.15 12.11
N THR H 424 2.15 32.14 11.95
CA THR H 424 2.86 33.28 11.38
C THR H 424 2.74 33.22 9.85
N TYR H 425 2.33 32.05 9.35
CA TYR H 425 2.14 31.81 7.94
C TYR H 425 0.68 32.06 7.53
N GLY H 426 0.45 32.14 6.22
CA GLY H 426 -0.88 32.37 5.69
C GLY H 426 -0.90 32.30 4.18
N LEU H 427 -0.18 31.32 3.62
CA LEU H 427 -0.10 31.15 2.17
C LEU H 427 -1.37 30.58 1.55
N ALA H 428 -1.86 29.48 2.13
CA ALA H 428 -3.06 28.82 1.63
C ALA H 428 -3.85 28.17 2.75
N ALA H 429 -5.00 27.62 2.38
CA ALA H 429 -5.89 26.96 3.32
C ALA H 429 -6.96 26.22 2.51
N ALA H 430 -7.57 25.19 3.11
CA ALA H 430 -8.61 24.43 2.43
C ALA H 430 -9.77 24.11 3.36
N VAL H 431 -10.93 23.88 2.76
CA VAL H 431 -12.14 23.56 3.50
C VAL H 431 -12.97 22.53 2.73
N PHE H 432 -13.21 21.38 3.36
CA PHE H 432 -14.02 20.32 2.75
C PHE H 432 -15.35 20.17 3.49
N THR H 433 -16.44 20.57 2.82
CA THR H 433 -17.78 20.53 3.41
C THR H 433 -18.82 20.62 2.32
N LYS H 434 -20.03 20.15 2.61
CA LYS H 434 -21.13 20.19 1.66
C LYS H 434 -22.04 21.37 1.95
N ASP H 435 -21.94 21.90 3.15
CA ASP H 435 -22.77 23.03 3.56
C ASP H 435 -22.31 24.36 2.97
N LEU H 436 -23.27 25.12 2.46
CA LEU H 436 -23.01 26.43 1.86
C LEU H 436 -22.47 27.45 2.86
N ASP H 437 -23.22 27.64 3.96
CA ASP H 437 -22.83 28.59 5.00
C ASP H 437 -21.47 28.30 5.62
N LYS H 438 -21.17 27.02 5.85
CA LYS H 438 -19.89 26.67 6.44
C LYS H 438 -18.75 27.02 5.49
N ALA H 439 -18.93 26.71 4.21
CA ALA H 439 -17.91 27.01 3.20
C ALA H 439 -17.65 28.51 3.13
N ASN H 440 -18.71 29.32 3.12
CA ASN H 440 -18.57 30.76 3.08
C ASN H 440 -17.99 31.36 4.35
N TYR H 441 -18.47 30.86 5.49
CA TYR H 441 -17.99 31.34 6.78
C TYR H 441 -16.49 31.12 6.91
N LEU H 442 -16.04 29.92 6.58
CA LEU H 442 -14.63 29.57 6.66
C LEU H 442 -13.74 30.29 5.65
N SER H 443 -14.16 30.38 4.39
CA SER H 443 -13.38 31.05 3.35
C SER H 443 -13.13 32.52 3.68
N GLN H 444 -14.09 33.15 4.34
CA GLN H 444 -13.98 34.55 4.74
C GLN H 444 -13.07 34.73 5.95
N ALA H 445 -13.28 33.89 6.97
CA ALA H 445 -12.52 33.93 8.21
C ALA H 445 -11.05 33.52 8.10
N LEU H 446 -10.76 32.52 7.29
CA LEU H 446 -9.38 32.06 7.13
C LEU H 446 -8.43 33.14 6.62
N GLN H 447 -7.35 33.35 7.34
CA GLN H 447 -6.36 34.34 6.98
C GLN H 447 -5.29 33.69 6.09
N ALA H 448 -5.63 33.49 4.82
CA ALA H 448 -4.73 32.89 3.85
C ALA H 448 -4.87 33.51 2.46
N GLY H 449 -3.79 33.52 1.70
CA GLY H 449 -3.82 34.08 0.35
C GLY H 449 -4.77 33.37 -0.59
N THR H 450 -4.90 32.06 -0.41
CA THR H 450 -5.78 31.25 -1.21
C THR H 450 -6.52 30.26 -0.34
N VAL H 451 -7.83 30.21 -0.50
CA VAL H 451 -8.68 29.27 0.24
C VAL H 451 -9.42 28.37 -0.74
N TRP H 452 -9.02 27.11 -0.79
CA TRP H 452 -9.65 26.12 -1.65
C TRP H 452 -10.85 25.50 -0.94
N VAL H 453 -11.95 25.31 -1.67
CA VAL H 453 -13.15 24.69 -1.11
C VAL H 453 -13.38 23.37 -1.83
N ASN H 454 -13.39 22.27 -1.08
CA ASN H 454 -13.59 20.93 -1.60
C ASN H 454 -12.57 20.56 -2.68
N CYS H 455 -11.37 21.12 -2.56
CA CYS H 455 -10.30 20.85 -3.50
C CYS H 455 -9.01 21.40 -2.88
N TYR H 456 -7.89 21.16 -3.54
CA TYR H 456 -6.60 21.65 -3.04
C TYR H 456 -5.61 21.71 -4.19
N ASP H 457 -4.64 22.61 -4.09
CA ASP H 457 -3.61 22.75 -5.12
C ASP H 457 -4.18 23.03 -6.50
N VAL H 458 -5.24 23.82 -6.54
CA VAL H 458 -5.87 24.20 -7.80
C VAL H 458 -5.26 25.51 -8.25
N PHE H 459 -4.27 25.43 -9.12
CA PHE H 459 -3.59 26.61 -9.64
C PHE H 459 -4.08 26.93 -11.03
N GLY H 460 -4.20 28.21 -11.32
CA GLY H 460 -4.63 28.65 -12.62
C GLY H 460 -3.96 29.96 -12.91
N ALA H 461 -3.37 30.09 -14.10
CA ALA H 461 -2.69 31.33 -14.47
C ALA H 461 -3.63 32.53 -14.36
N GLN H 462 -4.93 32.27 -14.35
CA GLN H 462 -5.94 33.32 -14.25
C GLN H 462 -6.13 33.83 -12.82
N SER H 463 -5.92 32.95 -11.84
CA SER H 463 -6.09 33.33 -10.44
C SER H 463 -4.79 33.67 -9.72
N PRO H 464 -4.78 34.77 -8.96
CA PRO H 464 -3.60 35.23 -8.21
C PRO H 464 -3.20 34.29 -7.07
N PHE H 465 -1.91 34.26 -6.80
CA PHE H 465 -1.35 33.42 -5.74
C PHE H 465 -0.33 34.23 -4.94
N GLY H 466 -0.46 34.16 -3.62
CA GLY H 466 0.45 34.87 -2.75
C GLY H 466 0.02 34.65 -1.31
N GLY H 467 0.86 35.04 -0.37
CA GLY H 467 0.50 34.81 1.02
C GLY H 467 0.24 36.00 1.92
N TYR H 468 -0.45 35.73 3.03
CA TYR H 468 -0.73 36.73 4.05
C TYR H 468 0.43 36.62 5.05
N LYS H 469 0.40 37.49 6.05
CA LYS H 469 1.42 37.51 7.10
C LYS H 469 2.85 37.26 6.60
N MET H 470 3.55 36.34 7.24
CA MET H 470 4.93 36.07 6.87
C MET H 470 5.14 35.05 5.75
N SER H 471 4.06 34.74 5.05
CA SER H 471 4.11 33.81 3.93
C SER H 471 4.52 34.55 2.67
N GLY H 472 4.64 35.87 2.76
CA GLY H 472 5.03 36.67 1.63
C GLY H 472 4.26 37.97 1.48
N SER H 473 4.54 38.68 0.39
CA SER H 473 3.90 39.95 0.07
C SER H 473 3.73 40.04 -1.45
N GLY H 474 2.64 40.65 -1.89
CA GLY H 474 2.38 40.77 -3.31
C GLY H 474 1.72 39.52 -3.86
N ARG H 475 1.25 39.60 -5.09
CA ARG H 475 0.57 38.47 -5.72
C ARG H 475 1.16 38.11 -7.08
N GLU H 476 1.14 36.81 -7.38
CA GLU H 476 1.63 36.31 -8.67
C GLU H 476 0.44 35.70 -9.40
N LEU H 477 0.58 35.55 -10.72
CA LEU H 477 -0.47 34.99 -11.57
C LEU H 477 -1.67 35.94 -11.67
N GLY H 478 -2.50 35.75 -12.69
CA GLY H 478 -3.64 36.62 -12.89
C GLY H 478 -3.26 38.05 -13.25
N GLU H 479 -4.24 38.94 -13.26
CA GLU H 479 -4.00 40.35 -13.57
C GLU H 479 -3.11 40.98 -12.50
N TYR H 480 -3.30 40.55 -11.25
CA TYR H 480 -2.55 41.05 -10.12
C TYR H 480 -1.03 40.86 -10.28
N GLY H 481 -0.65 39.78 -10.95
CA GLY H 481 0.75 39.48 -11.18
C GLY H 481 1.47 40.53 -12.00
N LEU H 482 0.70 41.44 -12.60
CA LEU H 482 1.27 42.51 -13.42
C LEU H 482 1.62 43.77 -12.64
N GLN H 483 0.94 43.99 -11.50
CA GLN H 483 1.13 45.17 -10.66
C GLN H 483 2.58 45.43 -10.23
N ALA H 484 3.21 44.42 -9.64
CA ALA H 484 4.58 44.54 -9.16
C ALA H 484 5.58 44.78 -10.28
N TYR H 485 5.18 44.49 -11.52
CA TYR H 485 6.06 44.68 -12.67
C TYR H 485 5.69 45.92 -13.48
N THR H 486 5.01 46.86 -12.83
CA THR H 486 4.61 48.09 -13.51
C THR H 486 4.91 49.33 -12.69
N GLU H 487 5.43 50.35 -13.37
CA GLU H 487 5.75 51.61 -12.71
C GLU H 487 4.76 52.61 -13.28
N VAL H 488 3.92 53.17 -12.40
CA VAL H 488 2.91 54.12 -12.79
C VAL H 488 3.42 55.55 -12.90
N LYS H 489 3.18 56.17 -14.07
CA LYS H 489 3.56 57.56 -14.32
C LYS H 489 2.31 58.37 -14.59
N THR H 490 2.16 59.48 -13.89
CA THR H 490 1.02 60.35 -14.07
C THR H 490 1.45 61.52 -14.91
N VAL H 491 0.68 61.82 -15.94
CA VAL H 491 0.99 62.96 -16.82
C VAL H 491 -0.22 63.87 -16.80
N THR H 492 -0.02 65.07 -16.25
CA THR H 492 -1.08 66.06 -16.16
C THR H 492 -0.76 67.23 -17.05
N VAL H 493 -1.58 67.41 -18.09
CA VAL H 493 -1.40 68.47 -19.08
C VAL H 493 -2.41 69.60 -18.95
N LYS H 494 -1.91 70.82 -19.10
CA LYS H 494 -2.77 72.00 -19.02
C LYS H 494 -3.53 72.13 -20.33
N VAL H 495 -4.85 72.28 -20.24
CA VAL H 495 -5.62 72.43 -21.46
C VAL H 495 -6.36 73.76 -21.43
N PRO H 496 -6.71 74.30 -22.61
CA PRO H 496 -7.42 75.58 -22.73
C PRO H 496 -8.69 75.64 -21.89
N GLN H 497 -9.52 74.61 -22.00
CA GLN H 497 -10.78 74.56 -21.24
C GLN H 497 -11.30 73.15 -21.16
N LYS H 498 -11.28 72.60 -19.96
CA LYS H 498 -11.74 71.24 -19.73
C LYS H 498 -13.26 71.09 -19.76
N ASN H 499 -13.71 70.03 -20.42
CA ASN H 499 -15.12 69.70 -20.52
C ASN H 499 -15.31 68.20 -20.26
N SER H 500 -16.49 67.82 -19.79
CA SER H 500 -16.77 66.41 -19.46
C SER H 500 -16.70 65.43 -20.64
NA NA I . 0.41 -20.49 -17.04
MG MG J . -10.75 -29.15 -13.07
PA NAI K . -8.11 -30.26 -10.49
O1A NAI K . -8.09 -31.19 -9.33
O2A NAI K . -9.36 -30.47 -11.23
O5B NAI K . -6.89 -30.49 -11.53
C5B NAI K . -5.55 -30.74 -10.99
C4B NAI K . -4.71 -31.78 -11.76
O4B NAI K . -5.53 -32.91 -12.08
C3B NAI K . -4.20 -31.18 -13.10
O3B NAI K . -3.06 -31.91 -13.55
C2B NAI K . -5.43 -31.56 -13.94
O2B NAI K . -5.08 -31.53 -15.32
C1B NAI K . -5.64 -33.02 -13.49
N9A NAI K . -6.98 -33.51 -13.80
C8A NAI K . -8.11 -32.81 -14.24
N7A NAI K . -9.17 -33.65 -14.55
C5A NAI K . -8.67 -34.90 -14.28
C6A NAI K . -9.28 -36.13 -14.46
N6A NAI K . -10.55 -36.25 -14.96
N1A NAI K . -8.53 -37.26 -14.14
C2A NAI K . -7.21 -37.15 -13.68
N3A NAI K . -6.60 -35.92 -13.53
C4A NAI K . -7.38 -34.83 -13.84
O3 NAI K . -7.97 -28.68 -10.00
PN NAI K . -8.31 -27.39 -10.98
O1N NAI K . -9.43 -27.72 -11.91
O2N NAI K . -7.14 -26.97 -11.80
O5D NAI K . -8.74 -26.23 -9.96
C5D NAI K . -10.11 -26.29 -9.37
C4D NAI K . -10.10 -26.24 -7.84
O4D NAI K . -9.46 -27.38 -7.27
C3D NAI K . -9.23 -25.07 -7.36
O3D NAI K . -9.95 -23.83 -7.51
C2D NAI K . -9.08 -25.44 -5.89
O2D NAI K . -10.36 -25.31 -5.23
C1D NAI K . -8.76 -26.94 -6.10
N1N NAI K . -7.30 -27.22 -6.21
C2N NAI K . -6.71 -27.62 -5.11
C3N NAI K . -5.40 -27.92 -5.12
C7N NAI K . -4.76 -28.34 -3.97
O7N NAI K . -3.70 -27.78 -3.58
N7N NAI K . -5.27 -29.36 -3.28
C4N NAI K . -4.71 -27.79 -6.27
C5N NAI K . -5.29 -27.39 -7.41
C6N NAI K . -6.62 -27.10 -7.35
NA NA L . -23.34 -72.10 6.96
MG MG M . -20.33 -62.56 -4.12
PA NAI N . -17.85 -62.01 -1.95
O1A NAI N . -16.80 -60.97 -1.88
O2A NAI N . -18.85 -61.63 -2.99
O5B NAI N . -18.56 -62.03 -0.54
C5B NAI N . -17.76 -61.95 0.68
C4B NAI N . -18.15 -60.83 1.65
O4B NAI N . -18.33 -59.65 0.87
C3B NAI N . -19.45 -61.18 2.41
O3B NAI N . -19.49 -60.43 3.64
C2B NAI N . -20.38 -60.53 1.35
O2B NAI N . -21.67 -60.23 1.92
C1B NAI N . -19.67 -59.22 1.00
N9A NAI N . -20.19 -58.69 -0.27
C8A NAI N . -20.71 -59.35 -1.37
N7A NAI N . -21.22 -58.47 -2.33
C5A NAI N . -21.01 -57.23 -1.78
C6A NAI N . -21.32 -55.98 -2.28
N6A NAI N . -21.91 -55.82 -3.48
N1A NAI N . -20.98 -54.85 -1.53
C2A NAI N . -20.36 -55.03 -0.30
N3A NAI N . -20.05 -56.28 0.23
C4A NAI N . -20.40 -57.36 -0.56
O3 NAI N . -17.23 -63.46 -2.31
PN NAI N . -18.18 -64.80 -2.57
O1N NAI N . -19.26 -64.43 -3.54
O2N NAI N . -18.77 -65.28 -1.27
O5D NAI N . -17.29 -66.00 -3.18
C5D NAI N . -16.73 -65.75 -4.50
C4D NAI N . -15.20 -65.90 -4.56
O4D NAI N . -14.49 -64.93 -3.78
C3D NAI N . -14.77 -67.20 -3.86
O3D NAI N . -15.14 -68.33 -4.65
C2D NAI N . -13.25 -66.94 -3.95
O2D NAI N . -12.85 -66.91 -5.34
C1D NAI N . -13.25 -65.51 -3.40
N1N NAI N . -13.09 -65.43 -1.94
C2N NAI N . -11.90 -65.02 -1.50
C3N NAI N . -11.70 -64.97 -0.17
C7N NAI N . -10.52 -64.56 0.32
O7N NAI N . -10.23 -64.83 1.51
N7N NAI N . -9.67 -63.89 -0.46
C4N NAI N . -12.66 -65.31 0.70
C5N NAI N . -13.86 -65.72 0.29
C6N NAI N . -14.05 -65.77 -1.08
NA NA O . 53.43 -43.89 11.00
MG MG P . 49.18 -49.63 23.47
PA NAI Q . 46.03 -49.46 21.85
O1A NAI Q . 44.72 -49.91 22.43
O2A NAI Q . 47.01 -49.34 22.94
O5B NAI Q . 45.91 -48.01 21.18
C5B NAI Q . 44.69 -47.55 20.51
C4B NAI Q . 44.36 -46.08 20.80
O4B NAI Q . 44.21 -45.87 22.21
C3B NAI Q . 45.53 -45.15 20.37
O3B NAI Q . 45.02 -43.85 20.06
C2B NAI Q . 46.32 -45.10 21.69
O2B NAI Q . 47.14 -43.92 21.72
C1B NAI Q . 45.17 -44.96 22.71
N9A NAI Q . 45.52 -45.38 24.05
C8A NAI Q . 46.61 -46.15 24.45
N7A NAI Q . 46.73 -46.26 25.82
C5A NAI Q . 45.65 -45.53 26.28
C6A NAI Q . 45.27 -45.27 27.60
N6A NAI Q . 45.95 -45.74 28.66
N1A NAI Q . 44.14 -44.47 27.82
C2A NAI Q . 43.44 -43.97 26.72
N3A NAI Q . 43.81 -44.23 25.40
C4A NAI Q . 44.94 -45.01 25.25
O3 NAI Q . 46.50 -50.48 20.67
PN NAI Q . 48.04 -50.61 20.22
O1N NAI Q . 48.98 -50.45 21.39
O2N NAI Q . 48.36 -49.59 19.18
O5D NAI Q . 48.23 -52.08 19.63
C5D NAI Q . 48.14 -53.24 20.54
C4D NAI Q . 47.07 -54.25 20.12
O4D NAI Q . 45.77 -53.70 20.15
C3D NAI Q . 47.21 -54.61 18.63
O3D NAI Q . 48.32 -55.50 18.43
C2D NAI Q . 45.90 -55.34 18.35
O2D NAI Q . 45.89 -56.62 19.01
C1D NAI Q . 45.00 -54.35 19.13
N1N NAI Q . 44.37 -53.35 18.25
C2N NAI Q . 43.10 -53.61 17.92
C3N NAI Q . 42.45 -52.75 17.12
C7N NAI Q . 41.18 -52.98 16.77
O7N NAI Q . 40.85 -52.93 15.57
N7N NAI Q . 40.26 -53.26 17.69
C4N NAI Q . 43.07 -51.63 16.64
C5N NAI Q . 44.35 -51.36 16.97
C6N NAI Q . 45.02 -52.26 17.80
NA NA R . 13.52 -54.55 56.77
MG MG S . 25.16 -48.21 50.59
PA NAI T . 23.33 -48.49 47.76
O1A NAI T . 23.63 -48.12 46.35
O2A NAI T . 24.60 -48.71 48.48
O5B NAI T . 22.43 -49.79 47.89
C5B NAI T . 21.51 -50.28 46.87
C4B NAI T . 21.86 -51.66 46.32
O4B NAI T . 23.24 -51.70 46.02
C3B NAI T . 21.55 -52.76 47.36
O3B NAI T . 21.29 -54.00 46.68
C2B NAI T . 22.97 -52.82 47.99
O2B NAI T . 23.15 -54.07 48.68
C1B NAI T . 23.80 -52.81 46.70
N9A NAI T . 25.20 -52.55 47.00
C8A NAI T . 25.77 -51.86 48.07
N7A NAI T . 27.17 -51.83 48.01
C5A NAI T . 27.46 -52.53 46.88
C6A NAI T . 28.69 -52.84 46.37
N6A NAI T . 29.81 -52.37 46.94
N1A NAI T . 28.74 -53.60 45.21
C2A NAI T . 27.55 -54.02 44.61
N3A NAI T . 26.29 -53.72 45.12
C4A NAI T . 26.31 -52.97 46.27
O3 NAI T . 22.36 -47.36 48.40
PN NAI T . 22.00 -47.39 49.97
O1N NAI T . 23.18 -47.75 50.81
O2N NAI T . 20.90 -48.34 50.22
O5D NAI T . 21.48 -45.87 50.30
C5D NAI T . 22.36 -44.68 50.12
C4D NAI T . 21.78 -43.70 49.10
O4D NAI T . 21.43 -44.34 47.86
C3D NAI T . 20.38 -43.20 49.53
O3D NAI T . 20.51 -42.25 50.60
C2D NAI T . 19.98 -42.47 48.24
O2D NAI T . 20.76 -41.27 48.09
C1D NAI T . 20.46 -43.52 47.19
N1N NAI T . 19.38 -44.39 46.69
C2N NAI T . 18.87 -44.13 45.51
C3N NAI T . 17.86 -44.89 45.06
C7N NAI T . 17.30 -44.67 43.87
O7N NAI T . 16.08 -44.88 43.68
N7N NAI T . 18.07 -44.27 42.85
C4N NAI T . 17.38 -45.91 45.78
C5N NAI T . 17.87 -46.20 46.97
C6N NAI T . 18.91 -45.40 47.41
NA NA U . -51.68 58.29 -7.56
MG MG V . -49.57 51.23 -20.20
PA NAI W . -46.45 50.99 -19.07
O1A NAI W . -45.24 50.29 -19.55
O2A NAI W . -47.49 51.00 -20.14
O5B NAI W . -46.13 52.47 -18.62
C5B NAI W . -44.89 52.79 -17.91
C4B NAI W . -44.18 54.06 -18.38
O4B NAI W . -44.17 54.11 -19.81
C3B NAI W . -44.92 55.32 -17.89
O3B NAI W . -44.02 56.44 -17.90
C2B NAI W . -45.89 55.42 -19.10
O2B NAI W . -46.44 56.74 -19.17
C1B NAI W . -44.91 55.21 -20.27
N9A NAI W . -45.55 54.84 -21.53
C8A NAI W . -46.79 54.24 -21.76
N7A NAI W . -47.12 54.13 -23.12
C5A NAI W . -46.05 54.69 -23.74
C6A NAI W . -45.81 54.84 -25.09
N6A NAI W . -46.66 54.42 -26.04
N1A NAI W . -44.61 55.41 -25.50
C2A NAI W . -43.70 55.83 -24.53
N3A NAI W . -43.93 55.68 -23.16
C4A NAI W . -45.12 55.11 -22.81
O3 NAI W . -46.96 50.22 -17.75
PN NAI W . -48.45 50.43 -17.15
O1N NAI W . -49.44 50.87 -18.17
O2N NAI W . -48.39 51.44 -16.05
O5D NAI W . -48.82 48.97 -16.55
C5D NAI W . -48.85 47.75 -17.38
C4D NAI W . -47.84 46.69 -16.90
O4D NAI W . -46.50 47.17 -16.99
C3D NAI W . -47.96 46.45 -15.37
O3D NAI W . -49.14 45.68 -15.08
C2D NAI W . -46.71 45.57 -15.19
O2D NAI W . -46.90 44.31 -15.84
C1D NAI W . -45.72 46.44 -16.02
N1N NAI W . -44.90 47.34 -15.18
C2N NAI W . -43.65 46.96 -14.92
C3N NAI W . -42.87 47.75 -14.16
C7N NAI W . -41.61 47.39 -13.88
O7N NAI W . -41.13 47.56 -12.73
N7N NAI W . -40.81 46.81 -14.79
C4N NAI W . -43.34 48.91 -13.66
C5N NAI W . -44.59 49.31 -13.90
C6N NAI W . -45.36 48.50 -14.69
NA NA X . -17.50 40.06 -56.05
MG MG Y . -28.55 48.32 -49.57
PA NAI Z . -26.18 47.52 -46.86
O1A NAI Z . -26.33 48.26 -45.59
O2A NAI Z . -27.51 47.45 -47.53
O5B NAI Z . -25.73 46.02 -46.68
C5B NAI Z . -24.82 45.62 -45.62
C4B NAI Z . -25.16 44.23 -45.09
O4B NAI Z . -26.54 44.19 -44.69
C3B NAI Z . -24.97 43.16 -46.18
O3B NAI Z . -24.78 41.88 -45.56
C2B NAI Z . -26.41 43.22 -46.78
O2B NAI Z . -26.68 42.03 -47.53
C1B NAI Z . -27.22 43.20 -45.45
N9A NAI Z . -28.56 43.69 -45.57
C8A NAI Z . -29.12 44.37 -46.65
N7A NAI Z . -30.46 44.68 -46.45
C5A NAI Z . -30.71 44.14 -45.20
C6A NAI Z . -31.91 44.08 -44.51
N6A NAI Z . -33.03 44.60 -45.02
N1A NAI Z . -31.94 43.40 -43.29
C2A NAI Z . -30.77 42.83 -42.80
N3A NAI Z . -29.55 42.89 -43.48
C4A NAI Z . -29.58 43.56 -44.68
O3 NAI Z . -25.02 48.27 -47.69
PN NAI Z . -24.93 48.30 -49.32
O1N NAI Z . -26.26 48.16 -49.97
O2N NAI Z . -24.04 47.22 -49.82
O5D NAI Z . -24.35 49.72 -49.71
C5D NAI Z . -25.12 50.95 -49.47
C4D NAI Z . -24.29 51.98 -48.69
O4D NAI Z . -23.94 51.51 -47.38
C3D NAI Z . -22.88 52.13 -49.31
O3D NAI Z . -22.97 52.91 -50.51
C2D NAI Z . -22.18 52.95 -48.20
O2D NAI Z . -22.71 54.28 -48.17
C1D NAI Z . -22.72 52.15 -46.98
N1N NAI Z . -21.81 51.10 -46.47
C2N NAI Z . -21.19 51.36 -45.32
C3N NAI Z . -20.33 50.46 -44.81
C7N NAI Z . -19.69 50.66 -43.65
O7N NAI Z . -18.45 50.46 -43.55
N7N NAI Z . -20.37 51.06 -42.57
C4N NAI Z . -20.12 49.31 -45.47
C5N NAI Z . -20.72 49.01 -46.62
C6N NAI Z . -21.60 49.97 -47.12
NA NA AA . 5.98 73.68 15.20
MG MG BA . 15.19 63.02 10.60
PA NAI CA . 12.56 62.49 8.52
O1A NAI CA . 12.43 61.54 7.38
O2A NAI CA . 13.71 62.10 9.39
O5B NAI CA . 11.27 62.50 9.44
C5B NAI CA . 9.92 62.43 8.88
C4B NAI CA . 8.97 61.57 9.69
O4B NAI CA . 9.61 60.33 9.99
C3B NAI CA . 8.63 62.25 11.05
O3B NAI CA . 7.39 61.72 11.55
C2B NAI CA . 9.82 61.65 11.86
O2B NAI CA . 9.54 61.73 13.27
C1B NAI CA . 9.76 60.18 11.41
N9A NAI CA . 11.03 59.50 11.66
C8A NAI CA . 12.29 60.08 11.80
N7A NAI CA . 13.29 59.15 12.04
C5A NAI CA . 12.60 57.96 12.04
C6A NAI CA . 13.11 56.68 12.26
N6A NAI CA . 14.42 56.44 12.52
N1A NAI CA . 12.22 55.62 12.23
C2A NAI CA . 10.88 55.88 12.00
N3A NAI CA . 10.36 57.15 11.78
C4A NAI CA . 11.29 58.15 11.81
O3 NAI CA . 12.74 63.94 7.90
PN NAI CA . 13.15 65.23 8.77
O1N NAI CA . 14.36 64.89 9.58
O2N NAI CA . 12.03 65.70 9.64
O5D NAI CA . 13.50 66.39 7.68
C5D NAI CA . 14.77 66.23 6.95
C4D NAI CA . 14.57 66.00 5.45
O4D NAI CA . 13.49 65.09 5.19
C3D NAI CA . 14.06 67.29 4.79
O3D NAI CA . 15.14 68.21 4.64
C2D NAI CA . 13.71 66.67 3.42
O2D NAI CA . 14.91 66.31 2.74
C1D NAI CA . 12.99 65.39 3.89
N1N NAI CA . 11.53 65.52 3.96
C2N NAI CA . 10.86 65.07 2.91
C3N NAI CA . 9.51 65.17 2.90
C7N NAI CA . 8.77 64.73 1.86
O7N NAI CA . 7.56 64.98 1.74
N7N NAI CA . 9.34 64.00 0.89
C4N NAI CA . 8.88 65.72 3.94
C5N NAI CA . 9.54 66.19 5.01
C6N NAI CA . 10.91 66.07 5.00
NA NA DA . 20.33 18.68 -8.89
MG MG EA . 19.15 28.35 2.25
PA NAI FA . 16.30 29.34 0.19
O1A NAI FA . 15.29 30.43 0.25
O2A NAI FA . 17.27 29.55 1.29
O5B NAI FA . 17.08 29.44 -1.20
C5B NAI FA . 16.30 29.41 -2.45
C4B NAI FA . 16.73 30.45 -3.48
O4B NAI FA . 17.21 31.62 -2.79
C3B NAI FA . 17.88 29.91 -4.35
O3B NAI FA . 17.97 30.66 -5.57
C2B NAI FA . 19.03 30.31 -3.42
O2B NAI FA . 20.26 30.33 -4.16
C1B NAI FA . 18.60 31.76 -3.08
N9A NAI FA . 19.26 32.25 -1.86
C8A NAI FA . 19.63 31.53 -0.72
N7A NAI FA . 20.29 32.33 0.22
C5A NAI FA . 20.32 33.57 -0.37
C6A NAI FA . 20.82 34.77 0.13
N6A NAI FA . 21.46 34.81 1.31
N1A NAI FA . 20.69 35.92 -0.64
C2A NAI FA . 20.06 35.87 -1.89
N3A NAI FA . 19.55 34.67 -2.41
C4A NAI FA . 19.71 33.53 -1.61
O3 NAI FA . 15.60 27.85 0.31
PN NAI FA . 16.39 26.41 0.71
O1N NAI FA . 17.50 26.67 1.68
O2N NAI FA . 16.94 25.76 -0.52
O5D NAI FA . 15.30 25.48 1.49
C5D NAI FA . 15.09 25.67 2.94
C4D NAI FA . 13.61 25.91 3.28
O4D NAI FA . 13.03 26.98 2.53
C3D NAI FA . 12.74 24.74 2.80
O3D NAI FA . 12.90 23.61 3.67
C2D NAI FA . 11.34 25.37 2.97
O2D NAI FA . 11.08 25.62 4.37
C1D NAI FA . 11.64 26.72 2.26
N1N NAI FA . 11.43 26.71 0.79
C2N NAI FA . 10.33 27.27 0.33
C3N NAI FA . 10.13 27.33 -1.01
C7N NAI FA . 9.01 27.90 -1.52
O7N NAI FA . 8.34 27.34 -2.42
N7N NAI FA . 8.64 29.09 -1.06
C4N NAI FA . 11.03 26.81 -1.88
C5N NAI FA . 12.14 26.23 -1.46
C6N NAI FA . 12.31 26.20 -0.08
#